data_4KWS
#
_entry.id   4KWS
#
_cell.length_a   195.273
_cell.length_b   85.762
_cell.length_c   195.097
_cell.angle_alpha   90.00
_cell.angle_beta   110.31
_cell.angle_gamma   90.00
#
_symmetry.space_group_name_H-M   'C 1 2 1'
#
loop_
_entity.id
_entity.type
_entity.pdbx_description
1 polymer 'D-mannonate dehydratase'
2 non-polymer 'MAGNESIUM ION'
3 non-polymer GLYCEROL
4 non-polymer 'CHLORIDE ION'
5 water water
#
_entity_poly.entity_id   1
_entity_poly.type   'polypeptide(L)'
_entity_poly.pdbx_seq_one_letter_code
;MSLKIRDAYTIVTCPGRNFVTLKIVTESGTHGIGDATLNGREMAVAAYLDEHVVPALIGRDAGRIEDTWQYLYRGAYWRR
GPVTMTAIAAVDMALWDIKAKAAGMPLYQLLGGKSRERVMTYAHCTGQTIEDCLGEVARHVELGYRAVRVQSGVPGIETT
YGVAKTPGERYEPADSSLPAEHVWSTEKYLNHAPKLFAAVRERFGDDLHVLHDVHHRLTPIEAARLGKAVEPYHLFWLED
CVPAENQESLRLIREHTTTPLAIGEVFNSIHDCRELIQNQWIDYIRMPLTHGGGITAMRRVADLASLYHVRTGFHGPTDL
SPVCLGAAIHFDTWVPNFGIQEHMPHTDETDAVFPHDYRFEDGHFLAGESPGHGVDIDEELAAKYPYERASLPVNRLEDG
TLWHW
;
_entity_poly.pdbx_strand_id   A,B,C,D,E,F,G,H
#
loop_
_chem_comp.id
_chem_comp.type
_chem_comp.name
_chem_comp.formula
CL non-polymer 'CHLORIDE ION' 'Cl -1'
GOL non-polymer GLYCEROL 'C3 H8 O3'
MG non-polymer 'MAGNESIUM ION' 'Mg 2'
#
# COMPACT_ATOMS: atom_id res chain seq x y z
N LEU A 3 -5.91 -50.45 -20.52
CA LEU A 3 -5.36 -50.14 -19.20
C LEU A 3 -6.02 -48.92 -18.54
N LYS A 4 -6.51 -49.14 -17.32
CA LYS A 4 -7.25 -48.12 -16.61
C LYS A 4 -6.33 -47.28 -15.74
N ILE A 5 -6.78 -46.07 -15.45
CA ILE A 5 -6.08 -45.19 -14.53
C ILE A 5 -6.25 -45.68 -13.10
N ARG A 6 -5.13 -45.96 -12.44
CA ARG A 6 -5.14 -46.42 -11.06
C ARG A 6 -5.02 -45.22 -10.12
N ASP A 7 -4.19 -44.26 -10.49
CA ASP A 7 -3.95 -43.12 -9.63
C ASP A 7 -3.69 -41.88 -10.47
N ALA A 8 -3.96 -40.72 -9.89
CA ALA A 8 -3.71 -39.44 -10.54
C ALA A 8 -3.57 -38.40 -9.45
N TYR A 9 -2.55 -37.57 -9.56
CA TYR A 9 -2.30 -36.56 -8.52
C TYR A 9 -1.44 -35.43 -9.02
N THR A 10 -1.53 -34.30 -8.32
CA THR A 10 -0.70 -33.15 -8.64
C THR A 10 0.54 -33.09 -7.76
N ILE A 11 1.57 -32.46 -8.31
CA ILE A 11 2.80 -32.17 -7.61
C ILE A 11 3.05 -30.69 -7.77
N VAL A 12 3.25 -29.99 -6.65
CA VAL A 12 3.54 -28.56 -6.68
C VAL A 12 4.93 -28.34 -6.12
N THR A 13 5.78 -27.65 -6.88
CA THR A 13 7.17 -27.47 -6.49
C THR A 13 7.68 -26.11 -6.95
N CYS A 14 8.66 -25.55 -6.24
CA CYS A 14 9.19 -24.23 -6.60
C CYS A 14 10.71 -24.22 -6.71
N PRO A 15 11.27 -24.92 -7.71
CA PRO A 15 12.73 -24.94 -7.88
C PRO A 15 13.22 -23.70 -8.62
N GLY A 16 13.02 -22.53 -8.03
CA GLY A 16 13.35 -21.27 -8.68
C GLY A 16 12.10 -20.48 -9.02
N ARG A 17 11.00 -21.19 -9.26
CA ARG A 17 9.70 -20.58 -9.48
C ARG A 17 8.66 -21.70 -9.40
N ASN A 18 7.38 -21.36 -9.31
CA ASN A 18 6.33 -22.36 -9.14
C ASN A 18 6.01 -23.18 -10.39
N PHE A 19 5.90 -24.49 -10.21
CA PHE A 19 5.34 -25.36 -11.25
C PHE A 19 4.32 -26.32 -10.65
N VAL A 20 3.26 -26.57 -11.40
CA VAL A 20 2.28 -27.59 -11.03
C VAL A 20 2.30 -28.65 -12.12
N THR A 21 2.37 -29.91 -11.72
CA THR A 21 2.45 -31.02 -12.66
C THR A 21 1.36 -32.03 -12.30
N LEU A 22 0.72 -32.61 -13.30
CA LEU A 22 -0.20 -33.71 -13.08
C LEU A 22 0.49 -35.01 -13.47
N LYS A 23 0.40 -36.02 -12.62
CA LYS A 23 0.90 -37.35 -12.92
C LYS A 23 -0.28 -38.33 -12.95
N ILE A 24 -0.33 -39.14 -14.00
CA ILE A 24 -1.33 -40.18 -14.14
C ILE A 24 -0.64 -41.53 -14.20
N VAL A 25 -1.10 -42.48 -13.39
CA VAL A 25 -0.48 -43.80 -13.31
C VAL A 25 -1.52 -44.86 -13.65
N THR A 26 -1.17 -45.78 -14.54
CA THR A 26 -2.12 -46.82 -14.96
C THR A 26 -2.00 -48.04 -14.06
N GLU A 27 -2.94 -48.97 -14.20
CA GLU A 27 -2.95 -50.19 -13.39
C GLU A 27 -1.67 -51.03 -13.55
N SER A 28 -1.01 -50.90 -14.70
CA SER A 28 0.20 -51.66 -14.96
C SER A 28 1.42 -50.96 -14.40
N GLY A 29 1.25 -49.72 -13.95
CA GLY A 29 2.35 -48.96 -13.38
C GLY A 29 2.97 -47.96 -14.33
N THR A 30 2.63 -48.06 -15.62
CA THR A 30 3.09 -47.06 -16.58
C THR A 30 2.50 -45.70 -16.19
N HIS A 31 3.22 -44.63 -16.46
CA HIS A 31 2.77 -43.31 -16.03
C HIS A 31 3.07 -42.23 -17.05
N GLY A 32 2.35 -41.11 -16.93
CA GLY A 32 2.55 -39.97 -17.79
C GLY A 32 2.41 -38.69 -16.97
N ILE A 33 3.03 -37.62 -17.43
CA ILE A 33 2.90 -36.34 -16.74
C ILE A 33 2.54 -35.21 -17.69
N GLY A 34 1.86 -34.21 -17.15
CA GLY A 34 1.49 -33.04 -17.93
C GLY A 34 1.70 -31.77 -17.13
N ASP A 35 2.08 -30.68 -17.81
CA ASP A 35 2.24 -29.38 -17.15
C ASP A 35 0.88 -28.76 -16.83
N ALA A 36 0.75 -28.22 -15.62
CA ALA A 36 -0.48 -27.58 -15.18
C ALA A 36 -0.22 -26.17 -14.63
N THR A 37 0.91 -25.57 -15.04
CA THR A 37 1.35 -24.31 -14.43
C THR A 37 0.66 -23.09 -15.04
N LEU A 38 0.00 -22.30 -14.21
CA LEU A 38 -0.61 -21.05 -14.67
C LEU A 38 -0.06 -19.91 -13.81
N ASN A 39 0.91 -19.18 -14.36
CA ASN A 39 1.71 -18.22 -13.60
C ASN A 39 0.86 -17.19 -12.87
N GLY A 40 1.06 -17.10 -11.56
CA GLY A 40 0.37 -16.11 -10.74
C GLY A 40 -1.03 -16.54 -10.30
N ARG A 41 -1.51 -17.68 -10.81
CA ARG A 41 -2.80 -18.23 -10.38
C ARG A 41 -2.69 -19.74 -10.16
N GLU A 42 -1.50 -20.19 -9.75
CA GLU A 42 -1.18 -21.62 -9.79
C GLU A 42 -2.11 -22.48 -8.98
N MET A 43 -2.57 -21.97 -7.84
CA MET A 43 -3.30 -22.84 -6.93
C MET A 43 -4.74 -23.02 -7.38
N ALA A 44 -5.23 -22.13 -8.24
CA ALA A 44 -6.56 -22.31 -8.80
C ALA A 44 -6.59 -23.58 -9.66
N VAL A 45 -5.54 -23.78 -10.46
CA VAL A 45 -5.46 -24.99 -11.29
C VAL A 45 -5.24 -26.22 -10.42
N ALA A 46 -4.40 -26.10 -9.40
CA ALA A 46 -4.14 -27.22 -8.49
C ALA A 46 -5.45 -27.73 -7.87
N ALA A 47 -6.29 -26.78 -7.43
CA ALA A 47 -7.58 -27.14 -6.83
C ALA A 47 -8.55 -27.70 -7.88
N TYR A 48 -8.55 -27.10 -9.07
CA TYR A 48 -9.43 -27.56 -10.14
C TYR A 48 -9.13 -29.03 -10.40
N LEU A 49 -7.85 -29.36 -10.52
CA LEU A 49 -7.44 -30.75 -10.72
C LEU A 49 -7.70 -31.61 -9.50
N ASP A 50 -7.20 -31.19 -8.34
CA ASP A 50 -7.27 -32.03 -7.14
C ASP A 50 -8.71 -32.39 -6.75
N GLU A 51 -9.58 -31.40 -6.75
CA GLU A 51 -10.92 -31.57 -6.20
C GLU A 51 -11.95 -32.02 -7.23
N HIS A 52 -11.75 -31.64 -8.48
CA HIS A 52 -12.83 -31.81 -9.45
C HIS A 52 -12.50 -32.70 -10.66
N VAL A 53 -11.23 -32.83 -10.99
CA VAL A 53 -10.87 -33.62 -12.17
C VAL A 53 -10.30 -34.97 -11.78
N VAL A 54 -9.29 -34.94 -10.92
CA VAL A 54 -8.63 -36.17 -10.48
C VAL A 54 -9.60 -37.28 -10.03
N PRO A 55 -10.62 -36.95 -9.21
CA PRO A 55 -11.48 -38.06 -8.78
C PRO A 55 -12.24 -38.72 -9.94
N ALA A 56 -12.51 -37.94 -11.00
CA ALA A 56 -13.22 -38.46 -12.16
C ALA A 56 -12.32 -39.25 -13.12
N LEU A 57 -11.00 -39.10 -12.97
CA LEU A 57 -10.06 -39.85 -13.80
C LEU A 57 -9.89 -41.30 -13.35
N ILE A 58 -10.05 -41.56 -12.05
CA ILE A 58 -9.81 -42.90 -11.53
C ILE A 58 -10.71 -43.93 -12.22
N GLY A 59 -10.09 -45.00 -12.72
CA GLY A 59 -10.83 -46.05 -13.37
C GLY A 59 -11.11 -45.83 -14.85
N ARG A 60 -10.83 -44.63 -15.38
CA ARG A 60 -11.02 -44.37 -16.81
C ARG A 60 -9.97 -45.11 -17.64
N ASP A 61 -10.32 -45.42 -18.87
CA ASP A 61 -9.39 -46.02 -19.83
C ASP A 61 -8.40 -44.94 -20.25
N ALA A 62 -7.13 -45.13 -19.91
CA ALA A 62 -6.09 -44.13 -20.19
C ALA A 62 -5.90 -43.90 -21.69
N GLY A 63 -6.21 -44.92 -22.48
CA GLY A 63 -6.08 -44.83 -23.92
C GLY A 63 -7.09 -43.93 -24.61
N ARG A 64 -8.16 -43.60 -23.91
N ARG A 64 -8.18 -43.61 -23.91
CA ARG A 64 -9.23 -42.81 -24.50
CA ARG A 64 -9.23 -42.80 -24.52
C ARG A 64 -8.97 -41.31 -24.36
C ARG A 64 -8.98 -41.32 -24.36
N ILE A 65 -7.96 -40.83 -25.08
CA ILE A 65 -7.54 -39.44 -24.98
C ILE A 65 -8.62 -38.48 -25.44
N GLU A 66 -9.19 -38.74 -26.62
CA GLU A 66 -10.20 -37.85 -27.18
C GLU A 66 -11.44 -37.80 -26.30
N ASP A 67 -11.90 -38.96 -25.86
CA ASP A 67 -13.07 -39.05 -24.99
C ASP A 67 -12.84 -38.31 -23.66
N THR A 68 -11.65 -38.46 -23.10
CA THR A 68 -11.34 -37.76 -21.86
C THR A 68 -11.32 -36.25 -22.07
N TRP A 69 -10.77 -35.81 -23.20
CA TRP A 69 -10.69 -34.38 -23.50
C TRP A 69 -12.11 -33.81 -23.57
N GLN A 70 -12.99 -34.48 -24.32
CA GLN A 70 -14.37 -34.02 -24.48
C GLN A 70 -15.13 -34.10 -23.16
N TYR A 71 -14.93 -35.18 -22.42
CA TYR A 71 -15.54 -35.38 -21.11
C TYR A 71 -15.21 -34.22 -20.18
N LEU A 72 -13.94 -33.79 -20.17
CA LEU A 72 -13.57 -32.69 -19.28
C LEU A 72 -13.99 -31.33 -19.82
N TYR A 73 -13.87 -31.15 -21.13
CA TYR A 73 -14.20 -29.87 -21.75
C TYR A 73 -15.71 -29.61 -21.77
N ARG A 74 -16.47 -30.53 -22.34
CA ARG A 74 -17.93 -30.40 -22.34
C ARG A 74 -18.51 -30.64 -20.94
N GLY A 75 -17.98 -31.65 -20.24
CA GLY A 75 -18.55 -32.05 -18.97
C GLY A 75 -18.42 -31.02 -17.88
N ALA A 76 -17.44 -30.13 -17.99
CA ALA A 76 -17.26 -29.08 -16.99
C ALA A 76 -18.47 -28.15 -16.98
N TYR A 77 -19.22 -28.14 -18.08
CA TYR A 77 -20.38 -27.26 -18.29
C TYR A 77 -19.97 -25.82 -18.56
N TRP A 78 -19.15 -25.27 -17.68
CA TRP A 78 -18.54 -23.96 -17.89
C TRP A 78 -17.29 -24.16 -18.76
N ARG A 79 -17.35 -23.69 -19.99
CA ARG A 79 -16.34 -24.03 -21.00
C ARG A 79 -15.29 -22.95 -21.20
N ARG A 80 -14.09 -23.39 -21.58
CA ARG A 80 -12.96 -22.51 -21.90
C ARG A 80 -12.43 -21.86 -20.63
N GLY A 81 -11.40 -21.02 -20.78
CA GLY A 81 -10.85 -20.24 -19.67
C GLY A 81 -9.48 -20.74 -19.25
N PRO A 82 -8.66 -19.87 -18.65
CA PRO A 82 -7.28 -20.28 -18.35
C PRO A 82 -7.17 -21.38 -17.30
N VAL A 83 -7.97 -21.33 -16.24
CA VAL A 83 -7.87 -22.38 -15.23
C VAL A 83 -8.39 -23.70 -15.81
N THR A 84 -9.57 -23.64 -16.41
CA THR A 84 -10.19 -24.78 -17.07
C THR A 84 -9.29 -25.46 -18.09
N MET A 85 -8.80 -24.69 -19.03
CA MET A 85 -8.05 -25.29 -20.13
C MET A 85 -6.65 -25.74 -19.75
N THR A 86 -6.07 -25.12 -18.71
CA THR A 86 -4.78 -25.60 -18.22
C THR A 86 -4.96 -26.95 -17.52
N ALA A 87 -6.05 -27.11 -16.78
CA ALA A 87 -6.32 -28.41 -16.14
C ALA A 87 -6.49 -29.48 -17.20
N ILE A 88 -7.29 -29.16 -18.21
CA ILE A 88 -7.51 -30.09 -19.31
C ILE A 88 -6.22 -30.39 -20.07
N ALA A 89 -5.40 -29.37 -20.31
CA ALA A 89 -4.11 -29.57 -20.97
C ALA A 89 -3.20 -30.53 -20.19
N ALA A 90 -3.22 -30.41 -18.87
CA ALA A 90 -2.37 -31.25 -18.03
C ALA A 90 -2.75 -32.72 -18.18
N VAL A 91 -4.05 -32.99 -18.15
CA VAL A 91 -4.54 -34.34 -18.38
C VAL A 91 -4.14 -34.82 -19.75
N ASP A 92 -4.41 -33.99 -20.76
CA ASP A 92 -4.14 -34.36 -22.15
C ASP A 92 -2.67 -34.72 -22.40
N MET A 93 -1.76 -33.88 -21.90
CA MET A 93 -0.33 -34.11 -22.06
C MET A 93 0.11 -35.40 -21.37
N ALA A 94 -0.42 -35.65 -20.17
CA ALA A 94 -0.10 -36.89 -19.46
C ALA A 94 -0.61 -38.11 -20.21
N LEU A 95 -1.78 -38.00 -20.83
CA LEU A 95 -2.33 -39.13 -21.58
C LEU A 95 -1.57 -39.40 -22.88
N TRP A 96 -1.13 -38.34 -23.55
CA TRP A 96 -0.29 -38.52 -24.75
C TRP A 96 1.07 -39.10 -24.38
N ASP A 97 1.57 -38.73 -23.21
CA ASP A 97 2.83 -39.26 -22.71
C ASP A 97 2.70 -40.77 -22.55
N ILE A 98 1.60 -41.20 -21.95
CA ILE A 98 1.30 -42.60 -21.72
C ILE A 98 1.09 -43.35 -23.04
N LYS A 99 0.36 -42.73 -23.96
CA LYS A 99 0.12 -43.37 -25.25
C LYS A 99 1.42 -43.59 -26.01
N ALA A 100 2.28 -42.58 -26.03
CA ALA A 100 3.56 -42.71 -26.72
C ALA A 100 4.45 -43.78 -26.08
N LYS A 101 4.46 -43.83 -24.74
CA LYS A 101 5.20 -44.90 -24.06
C LYS A 101 4.64 -46.27 -24.43
N ALA A 102 3.32 -46.39 -24.50
CA ALA A 102 2.69 -47.66 -24.85
C ALA A 102 3.05 -48.09 -26.28
N ALA A 103 3.18 -47.09 -27.15
CA ALA A 103 3.52 -47.31 -28.55
C ALA A 103 5.02 -47.53 -28.73
N GLY A 104 5.79 -47.28 -27.68
CA GLY A 104 7.23 -47.44 -27.76
C GLY A 104 7.91 -46.43 -28.66
N MET A 105 7.30 -45.24 -28.77
CA MET A 105 7.78 -44.20 -29.67
C MET A 105 7.91 -42.85 -28.97
N PRO A 106 8.90 -42.03 -29.37
CA PRO A 106 8.88 -40.63 -28.96
C PRO A 106 7.62 -39.96 -29.49
N LEU A 107 7.11 -38.96 -28.80
CA LEU A 107 5.84 -38.34 -29.16
C LEU A 107 5.77 -37.85 -30.63
N TYR A 108 6.83 -37.25 -31.16
CA TYR A 108 6.76 -36.74 -32.53
C TYR A 108 6.42 -37.83 -33.55
N GLN A 109 6.86 -39.05 -33.28
CA GLN A 109 6.55 -40.17 -34.17
C GLN A 109 5.07 -40.51 -34.13
N LEU A 110 4.49 -40.46 -32.95
CA LEU A 110 3.07 -40.75 -32.77
C LEU A 110 2.21 -39.74 -33.53
N LEU A 111 2.69 -38.48 -33.59
CA LEU A 111 1.94 -37.40 -34.20
C LEU A 111 1.95 -37.40 -35.74
N GLY A 112 2.86 -38.16 -36.33
CA GLY A 112 2.99 -38.17 -37.77
C GLY A 112 4.42 -38.14 -38.26
N GLY A 113 5.36 -38.18 -37.33
CA GLY A 113 6.76 -38.24 -37.69
C GLY A 113 7.37 -36.87 -37.90
N LYS A 114 8.69 -36.83 -38.12
CA LYS A 114 9.38 -35.55 -38.16
C LYS A 114 9.16 -34.81 -39.48
N SER A 115 8.95 -33.51 -39.39
CA SER A 115 8.86 -32.66 -40.57
C SER A 115 10.11 -31.82 -40.75
N ARG A 116 11.01 -31.86 -39.75
CA ARG A 116 12.22 -31.06 -39.77
C ARG A 116 13.30 -31.73 -38.93
N GLU A 117 14.56 -31.38 -39.20
CA GLU A 117 15.68 -32.01 -38.52
C GLU A 117 16.10 -31.28 -37.25
N ARG A 118 15.58 -30.06 -37.07
CA ARG A 118 15.86 -29.26 -35.88
C ARG A 118 14.84 -28.13 -35.77
N VAL A 119 14.76 -27.53 -34.59
CA VAL A 119 13.68 -26.63 -34.23
C VAL A 119 14.26 -25.27 -33.86
N MET A 120 14.09 -24.28 -34.73
CA MET A 120 14.71 -22.98 -34.50
C MET A 120 14.10 -22.29 -33.29
N THR A 121 14.96 -21.66 -32.49
CA THR A 121 14.52 -20.91 -31.31
C THR A 121 14.84 -19.42 -31.41
N TYR A 122 14.30 -18.65 -30.47
CA TYR A 122 14.81 -17.29 -30.23
C TYR A 122 15.11 -17.06 -28.78
N ALA A 123 16.08 -16.20 -28.53
CA ALA A 123 16.49 -15.87 -27.16
C ALA A 123 16.04 -14.46 -26.80
N HIS A 124 15.87 -14.21 -25.50
CA HIS A 124 15.54 -12.88 -25.00
C HIS A 124 16.77 -12.01 -24.81
N CYS A 125 16.82 -10.87 -25.50
CA CYS A 125 17.90 -9.91 -25.32
C CYS A 125 17.31 -8.63 -24.78
N THR A 126 17.80 -8.20 -23.62
CA THR A 126 17.19 -7.07 -22.94
C THR A 126 18.27 -6.23 -22.26
N GLY A 127 17.96 -4.95 -22.07
CA GLY A 127 18.86 -4.04 -21.39
C GLY A 127 18.19 -2.70 -21.12
N GLN A 128 18.79 -1.92 -20.24
CA GLN A 128 18.23 -0.64 -19.87
C GLN A 128 18.32 0.34 -21.03
N THR A 129 19.51 0.45 -21.61
CA THR A 129 19.69 1.31 -22.76
C THR A 129 19.75 0.46 -24.01
N ILE A 130 19.58 1.11 -25.16
CA ILE A 130 19.74 0.44 -26.43
C ILE A 130 21.11 -0.24 -26.49
N GLU A 131 22.14 0.47 -26.05
CA GLU A 131 23.49 -0.09 -26.02
C GLU A 131 23.55 -1.39 -25.20
N ASP A 132 22.94 -1.38 -24.02
CA ASP A 132 22.89 -2.57 -23.17
C ASP A 132 22.24 -3.75 -23.92
N CYS A 133 21.18 -3.47 -24.65
CA CYS A 133 20.49 -4.52 -25.39
C CYS A 133 21.39 -5.12 -26.46
N LEU A 134 22.09 -4.24 -27.20
CA LEU A 134 22.95 -4.70 -28.29
C LEU A 134 24.03 -5.62 -27.79
N GLY A 135 24.55 -5.35 -26.60
CA GLY A 135 25.53 -6.21 -25.97
C GLY A 135 24.99 -7.61 -25.76
N GLU A 136 23.73 -7.69 -25.35
CA GLU A 136 23.07 -8.97 -25.14
C GLU A 136 22.82 -9.70 -26.46
N VAL A 137 22.46 -8.96 -27.50
CA VAL A 137 22.32 -9.55 -28.84
C VAL A 137 23.62 -10.20 -29.27
N ALA A 138 24.73 -9.47 -29.13
CA ALA A 138 26.03 -9.98 -29.52
C ALA A 138 26.34 -11.27 -28.76
N ARG A 139 26.00 -11.28 -27.48
CA ARG A 139 26.28 -12.44 -26.65
C ARG A 139 25.49 -13.67 -27.11
N HIS A 140 24.23 -13.46 -27.49
CA HIS A 140 23.41 -14.58 -27.91
C HIS A 140 23.73 -15.05 -29.32
N VAL A 141 24.13 -14.12 -30.18
CA VAL A 141 24.60 -14.49 -31.52
C VAL A 141 25.81 -15.42 -31.37
N GLU A 142 26.66 -15.12 -30.39
CA GLU A 142 27.84 -15.95 -30.15
C GLU A 142 27.47 -17.37 -29.70
N LEU A 143 26.34 -17.49 -29.00
CA LEU A 143 25.86 -18.80 -28.55
C LEU A 143 25.22 -19.61 -29.66
N GLY A 144 24.96 -18.98 -30.80
CA GLY A 144 24.41 -19.68 -31.95
C GLY A 144 22.94 -19.41 -32.25
N TYR A 145 22.34 -18.49 -31.51
CA TYR A 145 20.95 -18.12 -31.82
C TYR A 145 20.87 -17.41 -33.16
N ARG A 146 19.91 -17.85 -33.98
CA ARG A 146 19.64 -17.27 -35.28
C ARG A 146 18.59 -16.17 -35.16
N ALA A 147 17.96 -16.09 -33.98
CA ALA A 147 16.84 -15.19 -33.79
C ALA A 147 16.87 -14.64 -32.37
N VAL A 148 16.57 -13.35 -32.23
CA VAL A 148 16.56 -12.72 -30.91
C VAL A 148 15.33 -11.84 -30.74
N ARG A 149 14.75 -11.85 -29.54
CA ARG A 149 13.76 -10.84 -29.18
C ARG A 149 14.51 -9.70 -28.50
N VAL A 150 14.22 -8.47 -28.89
CA VAL A 150 14.91 -7.32 -28.30
C VAL A 150 13.94 -6.41 -27.56
N GLN A 151 14.31 -6.03 -26.34
CA GLN A 151 13.52 -5.10 -25.56
C GLN A 151 14.51 -4.19 -24.86
N SER A 152 14.20 -2.89 -24.77
CA SER A 152 15.04 -1.98 -24.00
C SER A 152 14.22 -0.95 -23.25
N GLY A 153 14.86 -0.24 -22.33
CA GLY A 153 14.18 0.78 -21.55
C GLY A 153 13.72 1.93 -22.40
N VAL A 154 12.65 2.58 -21.96
CA VAL A 154 12.17 3.78 -22.61
C VAL A 154 12.59 4.96 -21.76
N PRO A 155 13.38 5.90 -22.31
CA PRO A 155 13.78 7.06 -21.51
C PRO A 155 12.54 7.81 -21.02
N GLY A 156 12.56 8.20 -19.74
CA GLY A 156 11.42 8.88 -19.14
C GLY A 156 10.42 7.92 -18.53
N ILE A 157 10.71 6.63 -18.63
CA ILE A 157 9.86 5.59 -18.03
C ILE A 157 10.72 4.68 -17.15
N GLU A 158 10.36 4.58 -15.88
CA GLU A 158 11.16 3.83 -14.92
C GLU A 158 11.23 2.34 -15.24
N THR A 159 10.09 1.77 -15.61
CA THR A 159 9.97 0.33 -15.82
C THR A 159 9.20 0.01 -17.09
N THR A 160 9.72 -0.89 -17.90
CA THR A 160 9.02 -1.33 -19.10
C THR A 160 9.06 -2.84 -19.20
N TYR A 161 8.21 -3.40 -20.06
CA TYR A 161 8.15 -4.85 -20.18
C TYR A 161 9.48 -5.43 -20.68
N GLY A 162 9.89 -6.53 -20.07
CA GLY A 162 10.99 -7.33 -20.58
C GLY A 162 12.34 -6.75 -20.24
N VAL A 163 12.35 -5.75 -19.38
CA VAL A 163 13.60 -5.15 -18.93
C VAL A 163 13.69 -5.22 -17.40
N ALA A 164 14.75 -5.85 -16.90
CA ALA A 164 14.98 -5.99 -15.46
C ALA A 164 15.66 -4.76 -14.88
N TYR A 171 15.56 -11.92 -15.80
CA TYR A 171 14.20 -11.42 -15.88
C TYR A 171 13.18 -12.52 -15.55
N GLU A 172 12.52 -12.37 -14.40
CA GLU A 172 11.47 -13.28 -13.97
C GLU A 172 10.30 -12.41 -13.49
N PRO A 173 9.33 -12.18 -14.40
CA PRO A 173 8.21 -11.23 -14.25
C PRO A 173 7.48 -11.34 -12.91
N ALA A 174 7.17 -12.57 -12.49
CA ALA A 174 6.53 -12.79 -11.20
C ALA A 174 7.59 -12.75 -10.10
N ASP A 175 7.95 -11.54 -9.68
CA ASP A 175 9.09 -11.39 -8.78
C ASP A 175 8.70 -10.82 -7.41
N SER A 176 7.41 -10.88 -7.10
CA SER A 176 6.90 -10.35 -5.83
C SER A 176 5.72 -11.19 -5.36
N SER A 177 5.48 -11.20 -4.05
CA SER A 177 4.33 -11.91 -3.49
C SER A 177 3.02 -11.30 -3.97
N LEU A 178 2.90 -9.99 -3.84
CA LEU A 178 1.76 -9.24 -4.38
C LEU A 178 2.20 -8.52 -5.65
N PRO A 179 1.27 -8.16 -6.55
CA PRO A 179 1.71 -7.60 -7.83
C PRO A 179 2.52 -6.31 -7.70
N ALA A 180 3.68 -6.28 -8.34
CA ALA A 180 4.45 -5.06 -8.42
C ALA A 180 3.65 -4.09 -9.29
N GLU A 181 3.81 -2.80 -9.07
CA GLU A 181 3.09 -1.81 -9.87
C GLU A 181 4.05 -1.02 -10.74
N HIS A 182 3.88 -1.14 -12.05
CA HIS A 182 4.74 -0.45 -13.00
C HIS A 182 4.00 0.76 -13.58
N VAL A 183 4.73 1.71 -14.11
CA VAL A 183 4.14 2.89 -14.71
C VAL A 183 4.49 2.93 -16.19
N TRP A 184 3.59 3.47 -17.01
CA TRP A 184 3.70 3.34 -18.46
C TRP A 184 3.36 4.62 -19.20
N SER A 185 4.09 4.90 -20.27
CA SER A 185 3.72 5.94 -21.22
C SER A 185 3.78 5.42 -22.65
N THR A 186 2.62 5.34 -23.30
CA THR A 186 2.59 4.86 -24.68
C THR A 186 3.36 5.77 -25.62
N GLU A 187 3.16 7.08 -25.49
CA GLU A 187 3.71 8.01 -26.47
C GLU A 187 5.24 8.01 -26.46
N LYS A 188 5.84 7.85 -25.28
CA LYS A 188 7.29 7.79 -25.16
C LYS A 188 7.83 6.49 -25.78
N TYR A 189 7.14 5.39 -25.52
CA TYR A 189 7.50 4.11 -26.11
C TYR A 189 7.44 4.15 -27.63
N LEU A 190 6.37 4.72 -28.19
CA LEU A 190 6.21 4.74 -29.65
C LEU A 190 7.31 5.53 -30.36
N ASN A 191 7.78 6.58 -29.73
CA ASN A 191 8.85 7.40 -30.34
C ASN A 191 10.23 6.76 -30.19
N HIS A 192 10.37 5.89 -29.20
CA HIS A 192 11.68 5.33 -28.90
C HIS A 192 11.92 3.95 -29.51
N ALA A 193 10.89 3.10 -29.52
CA ALA A 193 11.05 1.72 -29.98
C ALA A 193 11.71 1.53 -31.37
N PRO A 194 11.33 2.35 -32.38
CA PRO A 194 11.97 2.15 -33.68
C PRO A 194 13.49 2.36 -33.64
N LYS A 195 13.96 3.19 -32.69
CA LYS A 195 15.40 3.45 -32.58
C LYS A 195 16.17 2.19 -32.17
N LEU A 196 15.53 1.34 -31.36
CA LEU A 196 16.14 0.08 -30.96
C LEU A 196 16.38 -0.83 -32.18
N PHE A 197 15.35 -0.99 -33.01
CA PHE A 197 15.47 -1.90 -34.15
C PHE A 197 16.46 -1.35 -35.17
N ALA A 198 16.48 -0.04 -35.32
CA ALA A 198 17.44 0.61 -36.22
C ALA A 198 18.86 0.32 -35.77
N ALA A 199 19.08 0.38 -34.46
CA ALA A 199 20.40 0.10 -33.88
C ALA A 199 20.79 -1.37 -34.01
N VAL A 200 19.82 -2.27 -33.83
CA VAL A 200 20.11 -3.69 -33.97
C VAL A 200 20.55 -4.02 -35.41
N ARG A 201 19.81 -3.49 -36.38
CA ARG A 201 20.16 -3.68 -37.79
C ARG A 201 21.51 -3.05 -38.16
N GLU A 202 21.80 -1.87 -37.61
CA GLU A 202 23.07 -1.22 -37.89
C GLU A 202 24.24 -2.06 -37.41
N ARG A 203 24.12 -2.66 -36.24
CA ARG A 203 25.25 -3.37 -35.67
C ARG A 203 25.36 -4.82 -36.15
N PHE A 204 24.22 -5.47 -36.39
CA PHE A 204 24.20 -6.91 -36.63
C PHE A 204 23.78 -7.34 -38.04
N GLY A 205 23.29 -6.40 -38.84
CA GLY A 205 22.97 -6.71 -40.22
C GLY A 205 21.61 -7.35 -40.44
N ASP A 206 21.41 -7.88 -41.63
CA ASP A 206 20.06 -8.27 -42.07
C ASP A 206 19.70 -9.74 -41.90
N ASP A 207 20.69 -10.61 -41.68
CA ASP A 207 20.42 -12.04 -41.64
C ASP A 207 19.79 -12.51 -40.33
N LEU A 208 20.08 -11.79 -39.25
CA LEU A 208 19.53 -12.10 -37.95
C LEU A 208 18.01 -11.91 -37.94
N HIS A 209 17.30 -12.83 -37.31
CA HIS A 209 15.85 -12.67 -37.13
C HIS A 209 15.63 -11.86 -35.86
N VAL A 210 14.83 -10.80 -35.96
CA VAL A 210 14.63 -9.88 -34.83
C VAL A 210 13.15 -9.78 -34.46
N LEU A 211 12.84 -10.09 -33.21
CA LEU A 211 11.47 -10.13 -32.73
C LEU A 211 11.25 -9.05 -31.66
N HIS A 212 10.02 -8.61 -31.50
CA HIS A 212 9.71 -7.65 -30.45
C HIS A 212 8.32 -7.89 -29.88
N ASP A 213 8.20 -7.79 -28.56
CA ASP A 213 6.95 -8.04 -27.85
C ASP A 213 6.39 -6.70 -27.35
N VAL A 214 5.26 -6.29 -27.90
CA VAL A 214 4.61 -5.03 -27.52
C VAL A 214 3.87 -5.17 -26.19
N HIS A 215 3.55 -6.41 -25.84
CA HIS A 215 2.99 -6.73 -24.53
C HIS A 215 1.72 -5.94 -24.15
N HIS A 216 0.80 -5.88 -25.11
CA HIS A 216 -0.61 -5.49 -24.93
C HIS A 216 -0.88 -4.00 -24.73
N ARG A 217 0.13 -3.16 -24.90
CA ARG A 217 0.03 -1.80 -24.38
C ARG A 217 -0.57 -0.75 -25.32
N LEU A 218 -0.75 -1.10 -26.60
CA LEU A 218 -1.17 -0.12 -27.60
C LEU A 218 -2.63 -0.26 -27.97
N THR A 219 -3.20 0.80 -28.54
CA THR A 219 -4.50 0.66 -29.22
C THR A 219 -4.22 0.23 -30.67
N PRO A 220 -5.24 -0.23 -31.39
CA PRO A 220 -4.99 -0.69 -32.76
C PRO A 220 -4.29 0.34 -33.67
N ILE A 221 -4.75 1.59 -33.70
CA ILE A 221 -4.13 2.57 -34.58
C ILE A 221 -2.70 2.94 -34.17
N GLU A 222 -2.41 2.86 -32.86
CA GLU A 222 -1.05 3.05 -32.36
C GLU A 222 -0.14 1.92 -32.82
N ALA A 223 -0.66 0.69 -32.79
CA ALA A 223 0.10 -0.47 -33.27
C ALA A 223 0.29 -0.42 -34.77
N ALA A 224 -0.71 0.08 -35.48
CA ALA A 224 -0.57 0.31 -36.92
C ALA A 224 0.58 1.26 -37.20
N ARG A 225 0.62 2.37 -36.47
CA ARG A 225 1.73 3.33 -36.58
C ARG A 225 3.08 2.68 -36.29
N LEU A 226 3.14 1.89 -35.21
CA LEU A 226 4.41 1.26 -34.86
C LEU A 226 4.83 0.26 -35.93
N GLY A 227 3.87 -0.54 -36.40
CA GLY A 227 4.16 -1.51 -37.44
C GLY A 227 4.76 -0.86 -38.67
N LYS A 228 4.13 0.23 -39.12
CA LYS A 228 4.64 0.97 -40.27
C LYS A 228 6.04 1.51 -40.01
N ALA A 229 6.22 2.05 -38.82
CA ALA A 229 7.50 2.67 -38.48
C ALA A 229 8.65 1.66 -38.47
N VAL A 230 8.34 0.39 -38.20
CA VAL A 230 9.40 -0.61 -38.09
C VAL A 230 9.53 -1.51 -39.34
N GLU A 231 8.71 -1.23 -40.36
CA GLU A 231 8.84 -1.97 -41.63
C GLU A 231 10.26 -2.01 -42.19
N PRO A 232 11.00 -0.87 -42.17
CA PRO A 232 12.36 -0.92 -42.73
C PRO A 232 13.30 -1.88 -42.03
N TYR A 233 12.95 -2.31 -40.82
CA TYR A 233 13.83 -3.18 -40.03
C TYR A 233 13.44 -4.66 -40.15
N HIS A 234 12.35 -4.94 -40.87
CA HIS A 234 11.94 -6.30 -41.21
C HIS A 234 11.95 -7.25 -40.03
N LEU A 235 11.08 -6.98 -39.06
CA LEU A 235 10.99 -7.82 -37.89
C LEU A 235 10.39 -9.17 -38.24
N PHE A 236 10.84 -10.21 -37.54
CA PHE A 236 10.27 -11.54 -37.67
C PHE A 236 8.82 -11.48 -37.21
N TRP A 237 8.61 -10.80 -36.09
CA TRP A 237 7.24 -10.48 -35.69
C TRP A 237 7.16 -9.32 -34.73
N LEU A 238 5.99 -8.70 -34.70
CA LEU A 238 5.61 -7.75 -33.66
C LEU A 238 4.47 -8.43 -32.90
N GLU A 239 4.70 -8.67 -31.62
CA GLU A 239 3.86 -9.58 -30.82
C GLU A 239 2.94 -8.86 -29.84
N ASP A 240 1.71 -9.35 -29.74
CA ASP A 240 0.72 -8.88 -28.74
C ASP A 240 0.57 -7.35 -28.73
N CYS A 241 0.35 -6.79 -29.91
CA CYS A 241 0.20 -5.35 -30.05
C CYS A 241 -0.89 -4.74 -29.19
N VAL A 242 -2.03 -5.43 -29.13
CA VAL A 242 -3.23 -4.90 -28.51
C VAL A 242 -3.98 -6.05 -27.81
N PRO A 243 -4.69 -5.76 -26.72
CA PRO A 243 -5.49 -6.83 -26.13
C PRO A 243 -6.53 -7.30 -27.15
N ALA A 244 -6.75 -8.61 -27.21
CA ALA A 244 -7.48 -9.18 -28.34
C ALA A 244 -8.66 -10.05 -27.95
N GLU A 245 -9.28 -9.76 -26.81
CA GLU A 245 -10.54 -10.44 -26.47
C GLU A 245 -11.56 -10.12 -27.57
N ASN A 246 -11.52 -8.88 -28.05
CA ASN A 246 -12.23 -8.51 -29.26
C ASN A 246 -11.25 -8.76 -30.40
N GLN A 247 -11.46 -9.83 -31.16
CA GLN A 247 -10.49 -10.24 -32.16
C GLN A 247 -10.40 -9.23 -33.30
N GLU A 248 -11.47 -8.47 -33.52
CA GLU A 248 -11.47 -7.40 -34.53
C GLU A 248 -10.44 -6.32 -34.22
N SER A 249 -9.88 -6.34 -33.00
CA SER A 249 -8.85 -5.37 -32.63
C SER A 249 -7.62 -5.43 -33.54
N LEU A 250 -7.43 -6.56 -34.21
CA LEU A 250 -6.25 -6.71 -35.07
C LEU A 250 -6.45 -6.09 -36.44
N ARG A 251 -7.69 -5.80 -36.82
N ARG A 251 -7.70 -5.79 -36.81
CA ARG A 251 -7.99 -5.42 -38.20
CA ARG A 251 -8.02 -5.41 -38.19
C ARG A 251 -7.26 -4.17 -38.70
C ARG A 251 -7.26 -4.18 -38.69
N LEU A 252 -7.30 -3.09 -37.93
CA LEU A 252 -6.63 -1.85 -38.34
C LEU A 252 -5.13 -2.02 -38.46
N ILE A 253 -4.54 -2.84 -37.61
CA ILE A 253 -3.10 -3.06 -37.68
C ILE A 253 -2.79 -3.74 -38.99
N ARG A 254 -3.52 -4.80 -39.30
CA ARG A 254 -3.26 -5.59 -40.49
C ARG A 254 -3.49 -4.79 -41.77
N GLU A 255 -4.45 -3.88 -41.75
CA GLU A 255 -4.77 -3.09 -42.93
C GLU A 255 -3.74 -1.99 -43.19
N HIS A 256 -2.93 -1.67 -42.18
CA HIS A 256 -2.00 -0.55 -42.28
C HIS A 256 -0.50 -0.90 -42.31
N THR A 257 -0.13 -2.14 -42.04
CA THR A 257 1.29 -2.49 -42.02
C THR A 257 1.56 -3.89 -42.57
N THR A 258 2.74 -4.07 -43.11
CA THR A 258 3.21 -5.37 -43.58
C THR A 258 4.21 -6.00 -42.61
N THR A 259 4.44 -5.36 -41.47
CA THR A 259 5.23 -6.02 -40.43
C THR A 259 4.46 -7.25 -39.93
N PRO A 260 5.12 -8.42 -39.89
CA PRO A 260 4.37 -9.62 -39.46
C PRO A 260 3.90 -9.55 -38.01
N LEU A 261 2.74 -10.14 -37.75
CA LEU A 261 2.10 -10.01 -36.44
C LEU A 261 1.99 -11.35 -35.73
N ALA A 262 2.21 -11.35 -34.42
CA ALA A 262 2.06 -12.56 -33.62
C ALA A 262 1.15 -12.28 -32.45
N ILE A 263 0.34 -13.27 -32.09
CA ILE A 263 -0.56 -13.08 -30.95
C ILE A 263 -0.92 -14.42 -30.32
N GLY A 264 -1.25 -14.39 -29.03
CA GLY A 264 -2.05 -15.47 -28.48
C GLY A 264 -1.55 -16.24 -27.26
N GLU A 265 -0.44 -15.80 -26.67
CA GLU A 265 0.03 -16.45 -25.45
C GLU A 265 -1.01 -16.40 -24.33
N VAL A 266 -1.90 -15.40 -24.32
CA VAL A 266 -2.92 -15.35 -23.26
C VAL A 266 -4.22 -16.07 -23.64
N PHE A 267 -4.23 -16.74 -24.80
CA PHE A 267 -5.41 -17.47 -25.23
C PHE A 267 -5.43 -18.90 -24.69
N ASN A 268 -6.62 -19.50 -24.64
CA ASN A 268 -6.75 -20.89 -24.17
C ASN A 268 -7.66 -21.77 -25.05
N SER A 269 -8.23 -21.18 -26.08
CA SER A 269 -9.23 -21.85 -26.89
C SER A 269 -9.08 -21.50 -28.36
N ILE A 270 -9.41 -22.44 -29.25
CA ILE A 270 -9.49 -22.14 -30.67
C ILE A 270 -10.49 -21.01 -30.92
N HIS A 271 -11.49 -20.88 -30.04
CA HIS A 271 -12.49 -19.84 -30.17
C HIS A 271 -12.00 -18.44 -29.80
N ASP A 272 -10.78 -18.36 -29.27
CA ASP A 272 -10.16 -17.08 -28.99
C ASP A 272 -9.45 -16.54 -30.22
N CYS A 273 -9.27 -17.39 -31.23
CA CYS A 273 -8.44 -17.01 -32.38
C CYS A 273 -8.93 -17.47 -33.75
N ARG A 274 -10.09 -18.13 -33.79
CA ARG A 274 -10.65 -18.62 -35.07
C ARG A 274 -10.75 -17.49 -36.10
N GLU A 275 -11.31 -16.36 -35.67
CA GLU A 275 -11.49 -15.23 -36.59
C GLU A 275 -10.17 -14.54 -36.94
N LEU A 276 -9.28 -14.39 -35.98
CA LEU A 276 -7.95 -13.86 -36.25
C LEU A 276 -7.28 -14.63 -37.38
N ILE A 277 -7.42 -15.94 -37.35
CA ILE A 277 -6.79 -16.83 -38.34
C ILE A 277 -7.52 -16.76 -39.68
N GLN A 278 -8.83 -16.97 -39.65
CA GLN A 278 -9.60 -17.05 -40.89
C GLN A 278 -9.62 -15.73 -41.67
N ASN A 279 -9.50 -14.60 -40.96
CA ASN A 279 -9.47 -13.30 -41.62
C ASN A 279 -8.05 -12.88 -42.00
N GLN A 280 -7.08 -13.75 -41.73
CA GLN A 280 -5.66 -13.47 -42.01
C GLN A 280 -5.18 -12.18 -41.33
N TRP A 281 -5.46 -12.06 -40.05
CA TRP A 281 -5.06 -10.87 -39.31
C TRP A 281 -3.74 -11.07 -38.54
N ILE A 282 -3.24 -12.30 -38.50
CA ILE A 282 -1.99 -12.61 -37.81
C ILE A 282 -1.15 -13.58 -38.64
N ASP A 283 0.15 -13.63 -38.33
CA ASP A 283 1.06 -14.52 -39.03
C ASP A 283 1.53 -15.67 -38.17
N TYR A 284 1.52 -15.47 -36.85
CA TYR A 284 1.94 -16.50 -35.91
C TYR A 284 0.97 -16.60 -34.75
N ILE A 285 0.60 -17.82 -34.38
CA ILE A 285 -0.27 -18.07 -33.23
C ILE A 285 0.60 -18.58 -32.08
N ARG A 286 0.46 -17.96 -30.90
CA ARG A 286 1.43 -18.13 -29.81
C ARG A 286 0.93 -19.00 -28.66
N MET A 287 -0.32 -19.42 -28.74
CA MET A 287 -0.92 -20.19 -27.65
C MET A 287 -0.17 -21.52 -27.47
N PRO A 288 0.30 -21.79 -26.23
CA PRO A 288 1.13 -22.98 -26.00
C PRO A 288 0.33 -24.17 -25.50
N LEU A 289 0.99 -25.32 -25.38
CA LEU A 289 0.29 -26.54 -25.02
C LEU A 289 -0.36 -26.46 -23.64
N THR A 290 0.37 -25.94 -22.67
CA THR A 290 -0.09 -25.94 -21.29
C THR A 290 -1.35 -25.13 -21.08
N HIS A 291 -1.45 -24.02 -21.79
CA HIS A 291 -2.60 -23.15 -21.60
C HIS A 291 -3.67 -23.31 -22.65
N GLY A 292 -3.34 -24.01 -23.74
CA GLY A 292 -4.28 -24.17 -24.84
C GLY A 292 -4.92 -25.55 -24.98
N GLY A 293 -5.13 -26.24 -23.87
CA GLY A 293 -5.82 -27.52 -23.90
C GLY A 293 -5.01 -28.72 -24.40
N GLY A 294 -3.69 -28.58 -24.43
CA GLY A 294 -2.85 -29.74 -24.73
C GLY A 294 -2.64 -30.04 -26.20
N ILE A 295 -2.08 -31.20 -26.47
CA ILE A 295 -1.81 -31.68 -27.84
C ILE A 295 -3.10 -31.82 -28.65
N THR A 296 -4.12 -32.41 -28.03
CA THR A 296 -5.39 -32.63 -28.71
C THR A 296 -5.96 -31.34 -29.31
N ALA A 297 -5.99 -30.29 -28.49
CA ALA A 297 -6.55 -29.02 -28.95
C ALA A 297 -5.60 -28.26 -29.87
N MET A 298 -4.31 -28.28 -29.55
CA MET A 298 -3.37 -27.47 -30.32
C MET A 298 -3.10 -28.02 -31.72
N ARG A 299 -3.26 -29.33 -31.89
CA ARG A 299 -3.19 -29.88 -33.25
C ARG A 299 -4.26 -29.22 -34.11
N ARG A 300 -5.46 -29.09 -33.54
CA ARG A 300 -6.58 -28.49 -34.27
C ARG A 300 -6.33 -27.01 -34.60
N VAL A 301 -5.77 -26.27 -33.65
CA VAL A 301 -5.44 -24.86 -33.86
C VAL A 301 -4.36 -24.71 -34.94
N ALA A 302 -3.33 -25.53 -34.87
CA ALA A 302 -2.26 -25.45 -35.86
C ALA A 302 -2.79 -25.78 -37.25
N ASP A 303 -3.66 -26.78 -37.33
CA ASP A 303 -4.22 -27.17 -38.62
C ASP A 303 -5.11 -26.08 -39.24
N LEU A 304 -5.92 -25.42 -38.41
CA LEU A 304 -6.70 -24.29 -38.91
C LEU A 304 -5.77 -23.19 -39.39
N ALA A 305 -4.74 -22.90 -38.58
CA ALA A 305 -3.76 -21.90 -38.95
C ALA A 305 -3.12 -22.18 -40.29
N SER A 306 -2.82 -23.46 -40.55
CA SER A 306 -2.13 -23.84 -41.79
C SER A 306 -2.91 -23.48 -43.06
N LEU A 307 -4.23 -23.42 -42.97
CA LEU A 307 -5.07 -23.09 -44.14
C LEU A 307 -4.89 -21.65 -44.58
N TYR A 308 -4.37 -20.82 -43.68
CA TYR A 308 -4.26 -19.40 -43.92
C TYR A 308 -2.80 -18.92 -43.82
N HIS A 309 -1.86 -19.87 -43.97
CA HIS A 309 -0.41 -19.59 -43.96
C HIS A 309 0.12 -19.13 -42.61
N VAL A 310 -0.70 -19.29 -41.56
CA VAL A 310 -0.29 -18.90 -40.21
C VAL A 310 0.59 -20.00 -39.60
N ARG A 311 1.65 -19.61 -38.91
CA ARG A 311 2.61 -20.57 -38.39
C ARG A 311 2.59 -20.59 -36.87
N THR A 312 3.13 -21.66 -36.27
CA THR A 312 3.15 -21.75 -34.81
C THR A 312 4.30 -20.98 -34.21
N GLY A 313 4.07 -20.35 -33.08
CA GLY A 313 5.13 -19.68 -32.34
C GLY A 313 4.86 -19.84 -30.86
N PHE A 314 4.92 -21.07 -30.36
CA PHE A 314 4.51 -21.37 -28.99
C PHE A 314 5.21 -20.48 -27.98
N HIS A 315 4.41 -19.86 -27.12
CA HIS A 315 4.91 -19.21 -25.92
C HIS A 315 5.78 -20.20 -25.15
N GLY A 316 6.98 -19.77 -24.78
CA GLY A 316 7.92 -20.65 -24.08
C GLY A 316 8.69 -19.92 -22.99
N PRO A 317 7.98 -19.40 -21.99
CA PRO A 317 8.64 -18.66 -20.91
C PRO A 317 9.12 -19.63 -19.84
N THR A 318 9.79 -19.11 -18.81
CA THR A 318 10.20 -19.97 -17.70
C THR A 318 8.99 -20.58 -16.99
N ASP A 319 7.84 -19.93 -17.09
CA ASP A 319 6.66 -20.37 -16.31
C ASP A 319 5.86 -21.49 -16.97
N LEU A 320 6.35 -22.02 -18.10
CA LEU A 320 5.89 -23.30 -18.60
C LEU A 320 7.02 -24.29 -18.29
N SER A 321 6.69 -25.42 -17.68
CA SER A 321 7.74 -26.31 -17.16
C SER A 321 8.46 -27.05 -18.28
N PRO A 322 9.56 -27.73 -17.95
CA PRO A 322 10.19 -28.60 -18.96
C PRO A 322 9.27 -29.68 -19.51
N VAL A 323 8.22 -30.03 -18.78
CA VAL A 323 7.25 -30.99 -19.33
C VAL A 323 6.58 -30.39 -20.57
N CYS A 324 6.14 -29.14 -20.49
CA CYS A 324 5.56 -28.46 -21.65
C CYS A 324 6.60 -28.31 -22.74
N LEU A 325 7.81 -27.89 -22.38
CA LEU A 325 8.85 -27.66 -23.37
C LEU A 325 9.16 -28.92 -24.16
N GLY A 326 9.32 -30.04 -23.47
CA GLY A 326 9.59 -31.30 -24.15
C GLY A 326 8.48 -31.69 -25.11
N ALA A 327 7.24 -31.61 -24.63
CA ALA A 327 6.08 -31.93 -25.47
C ALA A 327 6.00 -30.95 -26.63
N ALA A 328 6.32 -29.68 -26.36
CA ALA A 328 6.29 -28.65 -27.40
C ALA A 328 7.33 -28.94 -28.48
N ILE A 329 8.51 -29.39 -28.06
CA ILE A 329 9.56 -29.69 -29.03
C ILE A 329 9.15 -30.87 -29.92
N HIS A 330 8.52 -31.88 -29.33
CA HIS A 330 7.95 -32.98 -30.13
C HIS A 330 6.91 -32.47 -31.12
N PHE A 331 6.01 -31.63 -30.64
CA PHE A 331 4.98 -31.03 -31.49
C PHE A 331 5.63 -30.24 -32.61
N ASP A 332 6.60 -29.40 -32.24
CA ASP A 332 7.32 -28.54 -33.20
C ASP A 332 8.02 -29.35 -34.27
N THR A 333 8.45 -30.55 -33.90
CA THR A 333 9.21 -31.41 -34.80
C THR A 333 8.32 -32.00 -35.90
N TRP A 334 7.07 -32.26 -35.55
CA TRP A 334 6.11 -32.82 -36.51
C TRP A 334 5.34 -31.76 -37.31
N VAL A 335 4.87 -30.71 -36.64
CA VAL A 335 3.88 -29.83 -37.26
C VAL A 335 4.40 -29.17 -38.55
N PRO A 336 3.62 -29.26 -39.64
CA PRO A 336 4.15 -28.72 -40.91
C PRO A 336 4.38 -27.22 -40.84
N ASN A 337 3.40 -26.50 -40.29
CA ASN A 337 3.45 -25.04 -40.26
C ASN A 337 4.13 -24.47 -39.02
N PHE A 338 5.28 -25.04 -38.69
CA PHE A 338 6.09 -24.53 -37.58
C PHE A 338 6.70 -23.18 -37.95
N GLY A 339 6.70 -22.26 -36.99
CA GLY A 339 7.35 -20.97 -37.18
C GLY A 339 8.62 -20.83 -36.35
N ILE A 340 8.48 -20.81 -35.02
CA ILE A 340 9.65 -20.66 -34.16
C ILE A 340 9.28 -21.12 -32.75
N GLN A 341 10.28 -21.45 -31.95
CA GLN A 341 10.05 -21.85 -30.56
C GLN A 341 10.80 -20.94 -29.62
N GLU A 342 10.06 -20.23 -28.78
CA GLU A 342 10.66 -19.38 -27.77
C GLU A 342 11.47 -20.21 -26.79
N HIS A 343 12.66 -19.72 -26.42
CA HIS A 343 13.48 -20.38 -25.41
C HIS A 343 13.88 -19.44 -24.29
N MET A 344 13.32 -19.66 -23.10
CA MET A 344 13.81 -19.00 -21.90
C MET A 344 14.36 -20.10 -21.01
N PRO A 345 15.68 -20.14 -20.82
CA PRO A 345 16.31 -21.19 -20.02
C PRO A 345 15.73 -21.30 -18.61
N HIS A 346 15.54 -22.53 -18.16
CA HIS A 346 15.09 -22.81 -16.80
C HIS A 346 16.31 -22.84 -15.86
N THR A 347 16.05 -22.73 -14.56
CA THR A 347 17.15 -22.82 -13.60
C THR A 347 17.70 -24.24 -13.54
N ASP A 348 18.92 -24.37 -13.04
CA ASP A 348 19.53 -25.68 -12.83
C ASP A 348 18.62 -26.57 -12.00
N GLU A 349 18.05 -26.00 -10.93
CA GLU A 349 17.21 -26.74 -10.01
C GLU A 349 15.95 -27.24 -10.72
N THR A 350 15.39 -26.40 -11.59
CA THR A 350 14.22 -26.78 -12.39
C THR A 350 14.55 -27.94 -13.31
N ASP A 351 15.64 -27.84 -14.05
CA ASP A 351 16.05 -28.89 -14.98
C ASP A 351 16.32 -30.24 -14.27
N ALA A 352 16.80 -30.17 -13.03
CA ALA A 352 17.07 -31.37 -12.23
C ALA A 352 15.78 -32.03 -11.77
N VAL A 353 14.80 -31.22 -11.40
CA VAL A 353 13.49 -31.72 -10.98
C VAL A 353 12.74 -32.41 -12.13
N PHE A 354 12.98 -31.92 -13.34
CA PHE A 354 12.34 -32.46 -14.53
C PHE A 354 13.35 -33.01 -15.55
N PRO A 355 13.93 -34.19 -15.27
CA PRO A 355 14.90 -34.78 -16.21
C PRO A 355 14.25 -34.99 -17.58
N HIS A 356 14.99 -34.76 -18.65
CA HIS A 356 14.39 -34.73 -19.98
C HIS A 356 15.42 -35.08 -21.05
N ASP A 357 14.96 -35.46 -22.23
CA ASP A 357 15.91 -35.84 -23.28
C ASP A 357 15.94 -34.91 -24.49
N TYR A 358 15.19 -33.81 -24.43
CA TYR A 358 15.34 -32.80 -25.47
C TYR A 358 16.68 -32.11 -25.31
N ARG A 359 17.21 -31.62 -26.42
CA ARG A 359 18.52 -31.00 -26.43
C ARG A 359 18.52 -29.65 -27.13
N PHE A 360 19.46 -28.80 -26.75
CA PHE A 360 19.63 -27.51 -27.40
C PHE A 360 21.03 -27.43 -27.94
N GLU A 361 21.15 -27.25 -29.24
N GLU A 361 21.16 -27.25 -29.24
CA GLU A 361 22.45 -27.17 -29.87
CA GLU A 361 22.46 -27.21 -29.88
C GLU A 361 22.41 -26.15 -30.99
C GLU A 361 22.45 -26.22 -31.05
N ASP A 362 23.42 -25.30 -31.06
CA ASP A 362 23.57 -24.37 -32.18
C ASP A 362 22.28 -23.59 -32.49
N GLY A 363 21.64 -23.04 -31.45
CA GLY A 363 20.47 -22.21 -31.65
C GLY A 363 19.15 -22.94 -31.90
N HIS A 364 19.18 -24.27 -31.88
CA HIS A 364 17.99 -25.07 -32.17
C HIS A 364 17.74 -26.15 -31.12
N PHE A 365 16.48 -26.51 -30.95
CA PHE A 365 16.13 -27.70 -30.16
C PHE A 365 16.15 -28.94 -31.03
N LEU A 366 16.48 -30.06 -30.41
CA LEU A 366 16.36 -31.38 -31.01
C LEU A 366 15.42 -32.23 -30.16
N ALA A 367 14.46 -32.90 -30.79
CA ALA A 367 13.52 -33.73 -30.04
C ALA A 367 14.16 -34.98 -29.45
N GLY A 368 13.65 -35.41 -28.29
CA GLY A 368 14.13 -36.64 -27.69
C GLY A 368 13.70 -37.87 -28.48
N GLU A 369 14.36 -38.99 -28.20
CA GLU A 369 14.00 -40.26 -28.82
C GLU A 369 13.36 -41.25 -27.85
N SER A 370 13.34 -40.92 -26.56
CA SER A 370 12.72 -41.81 -25.56
C SER A 370 11.23 -41.91 -25.80
N PRO A 371 10.64 -43.08 -25.54
CA PRO A 371 9.17 -43.13 -25.63
C PRO A 371 8.50 -42.15 -24.67
N GLY A 372 7.39 -41.57 -25.10
CA GLY A 372 6.72 -40.52 -24.33
C GLY A 372 7.13 -39.16 -24.87
N HIS A 373 6.84 -38.09 -24.11
CA HIS A 373 7.37 -36.78 -24.48
C HIS A 373 8.80 -36.59 -24.00
N GLY A 374 9.33 -37.60 -23.30
CA GLY A 374 10.72 -37.60 -22.89
C GLY A 374 11.04 -36.85 -21.62
N VAL A 375 10.01 -36.38 -20.92
CA VAL A 375 10.22 -35.66 -19.67
C VAL A 375 9.67 -36.47 -18.50
N ASP A 376 10.38 -36.44 -17.38
CA ASP A 376 9.86 -37.06 -16.17
C ASP A 376 9.95 -36.06 -15.04
N ILE A 377 9.44 -36.43 -13.88
CA ILE A 377 9.57 -35.59 -12.69
C ILE A 377 10.17 -36.41 -11.56
N ASP A 378 11.18 -35.86 -10.90
CA ASP A 378 11.79 -36.49 -9.74
C ASP A 378 11.05 -35.99 -8.51
N GLU A 379 10.14 -36.80 -7.99
CA GLU A 379 9.24 -36.36 -6.93
C GLU A 379 9.97 -36.09 -5.62
N GLU A 380 11.05 -36.84 -5.38
CA GLU A 380 11.80 -36.65 -4.15
C GLU A 380 12.53 -35.31 -4.18
N LEU A 381 13.07 -34.97 -5.35
CA LEU A 381 13.71 -33.67 -5.53
C LEU A 381 12.68 -32.55 -5.50
N ALA A 382 11.54 -32.75 -6.16
CA ALA A 382 10.47 -31.75 -6.17
C ALA A 382 10.05 -31.36 -4.74
N ALA A 383 10.04 -32.35 -3.86
CA ALA A 383 9.60 -32.13 -2.48
C ALA A 383 10.51 -31.20 -1.68
N LYS A 384 11.71 -30.94 -2.20
CA LYS A 384 12.68 -30.09 -1.53
C LYS A 384 12.39 -28.61 -1.71
N TYR A 385 11.46 -28.28 -2.61
CA TYR A 385 11.20 -26.89 -2.95
C TYR A 385 9.73 -26.55 -2.78
N PRO A 386 9.34 -26.05 -1.59
CA PRO A 386 7.93 -25.75 -1.33
C PRO A 386 7.43 -24.57 -2.15
N TYR A 387 6.15 -24.61 -2.51
CA TYR A 387 5.46 -23.48 -3.14
C TYR A 387 5.76 -22.15 -2.45
N GLU A 388 6.00 -21.11 -3.25
CA GLU A 388 6.17 -19.75 -2.74
C GLU A 388 5.36 -18.82 -3.64
N ARG A 389 4.36 -18.15 -3.08
CA ARG A 389 3.51 -17.26 -3.87
C ARG A 389 4.32 -16.20 -4.61
N ALA A 390 4.00 -16.02 -5.89
CA ALA A 390 4.56 -14.94 -6.69
C ALA A 390 3.54 -14.51 -7.73
N SER A 391 3.30 -13.21 -7.81
CA SER A 391 2.29 -12.66 -8.71
C SER A 391 2.93 -11.86 -9.85
N LEU A 392 2.26 -11.84 -10.99
CA LEU A 392 2.66 -11.00 -12.12
C LEU A 392 2.38 -9.53 -11.77
N PRO A 393 3.13 -8.60 -12.37
CA PRO A 393 2.93 -7.19 -12.05
C PRO A 393 1.68 -6.63 -12.72
N VAL A 394 1.23 -5.48 -12.26
CA VAL A 394 0.26 -4.69 -13.01
C VAL A 394 0.93 -3.44 -13.54
N ASN A 395 0.29 -2.83 -14.52
CA ASN A 395 0.84 -1.67 -15.20
C ASN A 395 -0.19 -0.55 -15.09
N ARG A 396 0.25 0.64 -14.68
CA ARG A 396 -0.61 1.82 -14.65
C ARG A 396 -0.07 2.92 -15.54
N LEU A 397 -0.96 3.71 -16.14
CA LEU A 397 -0.54 4.90 -16.86
C LEU A 397 -0.06 5.97 -15.87
N GLU A 398 0.51 7.05 -16.40
CA GLU A 398 1.06 8.09 -15.55
C GLU A 398 0.02 8.77 -14.68
N ASP A 399 -1.24 8.72 -15.09
CA ASP A 399 -2.30 9.34 -14.28
C ASP A 399 -2.89 8.35 -13.27
N GLY A 400 -2.40 7.12 -13.29
CA GLY A 400 -2.86 6.12 -12.34
C GLY A 400 -3.81 5.08 -12.94
N THR A 401 -4.21 5.28 -14.20
CA THR A 401 -5.16 4.37 -14.86
C THR A 401 -4.61 2.94 -14.89
N LEU A 402 -5.39 1.98 -14.40
CA LEU A 402 -4.97 0.58 -14.47
C LEU A 402 -4.97 0.17 -15.93
N TRP A 403 -3.79 -0.16 -16.45
CA TRP A 403 -3.61 -0.44 -17.87
C TRP A 403 -3.29 -1.93 -18.08
N HIS A 404 -2.73 -2.25 -19.24
CA HIS A 404 -2.38 -3.62 -19.59
C HIS A 404 -0.90 -3.81 -19.33
N TRP A 405 -0.55 -4.86 -18.59
CA TRP A 405 0.86 -5.17 -18.40
C TRP A 405 1.36 -6.11 -19.49
N LEU B 3 -12.85 3.40 4.35
CA LEU B 3 -13.27 2.32 3.47
C LEU B 3 -12.11 1.44 2.99
N LYS B 4 -10.92 1.59 3.57
CA LYS B 4 -9.83 0.66 3.23
C LYS B 4 -10.24 -0.72 3.70
N ILE B 5 -9.89 -1.73 2.90
CA ILE B 5 -10.18 -3.11 3.24
C ILE B 5 -9.25 -3.63 4.34
N ARG B 6 -9.83 -4.14 5.43
CA ARG B 6 -9.03 -4.68 6.52
C ARG B 6 -9.02 -6.21 6.52
N ASP B 7 -10.07 -6.82 6.00
CA ASP B 7 -10.14 -8.28 5.96
C ASP B 7 -10.93 -8.71 4.73
N ALA B 8 -10.52 -9.84 4.16
CA ALA B 8 -11.27 -10.42 3.04
C ALA B 8 -11.04 -11.92 3.11
N TYR B 9 -12.11 -12.68 2.94
CA TYR B 9 -12.00 -14.13 3.09
C TYR B 9 -13.20 -14.83 2.50
N THR B 10 -13.02 -16.10 2.15
CA THR B 10 -14.13 -16.89 1.63
C THR B 10 -14.79 -17.71 2.73
N ILE B 11 -16.05 -18.05 2.49
CA ILE B 11 -16.79 -18.98 3.32
C ILE B 11 -17.35 -20.04 2.37
N VAL B 12 -17.13 -21.31 2.69
CA VAL B 12 -17.65 -22.40 1.90
C VAL B 12 -18.65 -23.16 2.77
N THR B 13 -19.86 -23.35 2.26
CA THR B 13 -20.92 -23.97 3.04
C THR B 13 -21.84 -24.80 2.15
N CYS B 14 -22.49 -25.81 2.73
CA CYS B 14 -23.37 -26.68 1.95
C CYS B 14 -24.75 -26.90 2.60
N PRO B 15 -25.56 -25.84 2.71
CA PRO B 15 -26.88 -25.99 3.33
C PRO B 15 -27.90 -26.48 2.31
N GLY B 16 -27.64 -27.66 1.76
CA GLY B 16 -28.50 -28.24 0.73
C GLY B 16 -27.76 -28.46 -0.56
N ARG B 17 -26.76 -27.61 -0.79
CA ARG B 17 -25.83 -27.73 -1.90
C ARG B 17 -24.70 -26.73 -1.63
N ASN B 18 -23.61 -26.82 -2.40
CA ASN B 18 -22.44 -25.99 -2.13
C ASN B 18 -22.61 -24.54 -2.56
N PHE B 19 -22.13 -23.63 -1.71
CA PHE B 19 -22.00 -22.23 -2.06
C PHE B 19 -20.68 -21.72 -1.55
N VAL B 20 -20.05 -20.85 -2.34
CA VAL B 20 -18.87 -20.14 -1.90
C VAL B 20 -19.19 -18.66 -1.90
N THR B 21 -18.79 -17.97 -0.85
CA THR B 21 -19.12 -16.57 -0.67
C THR B 21 -17.83 -15.84 -0.30
N LEU B 22 -17.65 -14.65 -0.86
CA LEU B 22 -16.56 -13.78 -0.44
C LEU B 22 -17.11 -12.70 0.48
N LYS B 23 -16.43 -12.48 1.60
CA LYS B 23 -16.75 -11.36 2.47
C LYS B 23 -15.57 -10.38 2.54
N ILE B 24 -15.89 -9.09 2.42
CA ILE B 24 -14.90 -8.01 2.52
C ILE B 24 -15.31 -7.07 3.64
N VAL B 25 -14.39 -6.77 4.55
CA VAL B 25 -14.67 -5.93 5.70
C VAL B 25 -13.76 -4.70 5.65
N THR B 26 -14.32 -3.51 5.85
CA THR B 26 -13.52 -2.30 5.80
C THR B 26 -13.02 -1.94 7.21
N GLU B 27 -12.05 -1.03 7.26
CA GLU B 27 -11.50 -0.59 8.56
C GLU B 27 -12.59 -0.01 9.47
N SER B 28 -13.60 0.60 8.87
CA SER B 28 -14.69 1.21 9.63
C SER B 28 -15.65 0.17 10.18
N GLY B 29 -15.62 -1.04 9.63
CA GLY B 29 -16.51 -2.09 10.09
C GLY B 29 -17.61 -2.48 9.10
N THR B 30 -17.87 -1.63 8.12
CA THR B 30 -18.83 -1.96 7.07
C THR B 30 -18.33 -3.16 6.29
N HIS B 31 -19.22 -4.09 5.97
CA HIS B 31 -18.83 -5.25 5.20
C HIS B 31 -19.73 -5.48 4.02
N GLY B 32 -19.22 -6.23 3.05
CA GLY B 32 -20.01 -6.60 1.89
C GLY B 32 -19.74 -8.06 1.55
N ILE B 33 -20.69 -8.69 0.88
CA ILE B 33 -20.49 -10.08 0.46
C ILE B 33 -20.84 -10.26 -1.01
N GLY B 34 -20.17 -11.22 -1.63
CA GLY B 34 -20.42 -11.52 -3.04
C GLY B 34 -20.47 -13.02 -3.25
N ASP B 35 -21.32 -13.45 -4.16
CA ASP B 35 -21.39 -14.87 -4.50
C ASP B 35 -20.20 -15.26 -5.38
N ALA B 36 -19.62 -16.42 -5.07
CA ALA B 36 -18.48 -16.95 -5.79
C ALA B 36 -18.71 -18.41 -6.20
N THR B 37 -19.96 -18.83 -6.25
CA THR B 37 -20.29 -20.24 -6.49
C THR B 37 -20.24 -20.62 -7.97
N LEU B 38 -19.43 -21.62 -8.30
CA LEU B 38 -19.32 -22.17 -9.65
C LEU B 38 -19.60 -23.66 -9.57
N ASN B 39 -20.84 -24.04 -9.90
CA ASN B 39 -21.35 -25.39 -9.68
C ASN B 39 -20.46 -26.48 -10.26
N GLY B 40 -20.04 -27.42 -9.41
CA GLY B 40 -19.22 -28.55 -9.84
C GLY B 40 -17.73 -28.25 -9.96
N ARG B 41 -17.35 -27.00 -9.73
CA ARG B 41 -15.95 -26.61 -9.79
C ARG B 41 -15.65 -25.63 -8.66
N GLU B 42 -16.40 -25.79 -7.56
CA GLU B 42 -16.43 -24.74 -6.53
C GLU B 42 -15.09 -24.41 -5.93
N MET B 43 -14.26 -25.44 -5.77
CA MET B 43 -13.03 -25.24 -5.00
C MET B 43 -11.95 -24.57 -5.85
N ALA B 44 -12.14 -24.58 -7.17
CA ALA B 44 -11.22 -23.86 -8.04
C ALA B 44 -11.37 -22.36 -7.79
N VAL B 45 -12.59 -21.88 -7.63
CA VAL B 45 -12.81 -20.46 -7.36
C VAL B 45 -12.37 -20.13 -5.94
N ALA B 46 -12.68 -21.01 -4.99
CA ALA B 46 -12.23 -20.80 -3.62
C ALA B 46 -10.72 -20.59 -3.56
N ALA B 47 -9.96 -21.43 -4.27
CA ALA B 47 -8.50 -21.32 -4.29
C ALA B 47 -8.04 -20.07 -5.02
N TYR B 48 -8.71 -19.74 -6.12
CA TYR B 48 -8.37 -18.56 -6.91
C TYR B 48 -8.46 -17.34 -5.97
N LEU B 49 -9.58 -17.24 -5.26
CA LEU B 49 -9.77 -16.16 -4.29
C LEU B 49 -8.80 -16.22 -3.11
N ASP B 50 -8.75 -17.36 -2.41
CA ASP B 50 -7.98 -17.47 -1.17
C ASP B 50 -6.49 -17.18 -1.38
N GLU B 51 -5.95 -17.71 -2.46
CA GLU B 51 -4.51 -17.73 -2.60
C GLU B 51 -4.00 -16.56 -3.44
N HIS B 52 -4.83 -16.06 -4.35
CA HIS B 52 -4.31 -15.12 -5.34
C HIS B 52 -4.99 -13.76 -5.36
N VAL B 53 -6.22 -13.67 -4.90
CA VAL B 53 -6.95 -12.41 -4.95
C VAL B 53 -7.05 -11.76 -3.58
N VAL B 54 -7.52 -12.53 -2.60
CA VAL B 54 -7.69 -12.01 -1.25
C VAL B 54 -6.47 -11.27 -0.69
N PRO B 55 -5.26 -11.82 -0.84
CA PRO B 55 -4.11 -11.11 -0.27
C PRO B 55 -3.89 -9.73 -0.90
N ALA B 56 -4.27 -9.58 -2.18
CA ALA B 56 -4.12 -8.31 -2.88
C ALA B 56 -5.20 -7.29 -2.52
N LEU B 57 -6.28 -7.75 -1.89
CA LEU B 57 -7.38 -6.83 -1.55
C LEU B 57 -7.05 -6.02 -0.30
N ILE B 58 -6.28 -6.60 0.62
CA ILE B 58 -6.01 -5.95 1.90
C ILE B 58 -5.37 -4.59 1.68
N GLY B 59 -5.97 -3.56 2.28
CA GLY B 59 -5.43 -2.21 2.18
C GLY B 59 -5.96 -1.41 1.00
N ARG B 60 -6.64 -2.06 0.06
CA ARG B 60 -7.20 -1.35 -1.08
C ARG B 60 -8.39 -0.52 -0.61
N ASP B 61 -8.64 0.59 -1.31
CA ASP B 61 -9.81 1.43 -1.06
C ASP B 61 -11.04 0.71 -1.61
N ALA B 62 -11.94 0.28 -0.73
CA ALA B 62 -13.10 -0.50 -1.18
C ALA B 62 -14.01 0.33 -2.08
N GLY B 63 -13.88 1.66 -2.00
CA GLY B 63 -14.65 2.56 -2.84
C GLY B 63 -14.27 2.52 -4.32
N ARG B 64 -13.06 2.05 -4.61
CA ARG B 64 -12.58 2.04 -5.99
C ARG B 64 -13.02 0.77 -6.69
N ILE B 65 -14.31 0.69 -6.98
CA ILE B 65 -14.88 -0.51 -7.56
C ILE B 65 -14.34 -0.77 -8.96
N GLU B 66 -14.38 0.25 -9.80
CA GLU B 66 -13.93 0.12 -11.19
C GLU B 66 -12.45 -0.22 -11.25
N ASP B 67 -11.64 0.48 -10.47
CA ASP B 67 -10.21 0.21 -10.46
C ASP B 67 -9.94 -1.22 -10.03
N THR B 68 -10.65 -1.69 -9.01
CA THR B 68 -10.42 -3.06 -8.54
C THR B 68 -10.84 -4.07 -9.61
N TRP B 69 -11.96 -3.79 -10.28
CA TRP B 69 -12.41 -4.70 -11.33
C TRP B 69 -11.34 -4.84 -12.41
N GLN B 70 -10.83 -3.69 -12.88
CA GLN B 70 -9.80 -3.68 -13.92
C GLN B 70 -8.49 -4.30 -13.43
N TYR B 71 -8.12 -4.00 -12.19
CA TYR B 71 -6.95 -4.58 -11.55
C TYR B 71 -7.00 -6.10 -11.55
N LEU B 72 -8.15 -6.69 -11.20
CA LEU B 72 -8.26 -8.14 -11.19
C LEU B 72 -8.43 -8.73 -12.58
N TYR B 73 -9.16 -8.03 -13.43
CA TYR B 73 -9.43 -8.53 -14.77
C TYR B 73 -8.19 -8.48 -15.65
N ARG B 74 -7.60 -7.29 -15.76
CA ARG B 74 -6.38 -7.13 -16.55
C ARG B 74 -5.17 -7.71 -15.84
N GLY B 75 -5.11 -7.49 -14.53
CA GLY B 75 -3.96 -7.89 -13.74
C GLY B 75 -3.72 -9.38 -13.66
N ALA B 76 -4.79 -10.18 -13.77
CA ALA B 76 -4.64 -11.64 -13.78
C ALA B 76 -3.75 -12.11 -14.93
N TYR B 77 -3.65 -11.27 -15.96
CA TYR B 77 -2.90 -11.53 -17.20
C TYR B 77 -3.65 -12.52 -18.10
N TRP B 78 -4.03 -13.67 -17.55
CA TRP B 78 -4.89 -14.62 -18.23
C TRP B 78 -6.34 -14.18 -18.03
N ARG B 79 -6.97 -13.73 -19.11
CA ARG B 79 -8.25 -13.03 -19.02
C ARG B 79 -9.42 -13.92 -19.35
N ARG B 80 -10.57 -13.56 -18.78
CA ARG B 80 -11.85 -14.26 -18.96
C ARG B 80 -11.82 -15.65 -18.36
N GLY B 81 -12.93 -16.37 -18.47
CA GLY B 81 -13.02 -17.75 -18.01
C GLY B 81 -13.95 -17.88 -16.81
N PRO B 82 -14.50 -19.08 -16.60
CA PRO B 82 -15.47 -19.24 -15.52
C PRO B 82 -14.88 -19.07 -14.12
N VAL B 83 -13.71 -19.63 -13.89
CA VAL B 83 -13.11 -19.50 -12.57
C VAL B 83 -12.73 -18.04 -12.31
N THR B 84 -12.02 -17.48 -13.29
CA THR B 84 -11.55 -16.10 -13.26
C THR B 84 -12.68 -15.10 -13.03
N MET B 85 -13.72 -15.17 -13.86
CA MET B 85 -14.76 -14.16 -13.80
C MET B 85 -15.70 -14.32 -12.61
N THR B 86 -15.82 -15.54 -12.10
CA THR B 86 -16.61 -15.75 -10.89
C THR B 86 -15.87 -15.14 -9.68
N ALA B 87 -14.55 -15.29 -9.64
CA ALA B 87 -13.77 -14.68 -8.56
C ALA B 87 -13.91 -13.17 -8.63
N ILE B 88 -13.79 -12.62 -9.83
CA ILE B 88 -13.92 -11.18 -10.01
C ILE B 88 -15.34 -10.70 -9.64
N ALA B 89 -16.35 -11.47 -10.01
CA ALA B 89 -17.73 -11.14 -9.70
C ALA B 89 -17.98 -11.10 -8.19
N ALA B 90 -17.36 -12.02 -7.48
CA ALA B 90 -17.56 -12.10 -6.03
C ALA B 90 -17.02 -10.83 -5.38
N VAL B 91 -15.83 -10.40 -5.81
CA VAL B 91 -15.25 -9.15 -5.31
C VAL B 91 -16.16 -7.97 -5.66
N ASP B 92 -16.57 -7.92 -6.91
CA ASP B 92 -17.38 -6.80 -7.41
C ASP B 92 -18.70 -6.67 -6.66
N MET B 93 -19.34 -7.80 -6.41
N MET B 93 -19.37 -7.80 -6.45
CA MET B 93 -20.63 -7.83 -5.72
CA MET B 93 -20.63 -7.80 -5.71
C MET B 93 -20.50 -7.39 -4.26
C MET B 93 -20.43 -7.26 -4.31
N ALA B 94 -19.40 -7.76 -3.63
CA ALA B 94 -19.14 -7.34 -2.25
C ALA B 94 -18.84 -5.85 -2.20
N LEU B 95 -18.12 -5.33 -3.20
CA LEU B 95 -17.82 -3.91 -3.19
C LEU B 95 -19.04 -3.04 -3.48
N TRP B 96 -19.92 -3.47 -4.37
CA TRP B 96 -21.18 -2.74 -4.58
C TRP B 96 -22.07 -2.79 -3.33
N ASP B 97 -22.02 -3.90 -2.61
CA ASP B 97 -22.76 -4.06 -1.35
C ASP B 97 -22.24 -3.00 -0.37
N ILE B 98 -20.91 -2.91 -0.25
CA ILE B 98 -20.29 -1.90 0.62
C ILE B 98 -20.64 -0.48 0.19
N LYS B 99 -20.60 -0.19 -1.11
CA LYS B 99 -20.89 1.16 -1.58
C LYS B 99 -22.33 1.56 -1.29
N ALA B 100 -23.25 0.66 -1.54
CA ALA B 100 -24.65 0.93 -1.26
C ALA B 100 -24.86 1.15 0.26
N LYS B 101 -24.24 0.35 1.10
CA LYS B 101 -24.30 0.57 2.55
C LYS B 101 -23.74 1.95 2.95
N ALA B 102 -22.58 2.29 2.39
CA ALA B 102 -21.97 3.57 2.68
C ALA B 102 -22.86 4.75 2.24
N ALA B 103 -23.60 4.54 1.15
CA ALA B 103 -24.51 5.56 0.61
C ALA B 103 -25.86 5.58 1.35
N GLY B 104 -26.10 4.57 2.18
CA GLY B 104 -27.36 4.47 2.90
C GLY B 104 -28.55 4.14 2.01
N MET B 105 -28.28 3.43 0.92
CA MET B 105 -29.28 3.15 -0.10
C MET B 105 -29.35 1.68 -0.43
N PRO B 106 -30.55 1.17 -0.73
CA PRO B 106 -30.61 -0.16 -1.34
C PRO B 106 -29.92 -0.10 -2.71
N LEU B 107 -29.35 -1.22 -3.14
CA LEU B 107 -28.55 -1.24 -4.37
C LEU B 107 -29.27 -0.66 -5.61
N TYR B 108 -30.56 -0.96 -5.79
CA TYR B 108 -31.23 -0.47 -7.00
C TYR B 108 -31.21 1.05 -7.07
N GLN B 109 -31.21 1.72 -5.92
CA GLN B 109 -31.17 3.18 -5.92
C GLN B 109 -29.82 3.67 -6.40
N LEU B 110 -28.77 3.01 -5.97
CA LEU B 110 -27.43 3.42 -6.32
C LEU B 110 -27.19 3.20 -7.82
N LEU B 111 -27.90 2.23 -8.41
CA LEU B 111 -27.73 1.94 -9.82
C LEU B 111 -28.42 2.92 -10.76
N GLY B 112 -29.34 3.72 -10.23
CA GLY B 112 -30.11 4.63 -11.06
C GLY B 112 -31.60 4.65 -10.74
N GLY B 113 -31.99 3.90 -9.72
CA GLY B 113 -33.36 3.94 -9.24
C GLY B 113 -34.25 2.93 -9.92
N LYS B 114 -35.48 2.80 -9.44
CA LYS B 114 -36.37 1.76 -9.95
C LYS B 114 -36.95 2.08 -11.33
N SER B 115 -37.00 1.07 -12.17
CA SER B 115 -37.65 1.18 -13.47
C SER B 115 -38.96 0.43 -13.51
N ARG B 116 -39.23 -0.36 -12.47
CA ARG B 116 -40.45 -1.15 -12.43
C ARG B 116 -40.82 -1.40 -10.98
N GLU B 117 -42.09 -1.77 -10.75
CA GLU B 117 -42.62 -1.91 -9.40
C GLU B 117 -42.47 -3.32 -8.85
N ARG B 118 -42.21 -4.27 -9.74
CA ARG B 118 -41.94 -5.64 -9.34
C ARG B 118 -41.25 -6.37 -10.48
N VAL B 119 -40.72 -7.56 -10.17
CA VAL B 119 -39.83 -8.29 -11.07
C VAL B 119 -40.46 -9.65 -11.42
N MET B 120 -40.86 -9.82 -12.68
CA MET B 120 -41.55 -11.05 -13.08
C MET B 120 -40.60 -12.24 -13.09
N THR B 121 -41.09 -13.39 -12.60
CA THR B 121 -40.26 -14.59 -12.56
C THR B 121 -40.87 -15.70 -13.39
N TYR B 122 -40.09 -16.76 -13.65
CA TYR B 122 -40.68 -18.01 -14.11
C TYR B 122 -40.28 -19.17 -13.21
N ALA B 123 -41.11 -20.20 -13.19
CA ALA B 123 -40.87 -21.38 -12.38
C ALA B 123 -40.56 -22.57 -13.28
N HIS B 124 -39.86 -23.56 -12.73
CA HIS B 124 -39.57 -24.80 -13.45
C HIS B 124 -40.71 -25.79 -13.29
N CYS B 125 -41.23 -26.28 -14.42
CA CYS B 125 -42.26 -27.31 -14.42
C CYS B 125 -41.73 -28.51 -15.19
N THR B 126 -41.55 -29.64 -14.51
CA THR B 126 -40.90 -30.81 -15.10
C THR B 126 -41.69 -32.07 -14.77
N GLY B 127 -41.72 -33.02 -15.70
CA GLY B 127 -42.39 -34.28 -15.46
C GLY B 127 -41.88 -35.37 -16.37
N GLN B 128 -42.13 -36.62 -16.01
CA GLN B 128 -41.69 -37.74 -16.83
C GLN B 128 -42.46 -37.76 -18.14
N THR B 129 -43.79 -37.72 -18.03
CA THR B 129 -44.64 -37.64 -19.22
C THR B 129 -45.12 -36.21 -19.41
N ILE B 130 -45.71 -35.95 -20.57
CA ILE B 130 -46.33 -34.66 -20.83
C ILE B 130 -47.40 -34.38 -19.79
N GLU B 131 -48.14 -35.41 -19.42
CA GLU B 131 -49.17 -35.25 -18.40
C GLU B 131 -48.59 -34.83 -17.03
N ASP B 132 -47.48 -35.47 -16.63
CA ASP B 132 -46.82 -35.11 -15.38
C ASP B 132 -46.44 -33.63 -15.40
N CYS B 133 -45.94 -33.17 -16.54
CA CYS B 133 -45.52 -31.77 -16.67
C CYS B 133 -46.70 -30.82 -16.54
N LEU B 134 -47.81 -31.16 -17.20
CA LEU B 134 -49.01 -30.34 -17.12
C LEU B 134 -49.51 -30.18 -15.68
N GLY B 135 -49.38 -31.25 -14.89
CA GLY B 135 -49.74 -31.20 -13.49
C GLY B 135 -48.90 -30.18 -12.73
N GLU B 136 -47.62 -30.10 -13.08
CA GLU B 136 -46.70 -29.14 -12.47
C GLU B 136 -47.00 -27.71 -12.89
N VAL B 137 -47.36 -27.52 -14.16
CA VAL B 137 -47.79 -26.21 -14.62
C VAL B 137 -49.02 -25.70 -13.86
N ALA B 138 -50.03 -26.56 -13.69
CA ALA B 138 -51.21 -26.17 -12.94
C ALA B 138 -50.83 -25.76 -11.52
N ARG B 139 -49.89 -26.50 -10.93
CA ARG B 139 -49.52 -26.26 -9.54
C ARG B 139 -48.86 -24.90 -9.40
N HIS B 140 -48.01 -24.56 -10.37
CA HIS B 140 -47.28 -23.30 -10.33
C HIS B 140 -48.14 -22.09 -10.73
N VAL B 141 -49.13 -22.31 -11.59
CA VAL B 141 -50.06 -21.24 -11.94
C VAL B 141 -50.87 -20.86 -10.72
N GLU B 142 -51.21 -21.85 -9.91
CA GLU B 142 -51.98 -21.60 -8.71
C GLU B 142 -51.14 -20.87 -7.66
N LEU B 143 -49.83 -20.99 -7.76
CA LEU B 143 -48.91 -20.27 -6.88
C LEU B 143 -48.68 -18.84 -7.34
N GLY B 144 -49.27 -18.48 -8.47
CA GLY B 144 -49.18 -17.12 -8.97
C GLY B 144 -48.16 -16.84 -10.08
N TYR B 145 -47.42 -17.86 -10.49
CA TYR B 145 -46.47 -17.68 -11.59
C TYR B 145 -47.19 -17.35 -12.90
N ARG B 146 -46.69 -16.33 -13.60
CA ARG B 146 -47.23 -15.91 -14.89
C ARG B 146 -46.46 -16.55 -16.02
N ALA B 147 -45.38 -17.25 -15.67
CA ALA B 147 -44.46 -17.81 -16.65
C ALA B 147 -43.91 -19.14 -16.13
N VAL B 148 -43.84 -20.14 -17.01
CA VAL B 148 -43.32 -21.43 -16.62
C VAL B 148 -42.35 -21.96 -17.68
N ARG B 149 -41.29 -22.60 -17.23
CA ARG B 149 -40.41 -23.32 -18.12
C ARG B 149 -40.85 -24.77 -18.11
N VAL B 150 -41.14 -25.34 -19.28
CA VAL B 150 -41.68 -26.70 -19.31
C VAL B 150 -40.66 -27.69 -19.89
N GLN B 151 -40.56 -28.84 -19.24
CA GLN B 151 -39.67 -29.91 -19.69
C GLN B 151 -40.36 -31.23 -19.41
N SER B 152 -40.25 -32.18 -20.33
CA SER B 152 -40.78 -33.52 -20.08
C SER B 152 -39.84 -34.59 -20.61
N GLY B 153 -40.04 -35.83 -20.18
CA GLY B 153 -39.20 -36.92 -20.63
C GLY B 153 -39.44 -37.21 -22.11
N VAL B 154 -38.43 -37.78 -22.75
CA VAL B 154 -38.57 -38.19 -24.14
C VAL B 154 -38.81 -39.69 -24.14
N PRO B 155 -39.94 -40.15 -24.70
CA PRO B 155 -40.19 -41.58 -24.74
C PRO B 155 -39.09 -42.31 -25.50
N GLY B 156 -38.60 -43.42 -24.95
CA GLY B 156 -37.53 -44.16 -25.58
C GLY B 156 -36.18 -43.79 -25.01
N ILE B 157 -36.16 -42.74 -24.18
CA ILE B 157 -34.92 -42.24 -23.60
C ILE B 157 -35.02 -42.12 -22.08
N GLU B 158 -34.14 -42.83 -21.38
CA GLU B 158 -34.18 -42.93 -19.92
C GLU B 158 -33.99 -41.59 -19.20
N THR B 159 -33.15 -40.72 -19.76
CA THR B 159 -32.82 -39.47 -19.09
C THR B 159 -32.81 -38.25 -20.02
N THR B 160 -33.59 -37.24 -19.67
CA THR B 160 -33.57 -35.96 -20.38
C THR B 160 -33.36 -34.83 -19.38
N TYR B 161 -32.96 -33.65 -19.88
CA TYR B 161 -32.74 -32.51 -19.01
C TYR B 161 -34.04 -32.05 -18.34
N GLU B 172 -32.07 -30.63 -8.67
CA GLU B 172 -30.67 -30.43 -8.31
C GLU B 172 -29.75 -31.27 -9.21
N PRO B 173 -29.37 -30.70 -10.37
CA PRO B 173 -28.51 -31.31 -11.39
C PRO B 173 -27.25 -31.96 -10.82
N ALA B 174 -26.60 -31.30 -9.86
CA ALA B 174 -25.45 -31.88 -9.17
C ALA B 174 -25.92 -32.90 -8.15
N ASP B 175 -26.31 -34.08 -8.66
CA ASP B 175 -26.97 -35.09 -7.83
C ASP B 175 -26.00 -36.14 -7.30
N SER B 176 -24.86 -36.29 -7.97
CA SER B 176 -23.89 -37.33 -7.64
C SER B 176 -22.52 -36.74 -7.39
N SER B 177 -21.72 -37.44 -6.57
CA SER B 177 -20.35 -37.03 -6.31
C SER B 177 -19.56 -36.93 -7.61
N LEU B 178 -19.53 -38.03 -8.36
CA LEU B 178 -18.95 -38.05 -9.70
C LEU B 178 -20.07 -37.75 -10.70
N PRO B 179 -19.73 -37.28 -11.91
CA PRO B 179 -20.78 -36.96 -12.88
C PRO B 179 -21.68 -38.16 -13.22
N ALA B 180 -22.98 -37.97 -13.09
CA ALA B 180 -23.93 -39.00 -13.54
C ALA B 180 -23.85 -39.06 -15.06
N GLU B 181 -24.16 -40.21 -15.63
CA GLU B 181 -24.06 -40.37 -17.08
C GLU B 181 -25.45 -40.58 -17.67
N HIS B 182 -25.91 -39.58 -18.42
CA HIS B 182 -27.20 -39.64 -19.09
C HIS B 182 -27.02 -40.04 -20.54
N VAL B 183 -28.10 -40.54 -21.15
CA VAL B 183 -28.08 -40.91 -22.56
C VAL B 183 -29.04 -40.03 -23.33
N TRP B 184 -28.70 -39.73 -24.58
CA TRP B 184 -29.47 -38.74 -25.32
C TRP B 184 -29.73 -39.17 -26.74
N SER B 185 -30.93 -38.86 -27.24
CA SER B 185 -31.25 -38.99 -28.66
C SER B 185 -31.85 -37.69 -29.16
N THR B 186 -31.17 -37.04 -30.09
CA THR B 186 -31.68 -35.79 -30.63
C THR B 186 -32.95 -36.01 -31.43
N GLU B 187 -32.95 -37.04 -32.27
CA GLU B 187 -34.06 -37.23 -33.19
C GLU B 187 -35.36 -37.52 -32.45
N LYS B 188 -35.27 -38.28 -31.37
CA LYS B 188 -36.46 -38.59 -30.59
C LYS B 188 -36.99 -37.35 -29.87
N TYR B 189 -36.06 -36.55 -29.35
CA TYR B 189 -36.43 -35.28 -28.72
C TYR B 189 -37.13 -34.33 -29.69
N LEU B 190 -36.57 -34.20 -30.90
CA LEU B 190 -37.12 -33.26 -31.88
C LEU B 190 -38.55 -33.62 -32.29
N ASN B 191 -38.86 -34.91 -32.34
CA ASN B 191 -40.21 -35.32 -32.69
C ASN B 191 -41.19 -35.15 -31.53
N HIS B 192 -40.66 -35.23 -30.31
CA HIS B 192 -41.54 -35.23 -29.15
C HIS B 192 -41.80 -33.84 -28.58
N ALA B 193 -40.77 -33.00 -28.57
CA ALA B 193 -40.87 -31.70 -27.89
C ALA B 193 -42.07 -30.83 -28.33
N PRO B 194 -42.37 -30.74 -29.65
CA PRO B 194 -43.51 -29.88 -30.01
C PRO B 194 -44.83 -30.34 -29.37
N LYS B 195 -44.96 -31.63 -29.11
CA LYS B 195 -46.19 -32.14 -28.49
C LYS B 195 -46.42 -31.59 -27.08
N LEU B 196 -45.32 -31.33 -26.36
CA LEU B 196 -45.42 -30.80 -25.02
C LEU B 196 -46.04 -29.40 -25.07
N PHE B 197 -45.50 -28.55 -25.94
CA PHE B 197 -46.00 -27.18 -26.04
C PHE B 197 -47.44 -27.12 -26.55
N ALA B 198 -47.79 -27.99 -27.50
CA ALA B 198 -49.18 -28.09 -27.94
C ALA B 198 -50.09 -28.39 -26.77
N ALA B 199 -49.66 -29.33 -25.93
CA ALA B 199 -50.46 -29.75 -24.79
C ALA B 199 -50.60 -28.65 -23.73
N VAL B 200 -49.53 -27.91 -23.51
CA VAL B 200 -49.57 -26.79 -22.57
C VAL B 200 -50.56 -25.75 -23.06
N ARG B 201 -50.50 -25.42 -24.34
CA ARG B 201 -51.44 -24.43 -24.87
C ARG B 201 -52.89 -24.92 -24.85
N GLU B 202 -53.11 -26.21 -25.13
CA GLU B 202 -54.46 -26.73 -25.10
C GLU B 202 -55.07 -26.64 -23.70
N ARG B 203 -54.26 -26.92 -22.67
CA ARG B 203 -54.78 -26.96 -21.31
C ARG B 203 -54.81 -25.60 -20.61
N PHE B 204 -53.82 -24.76 -20.90
CA PHE B 204 -53.66 -23.53 -20.11
C PHE B 204 -53.91 -22.24 -20.88
N GLY B 205 -54.05 -22.35 -22.21
CA GLY B 205 -54.39 -21.20 -23.03
C GLY B 205 -53.21 -20.33 -23.41
N ASP B 206 -53.52 -19.13 -23.91
CA ASP B 206 -52.51 -18.30 -24.57
C ASP B 206 -51.87 -17.22 -23.71
N ASP B 207 -52.42 -16.94 -22.53
CA ASP B 207 -51.88 -15.83 -21.75
C ASP B 207 -50.64 -16.19 -20.94
N LEU B 208 -50.50 -17.46 -20.62
CA LEU B 208 -49.35 -17.96 -19.87
C LEU B 208 -48.08 -17.81 -20.70
N HIS B 209 -47.00 -17.33 -20.10
CA HIS B 209 -45.72 -17.31 -20.79
C HIS B 209 -45.07 -18.68 -20.65
N VAL B 210 -44.64 -19.25 -21.77
CA VAL B 210 -44.12 -20.62 -21.76
C VAL B 210 -42.70 -20.64 -22.31
N LEU B 211 -41.76 -21.13 -21.50
CA LEU B 211 -40.33 -21.13 -21.84
C LEU B 211 -39.84 -22.57 -21.99
N HIS B 212 -38.77 -22.77 -22.74
CA HIS B 212 -38.21 -24.13 -22.84
C HIS B 212 -36.71 -24.03 -23.01
N ASP B 213 -36.00 -24.95 -22.36
CA ASP B 213 -34.54 -24.97 -22.35
C ASP B 213 -34.08 -26.20 -23.14
N VAL B 214 -33.40 -25.97 -24.25
CA VAL B 214 -32.91 -27.04 -25.13
C VAL B 214 -31.61 -27.64 -24.59
N HIS B 215 -30.95 -26.88 -23.71
CA HIS B 215 -29.78 -27.36 -22.98
C HIS B 215 -28.65 -27.91 -23.86
N HIS B 216 -28.36 -27.16 -24.93
CA HIS B 216 -27.13 -27.28 -25.72
C HIS B 216 -27.05 -28.48 -26.65
N ARG B 217 -28.16 -29.19 -26.83
CA ARG B 217 -28.06 -30.52 -27.42
C ARG B 217 -28.23 -30.60 -28.94
N LEU B 218 -28.61 -29.49 -29.57
CA LEU B 218 -28.87 -29.51 -31.01
C LEU B 218 -27.75 -28.91 -31.85
N THR B 219 -27.75 -29.24 -33.14
CA THR B 219 -26.95 -28.49 -34.11
C THR B 219 -27.80 -27.30 -34.58
N PRO B 220 -27.19 -26.29 -35.22
CA PRO B 220 -27.99 -25.13 -35.64
C PRO B 220 -29.20 -25.47 -36.53
N ILE B 221 -29.05 -26.31 -37.55
CA ILE B 221 -30.19 -26.57 -38.44
C ILE B 221 -31.26 -27.39 -37.73
N GLU B 222 -30.86 -28.20 -36.75
CA GLU B 222 -31.84 -28.90 -35.91
C GLU B 222 -32.63 -27.93 -35.03
N ALA B 223 -31.93 -26.94 -34.47
CA ALA B 223 -32.59 -25.90 -33.67
C ALA B 223 -33.51 -25.04 -34.55
N ALA B 224 -33.10 -24.81 -35.79
CA ALA B 224 -33.92 -24.06 -36.74
C ALA B 224 -35.22 -24.81 -36.96
N ARG B 225 -35.11 -26.11 -37.21
CA ARG B 225 -36.28 -26.97 -37.35
C ARG B 225 -37.18 -26.92 -36.12
N LEU B 226 -36.60 -27.02 -34.93
CA LEU B 226 -37.40 -27.00 -33.71
C LEU B 226 -38.09 -25.65 -33.53
N GLY B 227 -37.34 -24.58 -33.78
CA GLY B 227 -37.88 -23.23 -33.66
C GLY B 227 -39.09 -23.04 -34.54
N LYS B 228 -39.00 -23.48 -35.79
CA LYS B 228 -40.13 -23.42 -36.71
C LYS B 228 -41.32 -24.23 -36.20
N ALA B 229 -41.03 -25.43 -35.71
CA ALA B 229 -42.07 -26.36 -35.30
C ALA B 229 -42.88 -25.81 -34.14
N VAL B 230 -42.25 -24.97 -33.32
CA VAL B 230 -42.91 -24.45 -32.12
C VAL B 230 -43.44 -23.03 -32.25
N GLU B 231 -43.25 -22.43 -33.43
CA GLU B 231 -43.87 -21.12 -33.70
C GLU B 231 -45.36 -20.99 -33.33
N PRO B 232 -46.19 -22.00 -33.66
CA PRO B 232 -47.61 -21.86 -33.33
C PRO B 232 -47.89 -21.74 -31.83
N TYR B 233 -46.93 -22.11 -30.99
CA TYR B 233 -47.16 -22.13 -29.55
C TYR B 233 -46.61 -20.88 -28.85
N HIS B 234 -45.96 -20.02 -29.65
CA HIS B 234 -45.52 -18.71 -29.19
C HIS B 234 -44.78 -18.75 -27.87
N LEU B 235 -43.63 -19.42 -27.87
CA LEU B 235 -42.83 -19.51 -26.67
C LEU B 235 -42.24 -18.16 -26.30
N PHE B 236 -42.14 -17.91 -25.00
CA PHE B 236 -41.44 -16.73 -24.49
C PHE B 236 -39.98 -16.79 -24.93
N TRP B 237 -39.37 -17.97 -24.82
CA TRP B 237 -38.06 -18.18 -25.41
C TRP B 237 -37.76 -19.66 -25.61
N LEU B 238 -36.84 -19.93 -26.53
CA LEU B 238 -36.22 -21.23 -26.69
C LEU B 238 -34.77 -20.99 -26.31
N GLU B 239 -34.30 -21.67 -25.26
CA GLU B 239 -33.03 -21.34 -24.60
C GLU B 239 -31.91 -22.34 -24.90
N ASP B 240 -30.69 -21.82 -25.10
CA ASP B 240 -29.47 -22.62 -25.25
C ASP B 240 -29.61 -23.73 -26.29
N CYS B 241 -30.06 -23.34 -27.49
CA CYS B 241 -30.29 -24.31 -28.56
C CYS B 241 -29.05 -25.13 -28.93
N VAL B 242 -27.91 -24.45 -28.98
N VAL B 242 -27.90 -24.46 -28.99
CA VAL B 242 -26.67 -25.03 -29.52
CA VAL B 242 -26.68 -25.01 -29.58
C VAL B 242 -25.50 -24.47 -28.72
C VAL B 242 -25.49 -24.44 -28.81
N PRO B 243 -24.41 -25.23 -28.63
CA PRO B 243 -23.21 -24.68 -27.98
C PRO B 243 -22.74 -23.46 -28.77
N ALA B 244 -22.36 -22.39 -28.06
CA ALA B 244 -22.15 -21.11 -28.71
C ALA B 244 -20.80 -20.48 -28.45
N GLU B 245 -19.77 -21.30 -28.19
CA GLU B 245 -18.40 -20.78 -28.21
C GLU B 245 -18.13 -20.12 -29.56
N ASN B 246 -18.62 -20.75 -30.63
CA ASN B 246 -18.63 -20.13 -31.94
C ASN B 246 -19.97 -19.41 -32.05
N GLN B 247 -19.93 -18.08 -31.92
CA GLN B 247 -21.19 -17.33 -31.84
C GLN B 247 -21.99 -17.40 -33.13
N GLU B 248 -21.32 -17.69 -34.24
CA GLU B 248 -22.00 -17.82 -35.53
C GLU B 248 -22.96 -19.00 -35.56
N SER B 249 -22.86 -19.88 -34.56
CA SER B 249 -23.77 -21.01 -34.44
C SER B 249 -25.24 -20.59 -34.35
N LEU B 250 -25.50 -19.35 -33.95
CA LEU B 250 -26.90 -18.92 -33.83
C LEU B 250 -27.49 -18.48 -35.15
N ARG B 251 -26.65 -18.18 -36.14
CA ARG B 251 -27.13 -17.51 -37.35
C ARG B 251 -28.21 -18.30 -38.11
N LEU B 252 -27.96 -19.58 -38.37
CA LEU B 252 -28.95 -20.40 -39.07
C LEU B 252 -30.28 -20.46 -38.34
N ILE B 253 -30.23 -20.42 -37.01
CA ILE B 253 -31.46 -20.53 -36.25
C ILE B 253 -32.26 -19.25 -36.48
N ARG B 254 -31.57 -18.12 -36.32
CA ARG B 254 -32.23 -16.83 -36.42
C ARG B 254 -32.80 -16.59 -37.81
N GLU B 255 -32.12 -17.10 -38.83
CA GLU B 255 -32.57 -16.90 -40.20
C GLU B 255 -33.78 -17.76 -40.58
N HIS B 256 -34.09 -18.76 -39.74
CA HIS B 256 -35.14 -19.71 -40.09
C HIS B 256 -36.37 -19.72 -39.18
N THR B 257 -36.31 -19.06 -38.03
CA THR B 257 -37.47 -19.08 -37.14
C THR B 257 -37.72 -17.73 -36.51
N THR B 258 -38.98 -17.46 -36.17
CA THR B 258 -39.34 -16.29 -35.36
C THR B 258 -39.60 -16.62 -33.89
N THR B 259 -39.32 -17.86 -33.48
CA THR B 259 -39.40 -18.19 -32.06
C THR B 259 -38.28 -17.43 -31.34
N PRO B 260 -38.62 -16.70 -30.27
CA PRO B 260 -37.56 -15.93 -29.61
C PRO B 260 -36.48 -16.81 -28.99
N LEU B 261 -35.24 -16.33 -28.98
CA LEU B 261 -34.08 -17.12 -28.57
C LEU B 261 -33.39 -16.52 -27.35
N ALA B 262 -33.00 -17.40 -26.42
CA ALA B 262 -32.25 -16.97 -25.24
C ALA B 262 -30.96 -17.78 -25.17
N ILE B 263 -29.89 -17.16 -24.70
CA ILE B 263 -28.65 -17.90 -24.54
C ILE B 263 -27.79 -17.21 -23.48
N GLY B 264 -26.87 -17.97 -22.90
CA GLY B 264 -25.74 -17.35 -22.22
C GLY B 264 -25.46 -17.67 -20.77
N GLU B 265 -26.21 -18.59 -20.16
CA GLU B 265 -25.91 -18.93 -18.78
C GLU B 265 -24.49 -19.47 -18.62
N VAL B 266 -23.93 -20.08 -19.68
CA VAL B 266 -22.55 -20.57 -19.56
C VAL B 266 -21.49 -19.55 -19.96
N PHE B 267 -21.88 -18.31 -20.24
CA PHE B 267 -20.93 -17.27 -20.63
C PHE B 267 -20.38 -16.55 -19.39
N ASN B 268 -19.22 -15.92 -19.54
CA ASN B 268 -18.65 -15.15 -18.42
C ASN B 268 -18.12 -13.77 -18.82
N SER B 269 -18.19 -13.46 -20.12
CA SER B 269 -17.63 -12.21 -20.62
C SER B 269 -18.53 -11.57 -21.68
N ILE B 270 -18.51 -10.26 -21.78
CA ILE B 270 -19.18 -9.57 -22.88
C ILE B 270 -18.62 -10.07 -24.23
N HIS B 271 -17.40 -10.57 -24.19
CA HIS B 271 -16.74 -11.04 -25.41
C HIS B 271 -17.26 -12.41 -25.85
N ASP B 272 -18.09 -13.04 -25.02
CA ASP B 272 -18.73 -14.30 -25.39
C ASP B 272 -20.02 -14.03 -26.14
N CYS B 273 -20.47 -12.78 -26.13
CA CYS B 273 -21.81 -12.49 -26.68
C CYS B 273 -21.93 -11.20 -27.45
N ARG B 274 -20.83 -10.45 -27.60
CA ARG B 274 -20.88 -9.17 -28.31
C ARG B 274 -21.48 -9.34 -29.70
N GLU B 275 -21.01 -10.33 -30.44
CA GLU B 275 -21.50 -10.54 -31.81
C GLU B 275 -22.92 -11.09 -31.83
N LEU B 276 -23.26 -11.98 -30.89
CA LEU B 276 -24.63 -12.48 -30.78
C LEU B 276 -25.62 -11.32 -30.68
N ILE B 277 -25.25 -10.32 -29.89
CA ILE B 277 -26.10 -9.18 -29.62
C ILE B 277 -26.12 -8.23 -30.80
N GLN B 278 -24.94 -7.84 -31.28
CA GLN B 278 -24.84 -6.87 -32.37
C GLN B 278 -25.43 -7.34 -33.70
N ASN B 279 -25.38 -8.65 -33.94
CA ASN B 279 -25.98 -9.22 -35.14
C ASN B 279 -27.46 -9.55 -34.98
N GLN B 280 -28.00 -9.28 -33.79
CA GLN B 280 -29.40 -9.54 -33.48
C GLN B 280 -29.75 -11.01 -33.64
N TRP B 281 -28.91 -11.88 -33.08
CA TRP B 281 -29.15 -13.31 -33.16
C TRP B 281 -29.87 -13.87 -31.93
N ILE B 282 -30.06 -13.06 -30.91
CA ILE B 282 -30.77 -13.50 -29.69
C ILE B 282 -31.70 -12.42 -29.19
N ASP B 283 -32.69 -12.83 -28.39
CA ASP B 283 -33.64 -11.91 -27.77
C ASP B 283 -33.40 -11.70 -26.29
N TYR B 284 -32.77 -12.67 -25.64
CA TYR B 284 -32.50 -12.57 -24.21
C TYR B 284 -31.10 -13.07 -23.90
N ILE B 285 -30.39 -12.30 -23.08
CA ILE B 285 -29.05 -12.69 -22.64
C ILE B 285 -29.16 -13.19 -21.19
N ARG B 286 -28.62 -14.38 -20.94
CA ARG B 286 -28.87 -15.13 -19.69
C ARG B 286 -27.71 -15.13 -18.70
N MET B 287 -26.59 -14.52 -19.07
CA MET B 287 -25.41 -14.51 -18.22
C MET B 287 -25.75 -13.78 -16.90
N PRO B 288 -25.52 -14.44 -15.75
CA PRO B 288 -25.88 -13.87 -14.44
C PRO B 288 -24.74 -13.13 -13.76
N LEU B 289 -25.05 -12.48 -12.65
CA LEU B 289 -24.06 -11.66 -11.98
C LEU B 289 -22.84 -12.47 -11.50
N THR B 290 -23.09 -13.62 -10.89
CA THR B 290 -22.02 -14.40 -10.26
C THR B 290 -21.00 -14.89 -11.26
N HIS B 291 -21.46 -15.24 -12.45
CA HIS B 291 -20.58 -15.81 -13.46
C HIS B 291 -20.14 -14.82 -14.52
N GLY B 292 -20.81 -13.67 -14.57
CA GLY B 292 -20.50 -12.67 -15.57
C GLY B 292 -19.76 -11.45 -15.07
N GLY B 293 -18.94 -11.61 -14.03
CA GLY B 293 -18.09 -10.52 -13.58
C GLY B 293 -18.79 -9.45 -12.76
N GLY B 294 -19.98 -9.77 -12.24
CA GLY B 294 -20.62 -8.91 -11.28
C GLY B 294 -21.38 -7.76 -11.90
N ILE B 295 -21.75 -6.81 -11.04
CA ILE B 295 -22.57 -5.66 -11.42
C ILE B 295 -21.83 -4.79 -12.44
N THR B 296 -20.55 -4.55 -12.20
CA THR B 296 -19.76 -3.70 -13.06
C THR B 296 -19.81 -4.18 -14.53
N ALA B 297 -19.58 -5.47 -14.74
CA ALA B 297 -19.55 -6.04 -16.08
C ALA B 297 -20.96 -6.18 -16.65
N MET B 298 -21.91 -6.61 -15.83
CA MET B 298 -23.23 -6.91 -16.38
C MET B 298 -24.04 -5.66 -16.76
N ARG B 299 -23.76 -4.53 -16.10
CA ARG B 299 -24.33 -3.28 -16.56
C ARG B 299 -23.93 -3.04 -18.01
N ARG B 300 -22.67 -3.27 -18.33
CA ARG B 300 -22.18 -3.06 -19.70
C ARG B 300 -22.80 -4.03 -20.70
N VAL B 301 -22.95 -5.28 -20.30
CA VAL B 301 -23.61 -6.26 -21.16
C VAL B 301 -25.07 -5.87 -21.40
N ALA B 302 -25.77 -5.47 -20.34
CA ALA B 302 -27.20 -5.14 -20.47
C ALA B 302 -27.35 -3.90 -21.35
N ASP B 303 -26.46 -2.95 -21.18
CA ASP B 303 -26.53 -1.73 -21.99
C ASP B 303 -26.26 -2.00 -23.47
N LEU B 304 -25.28 -2.86 -23.76
CA LEU B 304 -25.03 -3.26 -25.15
C LEU B 304 -26.28 -3.94 -25.72
N ALA B 305 -26.84 -4.85 -24.93
CA ALA B 305 -28.05 -5.56 -25.34
C ALA B 305 -29.18 -4.59 -25.67
N SER B 306 -29.31 -3.53 -24.88
CA SER B 306 -30.41 -2.58 -25.08
C SER B 306 -30.42 -1.89 -26.44
N LEU B 307 -29.24 -1.73 -27.03
CA LEU B 307 -29.15 -1.09 -28.34
C LEU B 307 -29.79 -1.93 -29.45
N TYR B 308 -29.96 -3.22 -29.18
CA TYR B 308 -30.45 -4.15 -30.19
C TYR B 308 -31.74 -4.82 -29.73
N HIS B 309 -32.44 -4.19 -28.78
CA HIS B 309 -33.73 -4.69 -28.26
C HIS B 309 -33.63 -5.99 -27.50
N VAL B 310 -32.42 -6.42 -27.15
CA VAL B 310 -32.21 -7.63 -26.37
C VAL B 310 -32.47 -7.33 -24.89
N ARG B 311 -33.15 -8.24 -24.20
CA ARG B 311 -33.51 -8.05 -22.81
C ARG B 311 -32.78 -9.02 -21.89
N THR B 312 -32.74 -8.71 -20.59
CA THR B 312 -32.04 -9.58 -19.65
C THR B 312 -32.90 -10.74 -19.19
N GLY B 313 -32.28 -11.89 -19.02
CA GLY B 313 -32.97 -13.04 -18.49
C GLY B 313 -32.00 -13.81 -17.62
N PHE B 314 -31.56 -13.20 -16.53
CA PHE B 314 -30.51 -13.81 -15.69
C PHE B 314 -30.81 -15.26 -15.31
N HIS B 315 -29.81 -16.10 -15.53
CA HIS B 315 -29.79 -17.45 -14.99
C HIS B 315 -30.01 -17.35 -13.48
N GLY B 316 -30.98 -18.11 -12.96
CA GLY B 316 -31.31 -18.07 -11.54
C GLY B 316 -31.58 -19.43 -10.93
N PRO B 317 -30.61 -20.34 -11.01
CA PRO B 317 -30.80 -21.69 -10.50
C PRO B 317 -30.49 -21.74 -9.00
N THR B 318 -30.69 -22.89 -8.37
CA THR B 318 -30.34 -23.00 -6.95
C THR B 318 -28.85 -22.82 -6.71
N ASP B 319 -28.02 -23.04 -7.75
CA ASP B 319 -26.56 -22.99 -7.57
C ASP B 319 -25.95 -21.60 -7.68
N LEU B 320 -26.82 -20.60 -7.81
CA LEU B 320 -26.42 -19.24 -7.48
C LEU B 320 -27.03 -18.92 -6.11
N SER B 321 -26.24 -18.37 -5.19
CA SER B 321 -26.70 -18.24 -3.81
C SER B 321 -27.69 -17.08 -3.68
N PRO B 322 -28.37 -16.98 -2.53
CA PRO B 322 -29.23 -15.81 -2.27
C PRO B 322 -28.48 -14.48 -2.36
N VAL B 323 -27.16 -14.48 -2.22
CA VAL B 323 -26.41 -13.24 -2.41
C VAL B 323 -26.55 -12.78 -3.85
N CYS B 324 -26.37 -13.71 -4.80
CA CYS B 324 -26.57 -13.39 -6.21
C CYS B 324 -28.03 -13.00 -6.48
N LEU B 325 -28.95 -13.75 -5.89
CA LEU B 325 -30.36 -13.50 -6.17
C LEU B 325 -30.78 -12.12 -5.69
N GLY B 326 -30.33 -11.73 -4.50
CA GLY B 326 -30.67 -10.42 -4.00
C GLY B 326 -30.10 -9.31 -4.87
N ALA B 327 -28.82 -9.41 -5.20
CA ALA B 327 -28.21 -8.44 -6.09
C ALA B 327 -28.91 -8.42 -7.45
N ALA B 328 -29.28 -9.59 -7.95
CA ALA B 328 -29.94 -9.69 -9.25
C ALA B 328 -31.31 -9.01 -9.25
N ILE B 329 -32.04 -9.18 -8.15
CA ILE B 329 -33.34 -8.54 -8.01
C ILE B 329 -33.17 -7.00 -7.98
N HIS B 330 -32.15 -6.51 -7.28
CA HIS B 330 -31.83 -5.09 -7.33
C HIS B 330 -31.51 -4.63 -8.77
N PHE B 331 -30.65 -5.37 -9.46
CA PHE B 331 -30.28 -5.05 -10.83
C PHE B 331 -31.53 -5.09 -11.72
N ASP B 332 -32.36 -6.12 -11.55
CA ASP B 332 -33.60 -6.32 -12.33
C ASP B 332 -34.56 -5.16 -12.14
N THR B 333 -34.50 -4.54 -10.96
CA THR B 333 -35.42 -3.48 -10.61
C THR B 333 -35.08 -2.17 -11.32
N TRP B 334 -33.79 -1.95 -11.54
CA TRP B 334 -33.28 -0.76 -12.22
C TRP B 334 -33.22 -0.89 -13.75
N VAL B 335 -32.73 -2.03 -14.24
CA VAL B 335 -32.31 -2.10 -15.64
C VAL B 335 -33.49 -1.86 -16.60
N PRO B 336 -33.33 -0.95 -17.57
CA PRO B 336 -34.50 -0.66 -18.40
C PRO B 336 -34.92 -1.88 -19.21
N ASN B 337 -33.95 -2.59 -19.80
CA ASN B 337 -34.28 -3.71 -20.68
C ASN B 337 -34.37 -5.06 -19.97
N PHE B 338 -35.11 -5.07 -18.85
CA PHE B 338 -35.38 -6.30 -18.11
C PHE B 338 -36.31 -7.21 -18.89
N GLY B 339 -36.00 -8.51 -18.91
CA GLY B 339 -36.88 -9.48 -19.54
C GLY B 339 -37.65 -10.33 -18.55
N ILE B 340 -36.94 -11.14 -17.78
CA ILE B 340 -37.58 -12.01 -16.79
C ILE B 340 -36.49 -12.49 -15.84
N GLN B 341 -36.88 -12.94 -14.66
CA GLN B 341 -35.93 -13.49 -13.70
C GLN B 341 -36.29 -14.93 -13.34
N GLU B 342 -35.40 -15.86 -13.65
CA GLU B 342 -35.61 -17.26 -13.29
C GLU B 342 -35.70 -17.42 -11.76
N HIS B 343 -36.60 -18.27 -11.31
CA HIS B 343 -36.69 -18.55 -9.88
C HIS B 343 -36.70 -20.05 -9.61
N MET B 344 -35.63 -20.54 -9.01
CA MET B 344 -35.59 -21.87 -8.42
C MET B 344 -35.38 -21.65 -6.93
N PRO B 345 -36.44 -21.84 -6.12
CA PRO B 345 -36.37 -21.57 -4.68
C PRO B 345 -35.26 -22.35 -3.97
N HIS B 346 -34.53 -21.66 -3.10
CA HIS B 346 -33.52 -22.31 -2.28
C HIS B 346 -34.16 -23.06 -1.13
N THR B 347 -33.41 -23.98 -0.52
CA THR B 347 -33.89 -24.67 0.65
C THR B 347 -34.03 -23.73 1.85
N ASP B 348 -34.85 -24.11 2.82
CA ASP B 348 -34.96 -23.34 4.05
C ASP B 348 -33.60 -23.16 4.73
N GLU B 349 -32.76 -24.19 4.70
CA GLU B 349 -31.45 -24.09 5.34
C GLU B 349 -30.57 -23.06 4.65
N THR B 350 -30.66 -23.02 3.31
CA THR B 350 -29.91 -22.05 2.53
C THR B 350 -30.39 -20.63 2.87
N ASP B 351 -31.71 -20.45 2.95
CA ASP B 351 -32.27 -19.14 3.29
C ASP B 351 -31.83 -18.70 4.69
N ALA B 352 -31.68 -19.65 5.61
CA ALA B 352 -31.25 -19.32 6.97
C ALA B 352 -29.79 -18.90 7.01
N VAL B 353 -28.96 -19.53 6.17
CA VAL B 353 -27.55 -19.20 6.12
C VAL B 353 -27.37 -17.81 5.50
N PHE B 354 -28.27 -17.43 4.58
CA PHE B 354 -28.18 -16.16 3.88
C PHE B 354 -29.41 -15.28 4.09
N PRO B 355 -29.57 -14.70 5.29
CA PRO B 355 -30.74 -13.86 5.55
C PRO B 355 -30.83 -12.71 4.54
N HIS B 356 -32.03 -12.37 4.11
CA HIS B 356 -32.17 -11.40 3.03
C HIS B 356 -33.50 -10.67 3.11
N ASP B 357 -33.60 -9.53 2.43
CA ASP B 357 -34.84 -8.76 2.49
C ASP B 357 -35.64 -8.70 1.17
N TYR B 358 -35.19 -9.41 0.14
CA TYR B 358 -36.03 -9.52 -1.04
C TYR B 358 -37.23 -10.39 -0.72
N ARG B 359 -38.34 -10.15 -1.39
CA ARG B 359 -39.58 -10.88 -1.13
C ARG B 359 -40.14 -11.46 -2.42
N PHE B 360 -40.81 -12.60 -2.31
CA PHE B 360 -41.50 -13.19 -3.43
C PHE B 360 -42.99 -13.17 -3.14
N GLU B 361 -43.76 -12.57 -4.04
CA GLU B 361 -45.21 -12.45 -3.85
C GLU B 361 -45.88 -12.50 -5.21
N ASP B 362 -46.91 -13.34 -5.32
CA ASP B 362 -47.76 -13.32 -6.52
C ASP B 362 -46.93 -13.43 -7.80
N GLY B 363 -45.99 -14.37 -7.84
CA GLY B 363 -45.25 -14.64 -9.05
C GLY B 363 -44.13 -13.65 -9.38
N HIS B 364 -43.88 -12.72 -8.46
CA HIS B 364 -42.88 -11.67 -8.70
C HIS B 364 -41.95 -11.48 -7.51
N PHE B 365 -40.74 -11.00 -7.78
CA PHE B 365 -39.87 -10.54 -6.71
C PHE B 365 -40.07 -9.05 -6.46
N LEU B 366 -39.85 -8.64 -5.22
CA LEU B 366 -39.82 -7.23 -4.85
C LEU B 366 -38.45 -6.97 -4.23
N ALA B 367 -37.75 -5.95 -4.70
CA ALA B 367 -36.46 -5.60 -4.14
C ALA B 367 -36.54 -5.18 -2.68
N GLY B 368 -35.48 -5.46 -1.94
CA GLY B 368 -35.39 -4.97 -0.57
C GLY B 368 -35.09 -3.47 -0.51
N GLU B 369 -35.32 -2.90 0.67
CA GLU B 369 -35.05 -1.48 0.93
C GLU B 369 -33.86 -1.27 1.86
N SER B 370 -33.32 -2.34 2.44
CA SER B 370 -32.15 -2.21 3.33
C SER B 370 -30.97 -1.73 2.50
N PRO B 371 -30.09 -0.91 3.11
CA PRO B 371 -28.89 -0.53 2.35
C PRO B 371 -28.03 -1.73 1.99
N GLY B 372 -27.37 -1.69 0.84
CA GLY B 372 -26.62 -2.83 0.34
C GLY B 372 -27.48 -3.58 -0.66
N HIS B 373 -27.07 -4.81 -1.02
CA HIS B 373 -27.96 -5.66 -1.79
C HIS B 373 -28.99 -6.38 -0.93
N GLY B 374 -28.90 -6.21 0.39
CA GLY B 374 -29.89 -6.70 1.32
C GLY B 374 -29.70 -8.14 1.77
N VAL B 375 -28.59 -8.75 1.39
CA VAL B 375 -28.29 -10.11 1.80
C VAL B 375 -27.08 -10.13 2.76
N ASP B 376 -27.14 -11.00 3.76
CA ASP B 376 -25.99 -11.21 4.64
C ASP B 376 -25.70 -12.70 4.74
N ILE B 377 -24.64 -13.06 5.47
CA ILE B 377 -24.34 -14.46 5.71
C ILE B 377 -24.13 -14.70 7.20
N ASP B 378 -24.78 -15.74 7.71
CA ASP B 378 -24.60 -16.16 9.09
C ASP B 378 -23.41 -17.11 9.12
N GLU B 379 -22.23 -16.59 9.49
CA GLU B 379 -21.01 -17.39 9.41
C GLU B 379 -21.01 -18.57 10.38
N GLU B 380 -21.51 -18.35 11.59
CA GLU B 380 -21.58 -19.41 12.58
C GLU B 380 -22.45 -20.55 12.07
N LEU B 381 -23.58 -20.20 11.46
CA LEU B 381 -24.47 -21.22 10.91
C LEU B 381 -23.87 -21.89 9.68
N ALA B 382 -23.24 -21.11 8.82
CA ALA B 382 -22.63 -21.66 7.61
C ALA B 382 -21.63 -22.77 7.97
N ALA B 383 -20.94 -22.59 9.09
CA ALA B 383 -19.90 -23.52 9.52
C ALA B 383 -20.46 -24.87 9.92
N LYS B 384 -21.78 -24.95 10.09
CA LYS B 384 -22.42 -26.21 10.47
C LYS B 384 -22.79 -27.06 9.27
N TYR B 385 -22.54 -26.55 8.07
CA TYR B 385 -22.82 -27.27 6.83
C TYR B 385 -21.55 -27.41 5.98
N PRO B 386 -20.74 -28.43 6.27
CA PRO B 386 -19.48 -28.59 5.52
C PRO B 386 -19.69 -28.95 4.04
N TYR B 387 -18.76 -28.48 3.21
CA TYR B 387 -18.70 -28.83 1.80
C TYR B 387 -18.88 -30.33 1.54
N GLU B 388 -19.65 -30.65 0.50
CA GLU B 388 -19.79 -32.04 0.05
C GLU B 388 -19.66 -32.02 -1.47
N ARG B 389 -18.64 -32.73 -1.97
CA ARG B 389 -18.39 -32.77 -3.41
C ARG B 389 -19.63 -33.21 -4.20
N ALA B 390 -19.95 -32.50 -5.28
CA ALA B 390 -21.06 -32.85 -6.17
C ALA B 390 -20.80 -32.30 -7.56
N SER B 391 -20.84 -33.17 -8.56
CA SER B 391 -20.53 -32.80 -9.93
C SER B 391 -21.78 -32.79 -10.81
N LEU B 392 -21.75 -31.98 -11.86
CA LEU B 392 -22.82 -31.94 -12.86
C LEU B 392 -22.76 -33.20 -13.72
N PRO B 393 -23.90 -33.63 -14.28
CA PRO B 393 -23.91 -34.82 -15.13
C PRO B 393 -23.20 -34.60 -16.46
N VAL B 394 -22.89 -35.71 -17.12
CA VAL B 394 -22.54 -35.66 -18.53
C VAL B 394 -23.57 -36.42 -19.34
N ASN B 395 -23.55 -36.17 -20.64
CA ASN B 395 -24.55 -36.71 -21.54
C ASN B 395 -23.79 -37.45 -22.62
N ARG B 396 -24.23 -38.66 -22.97
CA ARG B 396 -23.66 -39.37 -24.10
C ARG B 396 -24.73 -39.73 -25.09
N LEU B 397 -24.38 -39.79 -26.36
CA LEU B 397 -25.29 -40.34 -27.36
C LEU B 397 -25.46 -41.86 -27.20
N GLU B 398 -26.38 -42.43 -27.96
CA GLU B 398 -26.68 -43.85 -27.82
C GLU B 398 -25.49 -44.73 -28.19
N ASP B 399 -24.60 -44.20 -29.03
CA ASP B 399 -23.40 -44.96 -29.39
C ASP B 399 -22.23 -44.74 -28.43
N GLY B 400 -22.44 -43.89 -27.43
CA GLY B 400 -21.41 -43.63 -26.43
C GLY B 400 -20.69 -42.30 -26.59
N THR B 401 -20.97 -41.59 -27.70
CA THR B 401 -20.33 -40.30 -27.96
C THR B 401 -20.54 -39.32 -26.83
N LEU B 402 -19.46 -38.78 -26.27
CA LEU B 402 -19.59 -37.74 -25.25
C LEU B 402 -20.19 -36.48 -25.88
N TRP B 403 -21.41 -36.15 -25.43
CA TRP B 403 -22.19 -35.07 -26.02
C TRP B 403 -22.30 -33.87 -25.07
N HIS B 404 -23.25 -32.98 -25.33
CA HIS B 404 -23.46 -31.80 -24.49
C HIS B 404 -24.58 -32.08 -23.51
N TRP B 405 -24.34 -31.79 -22.23
CA TRP B 405 -25.40 -31.96 -21.24
C TRP B 405 -26.14 -30.62 -21.03
N SER C 2 15.64 -10.47 -7.09
CA SER C 2 15.28 -10.37 -5.68
C SER C 2 16.50 -10.41 -4.79
N LEU C 3 16.30 -10.08 -3.52
CA LEU C 3 17.37 -10.11 -2.54
C LEU C 3 17.46 -11.48 -1.86
N LYS C 4 16.78 -12.48 -2.41
CA LYS C 4 16.91 -13.83 -1.87
C LYS C 4 18.36 -14.32 -2.02
N ILE C 5 18.91 -14.92 -0.97
CA ILE C 5 20.28 -15.43 -1.04
C ILE C 5 20.37 -16.67 -1.93
N ARG C 6 21.19 -16.57 -2.97
CA ARG C 6 21.38 -17.67 -3.92
C ARG C 6 22.57 -18.52 -3.50
N ASP C 7 23.63 -17.86 -3.05
CA ASP C 7 24.87 -18.54 -2.67
C ASP C 7 25.56 -17.84 -1.52
N ALA C 8 26.28 -18.61 -0.72
CA ALA C 8 27.09 -18.07 0.35
C ALA C 8 28.27 -19.01 0.57
N TYR C 9 29.46 -18.45 0.74
CA TYR C 9 30.63 -19.30 0.93
C TYR C 9 31.78 -18.54 1.54
N THR C 10 32.73 -19.28 2.10
CA THR C 10 33.93 -18.66 2.63
C THR C 10 35.08 -18.72 1.64
N ILE C 11 35.98 -17.76 1.80
CA ILE C 11 37.22 -17.73 1.07
C ILE C 11 38.32 -17.59 2.12
N VAL C 12 39.33 -18.46 2.03
CA VAL C 12 40.46 -18.41 2.94
C VAL C 12 41.71 -18.09 2.13
N THR C 13 42.48 -17.12 2.59
CA THR C 13 43.65 -16.69 1.82
C THR C 13 44.72 -16.15 2.76
N CYS C 14 45.98 -16.23 2.35
CA CYS C 14 47.08 -15.79 3.21
C CYS C 14 48.07 -14.86 2.48
N PRO C 15 47.62 -13.65 2.14
CA PRO C 15 48.50 -12.72 1.42
C PRO C 15 49.37 -11.93 2.40
N GLY C 16 50.21 -12.65 3.13
CA GLY C 16 51.03 -12.06 4.17
C GLY C 16 50.65 -12.55 5.55
N ARG C 17 49.37 -12.93 5.68
CA ARG C 17 48.84 -13.53 6.91
C ARG C 17 47.44 -14.05 6.58
N ASN C 18 46.87 -14.86 7.45
CA ASN C 18 45.58 -15.48 7.15
C ASN C 18 44.38 -14.54 7.24
N PHE C 19 43.49 -14.64 6.25
CA PHE C 19 42.18 -13.99 6.35
C PHE C 19 41.08 -14.95 5.94
N VAL C 20 39.94 -14.85 6.61
CA VAL C 20 38.76 -15.59 6.21
C VAL C 20 37.67 -14.58 5.89
N THR C 21 36.99 -14.78 4.76
CA THR C 21 35.98 -13.84 4.30
C THR C 21 34.75 -14.64 3.94
N LEU C 22 33.57 -14.11 4.26
CA LEU C 22 32.32 -14.70 3.82
C LEU C 22 31.74 -13.86 2.70
N LYS C 23 31.31 -14.51 1.63
CA LYS C 23 30.66 -13.83 0.52
C LYS C 23 29.23 -14.32 0.40
N ILE C 24 28.30 -13.39 0.26
CA ILE C 24 26.88 -13.72 0.08
C ILE C 24 26.44 -13.14 -1.26
N VAL C 25 25.83 -13.98 -2.10
CA VAL C 25 25.35 -13.56 -3.41
C VAL C 25 23.84 -13.71 -3.49
N THR C 26 23.16 -12.66 -3.92
CA THR C 26 21.70 -12.71 -4.03
C THR C 26 21.28 -13.18 -5.42
N GLU C 27 20.01 -13.56 -5.54
CA GLU C 27 19.48 -14.03 -6.82
C GLU C 27 19.64 -13.00 -7.94
N SER C 28 19.60 -11.72 -7.58
CA SER C 28 19.71 -10.64 -8.55
C SER C 28 21.14 -10.42 -9.01
N GLY C 29 22.10 -11.04 -8.32
CA GLY C 29 23.50 -10.89 -8.66
C GLY C 29 24.28 -9.99 -7.71
N THR C 30 23.58 -9.16 -6.95
CA THR C 30 24.22 -8.28 -5.98
C THR C 30 24.91 -9.14 -4.93
N HIS C 31 26.12 -8.78 -4.54
CA HIS C 31 26.83 -9.57 -3.52
C HIS C 31 27.43 -8.69 -2.44
N GLY C 32 27.77 -9.32 -1.32
CA GLY C 32 28.38 -8.62 -0.21
C GLY C 32 29.39 -9.51 0.47
N ILE C 33 30.37 -8.89 1.14
CA ILE C 33 31.36 -9.65 1.88
C ILE C 33 31.52 -9.15 3.30
N GLY C 34 31.94 -10.06 4.18
CA GLY C 34 32.17 -9.73 5.57
C GLY C 34 33.43 -10.41 6.06
N ASP C 35 34.17 -9.74 6.93
CA ASP C 35 35.37 -10.33 7.52
C ASP C 35 34.99 -11.38 8.56
N ALA C 36 35.69 -12.52 8.53
CA ALA C 36 35.45 -13.61 9.46
C ALA C 36 36.75 -14.06 10.14
N THR C 37 37.77 -13.20 10.11
CA THR C 37 39.10 -13.60 10.56
C THR C 37 39.25 -13.57 12.08
N LEU C 38 39.61 -14.71 12.67
CA LEU C 38 39.89 -14.79 14.10
C LEU C 38 41.31 -15.31 14.31
N ASN C 39 42.24 -14.38 14.56
CA ASN C 39 43.67 -14.67 14.55
C ASN C 39 44.04 -15.85 15.45
N GLY C 40 44.68 -16.85 14.85
CA GLY C 40 45.17 -18.00 15.60
C GLY C 40 44.14 -19.08 15.83
N ARG C 41 42.90 -18.84 15.41
CA ARG C 41 41.83 -19.85 15.52
C ARG C 41 40.99 -19.83 14.24
N GLU C 42 41.61 -19.45 13.13
CA GLU C 42 40.87 -19.13 11.91
C GLU C 42 39.94 -20.22 11.41
N MET C 43 40.39 -21.48 11.49
CA MET C 43 39.64 -22.58 10.88
C MET C 43 38.40 -22.95 11.69
N ALA C 44 38.36 -22.53 12.95
CA ALA C 44 37.18 -22.78 13.77
C ALA C 44 36.02 -21.93 13.23
N VAL C 45 36.29 -20.68 12.88
CA VAL C 45 35.27 -19.82 12.29
C VAL C 45 34.90 -20.30 10.88
N ALA C 46 35.90 -20.69 10.08
CA ALA C 46 35.64 -21.22 8.76
C ALA C 46 34.65 -22.40 8.81
N ALA C 47 34.85 -23.29 9.78
CA ALA C 47 33.98 -24.47 9.94
C ALA C 47 32.60 -24.09 10.48
N TYR C 48 32.58 -23.16 11.42
CA TYR C 48 31.31 -22.68 11.97
C TYR C 48 30.46 -22.14 10.82
N LEU C 49 31.07 -21.33 9.96
CA LEU C 49 30.36 -20.81 8.80
C LEU C 49 30.02 -21.88 7.77
N ASP C 50 31.02 -22.61 7.29
CA ASP C 50 30.82 -23.56 6.18
C ASP C 50 29.78 -24.63 6.50
N GLU C 51 29.86 -25.17 7.71
CA GLU C 51 29.09 -26.35 8.06
C GLU C 51 27.76 -26.03 8.72
N HIS C 52 27.66 -24.89 9.39
CA HIS C 52 26.50 -24.66 10.25
C HIS C 52 25.71 -23.39 9.92
N VAL C 53 26.37 -22.36 9.40
CA VAL C 53 25.66 -21.13 9.07
C VAL C 53 25.30 -21.00 7.59
N VAL C 54 26.28 -21.19 6.73
CA VAL C 54 26.06 -21.14 5.28
C VAL C 54 24.83 -21.93 4.77
N PRO C 55 24.63 -23.19 5.22
CA PRO C 55 23.48 -23.94 4.69
C PRO C 55 22.14 -23.30 5.04
N ALA C 56 22.09 -22.62 6.19
CA ALA C 56 20.87 -21.99 6.66
C ALA C 56 20.66 -20.62 6.03
N LEU C 57 21.69 -20.08 5.38
CA LEU C 57 21.56 -18.78 4.72
C LEU C 57 20.85 -18.87 3.37
N ILE C 58 21.05 -19.99 2.67
CA ILE C 58 20.49 -20.16 1.33
C ILE C 58 18.97 -19.99 1.35
N GLY C 59 18.47 -19.11 0.47
CA GLY C 59 17.04 -18.91 0.35
C GLY C 59 16.47 -17.84 1.27
N ARG C 60 17.27 -17.38 2.24
CA ARG C 60 16.83 -16.31 3.12
C ARG C 60 16.80 -14.97 2.40
N ASP C 61 15.95 -14.06 2.88
CA ASP C 61 15.88 -12.70 2.34
C ASP C 61 17.07 -11.92 2.88
N ALA C 62 18.00 -11.55 2.00
CA ALA C 62 19.21 -10.85 2.45
C ALA C 62 18.91 -9.49 3.08
N GLY C 63 17.74 -8.94 2.77
CA GLY C 63 17.32 -7.66 3.33
C GLY C 63 17.00 -7.72 4.82
N ARG C 64 16.76 -8.92 5.32
CA ARG C 64 16.39 -9.08 6.73
C ARG C 64 17.61 -9.18 7.63
N ILE C 65 18.32 -8.06 7.78
CA ILE C 65 19.56 -8.06 8.53
C ILE C 65 19.32 -8.37 10.01
N GLU C 66 18.38 -7.64 10.62
CA GLU C 66 18.11 -7.82 12.05
C GLU C 66 17.63 -9.25 12.34
N ASP C 67 16.69 -9.73 11.54
CA ASP C 67 16.17 -11.08 11.73
C ASP C 67 17.28 -12.13 11.61
N THR C 68 18.15 -11.96 10.62
CA THR C 68 19.25 -12.91 10.45
C THR C 68 20.20 -12.89 11.63
N TRP C 69 20.48 -11.69 12.15
CA TRP C 69 21.37 -11.57 13.29
C TRP C 69 20.80 -12.32 14.49
N GLN C 70 19.52 -12.07 14.80
CA GLN C 70 18.85 -12.74 15.91
C GLN C 70 18.70 -14.26 15.67
N TYR C 71 18.37 -14.64 14.44
CA TYR C 71 18.28 -16.05 14.03
C TYR C 71 19.61 -16.77 14.31
N LEU C 72 20.73 -16.17 13.95
CA LEU C 72 22.03 -16.79 14.23
C LEU C 72 22.47 -16.70 15.70
N TYR C 73 22.19 -15.57 16.34
CA TYR C 73 22.64 -15.36 17.71
C TYR C 73 21.84 -16.21 18.69
N ARG C 74 20.52 -16.09 18.62
CA ARG C 74 19.65 -16.86 19.49
C ARG C 74 19.56 -18.32 19.04
N GLY C 75 19.54 -18.53 17.73
CA GLY C 75 19.29 -19.86 17.19
C GLY C 75 20.43 -20.83 17.39
N ALA C 76 21.64 -20.30 17.52
CA ALA C 76 22.79 -21.14 17.85
C ALA C 76 22.62 -21.88 19.17
N TYR C 77 21.75 -21.33 20.02
CA TYR C 77 21.47 -21.84 21.36
C TYR C 77 22.60 -21.55 22.36
N TRP C 78 23.83 -21.89 21.95
CA TRP C 78 25.03 -21.53 22.70
C TRP C 78 25.42 -20.12 22.26
N ARG C 79 25.23 -19.16 23.15
CA ARG C 79 25.34 -17.75 22.79
C ARG C 79 26.68 -17.13 23.14
N ARG C 80 27.05 -16.11 22.37
CA ARG C 80 28.29 -15.34 22.56
C ARG C 80 29.52 -16.18 22.24
N GLY C 81 30.70 -15.59 22.43
CA GLY C 81 31.95 -16.30 22.19
C GLY C 81 32.67 -15.83 20.93
N PRO C 82 33.99 -16.02 20.90
CA PRO C 82 34.75 -15.46 19.78
C PRO C 82 34.46 -16.13 18.45
N VAL C 83 34.32 -17.45 18.42
CA VAL C 83 34.06 -18.11 17.15
C VAL C 83 32.65 -17.77 16.70
N THR C 84 31.72 -17.90 17.64
CA THR C 84 30.31 -17.61 17.42
C THR C 84 30.06 -16.19 16.88
N MET C 85 30.61 -15.19 17.57
CA MET C 85 30.29 -13.83 17.22
C MET C 85 31.03 -13.33 15.99
N THR C 86 32.15 -13.95 15.67
CA THR C 86 32.87 -13.61 14.44
C THR C 86 32.11 -14.15 13.24
N ALA C 87 31.56 -15.35 13.36
CA ALA C 87 30.76 -15.91 12.28
C ALA C 87 29.55 -15.01 12.04
N ILE C 88 28.86 -14.64 13.11
CA ILE C 88 27.71 -13.75 13.01
C ILE C 88 28.10 -12.39 12.41
N ALA C 89 29.24 -11.85 12.83
CA ALA C 89 29.73 -10.58 12.30
C ALA C 89 29.98 -10.62 10.80
N ALA C 90 30.51 -11.74 10.33
CA ALA C 90 30.82 -11.89 8.91
C ALA C 90 29.53 -11.83 8.09
N VAL C 91 28.49 -12.52 8.56
CA VAL C 91 27.20 -12.48 7.91
C VAL C 91 26.65 -11.06 7.95
N ASP C 92 26.68 -10.46 9.14
CA ASP C 92 26.13 -9.13 9.31
C ASP C 92 26.81 -8.09 8.39
N MET C 93 28.13 -8.14 8.33
N MET C 93 28.13 -8.11 8.34
CA MET C 93 28.89 -7.22 7.50
CA MET C 93 28.86 -7.20 7.47
C MET C 93 28.56 -7.40 6.01
C MET C 93 28.47 -7.39 6.01
N ALA C 94 28.37 -8.64 5.58
CA ALA C 94 28.02 -8.92 4.19
C ALA C 94 26.61 -8.42 3.89
N LEU C 95 25.70 -8.58 4.84
CA LEU C 95 24.33 -8.14 4.59
C LEU C 95 24.23 -6.61 4.55
N TRP C 96 25.00 -5.93 5.40
CA TRP C 96 25.02 -4.47 5.37
C TRP C 96 25.63 -3.97 4.07
N ASP C 97 26.66 -4.66 3.60
CA ASP C 97 27.26 -4.36 2.29
C ASP C 97 26.16 -4.42 1.19
N ILE C 98 25.40 -5.51 1.18
CA ILE C 98 24.33 -5.69 0.20
C ILE C 98 23.23 -4.62 0.32
N LYS C 99 22.85 -4.31 1.56
CA LYS C 99 21.81 -3.29 1.78
C LYS C 99 22.27 -1.92 1.28
N ALA C 100 23.52 -1.57 1.56
CA ALA C 100 24.04 -0.29 1.07
C ALA C 100 24.10 -0.27 -0.46
N LYS C 101 24.54 -1.37 -1.07
CA LYS C 101 24.55 -1.48 -2.53
C LYS C 101 23.13 -1.32 -3.11
N ALA C 102 22.17 -2.00 -2.49
CA ALA C 102 20.78 -1.90 -2.95
C ALA C 102 20.26 -0.47 -2.82
N ALA C 103 20.71 0.21 -1.78
CA ALA C 103 20.32 1.60 -1.53
C ALA C 103 21.04 2.60 -2.43
N GLY C 104 22.08 2.13 -3.12
CA GLY C 104 22.92 3.00 -3.91
C GLY C 104 23.67 4.04 -3.09
N MET C 105 24.04 3.67 -1.86
CA MET C 105 24.75 4.58 -0.95
C MET C 105 25.99 3.94 -0.34
N PRO C 106 27.03 4.75 -0.08
CA PRO C 106 28.11 4.22 0.77
C PRO C 106 27.55 3.95 2.16
N LEU C 107 28.14 3.01 2.87
CA LEU C 107 27.59 2.56 4.15
C LEU C 107 27.36 3.67 5.17
N TYR C 108 28.27 4.65 5.25
CA TYR C 108 28.09 5.69 6.28
C TYR C 108 26.78 6.46 6.07
N GLN C 109 26.32 6.58 4.83
CA GLN C 109 25.06 7.27 4.57
C GLN C 109 23.89 6.47 5.11
N LEU C 110 23.94 5.16 4.91
CA LEU C 110 22.88 4.28 5.38
C LEU C 110 22.77 4.29 6.89
N LEU C 111 23.87 4.54 7.58
CA LEU C 111 23.89 4.54 9.03
C LEU C 111 23.33 5.82 9.67
N GLY C 112 23.17 6.87 8.88
CA GLY C 112 22.74 8.15 9.43
C GLY C 112 23.58 9.33 8.96
N GLY C 113 24.51 9.08 8.05
CA GLY C 113 25.28 10.15 7.44
C GLY C 113 26.53 10.48 8.22
N LYS C 114 27.36 11.35 7.65
CA LYS C 114 28.63 11.66 8.28
C LYS C 114 28.50 12.59 9.50
N SER C 115 29.25 12.26 10.55
CA SER C 115 29.36 13.13 11.72
C SER C 115 30.69 13.88 11.71
N ARG C 116 31.59 13.52 10.79
CA ARG C 116 32.93 14.13 10.76
C ARG C 116 33.47 14.03 9.34
N GLU C 117 34.48 14.85 9.04
CA GLU C 117 35.00 15.00 7.70
C GLU C 117 36.15 14.04 7.46
N ARG C 118 36.68 13.47 8.54
CA ARG C 118 37.75 12.49 8.44
C ARG C 118 37.94 11.79 9.76
N VAL C 119 38.70 10.70 9.74
CA VAL C 119 38.76 9.76 10.86
C VAL C 119 40.19 9.67 11.40
N MET C 120 40.42 10.21 12.60
CA MET C 120 41.78 10.27 13.14
C MET C 120 42.28 8.88 13.51
N THR C 121 43.57 8.63 13.20
CA THR C 121 44.18 7.33 13.51
C THR C 121 45.36 7.44 14.46
N TYR C 122 45.83 6.29 14.95
CA TYR C 122 47.14 6.24 15.59
C TYR C 122 47.99 5.14 14.98
N ALA C 123 49.29 5.33 15.03
CA ALA C 123 50.26 4.39 14.48
C ALA C 123 51.00 3.71 15.61
N HIS C 124 51.54 2.53 15.33
CA HIS C 124 52.36 1.81 16.29
C HIS C 124 53.81 2.23 16.20
N CYS C 125 54.36 2.71 17.32
CA CYS C 125 55.78 3.07 17.41
C CYS C 125 56.44 2.19 18.43
N THR C 126 57.45 1.45 18.01
CA THR C 126 58.03 0.42 18.83
C THR C 126 59.54 0.35 18.64
N GLY C 127 60.27 0.07 19.72
CA GLY C 127 61.69 -0.18 19.59
C GLY C 127 62.23 -0.97 20.77
N GLN C 128 63.46 -1.46 20.62
CA GLN C 128 64.06 -2.24 21.70
C GLN C 128 64.36 -1.33 22.89
N THR C 129 65.01 -0.20 22.62
CA THR C 129 65.29 0.78 23.66
C THR C 129 64.31 1.92 23.57
N ILE C 130 64.27 2.76 24.60
CA ILE C 130 63.47 3.97 24.57
C ILE C 130 63.89 4.82 23.37
N GLU C 131 65.20 4.91 23.13
CA GLU C 131 65.70 5.70 22.03
C GLU C 131 65.17 5.17 20.70
N ASP C 132 65.17 3.84 20.56
CA ASP C 132 64.68 3.23 19.32
C ASP C 132 63.22 3.62 19.10
N CYS C 133 62.44 3.60 20.18
CA CYS C 133 61.02 3.95 20.08
C CYS C 133 60.86 5.41 19.67
N LEU C 134 61.68 6.29 20.24
CA LEU C 134 61.58 7.71 19.92
C LEU C 134 61.85 7.99 18.45
N GLY C 135 62.77 7.23 17.86
CA GLY C 135 63.07 7.35 16.44
C GLY C 135 61.84 7.03 15.61
N GLU C 136 61.11 6.01 16.04
CA GLU C 136 59.87 5.62 15.36
C GLU C 136 58.76 6.66 15.53
N VAL C 137 58.66 7.24 16.72
CA VAL C 137 57.73 8.36 16.92
C VAL C 137 58.00 9.50 15.94
N ALA C 138 59.25 9.93 15.85
CA ALA C 138 59.64 11.01 14.95
C ALA C 138 59.19 10.69 13.54
N ARG C 139 59.43 9.44 13.13
CA ARG C 139 59.13 9.02 11.78
C ARG C 139 57.64 9.10 11.48
N HIS C 140 56.82 8.66 12.42
CA HIS C 140 55.38 8.67 12.23
C HIS C 140 54.79 10.08 12.34
N VAL C 141 55.39 10.93 13.17
CA VAL C 141 54.97 12.33 13.24
C VAL C 141 55.19 13.00 11.89
N GLU C 142 56.30 12.69 11.25
CA GLU C 142 56.60 13.24 9.93
C GLU C 142 55.64 12.71 8.87
N LEU C 143 55.13 11.51 9.07
CA LEU C 143 54.13 10.95 8.16
C LEU C 143 52.75 11.59 8.34
N GLY C 144 52.55 12.28 9.46
CA GLY C 144 51.30 12.97 9.70
C GLY C 144 50.38 12.38 10.76
N TYR C 145 50.84 11.33 11.42
CA TYR C 145 50.07 10.79 12.54
C TYR C 145 49.97 11.78 13.69
N ARG C 146 48.75 12.01 14.16
CA ARG C 146 48.49 12.93 15.27
C ARG C 146 48.60 12.19 16.58
N ALA C 147 48.68 10.87 16.49
CA ALA C 147 48.60 10.00 17.67
C ALA C 147 49.49 8.79 17.46
N VAL C 148 50.18 8.37 18.51
CA VAL C 148 51.10 7.23 18.41
C VAL C 148 50.96 6.35 19.64
N ARG C 149 50.98 5.04 19.43
CA ARG C 149 51.08 4.10 20.53
C ARG C 149 52.56 3.75 20.69
N VAL C 150 53.06 3.86 21.92
CA VAL C 150 54.48 3.66 22.15
C VAL C 150 54.73 2.44 23.03
N GLN C 151 55.66 1.60 22.60
CA GLN C 151 56.05 0.43 23.37
C GLN C 151 57.56 0.30 23.25
N SER C 152 58.23 -0.11 24.32
CA SER C 152 59.66 -0.38 24.21
C SER C 152 60.04 -1.59 25.06
N GLY C 153 61.24 -2.11 24.82
CA GLY C 153 61.71 -3.26 25.58
C GLY C 153 61.88 -2.92 27.04
N VAL C 154 61.77 -3.92 27.90
CA VAL C 154 62.03 -3.75 29.32
C VAL C 154 63.42 -4.33 29.58
N PRO C 155 64.34 -3.52 30.11
CA PRO C 155 65.67 -4.06 30.40
C PRO C 155 65.58 -5.23 31.38
N GLY C 156 66.28 -6.32 31.08
CA GLY C 156 66.22 -7.49 31.93
C GLY C 156 65.14 -8.48 31.50
N ILE C 157 64.43 -8.12 30.43
CA ILE C 157 63.40 -9.00 29.86
C ILE C 157 63.60 -9.15 28.36
N GLU C 158 63.85 -10.38 27.92
CA GLU C 158 64.21 -10.62 26.52
C GLU C 158 63.11 -10.23 25.53
N THR C 159 61.85 -10.47 25.91
CA THR C 159 60.73 -10.22 25.02
C THR C 159 59.53 -9.56 25.71
N THR C 160 58.99 -8.51 25.11
CA THR C 160 57.83 -7.81 25.66
C THR C 160 56.80 -7.54 24.58
N TYR C 161 55.57 -7.22 24.98
CA TYR C 161 54.52 -6.99 24.00
C TYR C 161 54.81 -5.82 23.06
N GLY C 162 54.57 -6.05 21.78
CA GLY C 162 54.58 -4.98 20.80
C GLY C 162 55.98 -4.56 20.40
N VAL C 163 56.97 -5.39 20.73
CA VAL C 163 58.37 -5.11 20.36
C VAL C 163 59.01 -6.27 19.61
N TYR C 171 56.27 -6.13 12.78
CA TYR C 171 55.74 -6.84 13.93
C TYR C 171 54.41 -7.53 13.61
N GLU C 172 54.48 -8.85 13.40
CA GLU C 172 53.30 -9.67 13.20
C GLU C 172 53.29 -10.70 14.33
N PRO C 173 52.43 -10.48 15.35
CA PRO C 173 52.42 -11.26 16.59
C PRO C 173 52.30 -12.77 16.36
N ALA C 174 51.41 -13.17 15.45
CA ALA C 174 51.28 -14.59 15.10
C ALA C 174 52.35 -14.94 14.07
N ASP C 175 53.54 -15.27 14.54
CA ASP C 175 54.69 -15.37 13.65
C ASP C 175 55.29 -16.78 13.56
N SER C 176 54.64 -17.76 14.18
CA SER C 176 55.08 -19.15 14.04
C SER C 176 53.88 -20.08 14.12
N SER C 177 54.07 -21.31 13.68
CA SER C 177 52.96 -22.27 13.59
C SER C 177 52.37 -22.54 14.98
N LEU C 178 53.25 -22.77 15.95
CA LEU C 178 52.83 -22.98 17.33
C LEU C 178 53.16 -21.73 18.14
N PRO C 179 52.51 -21.54 19.30
CA PRO C 179 52.73 -20.31 20.06
C PRO C 179 54.20 -20.13 20.47
N ALA C 180 54.75 -18.96 20.17
CA ALA C 180 56.06 -18.60 20.66
C ALA C 180 55.99 -18.45 22.17
N GLU C 181 57.09 -18.75 22.86
CA GLU C 181 57.10 -18.70 24.31
C GLU C 181 57.84 -17.45 24.78
N HIS C 182 57.09 -16.46 25.25
CA HIS C 182 57.69 -15.25 25.80
C HIS C 182 57.79 -15.34 27.33
N VAL C 183 58.67 -14.52 27.91
CA VAL C 183 58.86 -14.50 29.36
C VAL C 183 58.63 -13.06 29.86
N TRP C 184 58.06 -12.95 31.07
CA TRP C 184 57.59 -11.66 31.55
C TRP C 184 57.96 -11.40 33.00
N SER C 185 58.26 -10.14 33.32
CA SER C 185 58.38 -9.70 34.71
C SER C 185 57.56 -8.43 34.90
N THR C 186 56.53 -8.50 35.75
CA THR C 186 55.71 -7.31 35.98
C THR C 186 56.49 -6.20 36.67
N GLU C 187 57.29 -6.57 37.67
CA GLU C 187 57.95 -5.57 38.47
C GLU C 187 58.94 -4.74 37.65
N LYS C 188 59.66 -5.41 36.73
CA LYS C 188 60.61 -4.68 35.92
C LYS C 188 59.89 -3.74 34.95
N TYR C 189 58.80 -4.22 34.37
CA TYR C 189 57.98 -3.38 33.50
C TYR C 189 57.44 -2.14 34.22
N LEU C 190 56.90 -2.33 35.42
CA LEU C 190 56.31 -1.21 36.16
C LEU C 190 57.31 -0.11 36.48
N ASN C 191 58.56 -0.49 36.74
CA ASN C 191 59.59 0.50 37.04
C ASN C 191 60.07 1.22 35.79
N HIS C 192 60.00 0.54 34.66
CA HIS C 192 60.57 1.08 33.44
C HIS C 192 59.60 1.90 32.59
N ALA C 193 58.36 1.43 32.47
CA ALA C 193 57.40 2.04 31.55
C ALA C 193 57.21 3.58 31.69
N PRO C 194 57.11 4.11 32.92
CA PRO C 194 56.96 5.56 33.04
C PRO C 194 58.10 6.33 32.36
N LYS C 195 59.29 5.75 32.33
CA LYS C 195 60.44 6.41 31.72
C LYS C 195 60.28 6.60 30.22
N LEU C 196 59.55 5.68 29.58
CA LEU C 196 59.28 5.79 28.15
C LEU C 196 58.43 7.02 27.86
N PHE C 197 57.36 7.18 28.63
CA PHE C 197 56.43 8.29 28.39
C PHE C 197 57.07 9.63 28.71
N ALA C 198 57.88 9.66 29.77
CA ALA C 198 58.63 10.86 30.10
C ALA C 198 59.51 11.28 28.93
N ALA C 199 60.18 10.28 28.34
CA ALA C 199 61.08 10.55 27.20
C ALA C 199 60.31 11.02 25.97
N VAL C 200 59.14 10.45 25.72
CA VAL C 200 58.32 10.89 24.60
C VAL C 200 57.92 12.35 24.77
N ARG C 201 57.46 12.70 25.97
CA ARG C 201 57.08 14.09 26.23
C ARG C 201 58.26 15.05 26.13
N GLU C 202 59.41 14.65 26.64
CA GLU C 202 60.60 15.53 26.60
C GLU C 202 60.97 15.85 25.17
N ARG C 203 60.86 14.87 24.28
CA ARG C 203 61.33 15.05 22.91
C ARG C 203 60.28 15.64 21.96
N PHE C 204 59.02 15.25 22.18
CA PHE C 204 57.97 15.59 21.22
C PHE C 204 56.90 16.58 21.71
N GLY C 205 56.93 16.92 23.00
CA GLY C 205 56.03 17.94 23.50
C GLY C 205 54.65 17.43 23.87
N ASP C 206 53.73 18.36 24.07
CA ASP C 206 52.42 18.02 24.65
C ASP C 206 51.29 17.84 23.65
N ASP C 207 51.49 18.23 22.40
CA ASP C 207 50.37 18.23 21.45
C ASP C 207 50.09 16.86 20.85
N LEU C 208 51.12 16.02 20.82
CA LEU C 208 51.00 14.66 20.31
C LEU C 208 50.12 13.82 21.23
N HIS C 209 49.22 13.01 20.65
CA HIS C 209 48.46 12.07 21.47
C HIS C 209 49.31 10.82 21.65
N VAL C 210 49.47 10.36 22.89
CA VAL C 210 50.33 9.23 23.18
C VAL C 210 49.54 8.09 23.84
N LEU C 211 49.58 6.90 23.24
CA LEU C 211 48.80 5.76 23.74
C LEU C 211 49.75 4.66 24.19
N HIS C 212 49.27 3.80 25.09
CA HIS C 212 50.08 2.65 25.49
C HIS C 212 49.19 1.46 25.79
N ASP C 213 49.66 0.28 25.38
CA ASP C 213 48.94 -0.97 25.53
C ASP C 213 49.65 -1.84 26.57
N VAL C 214 49.00 -2.04 27.72
CA VAL C 214 49.54 -2.84 28.82
C VAL C 214 49.41 -4.35 28.53
N HIS C 215 48.47 -4.68 27.65
CA HIS C 215 48.35 -6.04 27.13
C HIS C 215 48.15 -7.13 28.19
N HIS C 216 47.27 -6.82 29.13
CA HIS C 216 46.62 -7.78 30.05
C HIS C 216 47.51 -8.26 31.20
N ARG C 217 48.70 -7.67 31.35
CA ARG C 217 49.71 -8.30 32.20
C ARG C 217 49.69 -7.94 33.68
N LEU C 218 48.88 -6.95 34.06
CA LEU C 218 48.89 -6.47 35.43
C LEU C 218 47.70 -6.93 36.24
N THR C 219 47.83 -6.85 37.56
CA THR C 219 46.67 -6.98 38.44
C THR C 219 46.09 -5.58 38.61
N PRO C 220 44.86 -5.48 39.12
CA PRO C 220 44.27 -4.14 39.24
C PRO C 220 45.09 -3.13 40.07
N ILE C 221 45.62 -3.52 41.23
CA ILE C 221 46.36 -2.53 42.03
C ILE C 221 47.68 -2.15 41.36
N GLU C 222 48.24 -3.05 40.56
CA GLU C 222 49.43 -2.74 39.79
C GLU C 222 49.10 -1.75 38.68
N ALA C 223 47.97 -1.95 38.02
CA ALA C 223 47.55 -1.03 36.98
C ALA C 223 47.20 0.34 37.59
N ALA C 224 46.66 0.33 38.81
CA ALA C 224 46.35 1.58 39.52
C ALA C 224 47.65 2.38 39.75
N ARG C 225 48.67 1.69 40.24
CA ARG C 225 49.99 2.25 40.41
C ARG C 225 50.53 2.81 39.09
N LEU C 226 50.42 2.04 38.01
CA LEU C 226 50.96 2.50 36.73
C LEU C 226 50.21 3.73 36.24
N GLY C 227 48.88 3.68 36.33
CA GLY C 227 48.03 4.79 35.93
C GLY C 227 48.45 6.07 36.62
N LYS C 228 48.62 6.00 37.94
CA LYS C 228 49.06 7.16 38.71
C LYS C 228 50.42 7.67 38.25
N ALA C 229 51.33 6.73 38.01
CA ALA C 229 52.70 7.08 37.69
C ALA C 229 52.79 7.80 36.35
N VAL C 230 51.83 7.55 35.47
CA VAL C 230 51.89 8.15 34.13
C VAL C 230 50.94 9.33 33.96
N GLU C 231 50.21 9.69 35.02
CA GLU C 231 49.38 10.90 34.96
C GLU C 231 50.11 12.16 34.44
N PRO C 232 51.36 12.40 34.87
CA PRO C 232 52.02 13.62 34.38
C PRO C 232 52.24 13.66 32.88
N TYR C 233 52.14 12.51 32.21
CA TYR C 233 52.42 12.46 30.77
C TYR C 233 51.16 12.47 29.93
N HIS C 234 50.00 12.51 30.60
CA HIS C 234 48.71 12.71 29.95
C HIS C 234 48.49 11.81 28.74
N LEU C 235 48.45 10.52 28.99
CA LEU C 235 48.24 9.56 27.91
C LEU C 235 46.83 9.66 27.34
N PHE C 236 46.71 9.42 26.05
CA PHE C 236 45.40 9.35 25.40
C PHE C 236 44.62 8.18 26.00
N TRP C 237 45.28 7.04 26.14
CA TRP C 237 44.72 5.94 26.92
C TRP C 237 45.79 4.98 27.39
N LEU C 238 45.45 4.25 28.45
CA LEU C 238 46.21 3.10 28.91
C LEU C 238 45.27 1.93 28.66
N GLU C 239 45.71 1.00 27.81
CA GLU C 239 44.83 -0.02 27.24
C GLU C 239 45.05 -1.41 27.83
N ASP C 240 43.95 -2.14 28.05
CA ASP C 240 43.98 -3.54 28.46
C ASP C 240 44.88 -3.77 29.68
N CYS C 241 44.65 -2.98 30.72
CA CYS C 241 45.49 -3.10 31.92
C CYS C 241 45.48 -4.47 32.57
N VAL C 242 44.30 -5.09 32.60
N VAL C 242 44.29 -5.08 32.63
CA VAL C 242 44.05 -6.30 33.35
CA VAL C 242 44.04 -6.29 33.42
C VAL C 242 43.05 -7.17 32.60
C VAL C 242 43.03 -7.15 32.67
N PRO C 243 43.14 -8.49 32.75
CA PRO C 243 42.11 -9.33 32.11
C PRO C 243 40.76 -9.00 32.72
N ALA C 244 39.73 -8.90 31.88
CA ALA C 244 38.48 -8.30 32.36
C ALA C 244 37.27 -9.19 32.15
N GLU C 245 37.46 -10.51 32.17
CA GLU C 245 36.30 -11.42 32.20
C GLU C 245 35.44 -11.09 33.41
N ASN C 246 36.13 -10.80 34.52
CA ASN C 246 35.49 -10.22 35.69
C ASN C 246 35.57 -8.71 35.51
N GLN C 247 34.46 -8.09 35.15
CA GLN C 247 34.48 -6.67 34.78
C GLN C 247 34.82 -5.79 35.97
N GLU C 248 34.58 -6.30 37.18
CA GLU C 248 34.92 -5.57 38.40
C GLU C 248 36.42 -5.34 38.53
N SER C 249 37.22 -6.06 37.73
CA SER C 249 38.67 -5.87 37.76
C SER C 249 39.10 -4.43 37.44
N LEU C 250 38.24 -3.67 36.77
CA LEU C 250 38.63 -2.30 36.42
C LEU C 250 38.41 -1.32 37.57
N ARG C 251 37.64 -1.73 38.58
CA ARG C 251 37.19 -0.77 39.60
C ARG C 251 38.32 -0.09 40.36
N LEU C 252 39.28 -0.87 40.85
CA LEU C 252 40.37 -0.29 41.64
C LEU C 252 41.20 0.64 40.80
N ILE C 253 41.32 0.33 39.51
CA ILE C 253 42.13 1.17 38.65
C ILE C 253 41.43 2.52 38.53
N ARG C 254 40.14 2.49 38.20
CA ARG C 254 39.39 3.73 38.01
C ARG C 254 39.35 4.59 39.29
N GLU C 255 39.29 3.94 40.44
CA GLU C 255 39.21 4.67 41.70
C GLU C 255 40.53 5.32 42.11
N HIS C 256 41.64 4.90 41.49
CA HIS C 256 42.97 5.39 41.89
C HIS C 256 43.70 6.28 40.87
N THR C 257 43.23 6.36 39.63
CA THR C 257 43.95 7.15 38.64
C THR C 257 43.00 7.91 37.74
N THR C 258 43.49 9.04 37.22
CA THR C 258 42.77 9.79 36.19
C THR C 258 43.35 9.61 34.78
N THR C 259 44.29 8.69 34.63
CA THR C 259 44.76 8.33 33.29
C THR C 259 43.60 7.63 32.55
N PRO C 260 43.26 8.08 31.33
CA PRO C 260 42.11 7.43 30.67
C PRO C 260 42.38 5.97 30.34
N LEU C 261 41.32 5.15 30.37
CA LEU C 261 41.46 3.70 30.22
C LEU C 261 40.72 3.20 28.98
N ALA C 262 41.32 2.24 28.28
CA ALA C 262 40.67 1.61 27.14
C ALA C 262 40.68 0.12 27.35
N ILE C 263 39.63 -0.55 26.89
CA ILE C 263 39.60 -2.01 26.96
C ILE C 263 38.68 -2.57 25.90
N GLY C 264 38.91 -3.82 25.53
CA GLY C 264 37.85 -4.54 24.84
C GLY C 264 38.13 -5.26 23.53
N GLU C 265 39.36 -5.22 23.05
CA GLU C 265 39.65 -5.92 21.79
C GLU C 265 39.37 -7.42 21.89
N VAL C 266 39.46 -7.99 23.10
CA VAL C 266 39.19 -9.42 23.22
C VAL C 266 37.72 -9.72 23.53
N PHE C 267 36.88 -8.70 23.55
CA PHE C 267 35.45 -8.92 23.80
C PHE C 267 34.69 -9.25 22.51
N ASN C 268 33.54 -9.90 22.66
CA ASN C 268 32.71 -10.21 21.51
C ASN C 268 31.23 -9.92 21.72
N SER C 269 30.87 -9.45 22.91
CA SER C 269 29.46 -9.20 23.23
C SER C 269 29.28 -7.94 24.05
N ILE C 270 28.12 -7.28 23.88
CA ILE C 270 27.80 -6.16 24.77
C ILE C 270 27.77 -6.62 26.23
N HIS C 271 27.54 -7.92 26.43
CA HIS C 271 27.51 -8.47 27.79
C HIS C 271 28.89 -8.63 28.43
N ASP C 272 29.93 -8.41 27.62
CA ASP C 272 31.30 -8.41 28.14
C ASP C 272 31.68 -7.06 28.71
N CYS C 273 30.89 -6.03 28.41
CA CYS C 273 31.29 -4.67 28.74
C CYS C 273 30.17 -3.77 29.25
N ARG C 274 28.95 -4.30 29.38
CA ARG C 274 27.83 -3.50 29.85
C ARG C 274 28.14 -2.80 31.17
N GLU C 275 28.66 -3.55 32.13
CA GLU C 275 28.93 -3.00 33.46
C GLU C 275 30.16 -2.07 33.44
N LEU C 276 31.18 -2.41 32.66
CA LEU C 276 32.33 -1.51 32.50
C LEU C 276 31.88 -0.13 32.07
N ILE C 277 30.92 -0.10 31.14
CA ILE C 277 30.42 1.15 30.60
C ILE C 277 29.49 1.86 31.59
N GLN C 278 28.51 1.13 32.12
CA GLN C 278 27.50 1.74 32.98
C GLN C 278 28.07 2.27 34.29
N ASN C 279 29.14 1.64 34.77
CA ASN C 279 29.79 2.09 35.99
C ASN C 279 30.85 3.16 35.74
N GLN C 280 31.04 3.53 34.49
CA GLN C 280 32.06 4.49 34.08
C GLN C 280 33.45 4.07 34.50
N TRP C 281 33.81 2.84 34.16
CA TRP C 281 35.12 2.31 34.51
C TRP C 281 36.13 2.42 33.36
N ILE C 282 35.65 2.82 32.18
CA ILE C 282 36.51 2.94 31.00
C ILE C 282 36.14 4.19 30.20
N ASP C 283 37.09 4.65 29.39
CA ASP C 283 36.87 5.80 28.52
C ASP C 283 36.71 5.44 27.05
N TYR C 284 37.28 4.31 26.65
CA TYR C 284 37.21 3.87 25.26
C TYR C 284 36.89 2.39 25.20
N ILE C 285 35.96 2.02 24.33
CA ILE C 285 35.66 0.62 24.10
C ILE C 285 36.29 0.19 22.78
N ARG C 286 37.01 -0.91 22.80
CA ARG C 286 37.89 -1.29 21.68
C ARG C 286 37.38 -2.44 20.84
N MET C 287 36.23 -3.00 21.19
CA MET C 287 35.73 -4.17 20.47
C MET C 287 35.42 -3.78 19.03
N PRO C 288 35.96 -4.54 18.04
CA PRO C 288 35.80 -4.17 16.64
C PRO C 288 34.66 -4.92 15.95
N LEU C 289 34.40 -4.54 14.70
CA LEU C 289 33.28 -5.10 13.99
C LEU C 289 33.38 -6.62 13.79
N THR C 290 34.55 -7.11 13.38
CA THR C 290 34.69 -8.54 13.04
C THR C 290 34.45 -9.46 14.22
N HIS C 291 34.86 -9.01 15.40
CA HIS C 291 34.79 -9.86 16.58
C HIS C 291 33.62 -9.54 17.47
N GLY C 292 33.01 -8.38 17.25
CA GLY C 292 31.90 -7.95 18.08
C GLY C 292 30.53 -8.04 17.46
N GLY C 293 30.34 -8.98 16.52
CA GLY C 293 29.01 -9.23 15.99
C GLY C 293 28.57 -8.26 14.91
N GLY C 294 29.54 -7.57 14.32
CA GLY C 294 29.25 -6.73 13.17
C GLY C 294 28.60 -5.39 13.47
N ILE C 295 28.09 -4.77 12.42
CA ILE C 295 27.52 -3.43 12.51
C ILE C 295 26.29 -3.40 13.41
N THR C 296 25.44 -4.39 13.24
CA THR C 296 24.19 -4.47 14.01
C THR C 296 24.47 -4.42 15.51
N ALA C 297 25.43 -5.21 15.96
CA ALA C 297 25.72 -5.30 17.40
C ALA C 297 26.53 -4.10 17.87
N MET C 298 27.47 -3.65 17.04
CA MET C 298 28.35 -2.57 17.49
C MET C 298 27.67 -1.20 17.53
N ARG C 299 26.63 -1.01 16.71
CA ARG C 299 25.82 0.20 16.85
C ARG C 299 25.26 0.28 18.28
N ARG C 300 24.76 -0.85 18.78
CA ARG C 300 24.19 -0.91 20.13
C ARG C 300 25.23 -0.67 21.22
N VAL C 301 26.43 -1.22 21.04
CA VAL C 301 27.51 -1.02 22.00
C VAL C 301 27.93 0.45 22.02
N ALA C 302 28.13 1.02 20.83
CA ALA C 302 28.54 2.42 20.74
C ALA C 302 27.48 3.32 21.34
N ASP C 303 26.21 2.98 21.13
CA ASP C 303 25.15 3.81 21.69
C ASP C 303 25.08 3.75 23.22
N LEU C 304 25.26 2.56 23.78
CA LEU C 304 25.32 2.43 25.24
C LEU C 304 26.50 3.23 25.78
N ALA C 305 27.64 3.10 25.12
CA ALA C 305 28.84 3.83 25.52
C ALA C 305 28.56 5.32 25.56
N SER C 306 27.82 5.81 24.56
CA SER C 306 27.57 7.24 24.44
C SER C 306 26.87 7.84 25.67
N LEU C 307 26.02 7.06 26.33
CA LEU C 307 25.31 7.56 27.51
C LEU C 307 26.25 7.91 28.66
N TYR C 308 27.44 7.34 28.62
CA TYR C 308 28.39 7.48 29.73
C TYR C 308 29.68 8.17 29.30
N HIS C 309 29.62 8.86 28.15
CA HIS C 309 30.77 9.60 27.62
C HIS C 309 31.90 8.71 27.14
N VAL C 310 31.64 7.41 27.01
CA VAL C 310 32.63 6.48 26.48
C VAL C 310 32.67 6.59 24.95
N ARG C 311 33.89 6.59 24.40
CA ARG C 311 34.10 6.75 22.96
C ARG C 311 34.60 5.45 22.30
N THR C 312 34.43 5.34 20.99
CA THR C 312 34.90 4.14 20.29
C THR C 312 36.39 4.22 19.97
N GLY C 313 37.06 3.09 20.10
CA GLY C 313 38.46 3.00 19.71
C GLY C 313 38.70 1.63 19.11
N PHE C 314 38.07 1.37 17.97
CA PHE C 314 38.12 0.04 17.36
C PHE C 314 39.53 -0.53 17.25
N HIS C 315 39.68 -1.75 17.74
CA HIS C 315 40.85 -2.56 17.44
C HIS C 315 41.03 -2.63 15.93
N GLY C 316 42.24 -2.31 15.45
CA GLY C 316 42.55 -2.26 14.03
C GLY C 316 43.90 -2.86 13.65
N PRO C 317 44.13 -4.12 14.02
CA PRO C 317 45.41 -4.78 13.73
C PRO C 317 45.41 -5.32 12.31
N THR C 318 46.55 -5.87 11.86
CA THR C 318 46.59 -6.44 10.52
C THR C 318 45.66 -7.65 10.41
N ASP C 319 45.34 -8.27 11.55
CA ASP C 319 44.54 -9.50 11.53
C ASP C 319 43.03 -9.27 11.42
N LEU C 320 42.62 -8.01 11.31
CA LEU C 320 41.30 -7.70 10.77
C LEU C 320 41.52 -7.27 9.32
N SER C 321 40.78 -7.86 8.39
CA SER C 321 41.03 -7.66 6.97
C SER C 321 40.58 -6.28 6.50
N PRO C 322 41.00 -5.88 5.29
CA PRO C 322 40.50 -4.61 4.73
C PRO C 322 38.97 -4.54 4.64
N VAL C 323 38.29 -5.69 4.61
CA VAL C 323 36.83 -5.67 4.64
C VAL C 323 36.34 -5.05 5.95
N CYS C 324 36.91 -5.51 7.07
CA CYS C 324 36.60 -4.92 8.37
C CYS C 324 37.01 -3.45 8.42
N LEU C 325 38.20 -3.14 7.91
CA LEU C 325 38.72 -1.78 7.98
C LEU C 325 37.81 -0.81 7.22
N GLY C 326 37.38 -1.20 6.03
CA GLY C 326 36.49 -0.35 5.26
C GLY C 326 35.16 -0.12 5.96
N ALA C 327 34.55 -1.20 6.46
CA ALA C 327 33.31 -1.08 7.20
C ALA C 327 33.50 -0.24 8.46
N ALA C 328 34.66 -0.41 9.12
CA ALA C 328 34.96 0.34 10.33
C ALA C 328 35.09 1.83 10.05
N ILE C 329 35.73 2.18 8.93
CA ILE C 329 35.87 3.59 8.57
C ILE C 329 34.49 4.20 8.29
N HIS C 330 33.62 3.46 7.62
CA HIS C 330 32.24 3.93 7.44
C HIS C 330 31.55 4.16 8.79
N PHE C 331 31.66 3.17 9.68
CA PHE C 331 31.05 3.27 11.01
C PHE C 331 31.63 4.47 11.75
N ASP C 332 32.96 4.61 11.69
CA ASP C 332 33.69 5.69 12.38
C ASP C 332 33.26 7.06 11.87
N THR C 333 32.86 7.11 10.60
CA THR C 333 32.48 8.36 9.96
C THR C 333 31.12 8.85 10.44
N TRP C 334 30.23 7.91 10.74
CA TRP C 334 28.89 8.23 11.24
C TRP C 334 28.81 8.40 12.77
N VAL C 335 29.50 7.52 13.52
CA VAL C 335 29.18 7.37 14.94
C VAL C 335 29.48 8.64 15.72
N PRO C 336 28.51 9.13 16.52
CA PRO C 336 28.76 10.40 17.19
C PRO C 336 29.96 10.32 18.12
N ASN C 337 30.00 9.26 18.93
CA ASN C 337 31.02 9.15 19.98
C ASN C 337 32.28 8.43 19.51
N PHE C 338 32.77 8.83 18.34
CA PHE C 338 34.04 8.32 17.84
C PHE C 338 35.20 8.81 18.70
N GLY C 339 36.16 7.92 18.95
CA GLY C 339 37.35 8.29 19.68
C GLY C 339 38.58 8.31 18.78
N ILE C 340 38.95 7.14 18.26
CA ILE C 340 40.13 7.02 17.40
C ILE C 340 40.06 5.70 16.65
N GLN C 341 40.80 5.62 15.55
CA GLN C 341 40.91 4.37 14.80
C GLN C 341 42.35 3.89 14.72
N GLU C 342 42.61 2.72 15.26
CA GLU C 342 43.94 2.12 15.15
C GLU C 342 44.29 1.86 13.68
N HIS C 343 45.52 2.16 13.30
CA HIS C 343 45.98 1.85 11.94
C HIS C 343 47.25 1.01 11.98
N MET C 344 47.12 -0.25 11.58
CA MET C 344 48.28 -1.09 11.30
C MET C 344 48.16 -1.43 9.83
N PRO C 345 48.96 -0.78 8.97
CA PRO C 345 48.86 -0.98 7.53
C PRO C 345 48.98 -2.43 7.09
N HIS C 346 48.09 -2.85 6.20
CA HIS C 346 48.19 -4.18 5.60
C HIS C 346 49.33 -4.25 4.58
N THR C 347 49.76 -5.46 4.27
CA THR C 347 50.78 -5.63 3.24
C THR C 347 50.21 -5.26 1.88
N ASP C 348 51.07 -4.98 0.91
CA ASP C 348 50.61 -4.68 -0.44
C ASP C 348 49.80 -5.83 -1.04
N GLU C 349 50.25 -7.06 -0.79
CA GLU C 349 49.55 -8.24 -1.30
C GLU C 349 48.13 -8.35 -0.71
N THR C 350 48.00 -7.98 0.56
CA THR C 350 46.68 -7.97 1.19
C THR C 350 45.78 -6.91 0.54
N ASP C 351 46.32 -5.72 0.32
CA ASP C 351 45.54 -4.64 -0.30
C ASP C 351 45.09 -5.01 -1.71
N ALA C 352 45.94 -5.75 -2.44
CA ALA C 352 45.60 -6.20 -3.79
C ALA C 352 44.47 -7.23 -3.78
N VAL C 353 44.50 -8.13 -2.79
CA VAL C 353 43.47 -9.15 -2.66
C VAL C 353 42.11 -8.53 -2.31
N PHE C 354 42.15 -7.41 -1.58
CA PHE C 354 40.92 -6.74 -1.14
C PHE C 354 40.84 -5.30 -1.64
N PRO C 355 40.56 -5.09 -2.93
CA PRO C 355 40.46 -3.72 -3.46
C PRO C 355 39.41 -2.91 -2.71
N HIS C 356 39.69 -1.63 -2.49
CA HIS C 356 38.87 -0.83 -1.60
C HIS C 356 38.96 0.65 -1.91
N ASP C 357 37.98 1.42 -1.46
CA ASP C 357 37.99 2.84 -1.78
C ASP C 357 38.20 3.78 -0.58
N TYR C 358 38.44 3.23 0.60
CA TYR C 358 38.87 4.08 1.70
C TYR C 358 40.28 4.57 1.41
N ARG C 359 40.60 5.76 1.90
CA ARG C 359 41.91 6.36 1.68
C ARG C 359 42.51 6.84 2.99
N PHE C 360 43.84 6.84 3.04
CA PHE C 360 44.55 7.39 4.17
C PHE C 360 45.25 8.68 3.70
N GLU C 361 44.91 9.81 4.32
CA GLU C 361 45.40 11.12 3.92
C GLU C 361 45.73 11.92 5.17
N ASP C 362 46.97 12.41 5.28
CA ASP C 362 47.34 13.30 6.38
C ASP C 362 46.94 12.74 7.77
N GLY C 363 47.32 11.49 8.02
CA GLY C 363 47.10 10.87 9.32
C GLY C 363 45.68 10.43 9.61
N HIS C 364 44.79 10.56 8.63
CA HIS C 364 43.37 10.25 8.85
C HIS C 364 42.85 9.32 7.77
N PHE C 365 41.80 8.55 8.08
CA PHE C 365 41.08 7.81 7.05
C PHE C 365 39.94 8.66 6.49
N LEU C 366 39.67 8.49 5.20
CA LEU C 366 38.50 9.05 4.54
C LEU C 366 37.64 7.90 4.06
N ALA C 367 36.35 7.92 4.41
CA ALA C 367 35.43 6.89 3.94
C ALA C 367 35.29 6.89 2.43
N GLY C 368 35.03 5.71 1.88
CA GLY C 368 34.75 5.60 0.46
C GLY C 368 33.37 6.14 0.15
N GLU C 369 33.13 6.41 -1.14
CA GLU C 369 31.83 6.89 -1.62
C GLU C 369 31.09 5.87 -2.47
N SER C 370 31.73 4.75 -2.78
CA SER C 370 31.03 3.73 -3.57
C SER C 370 29.98 3.03 -2.73
N PRO C 371 28.89 2.59 -3.36
CA PRO C 371 27.87 1.88 -2.59
C PRO C 371 28.42 0.59 -1.95
N GLY C 372 27.92 0.28 -0.76
CA GLY C 372 28.44 -0.83 0.03
C GLY C 372 29.39 -0.29 1.07
N HIS C 373 30.18 -1.17 1.69
CA HIS C 373 31.30 -0.70 2.50
C HIS C 373 32.53 -0.35 1.66
N GLY C 374 32.46 -0.59 0.35
CA GLY C 374 33.50 -0.18 -0.57
C GLY C 374 34.66 -1.13 -0.73
N VAL C 375 34.56 -2.31 -0.11
CA VAL C 375 35.61 -3.31 -0.24
C VAL C 375 35.12 -4.52 -1.05
N ASP C 376 36.00 -5.06 -1.87
CA ASP C 376 35.72 -6.26 -2.63
C ASP C 376 36.79 -7.29 -2.34
N ILE C 377 36.58 -8.52 -2.82
CA ILE C 377 37.66 -9.51 -2.80
C ILE C 377 37.91 -10.05 -4.20
N ASP C 378 39.19 -10.09 -4.57
CA ASP C 378 39.60 -10.66 -5.84
C ASP C 378 39.84 -12.15 -5.60
N GLU C 379 38.86 -12.98 -5.95
CA GLU C 379 38.91 -14.40 -5.62
C GLU C 379 40.05 -15.13 -6.34
N GLU C 380 40.30 -14.76 -7.59
CA GLU C 380 41.38 -15.38 -8.36
C GLU C 380 42.74 -15.11 -7.72
N LEU C 381 42.96 -13.87 -7.29
CA LEU C 381 44.20 -13.50 -6.64
C LEU C 381 44.30 -14.15 -5.26
N ALA C 382 43.18 -14.18 -4.53
CA ALA C 382 43.17 -14.80 -3.20
C ALA C 382 43.59 -16.26 -3.27
N ALA C 383 43.23 -16.94 -4.36
CA ALA C 383 43.54 -18.36 -4.52
C ALA C 383 45.04 -18.63 -4.70
N LYS C 384 45.82 -17.57 -4.90
CA LYS C 384 47.26 -17.73 -5.05
C LYS C 384 48.01 -17.81 -3.71
N TYR C 385 47.31 -17.53 -2.61
CA TYR C 385 47.93 -17.50 -1.30
C TYR C 385 47.26 -18.49 -0.35
N PRO C 386 47.84 -19.69 -0.22
CA PRO C 386 47.19 -20.72 0.60
C PRO C 386 47.37 -20.49 2.11
N TYR C 387 46.37 -20.92 2.86
CA TYR C 387 46.39 -20.85 4.33
C TYR C 387 47.69 -21.43 4.88
N GLU C 388 48.25 -20.76 5.88
CA GLU C 388 49.42 -21.26 6.59
C GLU C 388 49.22 -21.00 8.07
N ARG C 389 49.20 -22.06 8.87
CA ARG C 389 48.91 -21.90 10.30
C ARG C 389 49.89 -20.94 10.97
N ALA C 390 49.35 -20.03 11.77
CA ALA C 390 50.17 -19.15 12.60
C ALA C 390 49.40 -18.86 13.89
N SER C 391 50.04 -19.13 15.03
CA SER C 391 49.43 -18.96 16.34
C SER C 391 49.98 -17.73 17.06
N LEU C 392 49.15 -17.15 17.94
CA LEU C 392 49.61 -16.07 18.82
C LEU C 392 50.52 -16.64 19.91
N PRO C 393 51.43 -15.80 20.42
CA PRO C 393 52.35 -16.28 21.46
C PRO C 393 51.64 -16.54 22.77
N VAL C 394 52.32 -17.27 23.66
CA VAL C 394 51.94 -17.28 25.07
C VAL C 394 53.03 -16.61 25.90
N ASN C 395 52.69 -16.26 27.12
CA ASN C 395 53.57 -15.50 27.98
C ASN C 395 53.68 -16.25 29.29
N ARG C 396 54.90 -16.46 29.78
CA ARG C 396 55.10 -17.10 31.08
C ARG C 396 55.88 -16.19 32.00
N LEU C 397 55.58 -16.25 33.29
CA LEU C 397 56.40 -15.53 34.26
C LEU C 397 57.76 -16.19 34.38
N GLU C 398 58.64 -15.56 35.15
CA GLU C 398 60.00 -16.05 35.24
C GLU C 398 60.10 -17.45 35.88
N ASP C 399 59.11 -17.81 36.70
CA ASP C 399 59.11 -19.15 37.30
C ASP C 399 58.42 -20.21 36.43
N GLY C 400 57.91 -19.77 35.27
CA GLY C 400 57.27 -20.68 34.35
C GLY C 400 55.75 -20.62 34.37
N THR C 401 55.18 -19.79 35.24
CA THR C 401 53.72 -19.66 35.35
C THR C 401 53.12 -19.21 34.04
N LEU C 402 52.13 -19.94 33.53
CA LEU C 402 51.44 -19.51 32.32
C LEU C 402 50.63 -18.26 32.63
N TRP C 403 51.00 -17.16 31.98
CA TRP C 403 50.45 -15.83 32.29
C TRP C 403 49.63 -15.31 31.12
N HIS C 404 49.35 -14.02 31.12
CA HIS C 404 48.57 -13.37 30.07
C HIS C 404 49.51 -12.75 29.05
N TRP C 405 49.30 -13.10 27.78
CA TRP C 405 50.09 -12.45 26.73
C TRP C 405 49.40 -11.17 26.26
N SER D 2 58.94 -37.33 32.51
CA SER D 2 57.48 -37.29 32.48
C SER D 2 56.96 -37.70 31.12
N LEU D 3 55.83 -38.39 31.09
CA LEU D 3 55.28 -38.86 29.82
C LEU D 3 54.72 -37.72 28.98
N LYS D 4 55.22 -37.61 27.76
CA LYS D 4 54.78 -36.57 26.84
C LYS D 4 53.64 -37.07 25.94
N ILE D 5 52.83 -36.14 25.48
CA ILE D 5 51.80 -36.44 24.49
C ILE D 5 52.43 -36.75 23.12
N ARG D 6 52.07 -37.90 22.57
CA ARG D 6 52.56 -38.30 21.25
C ARG D 6 51.62 -37.82 20.15
N ASP D 7 50.32 -37.86 20.41
CA ASP D 7 49.33 -37.50 19.40
C ASP D 7 48.01 -37.20 20.07
N ALA D 8 47.15 -36.48 19.36
CA ALA D 8 45.80 -36.23 19.83
C ALA D 8 44.94 -36.02 18.61
N TYR D 9 43.71 -36.53 18.64
CA TYR D 9 42.85 -36.35 17.49
C TYR D 9 41.38 -36.46 17.82
N THR D 10 40.54 -35.94 16.92
CA THR D 10 39.10 -36.03 17.10
C THR D 10 38.51 -37.21 16.36
N ILE D 11 37.41 -37.72 16.91
CA ILE D 11 36.60 -38.74 16.26
C ILE D 11 35.19 -38.20 16.19
N VAL D 12 34.62 -38.20 15.00
CA VAL D 12 33.26 -37.69 14.82
C VAL D 12 32.40 -38.87 14.38
N THR D 13 31.32 -39.14 15.12
CA THR D 13 30.49 -40.30 14.85
C THR D 13 29.02 -39.97 15.12
N CYS D 14 28.12 -40.66 14.41
CA CYS D 14 26.69 -40.40 14.55
C CYS D 14 25.87 -41.67 14.82
N PRO D 15 26.05 -42.28 16.01
CA PRO D 15 25.29 -43.49 16.32
C PRO D 15 23.92 -43.13 16.88
N GLY D 16 23.11 -42.45 16.08
CA GLY D 16 21.81 -41.98 16.54
C GLY D 16 21.75 -40.46 16.60
N ARG D 17 22.92 -39.84 16.80
CA ARG D 17 23.09 -38.39 16.76
C ARG D 17 24.58 -38.12 16.80
N ASN D 18 24.99 -36.89 16.51
CA ASN D 18 26.41 -36.56 16.40
C ASN D 18 27.14 -36.47 17.74
N PHE D 19 28.33 -37.05 17.80
CA PHE D 19 29.24 -36.86 18.92
C PHE D 19 30.63 -36.59 18.42
N VAL D 20 31.34 -35.73 19.12
CA VAL D 20 32.75 -35.49 18.83
C VAL D 20 33.54 -35.85 20.08
N THR D 21 34.62 -36.62 19.91
CA THR D 21 35.41 -37.07 21.03
C THR D 21 36.87 -36.75 20.75
N LEU D 22 37.60 -36.31 21.76
CA LEU D 22 39.04 -36.12 21.62
C LEU D 22 39.79 -37.27 22.28
N LYS D 23 40.74 -37.85 21.57
CA LYS D 23 41.60 -38.87 22.16
C LYS D 23 43.02 -38.33 22.27
N ILE D 24 43.65 -38.52 23.44
CA ILE D 24 45.04 -38.13 23.63
C ILE D 24 45.85 -39.38 23.93
N VAL D 25 46.94 -39.57 23.19
CA VAL D 25 47.81 -40.73 23.38
C VAL D 25 49.18 -40.24 23.82
N THR D 26 49.75 -40.87 24.83
CA THR D 26 51.08 -40.50 25.30
C THR D 26 52.14 -41.32 24.58
N GLU D 27 53.41 -40.98 24.80
CA GLU D 27 54.52 -41.68 24.16
C GLU D 27 54.68 -43.14 24.61
N SER D 28 53.98 -43.53 25.67
CA SER D 28 54.01 -44.93 26.10
C SER D 28 52.81 -45.70 25.54
N GLY D 29 51.92 -45.01 24.85
CA GLY D 29 50.74 -45.68 24.33
C GLY D 29 49.51 -45.55 25.21
N THR D 30 49.68 -45.06 26.43
CA THR D 30 48.52 -44.81 27.30
C THR D 30 47.65 -43.72 26.69
N HIS D 31 46.35 -43.77 26.98
CA HIS D 31 45.43 -42.85 26.34
C HIS D 31 44.23 -42.49 27.21
N GLY D 32 43.59 -41.39 26.84
CA GLY D 32 42.40 -40.95 27.53
C GLY D 32 41.53 -40.19 26.55
N ILE D 33 40.25 -40.09 26.85
CA ILE D 33 39.31 -39.41 25.96
C ILE D 33 38.48 -38.37 26.69
N GLY D 34 38.00 -37.39 25.93
CA GLY D 34 37.18 -36.33 26.48
C GLY D 34 36.07 -35.99 25.49
N ASP D 35 34.90 -35.63 25.99
CA ASP D 35 33.78 -35.25 25.13
C ASP D 35 34.01 -33.84 24.56
N ALA D 36 33.72 -33.68 23.28
CA ALA D 36 33.87 -32.38 22.61
C ALA D 36 32.61 -31.99 21.84
N THR D 37 31.47 -32.58 22.19
CA THR D 37 30.25 -32.41 21.42
C THR D 37 29.55 -31.10 21.73
N LEU D 38 29.33 -30.29 20.70
CA LEU D 38 28.56 -29.05 20.84
C LEU D 38 27.40 -29.12 19.86
N ASN D 39 26.23 -29.47 20.37
CA ASN D 39 25.06 -29.77 19.53
C ASN D 39 24.74 -28.67 18.53
N GLY D 40 24.69 -29.03 17.26
CA GLY D 40 24.32 -28.09 16.20
C GLY D 40 25.45 -27.21 15.70
N ARG D 41 26.62 -27.30 16.35
CA ARG D 41 27.80 -26.57 15.91
C ARG D 41 29.04 -27.48 16.01
N GLU D 42 28.82 -28.78 15.80
CA GLU D 42 29.84 -29.79 16.11
C GLU D 42 31.16 -29.60 15.40
N MET D 43 31.11 -29.20 14.13
CA MET D 43 32.32 -29.15 13.31
C MET D 43 33.18 -27.95 13.65
N ALA D 44 32.58 -26.93 14.28
CA ALA D 44 33.35 -25.77 14.72
C ALA D 44 34.34 -26.19 15.81
N VAL D 45 33.87 -27.01 16.74
CA VAL D 45 34.75 -27.55 17.78
C VAL D 45 35.78 -28.52 17.20
N ALA D 46 35.34 -29.39 16.28
CA ALA D 46 36.25 -30.33 15.64
C ALA D 46 37.41 -29.57 14.99
N ALA D 47 37.09 -28.49 14.30
CA ALA D 47 38.14 -27.69 13.64
C ALA D 47 39.02 -26.95 14.65
N TYR D 48 38.40 -26.40 15.69
CA TYR D 48 39.14 -25.71 16.73
C TYR D 48 40.21 -26.66 17.30
N LEU D 49 39.79 -27.88 17.62
CA LEU D 49 40.72 -28.89 18.11
C LEU D 49 41.73 -29.34 17.04
N ASP D 50 41.23 -29.81 15.89
CA ASP D 50 42.07 -30.36 14.83
C ASP D 50 43.18 -29.42 14.37
N GLU D 51 42.82 -28.16 14.13
CA GLU D 51 43.71 -27.25 13.42
C GLU D 51 44.52 -26.33 14.32
N HIS D 52 44.09 -26.17 15.57
CA HIS D 52 44.69 -25.16 16.41
C HIS D 52 45.17 -25.70 17.75
N VAL D 53 44.38 -26.54 18.39
CA VAL D 53 44.75 -27.02 19.72
C VAL D 53 45.68 -28.23 19.66
N VAL D 54 45.26 -29.24 18.92
CA VAL D 54 46.03 -30.47 18.81
C VAL D 54 47.52 -30.28 18.45
N PRO D 55 47.84 -29.43 17.44
CA PRO D 55 49.26 -29.25 17.14
C PRO D 55 50.08 -28.73 18.32
N ALA D 56 49.44 -27.93 19.19
CA ALA D 56 50.13 -27.38 20.35
C ALA D 56 50.23 -28.40 21.50
N LEU D 57 49.43 -29.45 21.46
CA LEU D 57 49.50 -30.45 22.50
C LEU D 57 50.68 -31.40 22.34
N ILE D 58 51.13 -31.60 21.10
CA ILE D 58 52.17 -32.59 20.84
C ILE D 58 53.43 -32.25 21.64
N GLY D 59 53.97 -33.23 22.36
CA GLY D 59 55.20 -33.01 23.09
C GLY D 59 55.03 -32.43 24.48
N ARG D 60 53.81 -32.00 24.82
CA ARG D 60 53.56 -31.47 26.16
C ARG D 60 53.51 -32.61 27.17
N ASP D 61 53.87 -32.29 28.42
CA ASP D 61 53.77 -33.23 29.51
C ASP D 61 52.29 -33.51 29.78
N ALA D 62 51.89 -34.78 29.63
CA ALA D 62 50.47 -35.13 29.80
C ALA D 62 49.97 -34.87 31.21
N GLY D 63 50.87 -34.92 32.19
CA GLY D 63 50.48 -34.77 33.59
C GLY D 63 50.20 -33.35 34.00
N ARG D 64 50.57 -32.40 33.14
N ARG D 64 50.59 -32.38 33.16
CA ARG D 64 50.41 -30.99 33.48
CA ARG D 64 50.41 -30.98 33.51
C ARG D 64 48.99 -30.49 33.12
C ARG D 64 49.01 -30.48 33.14
N ILE D 65 48.01 -30.99 33.86
CA ILE D 65 46.62 -30.66 33.56
C ILE D 65 46.32 -29.18 33.74
N GLU D 66 46.70 -28.62 34.89
CA GLU D 66 46.43 -27.21 35.15
C GLU D 66 47.13 -26.31 34.13
N ASP D 67 48.41 -26.59 33.89
CA ASP D 67 49.18 -25.77 32.96
C ASP D 67 48.58 -25.82 31.56
N THR D 68 48.15 -27.02 31.13
CA THR D 68 47.51 -27.15 29.83
C THR D 68 46.21 -26.36 29.74
N TRP D 69 45.41 -26.42 30.81
CA TRP D 69 44.15 -25.68 30.86
C TRP D 69 44.40 -24.19 30.70
N GLN D 70 45.34 -23.66 31.48
CA GLN D 70 45.65 -22.23 31.42
C GLN D 70 46.28 -21.85 30.07
N TYR D 71 47.15 -22.70 29.56
CA TYR D 71 47.77 -22.52 28.25
C TYR D 71 46.72 -22.35 27.15
N LEU D 72 45.68 -23.20 27.16
CA LEU D 72 44.65 -23.11 26.15
C LEU D 72 43.65 -21.99 26.40
N TYR D 73 43.30 -21.77 27.67
CA TYR D 73 42.34 -20.74 28.02
C TYR D 73 42.90 -19.33 27.83
N ARG D 74 44.05 -19.07 28.43
CA ARG D 74 44.70 -17.78 28.26
C ARG D 74 45.35 -17.65 26.87
N GLY D 75 46.00 -18.73 26.43
CA GLY D 75 46.78 -18.68 25.21
C GLY D 75 45.96 -18.46 23.96
N ALA D 76 44.67 -18.82 24.00
CA ALA D 76 43.81 -18.61 22.85
C ALA D 76 43.66 -17.12 22.55
N TYR D 77 43.92 -16.30 23.56
CA TYR D 77 43.81 -14.84 23.49
C TYR D 77 42.35 -14.38 23.53
N TRP D 78 41.55 -14.91 22.61
CA TRP D 78 40.10 -14.75 22.60
C TRP D 78 39.54 -15.77 23.61
N ARG D 79 39.05 -15.27 24.75
CA ARG D 79 38.71 -16.11 25.89
C ARG D 79 37.22 -16.41 25.99
N ARG D 80 36.93 -17.57 26.58
CA ARG D 80 35.55 -18.04 26.83
C ARG D 80 34.84 -18.40 25.53
N GLY D 81 33.58 -18.78 25.64
CA GLY D 81 32.74 -19.07 24.48
C GLY D 81 32.46 -20.56 24.32
N PRO D 82 31.35 -20.91 23.67
CA PRO D 82 30.99 -22.31 23.56
C PRO D 82 31.97 -23.17 22.77
N VAL D 83 32.49 -22.67 21.65
CA VAL D 83 33.41 -23.49 20.86
C VAL D 83 34.74 -23.61 21.62
N THR D 84 35.23 -22.46 22.09
CA THR D 84 36.46 -22.40 22.88
C THR D 84 36.46 -23.32 24.09
N MET D 85 35.44 -23.19 24.93
CA MET D 85 35.45 -23.92 26.20
C MET D 85 35.12 -25.41 26.06
N THR D 86 34.39 -25.77 25.01
CA THR D 86 34.19 -27.19 24.70
C THR D 86 35.50 -27.84 24.26
N ALA D 87 36.27 -27.15 23.41
CA ALA D 87 37.58 -27.66 23.03
C ALA D 87 38.47 -27.89 24.25
N ILE D 88 38.54 -26.87 25.11
CA ILE D 88 39.32 -26.95 26.34
C ILE D 88 38.83 -28.06 27.27
N ALA D 89 37.51 -28.22 27.38
CA ALA D 89 36.93 -29.29 28.20
C ALA D 89 37.31 -30.69 27.72
N ALA D 90 37.34 -30.85 26.40
CA ALA D 90 37.68 -32.14 25.81
C ALA D 90 39.12 -32.53 26.15
N VAL D 91 40.04 -31.58 26.01
CA VAL D 91 41.41 -31.81 26.43
C VAL D 91 41.46 -32.14 27.92
N ASP D 92 40.80 -31.32 28.73
CA ASP D 92 40.84 -31.49 30.18
C ASP D 92 40.34 -32.87 30.64
N MET D 93 39.21 -33.30 30.08
CA MET D 93 38.63 -34.58 30.44
CA MET D 93 38.62 -34.59 30.44
C MET D 93 39.56 -35.72 30.04
N ALA D 94 40.16 -35.63 28.85
CA ALA D 94 41.08 -36.65 28.38
C ALA D 94 42.33 -36.72 29.29
N LEU D 95 42.81 -35.56 29.72
CA LEU D 95 43.97 -35.53 30.59
C LEU D 95 43.66 -36.08 31.98
N TRP D 96 42.49 -35.75 32.52
CA TRP D 96 42.05 -36.34 33.80
C TRP D 96 41.88 -37.86 33.70
N ASP D 97 41.37 -38.32 32.56
CA ASP D 97 41.24 -39.76 32.29
C ASP D 97 42.62 -40.42 32.36
N ILE D 98 43.60 -39.81 31.68
CA ILE D 98 44.97 -40.30 31.71
C ILE D 98 45.59 -40.28 33.11
N LYS D 99 45.38 -39.19 33.85
CA LYS D 99 45.94 -39.07 35.19
C LYS D 99 45.35 -40.11 36.14
N ALA D 100 44.04 -40.29 36.07
CA ALA D 100 43.37 -41.27 36.91
C ALA D 100 43.86 -42.68 36.57
N LYS D 101 44.01 -42.98 35.28
CA LYS D 101 44.58 -44.27 34.90
C LYS D 101 46.00 -44.46 35.44
N ALA D 102 46.81 -43.41 35.40
CA ALA D 102 48.19 -43.48 35.87
C ALA D 102 48.24 -43.72 37.38
N ALA D 103 47.26 -43.16 38.08
CA ALA D 103 47.11 -43.31 39.52
C ALA D 103 46.49 -44.66 39.89
N GLY D 104 45.97 -45.39 38.91
CA GLY D 104 45.29 -46.65 39.17
C GLY D 104 44.00 -46.48 39.96
N MET D 105 43.34 -45.34 39.79
CA MET D 105 42.11 -45.01 40.53
C MET D 105 40.98 -44.58 39.60
N PRO D 106 39.74 -44.94 39.97
CA PRO D 106 38.58 -44.32 39.32
C PRO D 106 38.61 -42.83 39.62
N LEU D 107 38.10 -42.02 38.70
CA LEU D 107 38.24 -40.57 38.77
C LEU D 107 37.76 -39.97 40.10
N TYR D 108 36.65 -40.48 40.64
CA TYR D 108 36.14 -39.88 41.88
C TYR D 108 37.15 -39.93 43.02
N GLN D 109 38.00 -40.94 43.03
CA GLN D 109 39.04 -41.05 44.06
C GLN D 109 40.09 -39.97 43.97
N LEU D 110 40.46 -39.60 42.75
CA LEU D 110 41.43 -38.53 42.51
C LEU D 110 40.91 -37.17 42.99
N LEU D 111 39.61 -36.98 42.86
CA LEU D 111 38.97 -35.72 43.19
C LEU D 111 38.83 -35.51 44.69
N GLY D 112 38.93 -36.60 45.46
CA GLY D 112 38.80 -36.48 46.90
C GLY D 112 37.95 -37.58 47.51
N GLY D 113 37.55 -38.54 46.68
CA GLY D 113 36.83 -39.71 47.17
C GLY D 113 35.33 -39.51 47.22
N LYS D 114 34.62 -40.58 47.58
CA LYS D 114 33.16 -40.59 47.61
C LYS D 114 32.55 -39.69 48.68
N SER D 115 31.59 -38.87 48.28
CA SER D 115 30.76 -38.13 49.25
C SER D 115 29.37 -38.74 49.39
N ARG D 116 29.04 -39.67 48.50
CA ARG D 116 27.72 -40.32 48.49
C ARG D 116 27.80 -41.68 47.83
N GLU D 117 26.80 -42.50 48.10
CA GLU D 117 26.78 -43.91 47.69
C GLU D 117 26.12 -44.14 46.33
N ARG D 118 25.40 -43.13 45.86
CA ARG D 118 24.60 -43.26 44.65
C ARG D 118 24.27 -41.86 44.20
N VAL D 119 23.92 -41.73 42.92
CA VAL D 119 23.73 -40.42 42.33
C VAL D 119 22.29 -40.32 41.82
N MET D 120 21.48 -39.48 42.46
CA MET D 120 20.06 -39.39 42.09
C MET D 120 19.91 -38.74 40.73
N THR D 121 19.02 -39.30 39.90
CA THR D 121 18.76 -38.76 38.58
C THR D 121 17.34 -38.24 38.45
N TYR D 122 17.07 -37.51 37.38
CA TYR D 122 15.68 -37.29 36.96
C TYR D 122 15.51 -37.67 35.51
N ALA D 123 14.28 -38.02 35.14
CA ALA D 123 13.96 -38.40 33.77
C ALA D 123 13.01 -37.38 33.14
N HIS D 124 12.96 -37.36 31.80
CA HIS D 124 12.04 -36.48 31.09
C HIS D 124 10.69 -37.15 30.87
N CYS D 125 9.62 -36.47 31.27
CA CYS D 125 8.26 -36.91 30.99
C CYS D 125 7.55 -35.84 30.17
N THR D 126 7.15 -36.19 28.95
CA THR D 126 6.55 -35.23 28.04
C THR D 126 5.30 -35.84 27.40
N GLY D 127 4.34 -34.99 27.02
CA GLY D 127 3.15 -35.43 26.32
C GLY D 127 2.43 -34.26 25.69
N GLN D 128 1.57 -34.53 24.71
CA GLN D 128 0.87 -33.45 24.03
C GLN D 128 -0.09 -32.77 24.99
N THR D 129 -0.92 -33.58 25.65
CA THR D 129 -1.84 -33.06 26.66
C THR D 129 -1.30 -33.35 28.04
N ILE D 130 -1.90 -32.71 29.04
CA ILE D 130 -1.54 -32.98 30.43
C ILE D 130 -1.67 -34.46 30.73
N GLU D 131 -2.78 -35.06 30.27
CA GLU D 131 -3.01 -36.47 30.50
C GLU D 131 -1.88 -37.34 29.91
N ASP D 132 -1.43 -36.98 28.72
CA ASP D 132 -0.33 -37.71 28.07
C ASP D 132 0.92 -37.66 28.94
N CYS D 133 1.21 -36.48 29.46
CA CYS D 133 2.37 -36.32 30.33
C CYS D 133 2.27 -37.18 31.58
N LEU D 134 1.09 -37.23 32.18
CA LEU D 134 0.91 -38.01 33.41
C LEU D 134 1.19 -39.49 33.18
N GLY D 135 0.80 -40.00 32.01
CA GLY D 135 1.09 -41.38 31.66
C GLY D 135 2.58 -41.64 31.64
N GLU D 136 3.34 -40.65 31.17
CA GLU D 136 4.81 -40.77 31.14
C GLU D 136 5.43 -40.70 32.54
N VAL D 137 4.87 -39.89 33.42
CA VAL D 137 5.32 -39.86 34.81
C VAL D 137 5.13 -41.25 35.43
N ALA D 138 3.95 -41.83 35.21
CA ALA D 138 3.66 -43.16 35.73
C ALA D 138 4.71 -44.15 35.27
N ARG D 139 5.04 -44.09 33.98
CA ARG D 139 5.96 -45.04 33.39
C ARG D 139 7.36 -44.92 33.97
N HIS D 140 7.79 -43.70 34.24
CA HIS D 140 9.13 -43.49 34.76
C HIS D 140 9.23 -43.76 36.26
N VAL D 141 8.15 -43.50 36.99
CA VAL D 141 8.07 -43.89 38.39
C VAL D 141 8.23 -45.41 38.51
N GLU D 142 7.66 -46.14 37.57
CA GLU D 142 7.79 -47.60 37.54
C GLU D 142 9.23 -48.05 37.30
N LEU D 143 9.98 -47.24 36.55
CA LEU D 143 11.38 -47.53 36.26
C LEU D 143 12.26 -47.22 37.47
N GLY D 144 11.68 -46.56 38.47
CA GLY D 144 12.38 -46.27 39.70
C GLY D 144 12.91 -44.86 39.84
N TYR D 145 12.56 -43.98 38.90
CA TYR D 145 12.93 -42.58 39.03
C TYR D 145 12.20 -41.92 40.20
N ARG D 146 12.95 -41.22 41.04
CA ARG D 146 12.42 -40.49 42.19
C ARG D 146 12.14 -39.04 41.84
N ALA D 147 12.53 -38.64 40.63
CA ALA D 147 12.41 -37.26 40.17
C ALA D 147 12.10 -37.25 38.68
N VAL D 148 11.19 -36.37 38.28
CA VAL D 148 10.77 -36.30 36.88
C VAL D 148 10.68 -34.85 36.43
N ARG D 149 11.11 -34.59 35.19
CA ARG D 149 10.90 -33.29 34.59
C ARG D 149 9.66 -33.36 33.70
N VAL D 150 8.67 -32.51 33.97
CA VAL D 150 7.40 -32.60 33.25
C VAL D 150 7.17 -31.46 32.26
N GLN D 151 6.71 -31.82 31.07
CA GLN D 151 6.42 -30.83 30.03
C GLN D 151 5.19 -31.30 29.27
N SER D 152 4.31 -30.38 28.90
CA SER D 152 3.16 -30.76 28.08
C SER D 152 2.90 -29.68 27.03
N GLY D 153 2.10 -30.02 26.02
CA GLY D 153 1.78 -29.05 24.99
C GLY D 153 0.91 -27.93 25.53
N VAL D 154 0.97 -26.79 24.87
CA VAL D 154 0.12 -25.66 25.23
C VAL D 154 -1.04 -25.64 24.24
N PRO D 155 -2.29 -25.68 24.74
CA PRO D 155 -3.43 -25.63 23.81
C PRO D 155 -3.45 -24.32 23.03
N GLY D 156 -3.72 -24.41 21.73
CA GLY D 156 -3.74 -23.22 20.89
C GLY D 156 -2.39 -22.94 20.27
N ILE D 157 -1.41 -23.80 20.56
CA ILE D 157 -0.06 -23.64 20.03
C ILE D 157 0.51 -24.95 19.50
N GLU D 158 1.00 -24.90 18.26
CA GLU D 158 1.49 -26.09 17.56
C GLU D 158 2.63 -26.83 18.26
N THR D 159 3.70 -26.10 18.60
CA THR D 159 4.90 -26.73 19.18
C THR D 159 5.35 -26.07 20.49
N THR D 160 5.73 -26.90 21.45
CA THR D 160 6.33 -26.43 22.70
C THR D 160 7.60 -27.23 22.99
N TYR D 161 8.47 -26.67 23.83
CA TYR D 161 9.71 -27.38 24.18
C TYR D 161 9.45 -28.68 24.94
N GLY D 162 10.24 -29.70 24.61
CA GLY D 162 10.24 -30.92 25.39
C GLY D 162 9.45 -32.04 24.73
N GLU D 172 14.64 -35.92 20.60
CA GLU D 172 15.86 -35.47 19.96
C GLU D 172 15.65 -34.12 19.27
N PRO D 173 15.87 -33.02 20.02
CA PRO D 173 15.70 -31.62 19.58
C PRO D 173 16.29 -31.33 18.20
N ALA D 174 17.51 -31.81 17.95
CA ALA D 174 18.13 -31.68 16.64
C ALA D 174 17.50 -32.66 15.66
N ASP D 175 16.28 -32.36 15.24
CA ASP D 175 15.48 -33.33 14.50
C ASP D 175 15.49 -33.12 12.98
N SER D 176 16.29 -32.16 12.50
CA SER D 176 16.36 -31.87 11.08
C SER D 176 17.69 -31.24 10.69
N SER D 177 18.02 -31.33 9.41
CA SER D 177 19.29 -30.79 8.91
C SER D 177 19.38 -29.28 9.13
N LEU D 178 18.34 -28.55 8.72
CA LEU D 178 18.26 -27.13 8.99
C LEU D 178 17.35 -26.89 10.19
N PRO D 179 17.44 -25.72 10.84
CA PRO D 179 16.62 -25.53 12.04
C PRO D 179 15.12 -25.62 11.75
N ALA D 180 14.42 -26.46 12.51
CA ALA D 180 12.97 -26.48 12.43
C ALA D 180 12.46 -25.15 12.98
N GLU D 181 11.27 -24.76 12.55
CA GLU D 181 10.69 -23.49 12.95
C GLU D 181 9.46 -23.71 13.83
N HIS D 182 9.59 -23.42 15.12
CA HIS D 182 8.49 -23.60 16.06
C HIS D 182 7.82 -22.26 16.34
N VAL D 183 6.56 -22.30 16.77
CA VAL D 183 5.83 -21.08 17.09
C VAL D 183 5.50 -21.07 18.58
N TRP D 184 5.51 -19.88 19.17
CA TRP D 184 5.40 -19.75 20.62
C TRP D 184 4.42 -18.66 21.06
N SER D 185 3.65 -18.93 22.11
CA SER D 185 2.84 -17.93 22.78
C SER D 185 3.12 -17.96 24.27
N THR D 186 3.71 -16.88 24.80
CA THR D 186 3.98 -16.81 26.22
C THR D 186 2.72 -16.83 27.06
N GLU D 187 1.75 -16.00 26.67
CA GLU D 187 0.56 -15.79 27.47
C GLU D 187 -0.25 -17.08 27.62
N LYS D 188 -0.32 -17.88 26.56
CA LYS D 188 -1.06 -19.15 26.65
C LYS D 188 -0.30 -20.15 27.53
N TYR D 189 1.03 -20.14 27.41
CA TYR D 189 1.86 -21.00 28.24
C TYR D 189 1.69 -20.65 29.73
N LEU D 190 1.72 -19.36 30.06
CA LEU D 190 1.66 -18.95 31.46
C LEU D 190 0.35 -19.34 32.13
N ASN D 191 -0.74 -19.28 31.38
CA ASN D 191 -2.03 -19.67 31.90
C ASN D 191 -2.19 -21.19 32.01
N HIS D 192 -1.45 -21.92 31.19
CA HIS D 192 -1.61 -23.37 31.13
C HIS D 192 -0.70 -24.16 32.07
N ALA D 193 0.57 -23.77 32.14
CA ALA D 193 1.58 -24.53 32.87
C ALA D 193 1.25 -24.91 34.33
N PRO D 194 0.68 -23.98 35.12
CA PRO D 194 0.36 -24.39 36.50
C PRO D 194 -0.59 -25.58 36.57
N LYS D 195 -1.47 -25.71 35.57
CA LYS D 195 -2.41 -26.83 35.53
C LYS D 195 -1.70 -28.18 35.43
N LEU D 196 -0.56 -28.20 34.73
CA LEU D 196 0.22 -29.43 34.62
C LEU D 196 0.71 -29.88 35.99
N PHE D 197 1.32 -28.96 36.74
CA PHE D 197 1.89 -29.31 38.04
C PHE D 197 0.81 -29.70 39.03
N ALA D 198 -0.33 -29.04 38.93
CA ALA D 198 -1.47 -29.38 39.79
C ALA D 198 -1.90 -30.82 39.52
N ALA D 199 -1.94 -31.19 38.24
CA ALA D 199 -2.38 -32.53 37.86
C ALA D 199 -1.36 -33.58 38.30
N VAL D 200 -0.09 -33.24 38.21
CA VAL D 200 0.97 -34.15 38.64
C VAL D 200 0.86 -34.42 40.15
N ARG D 201 0.68 -33.36 40.93
CA ARG D 201 0.54 -33.53 42.37
C ARG D 201 -0.72 -34.30 42.74
N GLU D 202 -1.81 -34.07 42.03
CA GLU D 202 -3.06 -34.74 42.34
C GLU D 202 -2.94 -36.25 42.11
N ARG D 203 -2.24 -36.63 41.06
CA ARG D 203 -2.14 -38.06 40.72
C ARG D 203 -1.01 -38.79 41.46
N PHE D 204 0.12 -38.12 41.66
CA PHE D 204 1.31 -38.80 42.18
C PHE D 204 1.73 -38.43 43.60
N GLY D 205 1.10 -37.40 44.17
CA GLY D 205 1.38 -37.03 45.55
C GLY D 205 2.60 -36.14 45.72
N ASP D 206 3.00 -35.97 46.98
CA ASP D 206 4.00 -34.96 47.35
C ASP D 206 5.45 -35.44 47.40
N ASP D 207 5.68 -36.74 47.45
CA ASP D 207 7.04 -37.23 47.67
C ASP D 207 7.89 -37.18 46.41
N LEU D 208 7.22 -37.27 45.27
CA LEU D 208 7.89 -37.21 43.98
C LEU D 208 8.57 -35.85 43.77
N HIS D 209 9.79 -35.84 43.25
CA HIS D 209 10.43 -34.56 42.91
C HIS D 209 10.02 -34.19 41.50
N VAL D 210 9.57 -32.97 41.31
CA VAL D 210 8.98 -32.53 40.04
C VAL D 210 9.72 -31.29 39.54
N LEU D 211 10.27 -31.40 38.33
CA LEU D 211 11.07 -30.33 37.75
C LEU D 211 10.37 -29.80 36.50
N HIS D 212 10.68 -28.56 36.14
CA HIS D 212 10.13 -28.00 34.90
C HIS D 212 11.16 -27.08 34.24
N ASP D 213 11.24 -27.17 32.92
CA ASP D 213 12.20 -26.39 32.15
C ASP D 213 11.43 -25.36 31.34
N VAL D 214 11.67 -24.08 31.65
CA VAL D 214 10.97 -22.97 30.99
C VAL D 214 11.60 -22.69 29.63
N HIS D 215 12.84 -23.12 29.47
CA HIS D 215 13.55 -23.03 28.19
C HIS D 215 13.63 -21.63 27.58
N HIS D 216 13.98 -20.66 28.45
CA HIS D 216 14.42 -19.31 28.06
C HIS D 216 13.32 -18.38 27.56
N ARG D 217 12.06 -18.77 27.70
CA ARG D 217 11.01 -18.09 26.93
C ARG D 217 10.34 -16.88 27.57
N LEU D 218 10.60 -16.64 28.85
CA LEU D 218 9.91 -15.59 29.59
C LEU D 218 10.77 -14.35 29.83
N THR D 219 10.11 -13.23 30.10
CA THR D 219 10.81 -12.07 30.66
C THR D 219 10.87 -12.29 32.17
N PRO D 220 11.72 -11.54 32.89
CA PRO D 220 11.81 -11.76 34.34
C PRO D 220 10.48 -11.63 35.11
N ILE D 221 9.67 -10.62 34.81
CA ILE D 221 8.44 -10.46 35.58
C ILE D 221 7.41 -11.56 35.24
N GLU D 222 7.48 -12.09 34.03
CA GLU D 222 6.65 -13.23 33.64
C GLU D 222 7.10 -14.47 34.42
N ALA D 223 8.40 -14.65 34.54
CA ALA D 223 8.94 -15.77 35.29
C ALA D 223 8.63 -15.63 36.78
N ALA D 224 8.65 -14.39 37.27
CA ALA D 224 8.24 -14.13 38.65
C ALA D 224 6.80 -14.59 38.86
N ARG D 225 5.92 -14.18 37.95
CA ARG D 225 4.53 -14.59 38.01
C ARG D 225 4.37 -16.11 38.00
N LEU D 226 5.11 -16.79 37.12
CA LEU D 226 5.02 -18.24 37.03
C LEU D 226 5.55 -18.91 38.29
N GLY D 227 6.70 -18.45 38.77
CA GLY D 227 7.26 -19.00 40.00
C GLY D 227 6.26 -18.94 41.14
N LYS D 228 5.59 -17.79 41.28
CA LYS D 228 4.58 -17.63 42.32
C LYS D 228 3.41 -18.58 42.14
N ALA D 229 2.95 -18.71 40.91
CA ALA D 229 1.79 -19.54 40.61
C ALA D 229 2.05 -21.01 40.92
N VAL D 230 3.31 -21.43 40.85
CA VAL D 230 3.64 -22.83 41.05
C VAL D 230 4.20 -23.15 42.44
N GLU D 231 4.31 -22.15 43.30
CA GLU D 231 4.71 -22.39 44.70
C GLU D 231 3.92 -23.52 45.40
N PRO D 232 2.57 -23.55 45.25
CA PRO D 232 1.81 -24.63 45.92
C PRO D 232 2.23 -26.05 45.53
N TYR D 233 2.90 -26.20 44.38
CA TYR D 233 3.25 -27.51 43.86
C TYR D 233 4.69 -27.91 44.20
N HIS D 234 5.42 -27.00 44.85
CA HIS D 234 6.74 -27.28 45.38
C HIS D 234 7.67 -27.98 44.40
N LEU D 235 7.98 -27.31 43.30
CA LEU D 235 8.87 -27.86 42.29
C LEU D 235 10.29 -27.99 42.84
N PHE D 236 10.97 -29.04 42.41
CA PHE D 236 12.40 -29.22 42.69
C PHE D 236 13.18 -28.05 42.09
N TRP D 237 12.86 -27.69 40.85
CA TRP D 237 13.37 -26.45 40.29
C TRP D 237 12.54 -25.96 39.11
N LEU D 238 12.63 -24.66 38.84
CA LEU D 238 12.09 -24.06 37.63
C LEU D 238 13.33 -23.60 36.89
N GLU D 239 13.53 -24.14 35.69
CA GLU D 239 14.82 -24.05 35.02
C GLU D 239 14.80 -23.10 33.83
N ASP D 240 15.88 -22.33 33.69
CA ASP D 240 16.11 -21.46 32.53
C ASP D 240 14.91 -20.55 32.24
N CYS D 241 14.47 -19.84 33.25
CA CYS D 241 13.32 -18.95 33.12
C CYS D 241 13.48 -17.89 32.03
N VAL D 242 14.67 -17.31 31.95
CA VAL D 242 14.89 -16.11 31.14
C VAL D 242 16.32 -16.20 30.59
N PRO D 243 16.56 -15.67 29.38
CA PRO D 243 17.96 -15.65 28.93
C PRO D 243 18.79 -14.83 29.90
N ALA D 244 20.01 -15.28 30.17
CA ALA D 244 20.77 -14.74 31.29
C ALA D 244 22.16 -14.30 30.94
N GLU D 245 22.36 -13.85 29.70
CA GLU D 245 23.62 -13.17 29.37
C GLU D 245 23.77 -11.97 30.28
N ASN D 246 22.66 -11.29 30.53
CA ASN D 246 22.60 -10.27 31.57
C ASN D 246 22.17 -11.00 32.83
N GLN D 247 23.12 -11.25 33.74
CA GLN D 247 22.83 -12.07 34.92
C GLN D 247 21.82 -11.41 35.84
N GLU D 248 21.75 -10.08 35.79
CA GLU D 248 20.76 -9.35 36.59
C GLU D 248 19.32 -9.73 36.21
N SER D 249 19.15 -10.42 35.09
CA SER D 249 17.82 -10.89 34.66
C SER D 249 17.15 -11.78 35.71
N LEU D 250 17.93 -12.39 36.57
CA LEU D 250 17.35 -13.30 37.57
C LEU D 250 16.80 -12.57 38.79
N ARG D 251 17.18 -11.31 38.98
N ARG D 251 17.18 -11.31 38.98
CA ARG D 251 16.86 -10.59 40.21
CA ARG D 251 16.86 -10.61 40.23
C ARG D 251 15.37 -10.53 40.54
C ARG D 251 15.37 -10.51 40.55
N LEU D 252 14.55 -10.06 39.60
CA LEU D 252 13.12 -9.91 39.84
C LEU D 252 12.45 -11.24 40.15
N ILE D 253 12.92 -12.30 39.50
CA ILE D 253 12.36 -13.63 39.75
C ILE D 253 12.63 -13.98 41.22
N ARG D 254 13.88 -13.87 41.62
CA ARG D 254 14.29 -14.28 42.96
C ARG D 254 13.60 -13.46 44.04
N GLU D 255 13.34 -12.20 43.75
CA GLU D 255 12.72 -11.31 44.74
C GLU D 255 11.22 -11.56 44.91
N HIS D 256 10.61 -12.28 43.96
CA HIS D 256 9.17 -12.46 43.95
C HIS D 256 8.68 -13.88 44.19
N THR D 257 9.57 -14.87 44.18
CA THR D 257 9.13 -16.25 44.36
C THR D 257 10.11 -17.07 45.21
N THR D 258 9.57 -18.06 45.90
CA THR D 258 10.37 -19.02 46.63
C THR D 258 10.47 -20.38 45.90
N THR D 259 9.95 -20.44 44.68
CA THR D 259 10.16 -21.63 43.87
C THR D 259 11.65 -21.70 43.52
N PRO D 260 12.29 -22.86 43.77
CA PRO D 260 13.75 -22.92 43.51
C PRO D 260 14.07 -22.74 42.03
N LEU D 261 15.22 -22.12 41.75
CA LEU D 261 15.58 -21.77 40.38
C LEU D 261 16.85 -22.48 39.94
N ALA D 262 16.87 -22.93 38.68
CA ALA D 262 18.07 -23.54 38.11
C ALA D 262 18.41 -22.83 36.83
N ILE D 263 19.71 -22.70 36.53
CA ILE D 263 20.10 -22.10 35.29
C ILE D 263 21.49 -22.57 34.88
N GLY D 264 21.79 -22.51 33.59
CA GLY D 264 23.18 -22.55 33.17
C GLY D 264 23.63 -23.56 32.13
N GLU D 265 22.74 -24.37 31.58
CA GLU D 265 23.19 -25.32 30.58
C GLU D 265 23.82 -24.63 29.37
N VAL D 266 23.47 -23.37 29.11
CA VAL D 266 24.06 -22.68 27.97
C VAL D 266 25.31 -21.87 28.33
N PHE D 267 25.77 -21.99 29.57
CA PHE D 267 26.98 -21.29 30.00
C PHE D 267 28.23 -22.10 29.72
N ASN D 268 29.38 -21.41 29.66
CA ASN D 268 30.65 -22.10 29.42
C ASN D 268 31.78 -21.60 30.33
N SER D 269 31.50 -20.61 31.17
CA SER D 269 32.53 -20.00 32.01
C SER D 269 31.99 -19.66 33.39
N ILE D 270 32.85 -19.70 34.41
CA ILE D 270 32.49 -19.23 35.74
C ILE D 270 32.07 -17.76 35.67
N HIS D 271 32.55 -17.06 34.64
CA HIS D 271 32.21 -15.64 34.49
C HIS D 271 30.80 -15.42 33.95
N ASP D 272 30.15 -16.49 33.52
CA ASP D 272 28.74 -16.43 33.10
C ASP D 272 27.80 -16.50 34.27
N CYS D 273 28.30 -16.91 35.43
CA CYS D 273 27.43 -17.21 36.57
C CYS D 273 27.95 -16.76 37.94
N ARG D 274 29.10 -16.08 37.97
CA ARG D 274 29.68 -15.65 39.25
C ARG D 274 28.69 -14.80 40.06
N GLU D 275 28.08 -13.81 39.41
CA GLU D 275 27.13 -12.93 40.07
C GLU D 275 25.81 -13.63 40.42
N LEU D 276 25.34 -14.52 39.55
CA LEU D 276 24.13 -15.30 39.84
C LEU D 276 24.32 -16.04 41.16
N ILE D 277 25.50 -16.61 41.33
CA ILE D 277 25.79 -17.40 42.51
C ILE D 277 25.99 -16.50 43.74
N GLN D 278 26.87 -15.52 43.64
CA GLN D 278 27.22 -14.68 44.78
C GLN D 278 26.06 -13.84 45.29
N ASN D 279 25.12 -13.49 44.40
CA ASN D 279 23.94 -12.74 44.82
C ASN D 279 22.79 -13.63 45.28
N GLN D 280 23.04 -14.95 45.26
CA GLN D 280 22.02 -15.94 45.62
C GLN D 280 20.76 -15.79 44.78
N TRP D 281 20.93 -15.75 43.47
CA TRP D 281 19.80 -15.64 42.56
C TRP D 281 19.36 -16.99 42.00
N ILE D 282 20.13 -18.04 42.27
CA ILE D 282 19.80 -19.38 41.79
C ILE D 282 20.08 -20.43 42.85
N ASP D 283 19.46 -21.59 42.70
CA ASP D 283 19.65 -22.71 43.63
C ASP D 283 20.48 -23.86 43.04
N TYR D 284 20.46 -23.97 41.73
CA TYR D 284 21.21 -25.04 41.05
C TYR D 284 21.90 -24.46 39.83
N ILE D 285 23.17 -24.80 39.66
CA ILE D 285 23.94 -24.42 38.48
C ILE D 285 24.03 -25.63 37.54
N ARG D 286 23.71 -25.42 36.27
CA ARG D 286 23.46 -26.51 35.31
C ARG D 286 24.57 -26.74 34.29
N MET D 287 25.59 -25.90 34.34
CA MET D 287 26.68 -25.99 33.37
C MET D 287 27.39 -27.34 33.51
N PRO D 288 27.51 -28.08 32.39
CA PRO D 288 28.08 -29.43 32.44
C PRO D 288 29.57 -29.46 32.10
N LEU D 289 30.18 -30.63 32.24
CA LEU D 289 31.63 -30.74 32.03
C LEU D 289 32.06 -30.42 30.60
N THR D 290 31.32 -30.92 29.62
CA THR D 290 31.71 -30.78 28.22
C THR D 290 31.73 -29.32 27.75
N HIS D 291 30.79 -28.53 28.25
CA HIS D 291 30.65 -27.16 27.79
C HIS D 291 31.27 -26.15 28.74
N GLY D 292 31.51 -26.56 29.98
CA GLY D 292 32.03 -25.66 30.98
C GLY D 292 33.50 -25.81 31.30
N GLY D 293 34.29 -26.23 30.31
CA GLY D 293 35.73 -26.26 30.50
C GLY D 293 36.27 -27.44 31.30
N GLY D 294 35.46 -28.51 31.42
CA GLY D 294 35.95 -29.75 31.98
C GLY D 294 35.97 -29.82 33.50
N ILE D 295 36.64 -30.84 34.02
CA ILE D 295 36.78 -31.08 35.46
C ILE D 295 37.48 -29.93 36.19
N THR D 296 38.57 -29.46 35.59
CA THR D 296 39.37 -28.38 36.18
C THR D 296 38.52 -27.15 36.48
N ALA D 297 37.72 -26.72 35.49
CA ALA D 297 36.91 -25.52 35.67
C ALA D 297 35.69 -25.77 36.52
N MET D 298 35.05 -26.92 36.34
CA MET D 298 33.79 -27.17 37.05
C MET D 298 34.00 -27.42 38.54
N ARG D 299 35.16 -27.92 38.91
CA ARG D 299 35.46 -28.01 40.35
C ARG D 299 35.39 -26.61 40.99
N ARG D 300 35.96 -25.62 40.29
CA ARG D 300 35.94 -24.23 40.75
C ARG D 300 34.53 -23.63 40.82
N VAL D 301 33.73 -23.88 39.78
CA VAL D 301 32.34 -23.44 39.77
C VAL D 301 31.55 -24.09 40.91
N ALA D 302 31.68 -25.40 41.07
CA ALA D 302 30.98 -26.11 42.15
C ALA D 302 31.37 -25.54 43.51
N ASP D 303 32.66 -25.26 43.67
CA ASP D 303 33.16 -24.75 44.94
C ASP D 303 32.63 -23.35 45.26
N LEU D 304 32.56 -22.49 44.25
CA LEU D 304 32.00 -21.16 44.46
C LEU D 304 30.52 -21.29 44.86
N ALA D 305 29.81 -22.12 44.12
CA ALA D 305 28.42 -22.39 44.39
C ALA D 305 28.19 -22.82 45.83
N SER D 306 29.07 -23.67 46.34
CA SER D 306 28.91 -24.22 47.68
C SER D 306 28.89 -23.14 48.77
N LEU D 307 29.59 -22.04 48.55
CA LEU D 307 29.63 -20.96 49.54
C LEU D 307 28.27 -20.32 49.73
N TYR D 308 27.40 -20.50 48.74
CA TYR D 308 26.09 -19.83 48.73
C TYR D 308 24.94 -20.83 48.74
N HIS D 309 25.25 -22.07 49.12
CA HIS D 309 24.25 -23.15 49.24
C HIS D 309 23.70 -23.61 47.90
N VAL D 310 24.33 -23.16 46.82
CA VAL D 310 23.95 -23.55 45.48
C VAL D 310 24.48 -24.95 45.16
N ARG D 311 23.65 -25.79 44.53
CA ARG D 311 24.00 -27.19 44.28
C ARG D 311 24.20 -27.47 42.79
N THR D 312 24.87 -28.58 42.45
CA THR D 312 25.10 -28.90 41.05
C THR D 312 23.89 -29.60 40.44
N GLY D 313 23.57 -29.27 39.20
CA GLY D 313 22.55 -30.00 38.47
C GLY D 313 22.98 -30.10 37.01
N PHE D 314 24.04 -30.86 36.76
CA PHE D 314 24.65 -30.94 35.43
C PHE D 314 23.62 -31.24 34.36
N HIS D 315 23.62 -30.42 33.31
CA HIS D 315 22.93 -30.73 32.08
C HIS D 315 23.36 -32.12 31.62
N GLY D 316 22.39 -33.00 31.35
CA GLY D 316 22.68 -34.35 30.91
C GLY D 316 21.79 -34.84 29.80
N PRO D 317 21.82 -34.16 28.65
CA PRO D 317 20.98 -34.53 27.52
C PRO D 317 21.65 -35.64 26.71
N THR D 318 20.98 -36.14 25.67
CA THR D 318 21.61 -37.13 24.82
C THR D 318 22.79 -36.53 24.05
N ASP D 319 22.83 -35.21 23.92
CA ASP D 319 23.89 -34.55 23.12
C ASP D 319 25.20 -34.29 23.87
N LEU D 320 25.27 -34.76 25.11
CA LEU D 320 26.55 -34.95 25.78
C LEU D 320 26.80 -36.46 25.76
N SER D 321 27.99 -36.88 25.32
CA SER D 321 28.25 -38.30 25.10
C SER D 321 28.42 -39.05 26.42
N PRO D 322 28.40 -40.40 26.36
CA PRO D 322 28.70 -41.20 27.55
C PRO D 322 30.06 -40.88 28.17
N VAL D 323 30.99 -40.30 27.42
CA VAL D 323 32.26 -39.89 28.00
C VAL D 323 32.00 -38.81 29.03
N CYS D 324 31.21 -37.80 28.67
CA CYS D 324 30.80 -36.78 29.62
C CYS D 324 30.00 -37.35 30.77
N LEU D 325 29.05 -38.23 30.45
CA LEU D 325 28.18 -38.79 31.49
C LEU D 325 28.99 -39.57 32.54
N GLY D 326 29.92 -40.40 32.08
CA GLY D 326 30.77 -41.13 32.99
C GLY D 326 31.58 -40.22 33.88
N ALA D 327 32.22 -39.23 33.28
CA ALA D 327 33.01 -38.25 34.03
C ALA D 327 32.11 -37.50 35.00
N ALA D 328 30.90 -37.18 34.56
CA ALA D 328 29.95 -36.43 35.39
C ALA D 328 29.53 -37.25 36.61
N ILE D 329 29.34 -38.55 36.42
CA ILE D 329 28.95 -39.43 37.51
C ILE D 329 30.08 -39.51 38.55
N HIS D 330 31.33 -39.57 38.06
CA HIS D 330 32.47 -39.51 38.97
C HIS D 330 32.48 -38.20 39.77
N PHE D 331 32.30 -37.09 39.07
CA PHE D 331 32.29 -35.76 39.69
C PHE D 331 31.14 -35.69 40.71
N ASP D 332 29.96 -36.18 40.27
CA ASP D 332 28.76 -36.17 41.11
C ASP D 332 28.95 -36.98 42.38
N THR D 333 29.80 -38.01 42.31
CA THR D 333 30.03 -38.92 43.42
C THR D 333 30.90 -38.25 44.50
N TRP D 334 31.82 -37.41 44.07
CA TRP D 334 32.69 -36.68 44.98
C TRP D 334 32.12 -35.37 45.50
N VAL D 335 31.51 -34.57 44.63
CA VAL D 335 31.25 -33.16 44.96
C VAL D 335 30.31 -33.01 46.16
N PRO D 336 30.69 -32.19 47.15
CA PRO D 336 29.83 -32.12 48.35
C PRO D 336 28.44 -31.60 48.03
N ASN D 337 28.38 -30.49 47.27
CA ASN D 337 27.11 -29.83 46.98
C ASN D 337 26.40 -30.35 45.73
N PHE D 338 26.31 -31.66 45.63
CA PHE D 338 25.57 -32.29 44.54
C PHE D 338 24.07 -32.05 44.71
N GLY D 339 23.39 -31.74 43.61
CA GLY D 339 21.94 -31.62 43.62
C GLY D 339 21.23 -32.78 42.94
N ILE D 340 21.41 -32.91 41.64
CA ILE D 340 20.76 -33.98 40.88
C ILE D 340 21.51 -34.16 39.55
N GLN D 341 21.34 -35.33 38.94
CA GLN D 341 21.93 -35.57 37.61
C GLN D 341 20.85 -35.88 36.60
N GLU D 342 20.71 -35.00 35.61
CA GLU D 342 19.78 -35.24 34.52
C GLU D 342 20.12 -36.53 33.79
N HIS D 343 19.12 -37.33 33.45
CA HIS D 343 19.35 -38.54 32.66
C HIS D 343 18.42 -38.64 31.46
N MET D 344 18.98 -38.40 30.27
CA MET D 344 18.30 -38.73 29.02
C MET D 344 19.08 -39.89 28.44
N PRO D 345 18.49 -41.09 28.46
CA PRO D 345 19.22 -42.29 28.03
C PRO D 345 19.70 -42.21 26.59
N HIS D 346 20.93 -42.61 26.37
CA HIS D 346 21.48 -42.69 25.02
C HIS D 346 20.92 -43.89 24.28
N THR D 347 21.03 -43.89 22.96
CA THR D 347 20.60 -45.04 22.19
C THR D 347 21.51 -46.23 22.43
N ASP D 348 21.02 -47.43 22.11
CA ASP D 348 21.84 -48.63 22.24
C ASP D 348 23.09 -48.52 21.38
N GLU D 349 22.95 -47.97 20.18
CA GLU D 349 24.09 -47.76 19.29
C GLU D 349 25.13 -46.84 19.92
N THR D 350 24.67 -45.75 20.54
CA THR D 350 25.58 -44.85 21.26
C THR D 350 26.31 -45.54 22.43
N ASP D 351 25.57 -46.28 23.24
CA ASP D 351 26.18 -47.03 24.34
C ASP D 351 27.23 -48.05 23.85
N ALA D 352 27.00 -48.62 22.66
CA ALA D 352 27.94 -49.58 22.09
C ALA D 352 29.23 -48.90 21.61
N VAL D 353 29.09 -47.70 21.05
CA VAL D 353 30.26 -46.96 20.59
C VAL D 353 31.11 -46.49 21.77
N PHE D 354 30.47 -46.26 22.91
CA PHE D 354 31.15 -45.75 24.10
C PHE D 354 31.00 -46.67 25.31
N PRO D 355 31.70 -47.81 25.31
CA PRO D 355 31.58 -48.76 26.43
C PRO D 355 31.97 -48.08 27.73
N HIS D 356 31.25 -48.37 28.81
CA HIS D 356 31.45 -47.60 30.02
C HIS D 356 31.13 -48.46 31.23
N ASP D 357 31.61 -48.08 32.40
CA ASP D 357 31.31 -48.89 33.59
C ASP D 357 30.42 -48.24 34.64
N TYR D 358 29.92 -47.04 34.37
CA TYR D 358 28.85 -46.50 35.21
C TYR D 358 27.61 -47.36 35.04
N ARG D 359 26.80 -47.44 36.09
CA ARG D 359 25.58 -48.25 36.06
C ARG D 359 24.37 -47.42 36.47
N PHE D 360 23.24 -47.68 35.83
CA PHE D 360 21.98 -47.11 36.26
C PHE D 360 21.17 -48.21 36.93
N GLU D 361 20.78 -48.00 38.17
CA GLU D 361 19.95 -48.96 38.87
C GLU D 361 18.86 -48.25 39.66
N ASP D 362 17.60 -48.54 39.33
CA ASP D 362 16.45 -48.08 40.10
C ASP D 362 16.47 -46.57 40.40
N GLY D 363 16.72 -45.76 39.37
CA GLY D 363 16.66 -44.32 39.51
C GLY D 363 17.94 -43.61 39.92
N HIS D 364 19.01 -44.37 40.13
CA HIS D 364 20.30 -43.78 40.52
C HIS D 364 21.45 -44.27 39.67
N PHE D 365 22.44 -43.41 39.47
CA PHE D 365 23.67 -43.85 38.86
C PHE D 365 24.61 -44.33 39.97
N LEU D 366 25.41 -45.33 39.64
CA LEU D 366 26.54 -45.72 40.48
C LEU D 366 27.83 -45.54 39.69
N ALA D 367 28.83 -44.95 40.31
CA ALA D 367 30.08 -44.67 39.61
C ALA D 367 30.84 -45.94 39.28
N GLY D 368 31.56 -45.91 38.17
CA GLY D 368 32.44 -47.01 37.82
C GLY D 368 33.59 -47.10 38.80
N GLU D 369 34.26 -48.25 38.83
CA GLU D 369 35.38 -48.46 39.73
C GLU D 369 36.69 -48.70 39.00
N SER D 370 36.64 -48.74 37.67
CA SER D 370 37.86 -48.94 36.89
C SER D 370 38.62 -47.62 36.76
N PRO D 371 39.94 -47.69 36.55
CA PRO D 371 40.71 -46.43 36.54
C PRO D 371 40.35 -45.53 35.36
N GLY D 372 40.43 -44.22 35.58
CA GLY D 372 40.01 -43.24 34.60
C GLY D 372 38.57 -42.83 34.89
N HIS D 373 37.91 -42.22 33.91
CA HIS D 373 36.47 -41.96 34.06
C HIS D 373 35.63 -43.18 33.68
N GLY D 374 36.32 -44.22 33.19
CA GLY D 374 35.69 -45.51 32.93
C GLY D 374 34.96 -45.63 31.60
N VAL D 375 35.15 -44.63 30.74
CA VAL D 375 34.55 -44.68 29.41
C VAL D 375 35.63 -44.85 28.34
N ASP D 376 35.32 -45.69 27.36
CA ASP D 376 36.18 -45.91 26.21
C ASP D 376 35.44 -45.54 24.94
N ILE D 377 36.16 -45.49 23.82
CA ILE D 377 35.50 -45.37 22.52
C ILE D 377 35.96 -46.49 21.61
N ASP D 378 34.98 -47.20 21.03
CA ASP D 378 35.24 -48.26 20.07
C ASP D 378 35.34 -47.59 18.71
N GLU D 379 36.57 -47.36 18.25
CA GLU D 379 36.76 -46.58 17.02
C GLU D 379 36.35 -47.32 15.75
N GLU D 380 36.42 -48.65 15.79
CA GLU D 380 35.99 -49.42 14.64
C GLU D 380 34.48 -49.26 14.47
N LEU D 381 33.75 -49.32 15.58
CA LEU D 381 32.30 -49.18 15.53
C LEU D 381 31.91 -47.73 15.24
N ALA D 382 32.68 -46.79 15.76
CA ALA D 382 32.42 -45.37 15.54
C ALA D 382 32.47 -45.03 14.05
N ALA D 383 33.36 -45.69 13.33
CA ALA D 383 33.60 -45.39 11.93
C ALA D 383 32.45 -45.85 11.04
N LYS D 384 31.55 -46.64 11.61
CA LYS D 384 30.39 -47.15 10.87
C LYS D 384 29.27 -46.12 10.80
N TYR D 385 29.36 -45.07 11.62
CA TYR D 385 28.33 -44.05 11.69
C TYR D 385 28.89 -42.68 11.34
N PRO D 386 28.93 -42.34 10.05
CA PRO D 386 29.44 -41.04 9.66
C PRO D 386 28.57 -39.88 10.14
N TYR D 387 29.20 -38.73 10.33
CA TYR D 387 28.53 -37.48 10.67
C TYR D 387 27.31 -37.20 9.77
N GLU D 388 26.22 -36.74 10.38
CA GLU D 388 25.03 -36.30 9.64
C GLU D 388 24.60 -34.96 10.23
N ARG D 389 24.63 -33.91 9.42
CA ARG D 389 24.25 -32.58 9.90
C ARG D 389 22.85 -32.56 10.52
N ALA D 390 22.73 -31.91 11.68
CA ALA D 390 21.45 -31.72 12.34
C ALA D 390 21.54 -30.49 13.22
N SER D 391 20.57 -29.59 13.06
CA SER D 391 20.58 -28.32 13.79
C SER D 391 19.45 -28.27 14.82
N LEU D 392 19.67 -27.50 15.88
CA LEU D 392 18.62 -27.23 16.86
C LEU D 392 17.54 -26.34 16.24
N PRO D 393 16.29 -26.45 16.73
CA PRO D 393 15.20 -25.64 16.19
C PRO D 393 15.35 -24.18 16.59
N VAL D 394 14.63 -23.31 15.89
CA VAL D 394 14.45 -21.94 16.36
C VAL D 394 12.97 -21.76 16.71
N ASN D 395 12.68 -20.69 17.41
CA ASN D 395 11.35 -20.44 17.93
C ASN D 395 10.97 -19.04 17.48
N ARG D 396 9.76 -18.88 16.95
CA ARG D 396 9.26 -17.56 16.61
C ARG D 396 7.95 -17.28 17.34
N LEU D 397 7.70 -16.02 17.67
CA LEU D 397 6.39 -15.64 18.21
C LEU D 397 5.36 -15.73 17.10
N GLU D 398 4.09 -15.57 17.49
CA GLU D 398 3.02 -15.68 16.52
C GLU D 398 3.08 -14.61 15.41
N ASP D 399 3.71 -13.47 15.69
CA ASP D 399 3.87 -12.44 14.67
C ASP D 399 5.12 -12.64 13.82
N GLY D 400 5.92 -13.66 14.14
CA GLY D 400 7.09 -13.99 13.36
C GLY D 400 8.40 -13.57 14.01
N THR D 401 8.31 -12.91 15.18
CA THR D 401 9.51 -12.45 15.88
C THR D 401 10.42 -13.62 16.22
N LEU D 402 11.69 -13.55 15.83
CA LEU D 402 12.64 -14.58 16.22
C LEU D 402 12.88 -14.54 17.73
N TRP D 403 12.45 -15.59 18.42
CA TRP D 403 12.45 -15.63 19.88
C TRP D 403 13.50 -16.60 20.39
N HIS D 404 13.35 -17.02 21.65
CA HIS D 404 14.29 -17.92 22.28
C HIS D 404 13.69 -19.31 22.23
N TRP D 405 14.46 -20.29 21.79
CA TRP D 405 13.99 -21.67 21.83
C TRP D 405 14.47 -22.37 23.10
N SER E 2 -11.50 37.64 46.23
CA SER E 2 -10.09 37.85 45.92
C SER E 2 -9.91 38.46 44.53
N LEU E 3 -8.88 39.30 44.40
CA LEU E 3 -8.60 39.96 43.12
C LEU E 3 -8.20 38.98 42.01
N LYS E 4 -8.86 39.10 40.87
CA LYS E 4 -8.60 38.20 39.76
C LYS E 4 -7.68 38.84 38.76
N ILE E 5 -7.07 38.01 37.94
CA ILE E 5 -6.31 38.49 36.80
C ILE E 5 -7.25 39.05 35.74
N ARG E 6 -7.02 40.31 35.38
CA ARG E 6 -7.81 41.02 34.38
C ARG E 6 -7.15 40.90 33.00
N ASP E 7 -5.83 40.99 32.97
CA ASP E 7 -5.08 40.91 31.72
C ASP E 7 -3.73 40.25 31.97
N ALA E 8 -3.21 39.62 30.93
CA ALA E 8 -1.84 39.08 30.95
C ALA E 8 -1.35 39.09 29.52
N TYR E 9 -0.10 39.53 29.32
CA TYR E 9 0.41 39.63 27.96
C TYR E 9 1.92 39.66 27.99
N THR E 10 2.51 39.32 26.85
CA THR E 10 3.96 39.35 26.75
C THR E 10 4.40 40.63 26.06
N ILE E 11 5.63 41.03 26.38
CA ILE E 11 6.30 42.11 25.71
C ILE E 11 7.63 41.55 25.21
N VAL E 12 7.91 41.75 23.92
CA VAL E 12 9.18 41.31 23.35
C VAL E 12 9.94 42.55 22.91
N THR E 13 11.20 42.67 23.33
CA THR E 13 11.98 43.87 23.05
C THR E 13 13.46 43.53 22.93
N CYS E 14 14.21 44.34 22.18
CA CYS E 14 15.64 44.07 21.97
C CYS E 14 16.54 45.29 22.20
N PRO E 15 16.64 45.75 23.46
CA PRO E 15 17.49 46.89 23.80
C PRO E 15 18.94 46.44 23.97
N GLY E 16 19.52 45.90 22.91
CA GLY E 16 20.87 45.37 22.96
C GLY E 16 20.91 43.86 22.73
N ARG E 17 19.83 43.20 23.13
CA ARG E 17 19.64 41.77 22.90
C ARG E 17 18.18 41.47 23.26
N ASN E 18 17.69 40.30 22.89
CA ASN E 18 16.27 39.99 23.08
C ASN E 18 15.86 39.69 24.52
N PHE E 19 14.73 40.23 24.93
CA PHE E 19 14.09 39.86 26.19
C PHE E 19 12.60 39.64 25.98
N VAL E 20 12.05 38.62 26.65
CA VAL E 20 10.60 38.43 26.66
C VAL E 20 10.16 38.57 28.11
N THR E 21 9.09 39.34 28.32
CA THR E 21 8.61 39.63 29.65
C THR E 21 7.13 39.34 29.71
N LEU E 22 6.66 38.76 30.81
CA LEU E 22 5.22 38.58 31.01
C LEU E 22 4.71 39.60 31.99
N LYS E 23 3.63 40.29 31.64
CA LYS E 23 2.99 41.20 32.58
C LYS E 23 1.61 40.68 32.93
N ILE E 24 1.29 40.71 34.23
CA ILE E 24 0.00 40.31 34.73
C ILE E 24 -0.64 41.49 35.49
N VAL E 25 -1.87 41.83 35.14
CA VAL E 25 -2.59 42.94 35.76
C VAL E 25 -3.87 42.44 36.40
N THR E 26 -4.11 42.85 37.64
CA THR E 26 -5.32 42.42 38.35
C THR E 26 -6.49 43.37 38.11
N GLU E 27 -7.65 43.00 38.64
CA GLU E 27 -8.87 43.82 38.54
C GLU E 27 -8.71 45.19 39.18
N SER E 28 -7.82 45.29 40.16
CA SER E 28 -7.64 46.56 40.87
C SER E 28 -6.67 47.47 40.15
N GLY E 29 -5.96 46.95 39.16
CA GLY E 29 -4.97 47.71 38.44
C GLY E 29 -3.55 47.40 38.88
N THR E 30 -3.39 46.68 39.98
CA THR E 30 -2.08 46.27 40.44
C THR E 30 -1.50 45.33 39.40
N HIS E 31 -0.19 45.33 39.26
CA HIS E 31 0.44 44.50 38.24
C HIS E 31 1.78 43.96 38.69
N GLY E 32 2.22 42.92 37.99
CA GLY E 32 3.52 42.33 38.26
C GLY E 32 4.13 41.83 36.97
N ILE E 33 5.44 41.69 36.95
CA ILE E 33 6.13 41.18 35.75
C ILE E 33 7.11 40.06 36.07
N GLY E 34 7.33 39.20 35.09
CA GLY E 34 8.21 38.05 35.20
C GLY E 34 9.04 37.90 33.94
N ASP E 35 10.30 37.49 34.10
CA ASP E 35 11.16 37.27 32.95
C ASP E 35 10.79 35.96 32.27
N ALA E 36 10.77 35.98 30.94
CA ALA E 36 10.43 34.80 30.15
C ALA E 36 11.46 34.55 29.06
N THR E 37 12.66 35.13 29.21
CA THR E 37 13.68 35.08 28.17
C THR E 37 14.44 33.75 28.13
N LEU E 38 14.40 33.10 26.98
CA LEU E 38 15.15 31.86 26.77
C LEU E 38 16.05 32.06 25.55
N ASN E 39 17.33 32.36 25.82
CA ASN E 39 18.27 32.82 24.80
C ASN E 39 18.35 31.89 23.60
N GLY E 40 18.08 32.43 22.41
CA GLY E 40 18.21 31.66 21.19
C GLY E 40 16.98 30.86 20.83
N ARG E 41 16.03 30.81 21.76
CA ARG E 41 14.74 30.14 21.52
C ARG E 41 13.58 31.00 22.00
N GLU E 42 13.75 32.32 21.94
CA GLU E 42 12.83 33.24 22.60
C GLU E 42 11.37 33.12 22.18
N MET E 43 11.13 32.90 20.90
CA MET E 43 9.78 32.96 20.38
C MET E 43 9.00 31.69 20.69
N ALA E 44 9.71 30.62 21.03
CA ALA E 44 9.05 29.41 21.51
C ALA E 44 8.33 29.68 22.84
N VAL E 45 9.01 30.40 23.74
CA VAL E 45 8.40 30.72 25.03
C VAL E 45 7.30 31.75 24.84
N ALA E 46 7.53 32.72 23.96
CA ALA E 46 6.52 33.74 23.68
C ALA E 46 5.22 33.09 23.19
N ALA E 47 5.35 32.12 22.29
CA ALA E 47 4.18 31.39 21.79
C ALA E 47 3.53 30.49 22.84
N TYR E 48 4.35 29.82 23.64
CA TYR E 48 3.85 28.99 24.74
C TYR E 48 2.97 29.85 25.65
N LEU E 49 3.47 31.03 26.01
CA LEU E 49 2.71 31.95 26.85
C LEU E 49 1.48 32.53 26.15
N ASP E 50 1.67 33.12 24.97
CA ASP E 50 0.60 33.85 24.28
C ASP E 50 -0.58 32.97 23.98
N GLU E 51 -0.31 31.77 23.48
CA GLU E 51 -1.36 30.93 22.94
C GLU E 51 -1.93 29.92 23.94
N HIS E 52 -1.12 29.47 24.88
CA HIS E 52 -1.51 28.34 25.71
C HIS E 52 -1.62 28.64 27.21
N VAL E 53 -0.83 29.58 27.70
CA VAL E 53 -0.88 29.91 29.12
C VAL E 53 -1.75 31.14 29.41
N VAL E 54 -1.45 32.25 28.75
CA VAL E 54 -2.18 33.49 28.98
C VAL E 54 -3.73 33.35 28.98
N PRO E 55 -4.31 32.68 27.97
CA PRO E 55 -5.78 32.56 27.99
C PRO E 55 -6.33 31.88 29.26
N ALA E 56 -5.55 30.97 29.83
CA ALA E 56 -5.96 30.25 31.03
C ALA E 56 -5.74 31.05 32.33
N LEU E 57 -4.95 32.12 32.26
CA LEU E 57 -4.69 32.95 33.44
C LEU E 57 -5.85 33.91 33.70
N ILE E 58 -6.54 34.32 32.65
CA ILE E 58 -7.59 35.31 32.77
C ILE E 58 -8.69 34.82 33.70
N GLY E 59 -8.97 35.61 34.74
CA GLY E 59 -10.01 35.26 35.69
C GLY E 59 -9.55 34.50 36.92
N ARG E 60 -8.31 33.99 36.91
CA ARG E 60 -7.77 33.28 38.06
C ARG E 60 -7.48 34.23 39.21
N ASP E 61 -7.58 33.71 40.43
CA ASP E 61 -7.20 34.42 41.64
C ASP E 61 -5.68 34.65 41.61
N ALA E 62 -5.27 35.91 41.53
CA ALA E 62 -3.85 36.25 41.41
C ALA E 62 -3.05 35.81 42.62
N GLY E 63 -3.71 35.68 43.77
CA GLY E 63 -3.00 35.34 45.00
C GLY E 63 -2.68 33.86 45.14
N ARG E 64 -3.28 33.04 44.29
CA ARG E 64 -3.08 31.59 44.37
C ARG E 64 -1.83 31.19 43.60
N ILE E 65 -0.68 31.57 44.14
CA ILE E 65 0.58 31.33 43.46
C ILE E 65 0.89 29.84 43.33
N GLU E 66 0.81 29.12 44.45
CA GLU E 66 1.11 27.69 44.45
C GLU E 66 0.17 26.92 43.50
N ASP E 67 -1.13 27.22 43.61
CA ASP E 67 -2.11 26.55 42.76
C ASP E 67 -1.86 26.82 41.28
N THR E 68 -1.49 28.04 40.95
CA THR E 68 -1.20 28.40 39.55
C THR E 68 0.02 27.63 39.06
N TRP E 69 1.06 27.57 39.89
CA TRP E 69 2.28 26.85 39.53
C TRP E 69 1.96 25.38 39.22
N GLN E 70 1.25 24.72 40.12
CA GLN E 70 0.86 23.33 39.90
C GLN E 70 -0.09 23.18 38.71
N TYR E 71 -1.03 24.10 38.56
CA TYR E 71 -1.96 24.09 37.44
C TYR E 71 -1.19 24.11 36.12
N LEU E 72 -0.17 24.95 36.02
CA LEU E 72 0.61 25.04 34.79
C LEU E 72 1.61 23.89 34.65
N TYR E 73 2.21 23.49 35.76
CA TYR E 73 3.21 22.42 35.71
C TYR E 73 2.59 21.06 35.43
N ARG E 74 1.61 20.68 36.24
CA ARG E 74 0.95 19.41 36.04
C ARG E 74 0.01 19.47 34.85
N GLY E 75 -0.70 20.60 34.71
CA GLY E 75 -1.77 20.71 33.74
C GLY E 75 -1.25 20.69 32.31
N ALA E 76 -0.01 21.08 32.11
CA ALA E 76 0.59 21.04 30.77
C ALA E 76 0.64 19.62 30.23
N TYR E 77 0.61 18.65 31.14
CA TYR E 77 0.69 17.21 30.83
C TYR E 77 2.11 16.77 30.46
N TRP E 78 2.70 17.47 29.49
CA TRP E 78 4.10 17.32 29.14
C TRP E 78 4.92 18.18 30.12
N ARG E 79 5.62 17.52 31.04
CA ARG E 79 6.23 18.21 32.17
C ARG E 79 7.70 18.50 31.96
N ARG E 80 8.16 19.58 32.58
CA ARG E 80 9.58 20.01 32.59
C ARG E 80 9.99 20.55 31.21
N GLY E 81 11.26 20.92 31.08
CA GLY E 81 11.79 21.42 29.82
C GLY E 81 12.03 22.92 29.84
N PRO E 82 12.94 23.40 28.98
CA PRO E 82 13.31 24.81 29.02
C PRO E 82 12.19 25.75 28.62
N VAL E 83 11.42 25.40 27.58
CA VAL E 83 10.34 26.30 27.15
C VAL E 83 9.24 26.29 28.20
N THR E 84 8.82 25.09 28.58
CA THR E 84 7.80 24.88 29.60
C THR E 84 8.11 25.62 30.92
N MET E 85 9.30 25.43 31.46
CA MET E 85 9.59 25.94 32.80
C MET E 85 9.90 27.43 32.80
N THR E 86 10.36 27.95 31.67
CA THR E 86 10.55 29.40 31.53
C THR E 86 9.18 30.10 31.50
N ALA E 87 8.23 29.52 30.79
CA ALA E 87 6.87 30.07 30.77
C ALA E 87 6.31 30.09 32.19
N ILE E 88 6.49 28.97 32.88
CA ILE E 88 5.96 28.85 34.23
C ILE E 88 6.65 29.83 35.18
N ALA E 89 7.97 29.99 35.03
CA ALA E 89 8.74 30.93 35.84
C ALA E 89 8.27 32.38 35.66
N ALA E 90 7.92 32.74 34.44
CA ALA E 90 7.51 34.10 34.14
C ALA E 90 6.21 34.41 34.88
N VAL E 91 5.27 33.47 34.84
CA VAL E 91 4.03 33.61 35.59
C VAL E 91 4.31 33.67 37.08
N ASP E 92 5.14 32.76 37.57
CA ASP E 92 5.45 32.71 38.99
C ASP E 92 6.06 34.01 39.51
N MET E 93 7.01 34.55 38.74
CA MET E 93 7.72 35.76 39.13
C MET E 93 6.76 36.96 39.15
N ALA E 94 5.88 37.01 38.16
CA ALA E 94 4.86 38.06 38.11
C ALA E 94 3.91 37.98 39.30
N LEU E 95 3.51 36.77 39.68
CA LEU E 95 2.59 36.62 40.79
C LEU E 95 3.24 36.96 42.13
N TRP E 96 4.50 36.58 42.32
CA TRP E 96 5.23 36.97 43.55
C TRP E 96 5.41 38.48 43.63
N ASP E 97 5.67 39.11 42.48
CA ASP E 97 5.75 40.56 42.39
C ASP E 97 4.43 41.18 42.89
N ILE E 98 3.31 40.68 42.38
CA ILE E 98 1.99 41.15 42.80
C ILE E 98 1.72 40.92 44.30
N LYS E 99 2.09 39.74 44.78
CA LYS E 99 1.86 39.41 46.19
C LYS E 99 2.67 40.30 47.12
N ALA E 100 3.92 40.55 46.75
CA ALA E 100 4.76 41.42 47.57
C ALA E 100 4.23 42.86 47.56
N LYS E 101 3.76 43.33 46.40
CA LYS E 101 3.12 44.64 46.33
C LYS E 101 1.87 44.68 47.21
N ALA E 102 1.08 43.62 47.16
CA ALA E 102 -0.15 43.58 47.95
C ALA E 102 0.17 43.61 49.44
N ALA E 103 1.28 42.99 49.81
CA ALA E 103 1.73 42.92 51.21
C ALA E 103 2.43 44.21 51.65
N GLY E 104 2.72 45.07 50.69
CA GLY E 104 3.43 46.32 50.97
C GLY E 104 4.87 46.08 51.37
N MET E 105 5.48 45.00 50.86
CA MET E 105 6.84 44.62 51.24
C MET E 105 7.74 44.37 50.03
N PRO E 106 9.03 44.70 50.15
CA PRO E 106 9.97 44.20 49.15
C PRO E 106 9.98 42.68 49.20
N LEU E 107 10.28 42.02 48.09
CA LEU E 107 10.17 40.57 48.01
C LEU E 107 10.98 39.82 49.09
N TYR E 108 12.18 40.28 49.41
CA TYR E 108 12.99 39.54 50.38
C TYR E 108 12.28 39.44 51.74
N GLN E 109 11.50 40.45 52.08
CA GLN E 109 10.76 40.43 53.35
C GLN E 109 9.67 39.39 53.33
N LEU E 110 8.98 39.29 52.20
CA LEU E 110 7.90 38.33 52.05
C LEU E 110 8.44 36.90 52.13
N LEU E 111 9.68 36.69 51.69
CA LEU E 111 10.28 35.36 51.66
C LEU E 111 10.75 34.86 53.03
N GLY E 112 10.84 35.76 54.01
CA GLY E 112 11.34 35.41 55.33
C GLY E 112 12.39 36.37 55.88
N GLY E 113 12.59 37.47 55.17
CA GLY E 113 13.45 38.53 55.66
C GLY E 113 14.91 38.35 55.27
N LYS E 114 15.73 39.34 55.60
CA LYS E 114 17.11 39.30 55.12
C LYS E 114 18.00 38.38 55.96
N SER E 115 18.88 37.65 55.27
CA SER E 115 19.85 36.78 55.91
C SER E 115 21.24 37.38 55.82
N ARG E 116 21.38 38.45 55.04
CA ARG E 116 22.69 39.09 54.85
C ARG E 116 22.49 40.56 54.48
N GLU E 117 23.56 41.34 54.61
CA GLU E 117 23.48 42.79 54.44
C GLU E 117 23.80 43.23 53.03
N ARG E 118 24.39 42.32 52.28
CA ARG E 118 24.67 42.54 50.87
C ARG E 118 24.96 41.22 50.18
N VAL E 119 25.01 41.26 48.85
CA VAL E 119 25.06 40.06 48.04
C VAL E 119 26.32 40.07 47.17
N MET E 120 27.26 39.19 47.50
CA MET E 120 28.52 39.15 46.76
C MET E 120 28.35 38.71 45.30
N THR E 121 29.07 39.39 44.41
CA THR E 121 28.99 39.04 42.98
C THR E 121 30.34 38.59 42.45
N TYR E 122 30.34 38.06 41.23
CA TYR E 122 31.58 37.94 40.47
C TYR E 122 31.41 38.56 39.10
N ALA E 123 32.54 38.98 38.53
CA ALA E 123 32.58 39.61 37.21
C ALA E 123 33.28 38.68 36.24
N HIS E 124 33.00 38.87 34.95
CA HIS E 124 33.71 38.13 33.91
C HIS E 124 34.98 38.87 33.49
N CYS E 125 36.10 38.17 33.55
CA CYS E 125 37.37 38.69 33.05
C CYS E 125 37.83 37.77 31.93
N THR E 126 38.07 38.35 30.77
CA THR E 126 38.38 37.54 29.61
C THR E 126 39.39 38.24 28.72
N GLY E 127 40.27 37.46 28.09
CA GLY E 127 41.15 38.03 27.09
C GLY E 127 41.68 36.95 26.17
N GLN E 128 42.29 37.37 25.06
CA GLN E 128 42.81 36.42 24.10
C GLN E 128 43.99 35.66 24.68
N THR E 129 44.91 36.38 25.30
CA THR E 129 46.06 35.77 25.96
C THR E 129 45.87 35.82 27.46
N ILE E 130 46.70 35.06 28.18
CA ILE E 130 46.70 35.12 29.63
C ILE E 130 46.94 36.56 30.11
N GLU E 131 47.87 37.24 29.48
CA GLU E 131 48.16 38.64 29.82
C GLU E 131 46.94 39.54 29.64
N ASP E 132 46.21 39.35 28.53
CA ASP E 132 45.00 40.12 28.29
C ASP E 132 44.00 39.90 29.44
N CYS E 133 43.83 38.64 29.82
CA CYS E 133 42.89 38.31 30.89
C CYS E 133 43.31 38.97 32.20
N LEU E 134 44.61 38.94 32.50
CA LEU E 134 45.08 39.53 33.75
C LEU E 134 44.81 41.04 33.82
N GLY E 135 44.90 41.71 32.67
CA GLY E 135 44.59 43.12 32.62
C GLY E 135 43.14 43.37 32.99
N GLU E 136 42.25 42.49 32.52
CA GLU E 136 40.83 42.59 32.86
C GLU E 136 40.58 42.31 34.34
N VAL E 137 41.30 41.34 34.91
CA VAL E 137 41.21 41.09 36.34
C VAL E 137 41.58 42.34 37.15
N ALA E 138 42.69 42.97 36.78
CA ALA E 138 43.11 44.20 37.46
C ALA E 138 42.02 45.24 37.38
N ARG E 139 41.40 45.37 36.22
CA ARG E 139 40.39 46.39 36.01
C ARG E 139 39.16 46.14 36.88
N HIS E 140 38.74 44.88 36.97
CA HIS E 140 37.56 44.56 37.76
C HIS E 140 37.81 44.61 39.26
N VAL E 141 39.04 44.31 39.68
CA VAL E 141 39.41 44.52 41.08
C VAL E 141 39.27 46.00 41.44
N GLU E 142 39.66 46.89 40.53
CA GLU E 142 39.50 48.33 40.74
C GLU E 142 38.02 48.73 40.85
N LEU E 143 37.15 47.98 40.19
CA LEU E 143 35.71 48.23 40.28
C LEU E 143 35.11 47.69 41.57
N GLY E 144 35.90 46.96 42.35
CA GLY E 144 35.44 46.49 43.64
C GLY E 144 35.03 45.03 43.73
N TYR E 145 35.13 44.30 42.62
CA TYR E 145 34.81 42.87 42.64
C TYR E 145 35.77 42.09 43.53
N ARG E 146 35.20 41.23 44.36
CA ARG E 146 35.98 40.36 45.24
C ARG E 146 36.17 39.00 44.60
N ALA E 147 35.52 38.78 43.46
CA ALA E 147 35.50 37.48 42.81
C ALA E 147 35.45 37.71 41.32
N VAL E 148 36.24 36.94 40.58
CA VAL E 148 36.30 37.08 39.12
C VAL E 148 36.27 35.70 38.47
N ARG E 149 35.54 35.60 37.36
CA ARG E 149 35.64 34.40 36.53
C ARG E 149 36.64 34.70 35.43
N VAL E 150 37.62 33.81 35.26
CA VAL E 150 38.68 34.07 34.29
C VAL E 150 38.64 33.05 33.15
N GLN E 151 38.75 33.57 31.93
CA GLN E 151 38.77 32.75 30.72
C GLN E 151 39.79 33.36 29.78
N SER E 152 40.57 32.53 29.09
CA SER E 152 41.48 33.06 28.09
C SER E 152 41.54 32.15 26.87
N GLY E 153 42.09 32.67 25.77
CA GLY E 153 42.18 31.89 24.56
C GLY E 153 43.09 30.69 24.75
N VAL E 154 42.88 29.66 23.94
CA VAL E 154 43.76 28.50 23.94
C VAL E 154 44.65 28.60 22.71
N PRO E 155 45.98 28.63 22.93
CA PRO E 155 46.90 28.69 21.79
C PRO E 155 46.68 27.52 20.85
N GLY E 156 46.59 27.80 19.55
CA GLY E 156 46.38 26.75 18.56
C GLY E 156 44.91 26.52 18.26
N ILE E 157 44.05 27.32 18.88
CA ILE E 157 42.61 27.23 18.67
C ILE E 157 42.00 28.60 18.47
N GLU E 158 41.31 28.78 17.35
CA GLU E 158 40.80 30.09 16.95
C GLU E 158 39.77 30.66 17.91
N THR E 159 38.87 29.81 18.40
CA THR E 159 37.76 30.26 19.24
C THR E 159 37.52 29.35 20.44
N THR E 160 37.44 29.94 21.63
CA THR E 160 37.11 29.20 22.84
C THR E 160 35.98 29.90 23.59
N TYR E 161 35.31 29.18 24.49
CA TYR E 161 34.22 29.78 25.25
C TYR E 161 34.64 31.02 26.04
N GLY E 162 33.76 32.02 25.99
CA GLY E 162 33.87 33.15 26.89
C GLY E 162 34.94 34.14 26.51
N VAL E 163 35.50 33.98 25.31
CA VAL E 163 36.55 34.88 24.82
C VAL E 163 36.14 35.63 23.54
N GLU E 172 28.75 38.97 24.18
CA GLU E 172 27.39 38.58 23.79
C GLU E 172 27.43 37.31 22.94
N PRO E 173 27.33 36.14 23.58
CA PRO E 173 27.35 34.81 22.95
C PRO E 173 26.46 34.68 21.71
N ALA E 174 25.22 35.14 21.80
CA ALA E 174 24.31 35.10 20.66
C ALA E 174 24.54 36.32 19.76
N ASP E 175 25.61 36.26 18.96
CA ASP E 175 26.04 37.42 18.19
C ASP E 175 25.88 37.21 16.69
N SER E 176 25.07 36.23 16.31
CA SER E 176 24.83 35.95 14.90
C SER E 176 23.40 35.48 14.73
N SER E 177 22.80 35.79 13.58
CA SER E 177 21.44 35.35 13.28
C SER E 177 21.38 33.82 13.30
N LEU E 178 22.26 33.19 12.53
CA LEU E 178 22.44 31.74 12.55
C LEU E 178 23.56 31.41 13.53
N PRO E 179 23.58 30.17 14.05
CA PRO E 179 24.63 29.85 15.03
C PRO E 179 26.03 29.97 14.42
N ALA E 180 26.91 30.71 15.09
CA ALA E 180 28.30 30.78 14.68
C ALA E 180 28.93 29.41 14.90
N GLU E 181 29.94 29.08 14.12
CA GLU E 181 30.59 27.78 14.19
C GLU E 181 31.99 27.90 14.79
N HIS E 182 32.16 27.41 16.02
CA HIS E 182 33.46 27.43 16.68
C HIS E 182 34.12 26.07 16.57
N VAL E 183 35.45 26.04 16.74
CA VAL E 183 36.21 24.80 16.70
C VAL E 183 36.92 24.61 18.04
N TRP E 184 37.06 23.36 18.48
CA TRP E 184 37.50 23.06 19.83
C TRP E 184 38.52 21.93 19.84
N SER E 185 39.49 22.04 20.75
CA SER E 185 40.40 20.94 21.05
C SER E 185 40.47 20.78 22.56
N THR E 186 39.98 19.67 23.07
CA THR E 186 40.03 19.42 24.51
C THR E 186 41.47 19.34 25.01
N GLU E 187 42.32 18.63 24.30
CA GLU E 187 43.65 18.36 24.80
C GLU E 187 44.49 19.64 24.92
N LYS E 188 44.35 20.55 23.98
CA LYS E 188 45.08 21.82 24.05
C LYS E 188 44.58 22.68 25.21
N TYR E 189 43.27 22.66 25.43
CA TYR E 189 42.68 23.38 26.56
C TYR E 189 43.17 22.85 27.91
N LEU E 190 43.17 21.53 28.06
CA LEU E 190 43.57 20.90 29.33
C LEU E 190 45.01 21.22 29.71
N ASN E 191 45.89 21.35 28.73
CA ASN E 191 47.28 21.72 29.03
C ASN E 191 47.45 23.19 29.34
N HIS E 192 46.60 24.01 28.75
CA HIS E 192 46.74 25.46 28.89
C HIS E 192 46.04 26.05 30.11
N ALA E 193 44.84 25.57 30.40
CA ALA E 193 44.03 26.17 31.46
C ALA E 193 44.73 26.36 32.82
N PRO E 194 45.46 25.34 33.31
CA PRO E 194 46.10 25.54 34.61
C PRO E 194 47.07 26.73 34.63
N LYS E 195 47.67 27.06 33.48
CA LYS E 195 48.62 28.17 33.41
C LYS E 195 47.93 29.51 33.67
N LEU E 196 46.67 29.60 33.25
CA LEU E 196 45.90 30.82 33.48
C LEU E 196 45.73 31.04 34.98
N PHE E 197 45.31 30.01 35.69
CA PHE E 197 45.07 30.17 37.12
C PHE E 197 46.37 30.43 37.88
N ALA E 198 47.45 29.77 37.44
CA ALA E 198 48.75 30.01 38.07
C ALA E 198 49.12 31.48 37.93
N ALA E 199 48.90 32.04 36.75
CA ALA E 199 49.25 33.45 36.50
C ALA E 199 48.36 34.41 37.30
N VAL E 200 47.08 34.07 37.45
CA VAL E 200 46.19 34.90 38.25
C VAL E 200 46.67 34.93 39.71
N ARG E 201 47.04 33.78 40.24
CA ARG E 201 47.51 33.74 41.63
C ARG E 201 48.83 34.47 41.79
N GLU E 202 49.75 34.30 40.83
CA GLU E 202 51.04 34.96 40.93
C GLU E 202 50.88 36.48 40.96
N ARG E 203 49.97 37.01 40.16
CA ARG E 203 49.83 38.48 40.07
C ARG E 203 48.95 39.08 41.16
N PHE E 204 47.88 38.37 41.52
CA PHE E 204 46.84 38.96 42.36
C PHE E 204 46.74 38.36 43.77
N GLY E 205 47.43 37.26 44.01
CA GLY E 205 47.47 36.67 45.34
C GLY E 205 46.31 35.75 45.68
N ASP E 206 46.18 35.45 46.96
CA ASP E 206 45.30 34.36 47.42
C ASP E 206 43.92 34.80 47.92
N ASP E 207 43.73 36.07 48.19
CA ASP E 207 42.47 36.50 48.79
C ASP E 207 41.35 36.62 47.77
N LEU E 208 41.72 36.92 46.53
CA LEU E 208 40.75 37.04 45.44
C LEU E 208 40.04 35.69 45.18
N HIS E 209 38.72 35.72 44.99
CA HIS E 209 38.02 34.48 44.63
C HIS E 209 38.10 34.33 43.12
N VAL E 210 38.48 33.15 42.66
CA VAL E 210 38.71 32.93 41.23
C VAL E 210 37.85 31.78 40.71
N LEU E 211 37.04 32.05 39.69
CA LEU E 211 36.10 31.06 39.16
C LEU E 211 36.45 30.73 37.72
N HIS E 212 36.04 29.56 37.25
CA HIS E 212 36.26 29.21 35.86
C HIS E 212 35.12 28.35 35.35
N ASP E 213 34.73 28.61 34.10
CA ASP E 213 33.62 27.92 33.45
C ASP E 213 34.19 27.03 32.35
N VAL E 214 34.01 25.71 32.51
CA VAL E 214 34.52 24.72 31.57
C VAL E 214 33.58 24.59 30.37
N HIS E 215 32.34 25.03 30.57
CA HIS E 215 31.37 25.11 29.49
C HIS E 215 31.11 23.81 28.72
N HIS E 216 30.95 22.73 29.49
CA HIS E 216 30.42 21.44 29.02
C HIS E 216 31.34 20.62 28.14
N ARG E 217 32.60 21.02 28.00
CA ARG E 217 33.39 20.44 26.92
C ARG E 217 34.17 19.16 27.23
N LEU E 218 34.22 18.79 28.51
CA LEU E 218 35.04 17.65 28.93
C LEU E 218 34.25 16.39 29.21
N THR E 219 34.94 15.25 29.19
CA THR E 219 34.39 14.02 29.73
C THR E 219 34.71 13.99 31.23
N PRO E 220 34.05 13.11 31.99
CA PRO E 220 34.29 13.13 33.44
C PRO E 220 35.75 12.91 33.85
N ILE E 221 36.44 11.95 33.24
CA ILE E 221 37.82 11.73 33.68
C ILE E 221 38.74 12.87 33.27
N GLU E 222 38.40 13.57 32.19
CA GLU E 222 39.16 14.75 31.78
C GLU E 222 38.92 15.87 32.78
N ALA E 223 37.69 16.01 33.24
CA ALA E 223 37.37 17.02 34.24
C ALA E 223 38.02 16.70 35.59
N ALA E 224 38.11 15.41 35.92
CA ALA E 224 38.81 14.97 37.13
C ALA E 224 40.27 15.40 37.07
N ARG E 225 40.90 15.15 35.93
CA ARG E 225 42.28 15.58 35.70
C ARG E 225 42.42 17.09 35.88
N LEU E 226 41.53 17.86 35.26
CA LEU E 226 41.61 19.31 35.34
C LEU E 226 41.43 19.78 36.78
N GLY E 227 40.43 19.24 37.46
CA GLY E 227 40.16 19.58 38.85
C GLY E 227 41.39 19.38 39.71
N LYS E 228 42.04 18.23 39.54
CA LYS E 228 43.26 17.93 40.29
C LYS E 228 44.36 18.92 39.97
N ALA E 229 44.52 19.21 38.69
CA ALA E 229 45.58 20.10 38.22
C ALA E 229 45.44 21.51 38.76
N VAL E 230 44.21 21.92 39.09
CA VAL E 230 43.98 23.29 39.55
C VAL E 230 43.77 23.41 41.05
N GLU E 231 43.84 22.28 41.75
CA GLU E 231 43.81 22.32 43.23
C GLU E 231 44.74 23.35 43.87
N PRO E 232 46.00 23.46 43.38
CA PRO E 232 46.89 24.41 44.06
C PRO E 232 46.45 25.87 43.95
N TYR E 233 45.53 26.17 43.03
CA TYR E 233 45.11 27.56 42.81
C TYR E 233 43.83 27.88 43.54
N HIS E 234 43.27 26.85 44.20
CA HIS E 234 42.09 27.00 45.05
C HIS E 234 40.97 27.82 44.44
N LEU E 235 40.39 27.30 43.37
CA LEU E 235 39.29 27.98 42.70
C LEU E 235 38.03 28.00 43.56
N PHE E 236 37.25 29.07 43.42
CA PHE E 236 35.97 29.20 44.10
C PHE E 236 35.05 28.13 43.54
N TRP E 237 35.06 27.98 42.21
CA TRP E 237 34.44 26.82 41.57
C TRP E 237 34.98 26.53 40.18
N LEU E 238 34.78 25.29 39.76
CA LEU E 238 35.00 24.86 38.40
C LEU E 238 33.61 24.49 37.91
N GLU E 239 33.12 25.19 36.89
CA GLU E 239 31.71 25.14 36.50
C GLU E 239 31.43 24.35 35.22
N ASP E 240 30.33 23.60 35.22
CA ASP E 240 29.83 22.90 34.03
C ASP E 240 30.90 22.06 33.34
N CYS E 241 31.57 21.22 34.11
CA CYS E 241 32.67 20.41 33.58
C CYS E 241 32.24 19.53 32.43
N VAL E 242 31.06 18.94 32.55
CA VAL E 242 30.61 17.87 31.68
C VAL E 242 29.09 17.98 31.50
N PRO E 243 28.57 17.61 30.32
CA PRO E 243 27.11 17.62 30.20
C PRO E 243 26.50 16.65 31.21
N ALA E 244 25.43 17.08 31.85
CA ALA E 244 24.95 16.35 33.02
C ALA E 244 23.49 15.92 32.95
N GLU E 245 22.99 15.66 31.74
CA GLU E 245 21.68 15.02 31.61
C GLU E 245 21.70 13.70 32.34
N ASN E 246 22.82 12.99 32.23
CA ASN E 246 23.11 11.84 33.07
C ASN E 246 23.85 12.37 34.29
N GLN E 247 23.15 12.47 35.41
CA GLN E 247 23.72 13.12 36.58
C GLN E 247 24.90 12.35 37.15
N GLU E 248 24.99 11.05 36.85
CA GLU E 248 26.12 10.25 37.30
C GLU E 248 27.43 10.72 36.68
N SER E 249 27.33 11.57 35.66
CA SER E 249 28.52 12.12 35.01
C SER E 249 29.42 12.87 35.99
N LEU E 250 28.88 13.35 37.10
CA LEU E 250 29.70 14.11 38.04
C LEU E 250 30.52 13.21 38.97
N ARG E 251 30.15 11.93 39.05
CA ARG E 251 30.72 11.06 40.09
C ARG E 251 32.25 10.94 40.04
N LEU E 252 32.81 10.63 38.87
CA LEU E 252 34.25 10.50 38.75
C LEU E 252 35.00 11.78 39.10
N ILE E 253 34.42 12.93 38.74
CA ILE E 253 35.07 14.19 39.04
C ILE E 253 35.13 14.32 40.55
N ARG E 254 33.99 14.12 41.21
CA ARG E 254 33.94 14.31 42.65
C ARG E 254 34.87 13.36 43.40
N GLU E 255 35.01 12.13 42.90
CA GLU E 255 35.84 11.13 43.58
C GLU E 255 37.33 11.39 43.41
N HIS E 256 37.70 12.28 42.49
CA HIS E 256 39.10 12.49 42.17
C HIS E 256 39.66 13.89 42.48
N THR E 257 38.82 14.86 42.81
CA THR E 257 39.35 16.19 43.08
C THR E 257 38.62 16.87 44.22
N THR E 258 39.33 17.76 44.92
CA THR E 258 38.71 18.61 45.93
C THR E 258 38.48 20.04 45.43
N THR E 259 38.69 20.29 44.14
CA THR E 259 38.29 21.57 43.59
C THR E 259 36.76 21.66 43.62
N PRO E 260 36.22 22.77 44.16
CA PRO E 260 34.76 22.84 44.27
C PRO E 260 34.08 22.88 42.89
N LEU E 261 32.91 22.27 42.80
CA LEU E 261 32.21 22.12 41.52
C LEU E 261 30.88 22.86 41.48
N ALA E 262 30.59 23.49 40.34
CA ALA E 262 29.30 24.16 40.14
C ALA E 262 28.66 23.63 38.88
N ILE E 263 27.33 23.52 38.89
CA ILE E 263 26.63 23.08 37.69
C ILE E 263 25.20 23.60 37.71
N GLY E 264 24.60 23.70 36.53
CA GLY E 264 23.15 23.75 36.47
C GLY E 264 22.47 24.88 35.73
N GLU E 265 23.23 25.76 35.11
CA GLU E 265 22.58 26.85 34.37
C GLU E 265 21.67 26.34 33.26
N VAL E 266 21.94 25.15 32.72
CA VAL E 266 21.09 24.61 31.66
C VAL E 266 19.95 23.75 32.18
N PHE E 267 19.80 23.67 33.50
CA PHE E 267 18.71 22.88 34.10
C PHE E 267 17.43 23.71 34.24
N ASN E 268 16.30 23.03 34.36
CA ASN E 268 15.01 23.70 34.55
C ASN E 268 14.12 23.06 35.60
N SER E 269 14.59 21.98 36.21
CA SER E 269 13.78 21.23 37.17
C SER E 269 14.58 20.70 38.34
N ILE E 270 13.98 20.60 39.52
CA ILE E 270 14.65 19.94 40.65
C ILE E 270 15.02 18.50 40.26
N HIS E 271 14.29 17.93 39.31
CA HIS E 271 14.56 16.57 38.87
C HIS E 271 15.80 16.46 38.00
N ASP E 272 16.37 17.60 37.59
CA ASP E 272 17.63 17.62 36.85
C ASP E 272 18.81 17.55 37.79
N CYS E 273 18.58 17.78 39.08
CA CYS E 273 19.70 17.90 39.99
C CYS E 273 19.52 17.26 41.36
N ARG E 274 18.39 16.59 41.56
CA ARG E 274 18.12 15.97 42.86
C ARG E 274 19.26 15.04 43.28
N GLU E 275 19.67 14.17 42.36
CA GLU E 275 20.73 13.21 42.66
C GLU E 275 22.10 13.88 42.82
N LEU E 276 22.37 14.88 41.98
CA LEU E 276 23.64 15.62 42.08
C LEU E 276 23.79 16.17 43.50
N ILE E 277 22.70 16.69 44.04
CA ILE E 277 22.71 17.29 45.35
C ILE E 277 22.77 16.22 46.45
N GLN E 278 21.86 15.24 46.38
CA GLN E 278 21.80 14.23 47.45
C GLN E 278 23.04 13.36 47.56
N ASN E 279 23.74 13.17 46.45
CA ASN E 279 24.98 12.38 46.47
C ASN E 279 26.21 13.23 46.79
N GLN E 280 25.99 14.52 47.03
CA GLN E 280 27.07 15.46 47.29
C GLN E 280 28.10 15.48 46.17
N TRP E 281 27.63 15.60 44.92
CA TRP E 281 28.53 15.65 43.78
C TRP E 281 28.84 17.07 43.34
N ILE E 282 28.17 18.07 43.93
CA ILE E 282 28.41 19.47 43.56
C ILE E 282 28.41 20.35 44.79
N ASP E 283 29.00 21.54 44.66
CA ASP E 283 29.02 22.51 45.74
C ASP E 283 28.10 23.69 45.54
N TYR E 284 27.82 24.02 44.27
CA TYR E 284 26.95 25.14 43.95
C TYR E 284 26.00 24.75 42.85
N ILE E 285 24.75 25.13 43.02
CA ILE E 285 23.71 24.89 42.04
C ILE E 285 23.41 26.21 41.32
N ARG E 286 23.44 26.17 39.98
CA ARG E 286 23.46 27.38 39.16
C ARG E 286 22.14 27.71 38.48
N MET E 287 21.15 26.84 38.62
CA MET E 287 19.86 27.07 37.95
C MET E 287 19.23 28.37 38.44
N PRO E 288 18.88 29.28 37.50
CA PRO E 288 18.35 30.59 37.89
C PRO E 288 16.83 30.64 37.91
N LEU E 289 16.28 31.75 38.38
CA LEU E 289 14.84 31.88 38.52
C LEU E 289 14.08 31.73 37.20
N THR E 290 14.56 32.40 36.16
CA THR E 290 13.84 32.44 34.87
C THR E 290 13.71 31.07 34.22
N HIS E 291 14.73 30.23 34.38
CA HIS E 291 14.74 28.96 33.70
C HIS E 291 14.36 27.80 34.61
N GLY E 292 14.36 28.06 35.91
CA GLY E 292 14.11 27.02 36.90
C GLY E 292 12.75 27.11 37.57
N GLY E 293 11.77 27.67 36.88
CA GLY E 293 10.39 27.63 37.37
C GLY E 293 10.06 28.68 38.42
N GLY E 294 10.88 29.71 38.49
CA GLY E 294 10.59 30.84 39.37
C GLY E 294 10.91 30.65 40.83
N ILE E 295 10.39 31.57 41.64
CA ILE E 295 10.63 31.59 43.09
C ILE E 295 10.08 30.34 43.76
N THR E 296 8.87 29.95 43.37
CA THR E 296 8.20 28.80 43.96
C THR E 296 9.07 27.53 43.86
N ALA E 297 9.58 27.25 42.67
CA ALA E 297 10.40 26.06 42.47
C ALA E 297 11.80 26.20 43.05
N MET E 298 12.39 27.39 42.91
CA MET E 298 13.78 27.56 43.32
C MET E 298 13.96 27.58 44.84
N ARG E 299 12.93 27.98 45.59
CA ARG E 299 12.96 27.84 47.04
C ARG E 299 13.19 26.37 47.37
N ARG E 300 12.47 25.50 46.68
CA ARG E 300 12.54 24.07 46.95
C ARG E 300 13.90 23.50 46.59
N VAL E 301 14.46 23.96 45.48
CA VAL E 301 15.80 23.53 45.08
C VAL E 301 16.85 23.99 46.10
N ALA E 302 16.80 25.26 46.49
CA ALA E 302 17.78 25.78 47.45
C ALA E 302 17.68 25.07 48.80
N ASP E 303 16.45 24.79 49.23
CA ASP E 303 16.26 24.07 50.49
C ASP E 303 16.80 22.65 50.45
N LEU E 304 16.60 21.93 49.34
CA LEU E 304 17.18 20.59 49.18
C LEU E 304 18.71 20.72 49.24
N ALA E 305 19.23 21.68 48.51
CA ALA E 305 20.66 21.92 48.46
C ALA E 305 21.22 22.14 49.86
N SER E 306 20.47 22.86 50.69
CA SER E 306 20.96 23.21 52.02
C SER E 306 21.23 22.01 52.94
N LEU E 307 20.51 20.91 52.72
CA LEU E 307 20.71 19.71 53.54
C LEU E 307 22.06 19.06 53.28
N TYR E 308 22.69 19.41 52.15
CA TYR E 308 23.93 18.77 51.73
C TYR E 308 25.06 19.79 51.58
N HIS E 309 24.90 20.95 52.24
CA HIS E 309 25.90 22.02 52.23
C HIS E 309 26.10 22.67 50.86
N VAL E 310 25.22 22.40 49.92
CA VAL E 310 25.28 23.01 48.59
C VAL E 310 24.73 24.43 48.65
N ARG E 311 25.40 25.36 47.99
CA ARG E 311 25.01 26.77 48.02
C ARG E 311 24.48 27.23 46.66
N THR E 312 23.74 28.34 46.64
CA THR E 312 23.21 28.86 45.38
C THR E 312 24.25 29.70 44.63
N GLY E 313 24.26 29.54 43.32
CA GLY E 313 25.13 30.36 42.48
C GLY E 313 24.39 30.68 41.19
N PHE E 314 23.29 31.41 41.32
CA PHE E 314 22.42 31.72 40.19
C PHE E 314 23.16 32.18 38.93
N HIS E 315 22.87 31.52 37.83
CA HIS E 315 23.28 32.01 36.51
C HIS E 315 22.76 33.44 36.37
N GLY E 316 23.64 34.36 36.01
CA GLY E 316 23.27 35.77 35.84
C GLY E 316 23.89 36.42 34.62
N PRO E 317 23.58 35.91 33.41
CA PRO E 317 24.13 36.48 32.18
C PRO E 317 23.29 37.67 31.73
N THR E 318 23.70 38.32 30.64
CA THR E 318 22.89 39.42 30.14
C THR E 318 21.55 38.92 29.59
N ASP E 319 21.46 37.63 29.27
CA ASP E 319 20.24 37.09 28.65
C ASP E 319 19.16 36.71 29.65
N LEU E 320 19.41 36.96 30.93
CA LEU E 320 18.31 37.03 31.90
C LEU E 320 18.10 38.50 32.16
N SER E 321 16.86 38.97 32.09
CA SER E 321 16.59 40.40 32.14
C SER E 321 16.76 40.97 33.55
N PRO E 322 16.78 42.30 33.69
CA PRO E 322 16.80 42.92 35.02
C PRO E 322 15.61 42.50 35.89
N VAL E 323 14.53 42.02 35.30
CA VAL E 323 13.42 41.50 36.10
C VAL E 323 13.92 40.27 36.88
N CYS E 324 14.58 39.36 36.19
CA CYS E 324 15.17 38.21 36.84
C CYS E 324 16.23 38.61 37.86
N LEU E 325 17.09 39.56 37.49
CA LEU E 325 18.18 39.97 38.39
C LEU E 325 17.64 40.59 39.67
N GLY E 326 16.65 41.47 39.56
CA GLY E 326 16.02 42.05 40.73
C GLY E 326 15.41 41.00 41.64
N ALA E 327 14.64 40.08 41.06
CA ALA E 327 14.03 39.01 41.83
C ALA E 327 15.12 38.13 42.46
N ALA E 328 16.19 37.87 41.71
CA ALA E 328 17.29 37.04 42.20
C ALA E 328 17.99 37.69 43.37
N ILE E 329 18.17 39.00 43.30
CA ILE E 329 18.83 39.72 44.39
C ILE E 329 17.99 39.63 45.66
N HIS E 330 16.66 39.74 45.53
CA HIS E 330 15.77 39.55 46.66
C HIS E 330 15.89 38.14 47.22
N PHE E 331 15.82 37.13 46.35
CA PHE E 331 15.99 35.75 46.76
C PHE E 331 17.35 35.55 47.46
N ASP E 332 18.42 36.05 46.85
CA ASP E 332 19.80 35.97 47.37
C ASP E 332 19.90 36.59 48.75
N THR E 333 19.06 37.60 49.02
CA THR E 333 19.16 38.35 50.25
C THR E 333 18.56 37.53 51.39
N TRP E 334 17.55 36.73 51.08
CA TRP E 334 16.89 35.88 52.07
C TRP E 334 17.52 34.50 52.27
N VAL E 335 17.89 33.86 51.17
CA VAL E 335 18.20 32.42 51.23
C VAL E 335 19.39 32.15 52.15
N PRO E 336 19.25 31.19 53.07
CA PRO E 336 20.36 30.97 54.02
C PRO E 336 21.63 30.51 53.28
N ASN E 337 21.48 29.55 52.39
CA ASN E 337 22.63 28.96 51.71
C ASN E 337 23.01 29.65 50.42
N PHE E 338 23.06 30.98 50.47
CA PHE E 338 23.57 31.77 49.34
C PHE E 338 25.05 31.50 49.13
N GLY E 339 25.47 31.35 47.87
CA GLY E 339 26.88 31.25 47.54
C GLY E 339 27.46 32.49 46.89
N ILE E 340 26.96 32.83 45.71
CA ILE E 340 27.44 34.00 44.96
C ILE E 340 26.43 34.34 43.88
N GLN E 341 26.47 35.59 43.41
CA GLN E 341 25.60 36.03 42.32
C GLN E 341 26.43 36.49 41.13
N GLU E 342 26.34 35.78 40.02
CA GLU E 342 26.98 36.21 38.78
C GLU E 342 26.49 37.60 38.36
N HIS E 343 27.42 38.46 37.94
CA HIS E 343 27.05 39.76 37.39
C HIS E 343 27.66 40.04 36.02
N MET E 344 26.82 39.96 34.99
CA MET E 344 27.17 40.48 33.67
C MET E 344 26.31 41.73 33.45
N PRO E 345 26.91 42.92 33.57
CA PRO E 345 26.13 44.17 33.47
C PRO E 345 25.34 44.28 32.16
N HIS E 346 24.08 44.69 32.28
CA HIS E 346 23.22 44.89 31.12
C HIS E 346 23.61 46.19 30.41
N THR E 347 23.18 46.35 29.15
CA THR E 347 23.42 47.60 28.44
C THR E 347 22.61 48.73 29.07
N ASP E 348 23.01 49.97 28.83
CA ASP E 348 22.24 51.11 29.31
C ASP E 348 20.80 51.09 28.79
N GLU E 349 20.63 50.69 27.54
CA GLU E 349 19.30 50.63 26.94
C GLU E 349 18.43 49.58 27.66
N THR E 350 19.03 48.46 28.00
CA THR E 350 18.33 47.44 28.76
C THR E 350 17.92 47.96 30.15
N ASP E 351 18.85 48.61 30.83
CA ASP E 351 18.55 49.18 32.15
C ASP E 351 17.41 50.21 32.08
N ALA E 352 17.33 50.95 30.98
CA ALA E 352 16.30 51.97 30.81
C ALA E 352 14.93 51.34 30.57
N VAL E 353 14.91 50.25 29.82
CA VAL E 353 13.65 49.55 29.53
C VAL E 353 13.10 48.89 30.80
N PHE E 354 14.01 48.51 31.70
CA PHE E 354 13.62 47.84 32.94
C PHE E 354 14.04 48.58 34.21
N PRO E 355 13.42 49.73 34.51
CA PRO E 355 13.77 50.52 35.70
C PRO E 355 13.71 49.64 36.94
N HIS E 356 14.66 49.81 37.84
CA HIS E 356 14.77 48.90 38.97
C HIS E 356 15.43 49.60 40.16
N ASP E 357 15.25 49.04 41.35
CA ASP E 357 15.80 49.66 42.54
C ASP E 357 16.90 48.87 43.25
N TYR E 358 17.32 47.74 42.68
CA TYR E 358 18.54 47.12 43.19
C TYR E 358 19.73 48.01 42.88
N ARG E 359 20.75 47.94 43.73
CA ARG E 359 21.94 48.77 43.55
C ARG E 359 23.19 47.90 43.59
N PHE E 360 24.20 48.29 42.81
CA PHE E 360 25.49 47.65 42.84
C PHE E 360 26.47 48.62 43.48
N GLU E 361 27.13 48.18 44.55
CA GLU E 361 28.11 49.00 45.25
C GLU E 361 29.22 48.13 45.77
N ASP E 362 30.46 48.54 45.51
CA ASP E 362 31.63 47.89 46.13
C ASP E 362 31.61 46.37 45.92
N GLY E 363 31.30 45.94 44.70
CA GLY E 363 31.34 44.53 44.36
C GLY E 363 30.16 43.69 44.82
N HIS E 364 29.14 44.34 45.39
CA HIS E 364 27.98 43.62 45.90
C HIS E 364 26.67 44.22 45.43
N PHE E 365 25.63 43.40 45.35
CA PHE E 365 24.29 43.94 45.17
C PHE E 365 23.63 44.24 46.52
N LEU E 366 22.77 45.24 46.51
CA LEU E 366 21.91 45.55 47.64
C LEU E 366 20.47 45.45 47.16
N ALA E 367 19.63 44.72 47.87
CA ALA E 367 18.24 44.56 47.47
C ALA E 367 17.47 45.88 47.57
N GLY E 368 16.51 46.06 46.67
CA GLY E 368 15.64 47.21 46.74
C GLY E 368 14.69 47.13 47.92
N GLU E 369 14.12 48.27 48.28
CA GLU E 369 13.15 48.34 49.38
C GLU E 369 11.71 48.56 48.89
N SER E 370 11.54 48.80 47.59
CA SER E 370 10.20 49.01 47.03
C SER E 370 9.39 47.72 47.12
N PRO E 371 8.07 47.84 47.32
CA PRO E 371 7.24 46.62 47.29
C PRO E 371 7.30 45.92 45.94
N GLY E 372 7.29 44.59 45.96
CA GLY E 372 7.47 43.79 44.76
C GLY E 372 8.91 43.35 44.64
N HIS E 373 9.34 42.86 43.47
CA HIS E 373 10.76 42.64 43.27
C HIS E 373 11.52 43.92 42.89
N GLY E 374 10.79 45.01 42.72
CA GLY E 374 11.40 46.31 42.51
C GLY E 374 11.76 46.64 41.07
N VAL E 375 11.36 45.78 40.14
CA VAL E 375 11.62 46.03 38.73
C VAL E 375 10.31 46.31 38.01
N ASP E 376 10.35 47.22 37.04
CA ASP E 376 9.19 47.48 36.20
CA ASP E 376 9.21 47.55 36.20
C ASP E 376 9.64 47.43 34.75
N ILE E 377 8.68 47.56 33.84
CA ILE E 377 9.02 47.63 32.41
C ILE E 377 8.40 48.88 31.82
N ASP E 378 9.21 49.64 31.10
CA ASP E 378 8.72 50.82 30.38
C ASP E 378 8.28 50.34 29.00
N GLU E 379 6.99 50.09 28.84
CA GLU E 379 6.48 49.50 27.59
C GLU E 379 6.61 50.44 26.40
N GLU E 380 6.45 51.73 26.66
CA GLU E 380 6.62 52.74 25.63
C GLU E 380 8.04 52.68 25.06
N LEU E 381 9.03 52.58 25.95
CA LEU E 381 10.42 52.49 25.50
C LEU E 381 10.73 51.13 24.88
N ALA E 382 10.19 50.07 25.45
CA ALA E 382 10.43 48.73 24.90
C ALA E 382 9.97 48.62 23.44
N ALA E 383 8.92 49.35 23.10
CA ALA E 383 8.33 49.32 21.77
C ALA E 383 9.27 49.89 20.71
N LYS E 384 10.29 50.61 21.15
N LYS E 384 10.30 50.60 21.17
CA LYS E 384 11.22 51.22 20.20
CA LYS E 384 11.25 51.25 20.27
C LYS E 384 12.33 50.27 19.77
C LYS E 384 12.45 50.36 19.93
N TYR E 385 12.48 49.16 20.48
CA TYR E 385 13.52 48.17 20.14
C TYR E 385 12.95 46.85 19.68
N PRO E 386 12.75 46.68 18.37
CA PRO E 386 12.12 45.48 17.82
C PRO E 386 13.02 44.25 17.99
N TYR E 387 12.39 43.09 18.16
CA TYR E 387 13.07 41.80 18.16
C TYR E 387 14.05 41.68 16.99
N GLU E 388 15.24 41.16 17.27
CA GLU E 388 16.22 40.82 16.24
C GLU E 388 16.71 39.41 16.51
N ARG E 389 16.43 38.49 15.59
CA ARG E 389 16.86 37.10 15.73
C ARG E 389 18.35 36.96 16.02
N ALA E 390 18.69 36.19 17.06
CA ALA E 390 20.08 35.87 17.36
C ALA E 390 20.17 34.49 18.01
N SER E 391 21.07 33.65 17.50
CA SER E 391 21.26 32.30 17.99
C SER E 391 22.61 32.13 18.68
N LEU E 392 22.64 31.19 19.62
CA LEU E 392 23.87 30.78 20.30
C LEU E 392 24.76 29.98 19.36
N PRO E 393 26.09 30.04 19.59
CA PRO E 393 26.98 29.29 18.70
C PRO E 393 26.87 27.79 18.90
N VAL E 394 27.40 27.05 17.93
CA VAL E 394 27.71 25.64 18.14
C VAL E 394 29.22 25.44 18.12
N ASN E 395 29.65 24.28 18.60
CA ASN E 395 31.05 23.97 18.75
C ASN E 395 31.31 22.66 18.03
N ARG E 396 32.37 22.60 17.24
CA ARG E 396 32.75 21.34 16.59
C ARG E 396 34.18 20.98 16.94
N LEU E 397 34.47 19.69 17.04
CA LEU E 397 35.85 19.26 17.20
C LEU E 397 36.64 19.49 15.92
N GLU E 398 37.95 19.26 15.99
CA GLU E 398 38.78 19.53 14.83
C GLU E 398 38.46 18.65 13.61
N ASP E 399 37.81 17.50 13.84
CA ASP E 399 37.44 16.64 12.72
C ASP E 399 36.02 16.93 12.21
N GLY E 400 35.34 17.89 12.84
CA GLY E 400 34.02 18.28 12.39
C GLY E 400 32.91 17.79 13.32
N THR E 401 33.26 16.94 14.29
CA THR E 401 32.24 16.38 15.21
C THR E 401 31.47 17.48 15.94
N LEU E 402 30.14 17.43 15.84
CA LEU E 402 29.32 18.40 16.58
C LEU E 402 29.45 18.11 18.07
N TRP E 403 30.01 19.07 18.79
CA TRP E 403 30.38 18.90 20.19
C TRP E 403 29.50 19.80 21.06
N HIS E 404 29.95 20.06 22.28
CA HIS E 404 29.19 20.84 23.24
C HIS E 404 29.75 22.25 23.25
N TRP E 405 28.89 23.25 23.10
CA TRP E 405 29.36 24.63 23.21
C TRP E 405 29.24 25.12 24.64
N SER F 2 -41.52 7.56 -1.46
CA SER F 2 -40.18 8.07 -1.73
C SER F 2 -40.17 9.59 -1.81
N LEU F 3 -38.97 10.17 -1.77
CA LEU F 3 -38.79 11.62 -1.82
C LEU F 3 -39.05 12.16 -3.23
N LYS F 4 -39.84 13.23 -3.31
CA LYS F 4 -40.34 13.71 -4.59
C LYS F 4 -39.75 15.05 -4.97
N ILE F 5 -39.76 15.33 -6.26
CA ILE F 5 -39.43 16.66 -6.76
C ILE F 5 -40.56 17.64 -6.42
N ARG F 6 -40.21 18.75 -5.76
CA ARG F 6 -41.23 19.73 -5.38
C ARG F 6 -41.21 20.94 -6.31
N ASP F 7 -40.11 21.15 -7.01
CA ASP F 7 -39.94 22.32 -7.86
C ASP F 7 -38.81 22.06 -8.85
N ALA F 8 -38.90 22.74 -9.98
CA ALA F 8 -37.87 22.65 -11.01
C ALA F 8 -37.99 23.90 -11.84
N TYR F 9 -36.86 24.51 -12.20
CA TYR F 9 -36.92 25.74 -12.98
C TYR F 9 -35.60 26.03 -13.65
N THR F 10 -35.64 26.86 -14.68
CA THR F 10 -34.40 27.26 -15.35
C THR F 10 -33.92 28.62 -14.88
N ILE F 11 -32.61 28.81 -15.03
CA ILE F 11 -31.95 30.09 -14.79
C ILE F 11 -31.16 30.40 -16.05
N VAL F 12 -31.34 31.60 -16.59
CA VAL F 12 -30.64 32.03 -17.78
C VAL F 12 -29.78 33.23 -17.40
N THR F 13 -28.48 33.16 -17.68
CA THR F 13 -27.57 34.23 -17.26
C THR F 13 -26.45 34.40 -18.28
N CYS F 14 -25.87 35.59 -18.34
CA CYS F 14 -24.80 35.86 -19.31
C CYS F 14 -23.57 36.50 -18.68
N PRO F 15 -22.86 35.78 -17.81
CA PRO F 15 -21.67 36.35 -17.17
C PRO F 15 -20.45 36.21 -18.07
N GLY F 16 -20.50 36.88 -19.22
CA GLY F 16 -19.44 36.77 -20.21
C GLY F 16 -19.94 36.09 -21.48
N ARG F 17 -20.89 35.18 -21.30
CA ARG F 17 -21.57 34.51 -22.41
C ARG F 17 -22.79 33.80 -21.82
N ASN F 18 -23.69 33.33 -22.68
CA ASN F 18 -24.95 32.76 -22.18
C ASN F 18 -24.83 31.37 -21.58
N PHE F 19 -25.49 31.15 -20.44
CA PHE F 19 -25.66 29.81 -19.91
C PHE F 19 -27.10 29.61 -19.46
N VAL F 20 -27.59 28.39 -19.66
CA VAL F 20 -28.89 27.98 -19.15
C VAL F 20 -28.67 26.82 -18.19
N THR F 21 -29.30 26.89 -17.02
CA THR F 21 -29.12 25.89 -15.98
C THR F 21 -30.50 25.44 -15.50
N LEU F 22 -30.66 24.15 -15.23
CA LEU F 22 -31.88 23.65 -14.61
C LEU F 22 -31.60 23.33 -13.14
N LYS F 23 -32.49 23.78 -12.25
CA LYS F 23 -32.40 23.42 -10.84
C LYS F 23 -33.61 22.57 -10.48
N ILE F 24 -33.37 21.48 -9.78
CA ILE F 24 -34.44 20.61 -9.28
C ILE F 24 -34.37 20.57 -7.76
N VAL F 25 -35.51 20.72 -7.09
CA VAL F 25 -35.54 20.78 -5.62
C VAL F 25 -36.51 19.70 -5.11
N THR F 26 -36.12 18.98 -4.05
CA THR F 26 -36.96 17.92 -3.51
C THR F 26 -37.76 18.37 -2.28
N GLU F 27 -38.69 17.52 -1.85
CA GLU F 27 -39.51 17.81 -0.66
C GLU F 27 -38.69 17.87 0.63
N SER F 28 -37.44 17.40 0.59
CA SER F 28 -36.57 17.47 1.76
C SER F 28 -35.68 18.71 1.70
N GLY F 29 -35.83 19.46 0.62
CA GLY F 29 -35.09 20.71 0.46
C GLY F 29 -33.71 20.54 -0.13
N THR F 30 -33.36 19.33 -0.54
CA THR F 30 -32.12 19.07 -1.23
C THR F 30 -32.31 19.50 -2.69
N HIS F 31 -31.24 19.91 -3.35
CA HIS F 31 -31.37 20.33 -4.74
C HIS F 31 -30.19 19.87 -5.58
N GLY F 32 -30.40 19.88 -6.89
CA GLY F 32 -29.33 19.54 -7.82
C GLY F 32 -29.46 20.45 -9.03
N ILE F 33 -28.35 20.68 -9.73
CA ILE F 33 -28.42 21.48 -10.95
C ILE F 33 -27.78 20.77 -12.12
N GLY F 34 -28.22 21.14 -13.32
CA GLY F 34 -27.68 20.56 -14.54
C GLY F 34 -27.52 21.62 -15.62
N ASP F 35 -26.51 21.45 -16.45
CA ASP F 35 -26.27 22.39 -17.54
C ASP F 35 -27.24 22.12 -18.69
N ALA F 36 -27.80 23.19 -19.24
CA ALA F 36 -28.74 23.09 -20.35
C ALA F 36 -28.35 24.03 -21.49
N THR F 37 -27.07 24.40 -21.55
CA THR F 37 -26.64 25.42 -22.50
C THR F 37 -26.40 24.83 -23.89
N LEU F 38 -27.08 25.38 -24.90
CA LEU F 38 -26.85 24.99 -26.30
C LEU F 38 -26.48 26.24 -27.08
N ASN F 39 -25.19 26.40 -27.37
CA ASN F 39 -24.65 27.65 -27.89
C ASN F 39 -25.35 28.11 -29.16
N GLY F 40 -25.89 29.32 -29.13
CA GLY F 40 -26.50 29.90 -30.31
C GLY F 40 -27.95 29.51 -30.53
N ARG F 41 -28.46 28.60 -29.69
CA ARG F 41 -29.88 28.22 -29.75
C ARG F 41 -30.41 28.10 -28.32
N GLU F 42 -29.87 28.91 -27.42
CA GLU F 42 -30.11 28.71 -25.99
C GLU F 42 -31.56 28.71 -25.59
N MET F 43 -32.35 29.59 -26.20
CA MET F 43 -33.72 29.79 -25.72
C MET F 43 -34.64 28.67 -26.18
N ALA F 44 -34.22 27.92 -27.19
CA ALA F 44 -34.99 26.75 -27.60
C ALA F 44 -34.99 25.71 -26.48
N VAL F 45 -33.83 25.50 -25.85
CA VAL F 45 -33.75 24.56 -24.73
C VAL F 45 -34.48 25.10 -23.51
N ALA F 46 -34.30 26.39 -23.24
CA ALA F 46 -35.00 27.03 -22.12
C ALA F 46 -36.51 26.84 -22.24
N ALA F 47 -37.05 27.02 -23.45
CA ALA F 47 -38.49 26.82 -23.66
C ALA F 47 -38.88 25.34 -23.57
N TYR F 48 -38.06 24.46 -24.15
CA TYR F 48 -38.30 23.04 -24.08
C TYR F 48 -38.44 22.61 -22.62
N LEU F 49 -37.51 23.06 -21.78
CA LEU F 49 -37.58 22.78 -20.34
C LEU F 49 -38.75 23.48 -19.63
N ASP F 50 -38.85 24.80 -19.77
CA ASP F 50 -39.85 25.56 -19.03
C ASP F 50 -41.27 25.11 -19.29
N GLU F 51 -41.58 24.91 -20.57
CA GLU F 51 -42.95 24.70 -20.99
C GLU F 51 -43.36 23.23 -21.06
N HIS F 52 -42.40 22.34 -21.27
CA HIS F 52 -42.78 20.95 -21.56
C HIS F 52 -42.22 19.91 -20.60
N VAL F 53 -41.02 20.16 -20.07
CA VAL F 53 -40.39 19.16 -19.21
C VAL F 53 -40.66 19.47 -17.75
N VAL F 54 -40.38 20.70 -17.34
CA VAL F 54 -40.57 21.12 -15.94
C VAL F 54 -41.92 20.74 -15.31
N PRO F 55 -43.05 21.00 -16.00
CA PRO F 55 -44.34 20.62 -15.37
C PRO F 55 -44.48 19.12 -15.12
N ALA F 56 -43.87 18.30 -15.96
CA ALA F 56 -43.94 16.85 -15.81
C ALA F 56 -42.97 16.32 -14.76
N LEU F 57 -42.00 17.12 -14.33
CA LEU F 57 -41.08 16.69 -13.27
C LEU F 57 -41.71 16.77 -11.89
N ILE F 58 -42.63 17.71 -11.69
CA ILE F 58 -43.22 17.94 -10.37
C ILE F 58 -43.89 16.67 -9.85
N GLY F 59 -43.55 16.28 -8.63
CA GLY F 59 -44.14 15.09 -8.06
C GLY F 59 -43.46 13.77 -8.40
N ARG F 60 -42.52 13.77 -9.35
CA ARG F 60 -41.77 12.54 -9.66
C ARG F 60 -40.82 12.18 -8.52
N ASP F 61 -40.56 10.89 -8.33
CA ASP F 61 -39.56 10.43 -7.37
C ASP F 61 -38.19 10.88 -7.85
N ALA F 62 -37.51 11.71 -7.06
CA ALA F 62 -36.22 12.25 -7.46
C ALA F 62 -35.17 11.15 -7.70
N GLY F 63 -35.30 10.05 -6.98
CA GLY F 63 -34.32 8.98 -7.09
C GLY F 63 -34.43 8.13 -8.35
N ARG F 64 -35.54 8.28 -9.07
CA ARG F 64 -35.77 7.48 -10.26
C ARG F 64 -35.09 8.10 -11.49
N ILE F 65 -33.75 8.11 -11.47
CA ILE F 65 -32.97 8.70 -12.55
C ILE F 65 -33.22 8.01 -13.89
N GLU F 66 -33.10 6.69 -13.91
CA GLU F 66 -33.29 5.94 -15.15
C GLU F 66 -34.71 6.09 -15.70
N ASP F 67 -35.70 5.93 -14.83
CA ASP F 67 -37.08 6.05 -15.26
C ASP F 67 -37.36 7.44 -15.81
N THR F 68 -36.82 8.47 -15.16
CA THR F 68 -37.01 9.83 -15.64
C THR F 68 -36.36 10.04 -17.01
N TRP F 69 -35.16 9.50 -17.19
CA TRP F 69 -34.46 9.62 -18.46
C TRP F 69 -35.29 8.98 -19.58
N GLN F 70 -35.78 7.77 -19.34
CA GLN F 70 -36.60 7.08 -20.34
C GLN F 70 -37.93 7.78 -20.58
N TYR F 71 -38.57 8.24 -19.51
CA TYR F 71 -39.81 9.01 -19.59
C TYR F 71 -39.65 10.21 -20.51
N LEU F 72 -38.54 10.95 -20.35
CA LEU F 72 -38.33 12.13 -21.19
C LEU F 72 -37.89 11.77 -22.60
N TYR F 73 -37.06 10.76 -22.72
CA TYR F 73 -36.50 10.38 -24.01
C TYR F 73 -37.53 9.71 -24.92
N ARG F 74 -38.17 8.68 -24.40
CA ARG F 74 -39.24 8.00 -25.12
C ARG F 74 -40.52 8.82 -25.13
N GLY F 75 -40.85 9.44 -24.00
CA GLY F 75 -42.11 10.14 -23.85
C GLY F 75 -42.23 11.35 -24.74
N ALA F 76 -41.10 11.93 -25.12
CA ALA F 76 -41.14 13.09 -26.03
C ALA F 76 -41.75 12.74 -27.38
N TYR F 77 -41.71 11.45 -27.72
CA TYR F 77 -42.20 10.90 -29.00
C TYR F 77 -41.22 11.18 -30.13
N TRP F 78 -40.88 12.47 -30.29
CA TRP F 78 -39.85 12.89 -31.21
C TRP F 78 -38.49 12.73 -30.51
N ARG F 79 -37.71 11.76 -30.97
CA ARG F 79 -36.52 11.34 -30.23
C ARG F 79 -35.22 11.92 -30.79
N ARG F 80 -34.26 12.12 -29.87
CA ARG F 80 -32.92 12.61 -30.19
C ARG F 80 -32.96 14.08 -30.56
N GLY F 81 -31.79 14.63 -30.91
CA GLY F 81 -31.71 16.01 -31.37
C GLY F 81 -31.06 16.91 -30.34
N PRO F 82 -30.47 18.03 -30.79
CA PRO F 82 -29.71 18.87 -29.86
C PRO F 82 -30.56 19.55 -28.79
N VAL F 83 -31.74 20.06 -29.14
CA VAL F 83 -32.56 20.72 -28.14
C VAL F 83 -33.11 19.67 -27.17
N THR F 84 -33.64 18.60 -27.73
CA THR F 84 -34.18 17.47 -26.98
C THR F 84 -33.19 16.90 -25.99
N MET F 85 -32.01 16.49 -26.47
CA MET F 85 -31.05 15.79 -25.61
C MET F 85 -30.36 16.71 -24.60
N THR F 86 -30.25 18.01 -24.91
CA THR F 86 -29.71 18.96 -23.92
C THR F 86 -30.70 19.15 -22.78
N ALA F 87 -31.99 19.24 -23.09
CA ALA F 87 -33.00 19.32 -22.04
C ALA F 87 -32.93 18.08 -21.16
N ILE F 88 -32.86 16.90 -21.78
CA ILE F 88 -32.77 15.66 -21.03
C ILE F 88 -31.48 15.58 -20.20
N ALA F 89 -30.36 16.01 -20.78
CA ALA F 89 -29.08 16.04 -20.05
C ALA F 89 -29.16 16.89 -18.79
N ALA F 90 -29.84 18.03 -18.91
CA ALA F 90 -29.93 18.96 -17.79
C ALA F 90 -30.65 18.32 -16.61
N VAL F 91 -31.75 17.64 -16.91
CA VAL F 91 -32.48 16.90 -15.88
C VAL F 91 -31.59 15.82 -15.29
N ASP F 92 -30.92 15.07 -16.16
CA ASP F 92 -30.15 13.92 -15.71
C ASP F 92 -29.01 14.36 -14.79
N MET F 93 -28.32 15.42 -15.17
N MET F 93 -28.30 15.41 -15.17
CA MET F 93 -27.23 15.97 -14.39
CA MET F 93 -27.23 15.94 -14.35
C MET F 93 -27.71 16.44 -13.01
C MET F 93 -27.74 16.40 -12.98
N ALA F 94 -28.87 17.09 -12.97
CA ALA F 94 -29.43 17.59 -11.72
C ALA F 94 -29.83 16.41 -10.82
N LEU F 95 -30.34 15.35 -11.43
CA LEU F 95 -30.76 14.18 -10.64
C LEU F 95 -29.56 13.40 -10.10
N TRP F 96 -28.49 13.25 -10.89
CA TRP F 96 -27.27 12.64 -10.36
C TRP F 96 -26.64 13.47 -9.25
N ASP F 97 -26.75 14.79 -9.37
CA ASP F 97 -26.29 15.72 -8.34
C ASP F 97 -27.03 15.43 -7.03
N ILE F 98 -28.36 15.35 -7.11
CA ILE F 98 -29.19 15.02 -5.94
C ILE F 98 -28.87 13.64 -5.36
N LYS F 99 -28.71 12.64 -6.23
CA LYS F 99 -28.41 11.27 -5.80
C LYS F 99 -27.07 11.22 -5.05
N ALA F 100 -26.06 11.87 -5.61
CA ALA F 100 -24.76 11.90 -4.94
C ALA F 100 -24.84 12.63 -3.59
N LYS F 101 -25.59 13.73 -3.54
CA LYS F 101 -25.77 14.42 -2.26
C LYS F 101 -26.49 13.52 -1.24
N ALA F 102 -27.50 12.78 -1.70
CA ALA F 102 -28.25 11.89 -0.81
C ALA F 102 -27.36 10.78 -0.30
N ALA F 103 -26.42 10.36 -1.12
CA ALA F 103 -25.45 9.31 -0.79
C ALA F 103 -24.30 9.83 0.06
N GLY F 104 -24.21 11.16 0.21
CA GLY F 104 -23.11 11.76 0.93
C GLY F 104 -21.74 11.56 0.28
N MET F 105 -21.73 11.48 -1.06
CA MET F 105 -20.52 11.17 -1.81
C MET F 105 -20.33 12.11 -2.99
N PRO F 106 -19.06 12.44 -3.32
CA PRO F 106 -18.83 13.11 -4.60
C PRO F 106 -19.26 12.19 -5.74
N LEU F 107 -19.69 12.78 -6.85
CA LEU F 107 -20.26 12.00 -7.96
C LEU F 107 -19.38 10.85 -8.46
N TYR F 108 -18.07 11.05 -8.56
CA TYR F 108 -17.23 9.97 -9.09
C TYR F 108 -17.36 8.69 -8.27
N GLN F 109 -17.66 8.82 -6.98
CA GLN F 109 -17.82 7.64 -6.13
C GLN F 109 -19.05 6.81 -6.52
N LEU F 110 -20.13 7.48 -6.91
CA LEU F 110 -21.35 6.77 -7.33
C LEU F 110 -21.22 6.00 -8.63
N LEU F 111 -20.35 6.48 -9.51
CA LEU F 111 -20.19 5.90 -10.82
C LEU F 111 -19.32 4.64 -10.78
N GLY F 112 -18.64 4.44 -9.66
CA GLY F 112 -17.74 3.31 -9.55
C GLY F 112 -16.39 3.65 -8.94
N GLY F 113 -16.22 4.90 -8.51
CA GLY F 113 -15.00 5.26 -7.81
C GLY F 113 -13.89 5.74 -8.73
N LYS F 114 -12.78 6.11 -8.10
CA LYS F 114 -11.64 6.73 -8.77
C LYS F 114 -10.84 5.74 -9.61
N SER F 115 -10.64 6.06 -10.89
CA SER F 115 -9.78 5.26 -11.78
C SER F 115 -8.43 5.91 -12.03
N ARG F 116 -8.30 7.18 -11.65
CA ARG F 116 -7.07 7.93 -11.88
C ARG F 116 -6.94 9.06 -10.85
N GLU F 117 -5.72 9.51 -10.62
CA GLU F 117 -5.45 10.49 -9.57
C GLU F 117 -5.62 11.92 -10.04
N ARG F 118 -5.57 12.11 -11.35
CA ARG F 118 -5.83 13.43 -11.93
C ARG F 118 -6.25 13.28 -13.38
N VAL F 119 -6.77 14.35 -13.94
CA VAL F 119 -7.43 14.29 -15.26
C VAL F 119 -6.68 15.21 -16.23
N MET F 120 -5.96 14.63 -17.19
CA MET F 120 -5.14 15.43 -18.11
C MET F 120 -5.99 16.31 -19.03
N THR F 121 -5.54 17.55 -19.25
CA THR F 121 -6.26 18.48 -20.11
C THR F 121 -5.43 18.88 -21.32
N TYR F 122 -6.07 19.56 -22.25
CA TYR F 122 -5.34 20.31 -23.27
C TYR F 122 -5.87 21.73 -23.35
N ALA F 123 -5.00 22.64 -23.78
CA ALA F 123 -5.35 24.05 -23.92
C ALA F 123 -5.35 24.46 -25.39
N HIS F 124 -6.07 25.52 -25.70
CA HIS F 124 -6.12 26.06 -27.05
C HIS F 124 -4.98 27.03 -27.28
N CYS F 125 -4.20 26.78 -28.32
CA CYS F 125 -3.11 27.67 -28.71
C CYS F 125 -3.37 28.11 -30.14
N THR F 126 -3.48 29.42 -30.33
CA THR F 126 -3.93 29.95 -31.60
C THR F 126 -3.16 31.22 -31.94
N GLY F 127 -2.87 31.43 -33.22
CA GLY F 127 -2.27 32.68 -33.67
C GLY F 127 -2.56 32.97 -35.14
N GLN F 128 -2.33 34.21 -35.55
CA GLN F 128 -2.55 34.57 -36.93
C GLN F 128 -1.57 33.85 -37.83
N THR F 129 -0.28 33.97 -37.50
CA THR F 129 0.76 33.24 -38.22
C THR F 129 1.20 32.03 -37.40
N ILE F 130 1.92 31.13 -38.05
CA ILE F 130 2.51 29.99 -37.35
C ILE F 130 3.34 30.47 -36.17
N GLU F 131 4.13 31.52 -36.40
CA GLU F 131 4.93 32.08 -35.32
C GLU F 131 4.06 32.51 -34.14
N ASP F 132 2.93 33.15 -34.41
CA ASP F 132 2.02 33.60 -33.35
C ASP F 132 1.55 32.40 -32.54
N CYS F 133 1.24 31.32 -33.25
CA CYS F 133 0.74 30.12 -32.59
C CYS F 133 1.81 29.52 -31.68
N LEU F 134 3.06 29.49 -32.17
CA LEU F 134 4.16 28.91 -31.40
C LEU F 134 4.41 29.68 -30.10
N GLY F 135 4.18 30.98 -30.13
CA GLY F 135 4.31 31.80 -28.94
C GLY F 135 3.30 31.36 -27.89
N GLU F 136 2.08 31.06 -28.36
CA GLU F 136 1.02 30.58 -27.48
C GLU F 136 1.29 29.18 -26.91
N VAL F 137 1.88 28.31 -27.72
CA VAL F 137 2.27 27.00 -27.23
C VAL F 137 3.25 27.14 -26.06
N ALA F 138 4.29 27.95 -26.27
CA ALA F 138 5.27 28.19 -25.21
C ALA F 138 4.61 28.70 -23.95
N ARG F 139 3.65 29.61 -24.10
CA ARG F 139 2.99 30.19 -22.94
C ARG F 139 2.19 29.16 -22.15
N HIS F 140 1.57 28.22 -22.87
CA HIS F 140 0.76 27.21 -22.20
C HIS F 140 1.59 26.08 -21.62
N VAL F 141 2.70 25.76 -22.28
CA VAL F 141 3.63 24.77 -21.75
C VAL F 141 4.15 25.26 -20.40
N GLU F 142 4.35 26.57 -20.29
CA GLU F 142 4.80 27.16 -19.03
C GLU F 142 3.72 27.17 -17.95
N LEU F 143 2.46 27.13 -18.38
CA LEU F 143 1.36 27.02 -17.43
C LEU F 143 1.21 25.58 -16.95
N GLY F 144 1.94 24.67 -17.60
CA GLY F 144 1.95 23.28 -17.18
C GLY F 144 1.11 22.33 -18.02
N TYR F 145 0.56 22.81 -19.14
CA TYR F 145 -0.19 21.94 -20.03
C TYR F 145 0.72 20.91 -20.71
N ARG F 146 0.30 19.65 -20.72
CA ARG F 146 1.05 18.58 -21.35
C ARG F 146 0.55 18.38 -22.77
N ALA F 147 -0.54 19.06 -23.10
CA ALA F 147 -1.19 18.86 -24.39
C ALA F 147 -1.74 20.19 -24.89
N VAL F 148 -1.58 20.45 -26.19
CA VAL F 148 -2.07 21.69 -26.77
C VAL F 148 -2.78 21.43 -28.09
N ARG F 149 -3.87 22.15 -28.33
CA ARG F 149 -4.50 22.15 -29.63
C ARG F 149 -4.00 23.37 -30.40
N VAL F 150 -3.47 23.17 -31.59
CA VAL F 150 -2.83 24.27 -32.32
C VAL F 150 -3.63 24.62 -33.58
N GLN F 151 -3.85 25.92 -33.77
CA GLN F 151 -4.52 26.41 -34.97
C GLN F 151 -3.82 27.71 -35.36
N SER F 152 -3.71 27.96 -36.66
CA SER F 152 -3.18 29.24 -37.13
C SER F 152 -3.89 29.68 -38.40
N GLY F 153 -3.72 30.94 -38.77
CA GLY F 153 -4.40 31.47 -39.93
C GLY F 153 -3.85 30.85 -41.20
N VAL F 154 -4.65 30.86 -42.26
CA VAL F 154 -4.21 30.38 -43.56
C VAL F 154 -3.91 31.58 -44.43
N PRO F 155 -2.66 31.71 -44.89
CA PRO F 155 -2.33 32.85 -45.76
C PRO F 155 -3.22 32.85 -47.01
N GLY F 156 -3.75 34.01 -47.36
CA GLY F 156 -4.64 34.13 -48.49
C GLY F 156 -6.10 33.94 -48.11
N ILE F 157 -6.37 33.86 -46.80
CA ILE F 157 -7.72 33.69 -46.29
C ILE F 157 -7.90 34.49 -45.00
N GLU F 158 -8.90 35.36 -44.97
CA GLU F 158 -9.09 36.29 -43.87
C GLU F 158 -9.38 35.64 -42.51
N THR F 159 -10.30 34.68 -42.48
CA THR F 159 -10.69 34.04 -41.23
C THR F 159 -10.71 32.51 -41.30
N THR F 160 -10.08 31.87 -40.32
CA THR F 160 -10.12 30.42 -40.21
C THR F 160 -10.56 30.03 -38.80
N TYR F 161 -11.01 28.79 -38.63
CA TYR F 161 -11.48 28.34 -37.33
C TYR F 161 -10.40 28.42 -36.26
N GLY F 162 -10.81 28.90 -35.08
CA GLY F 162 -9.96 28.83 -33.91
C GLY F 162 -9.12 30.07 -33.77
N VAL F 163 -9.03 30.86 -34.83
CA VAL F 163 -8.16 32.04 -34.88
C VAL F 163 -8.91 33.37 -34.74
N PRO F 173 -16.26 32.22 -30.32
CA PRO F 173 -16.96 31.87 -31.56
C PRO F 173 -18.27 32.65 -31.72
N ALA F 174 -19.15 32.55 -30.72
CA ALA F 174 -20.40 33.31 -30.71
C ALA F 174 -20.14 34.77 -30.34
N ASP F 175 -19.51 35.50 -31.26
CA ASP F 175 -18.98 36.83 -30.97
C ASP F 175 -19.85 37.93 -31.59
N SER F 176 -20.99 37.56 -32.16
CA SER F 176 -21.87 38.52 -32.81
C SER F 176 -23.34 38.17 -32.55
N SER F 177 -24.19 39.18 -32.57
CA SER F 177 -25.63 38.96 -32.42
C SER F 177 -26.15 38.07 -33.54
N LEU F 178 -25.88 38.46 -34.78
CA LEU F 178 -26.21 37.62 -35.93
C LEU F 178 -24.95 36.87 -36.36
N PRO F 179 -25.10 35.75 -37.09
CA PRO F 179 -23.91 34.98 -37.46
C PRO F 179 -22.88 35.78 -38.26
N ALA F 180 -21.64 35.79 -37.79
CA ALA F 180 -20.55 36.38 -38.54
C ALA F 180 -20.32 35.55 -39.78
N GLU F 181 -19.83 36.19 -40.84
CA GLU F 181 -19.67 35.53 -42.13
C GLU F 181 -18.18 35.34 -42.44
N HIS F 182 -17.72 34.09 -42.38
CA HIS F 182 -16.32 33.78 -42.64
C HIS F 182 -16.17 33.21 -44.05
N VAL F 183 -14.96 33.33 -44.61
CA VAL F 183 -14.67 32.78 -45.93
C VAL F 183 -13.60 31.70 -45.83
N TRP F 184 -13.72 30.67 -46.67
CA TRP F 184 -12.90 29.48 -46.53
C TRP F 184 -12.33 28.98 -47.86
N SER F 185 -11.07 28.54 -47.83
CA SER F 185 -10.47 27.81 -48.95
C SER F 185 -9.88 26.50 -48.46
N THR F 186 -10.45 25.38 -48.87
CA THR F 186 -9.91 24.10 -48.48
C THR F 186 -8.50 23.87 -49.00
N GLU F 187 -8.28 24.19 -50.26
CA GLU F 187 -7.01 23.89 -50.90
C GLU F 187 -5.85 24.64 -50.24
N LYS F 188 -6.08 25.91 -49.89
CA LYS F 188 -5.03 26.68 -49.23
C LYS F 188 -4.74 26.12 -47.83
N TYR F 189 -5.78 25.73 -47.11
CA TYR F 189 -5.63 25.12 -45.81
C TYR F 189 -4.83 23.81 -45.86
N LEU F 190 -5.15 22.94 -46.83
CA LEU F 190 -4.48 21.65 -46.92
C LEU F 190 -2.98 21.75 -47.17
N ASN F 191 -2.59 22.74 -47.96
CA ASN F 191 -1.18 22.97 -48.23
C ASN F 191 -0.45 23.60 -47.05
N HIS F 192 -1.18 24.34 -46.24
CA HIS F 192 -0.56 25.11 -45.17
C HIS F 192 -0.46 24.35 -43.85
N ALA F 193 -1.54 23.68 -43.47
CA ALA F 193 -1.63 23.04 -42.15
C ALA F 193 -0.44 22.15 -41.72
N PRO F 194 0.07 21.30 -42.62
CA PRO F 194 1.21 20.46 -42.19
C PRO F 194 2.41 21.28 -41.71
N LYS F 195 2.59 22.45 -42.30
CA LYS F 195 3.67 23.36 -41.90
C LYS F 195 3.58 23.80 -40.42
N LEU F 196 2.36 23.95 -39.91
CA LEU F 196 2.14 24.31 -38.52
C LEU F 196 2.68 23.21 -37.61
N PHE F 197 2.29 21.97 -37.90
CA PHE F 197 2.68 20.85 -37.04
C PHE F 197 4.18 20.61 -37.11
N ALA F 198 4.76 20.80 -38.30
CA ALA F 198 6.20 20.68 -38.46
C ALA F 198 6.90 21.69 -37.57
N ALA F 199 6.38 22.91 -37.53
CA ALA F 199 6.99 23.98 -36.74
C ALA F 199 6.86 23.72 -35.25
N VAL F 200 5.73 23.18 -34.82
CA VAL F 200 5.53 22.84 -33.42
C VAL F 200 6.54 21.78 -32.98
N ARG F 201 6.71 20.73 -33.80
CA ARG F 201 7.66 19.68 -33.46
C ARG F 201 9.10 20.18 -33.46
N GLU F 202 9.43 21.07 -34.40
CA GLU F 202 10.77 21.62 -34.46
C GLU F 202 11.12 22.41 -33.20
N ARG F 203 10.16 23.18 -32.68
CA ARG F 203 10.46 24.05 -31.55
C ARG F 203 10.25 23.36 -30.21
N PHE F 204 9.26 22.47 -30.12
CA PHE F 204 8.85 21.94 -28.84
C PHE F 204 9.16 20.46 -28.61
N GLY F 205 9.59 19.77 -29.65
CA GLY F 205 10.00 18.38 -29.53
C GLY F 205 8.85 17.38 -29.56
N ASP F 206 9.15 16.15 -29.16
CA ASP F 206 8.23 15.03 -29.35
C ASP F 206 7.35 14.66 -28.16
N ASP F 207 7.67 15.16 -26.97
CA ASP F 207 6.94 14.71 -25.79
C ASP F 207 5.58 15.39 -25.62
N LEU F 208 5.47 16.59 -26.17
CA LEU F 208 4.25 17.37 -26.09
C LEU F 208 3.13 16.68 -26.89
N HIS F 209 1.94 16.59 -26.32
CA HIS F 209 0.79 16.09 -27.09
C HIS F 209 0.23 17.23 -27.92
N VAL F 210 0.06 16.99 -29.22
CA VAL F 210 -0.35 18.05 -30.14
C VAL F 210 -1.65 17.67 -30.85
N LEU F 211 -2.67 18.49 -30.68
CA LEU F 211 -3.99 18.20 -31.25
C LEU F 211 -4.34 19.24 -32.31
N HIS F 212 -5.29 18.90 -33.20
CA HIS F 212 -5.75 19.85 -34.21
C HIS F 212 -7.20 19.59 -34.56
N ASP F 213 -7.97 20.66 -34.72
CA ASP F 213 -9.40 20.58 -35.00
C ASP F 213 -9.62 21.05 -36.44
N VAL F 214 -10.06 20.14 -37.31
CA VAL F 214 -10.31 20.44 -38.71
C VAL F 214 -11.63 21.18 -38.89
N HIS F 215 -12.50 21.04 -37.90
CA HIS F 215 -13.75 21.79 -37.84
C HIS F 215 -14.67 21.64 -39.06
N HIS F 216 -14.79 20.39 -39.50
CA HIS F 216 -15.86 19.93 -40.42
C HIS F 216 -15.65 20.32 -41.88
N ARG F 217 -14.48 20.85 -42.23
CA ARG F 217 -14.37 21.54 -43.51
C ARG F 217 -13.95 20.72 -44.72
N LEU F 218 -13.53 19.49 -44.49
CA LEU F 218 -12.98 18.66 -45.56
C LEU F 218 -13.96 17.59 -46.05
N THR F 219 -13.70 17.09 -47.27
CA THR F 219 -14.37 15.85 -47.71
C THR F 219 -13.50 14.70 -47.22
N PRO F 220 -14.05 13.47 -47.20
CA PRO F 220 -13.27 12.35 -46.69
C PRO F 220 -11.90 12.14 -47.38
N ILE F 221 -11.82 12.20 -48.71
CA ILE F 221 -10.52 11.99 -49.33
C ILE F 221 -9.53 13.13 -49.04
N GLU F 222 -10.05 14.33 -48.81
CA GLU F 222 -9.19 15.45 -48.42
C GLU F 222 -8.65 15.22 -47.02
N ALA F 223 -9.49 14.72 -46.13
CA ALA F 223 -9.06 14.42 -44.77
C ALA F 223 -8.06 13.26 -44.76
N ALA F 224 -8.25 12.30 -45.66
CA ALA F 224 -7.29 11.19 -45.80
C ALA F 224 -5.93 11.74 -46.18
N ARG F 225 -5.93 12.65 -47.14
CA ARG F 225 -4.69 13.30 -47.57
C ARG F 225 -4.02 14.04 -46.41
N LEU F 226 -4.82 14.80 -45.65
CA LEU F 226 -4.26 15.57 -44.53
C LEU F 226 -3.72 14.64 -43.45
N GLY F 227 -4.50 13.63 -43.09
CA GLY F 227 -4.06 12.64 -42.11
C GLY F 227 -2.70 12.04 -42.48
N LYS F 228 -2.56 11.65 -43.74
CA LYS F 228 -1.29 11.09 -44.21
C LYS F 228 -0.17 12.10 -44.10
N ALA F 229 -0.46 13.33 -44.50
CA ALA F 229 0.55 14.38 -44.54
C ALA F 229 1.06 14.73 -43.15
N VAL F 230 0.24 14.49 -42.13
CA VAL F 230 0.63 14.88 -40.76
C VAL F 230 1.07 13.69 -39.91
N GLU F 231 1.09 12.50 -40.50
CA GLU F 231 1.63 11.32 -39.80
C GLU F 231 3.02 11.53 -39.16
N PRO F 232 3.98 12.17 -39.86
CA PRO F 232 5.29 12.34 -39.24
C PRO F 232 5.29 13.16 -37.95
N TYR F 233 4.21 13.91 -37.72
CA TYR F 233 4.16 14.80 -36.56
C TYR F 233 3.42 14.17 -35.38
N HIS F 234 2.91 12.96 -35.58
CA HIS F 234 2.26 12.17 -34.53
C HIS F 234 1.30 12.97 -33.67
N LEU F 235 0.22 13.43 -34.28
CA LEU F 235 -0.78 14.19 -33.54
C LEU F 235 -1.51 13.29 -32.56
N PHE F 236 -1.91 13.87 -31.43
CA PHE F 236 -2.75 13.17 -30.46
C PHE F 236 -4.10 12.85 -31.10
N TRP F 237 -4.65 13.81 -31.83
CA TRP F 237 -5.80 13.56 -32.68
C TRP F 237 -5.98 14.62 -33.76
N LEU F 238 -6.65 14.22 -34.82
CA LEU F 238 -7.16 15.11 -35.85
C LEU F 238 -8.67 15.05 -35.68
N GLU F 239 -9.27 16.18 -35.36
CA GLU F 239 -10.67 16.22 -34.89
C GLU F 239 -11.66 16.77 -35.93
N ASP F 240 -12.83 16.14 -36.02
CA ASP F 240 -13.95 16.64 -36.84
C ASP F 240 -13.55 16.91 -38.29
N CYS F 241 -12.92 15.93 -38.90
CA CYS F 241 -12.42 16.08 -40.27
C CYS F 241 -13.50 16.41 -41.27
N VAL F 242 -14.64 15.75 -41.12
N VAL F 242 -14.65 15.74 -41.13
CA VAL F 242 -15.72 15.83 -42.10
CA VAL F 242 -15.71 15.76 -42.14
C VAL F 242 -17.05 15.77 -41.38
C VAL F 242 -17.06 15.71 -41.40
N PRO F 243 -18.09 16.41 -41.93
CA PRO F 243 -19.41 16.26 -41.31
C PRO F 243 -19.82 14.80 -41.31
N ALA F 244 -20.41 14.32 -40.20
CA ALA F 244 -20.56 12.88 -40.01
C ALA F 244 -21.98 12.46 -39.69
N GLU F 245 -22.97 13.20 -40.19
CA GLU F 245 -24.35 12.71 -40.13
C GLU F 245 -24.42 11.35 -40.84
N ASN F 246 -23.68 11.24 -41.94
CA ASN F 246 -23.45 9.96 -42.59
C ASN F 246 -22.17 9.42 -41.98
N GLN F 247 -22.31 8.44 -41.09
CA GLN F 247 -21.15 7.98 -40.33
C GLN F 247 -20.13 7.30 -41.23
N GLU F 248 -20.58 6.78 -42.36
CA GLU F 248 -19.66 6.17 -43.32
C GLU F 248 -18.63 7.17 -43.86
N SER F 249 -18.86 8.46 -43.61
CA SER F 249 -17.92 9.50 -44.06
C SER F 249 -16.52 9.31 -43.50
N LEU F 250 -16.40 8.58 -42.39
CA LEU F 250 -15.10 8.41 -41.75
C LEU F 250 -14.28 7.29 -42.39
N ARG F 251 -14.94 6.41 -43.15
CA ARG F 251 -14.30 5.19 -43.64
C ARG F 251 -13.04 5.42 -44.48
N LEU F 252 -13.10 6.28 -45.49
CA LEU F 252 -11.93 6.54 -46.33
C LEU F 252 -10.78 7.12 -45.54
N ILE F 253 -11.09 7.96 -44.56
CA ILE F 253 -10.04 8.55 -43.76
C ILE F 253 -9.31 7.43 -43.04
N ARG F 254 -10.08 6.57 -42.38
CA ARG F 254 -9.49 5.54 -41.55
C ARG F 254 -8.68 4.53 -42.36
N GLU F 255 -9.13 4.30 -43.60
CA GLU F 255 -8.46 3.32 -44.45
C GLU F 255 -7.15 3.86 -45.02
N HIS F 256 -6.97 5.18 -44.95
CA HIS F 256 -5.80 5.80 -45.58
C HIS F 256 -4.77 6.42 -44.64
N THR F 257 -5.09 6.58 -43.36
CA THR F 257 -4.13 7.19 -42.43
C THR F 257 -4.12 6.49 -41.08
N THR F 258 -2.96 6.57 -40.41
CA THR F 258 -2.82 6.13 -39.03
C THR F 258 -2.78 7.30 -38.04
N THR F 259 -3.02 8.52 -38.52
CA THR F 259 -3.21 9.64 -37.59
C THR F 259 -4.49 9.40 -36.80
N PRO F 260 -4.42 9.49 -35.47
CA PRO F 260 -5.63 9.22 -34.66
C PRO F 260 -6.76 10.21 -34.96
N LEU F 261 -7.99 9.72 -34.90
CA LEU F 261 -9.14 10.55 -35.26
C LEU F 261 -10.08 10.78 -34.09
N ALA F 262 -10.60 11.99 -33.98
CA ALA F 262 -11.59 12.31 -32.95
C ALA F 262 -12.81 12.94 -33.61
N ILE F 263 -13.99 12.64 -33.07
CA ILE F 263 -15.19 13.23 -33.62
C ILE F 263 -16.28 13.25 -32.57
N GLY F 264 -17.24 14.16 -32.70
CA GLY F 264 -18.50 14.00 -31.99
C GLY F 264 -19.04 15.11 -31.11
N GLU F 265 -18.36 16.26 -31.04
CA GLU F 265 -18.90 17.36 -30.24
C GLU F 265 -20.29 17.79 -30.73
N VAL F 266 -20.61 17.58 -32.01
CA VAL F 266 -21.93 17.97 -32.49
C VAL F 266 -22.97 16.85 -32.37
N PHE F 267 -22.61 15.72 -31.79
CA PHE F 267 -23.56 14.61 -31.61
C PHE F 267 -24.36 14.75 -30.31
N ASN F 268 -25.53 14.09 -30.25
CA ASN F 268 -26.34 14.10 -29.04
C ASN F 268 -26.86 12.72 -28.64
N SER F 269 -26.56 11.71 -29.43
CA SER F 269 -27.11 10.37 -29.20
C SER F 269 -26.10 9.27 -29.49
N ILE F 270 -26.19 8.15 -28.78
CA ILE F 270 -25.36 7.00 -29.10
C ILE F 270 -25.62 6.58 -30.54
N HIS F 271 -26.81 6.89 -31.07
CA HIS F 271 -27.16 6.51 -32.43
C HIS F 271 -26.46 7.35 -33.49
N ASP F 272 -25.81 8.43 -33.05
CA ASP F 272 -24.99 9.24 -33.95
C ASP F 272 -23.61 8.67 -34.14
N CYS F 273 -23.23 7.70 -33.30
CA CYS F 273 -21.85 7.24 -33.29
C CYS F 273 -21.65 5.74 -33.11
N ARG F 274 -22.75 4.99 -33.00
CA ARG F 274 -22.67 3.54 -32.81
C ARG F 274 -21.80 2.87 -33.87
N GLU F 275 -22.05 3.19 -35.13
CA GLU F 275 -21.29 2.61 -36.24
C GLU F 275 -19.84 3.12 -36.29
N LEU F 276 -19.63 4.41 -36.03
CA LEU F 276 -18.28 4.95 -35.97
C LEU F 276 -17.44 4.15 -35.00
N ILE F 277 -18.04 3.80 -33.86
CA ILE F 277 -17.33 3.09 -32.81
C ILE F 277 -17.13 1.62 -33.16
N GLN F 278 -18.22 0.95 -33.57
CA GLN F 278 -18.16 -0.49 -33.79
C GLN F 278 -17.29 -0.85 -34.99
N ASN F 279 -17.19 0.06 -35.95
CA ASN F 279 -16.36 -0.21 -37.13
C ASN F 279 -14.91 0.24 -36.93
N GLN F 280 -14.63 0.75 -35.74
CA GLN F 280 -13.31 1.28 -35.41
C GLN F 280 -12.87 2.39 -36.37
N TRP F 281 -13.74 3.36 -36.58
CA TRP F 281 -13.40 4.46 -37.46
C TRP F 281 -12.87 5.68 -36.73
N ILE F 282 -12.93 5.68 -35.39
CA ILE F 282 -12.44 6.81 -34.60
C ILE F 282 -11.68 6.31 -33.38
N ASP F 283 -10.86 7.18 -32.80
CA ASP F 283 -10.09 6.85 -31.61
C ASP F 283 -10.62 7.54 -30.36
N TYR F 284 -11.29 8.67 -30.55
CA TYR F 284 -11.83 9.42 -29.42
C TYR F 284 -13.22 9.91 -29.75
N ILE F 285 -14.15 9.74 -28.81
CA ILE F 285 -15.51 10.25 -28.93
C ILE F 285 -15.65 11.53 -28.09
N ARG F 286 -16.17 12.59 -28.71
CA ARG F 286 -16.09 13.94 -28.15
C ARG F 286 -17.39 14.48 -27.58
N MET F 287 -18.46 13.71 -27.74
CA MET F 287 -19.77 14.13 -27.24
C MET F 287 -19.73 14.38 -25.73
N PRO F 288 -20.16 15.57 -25.28
CA PRO F 288 -20.06 15.91 -23.86
C PRO F 288 -21.36 15.63 -23.10
N LEU F 289 -21.32 15.81 -21.78
CA LEU F 289 -22.48 15.53 -20.95
C LEU F 289 -23.70 16.38 -21.29
N THR F 290 -23.48 17.68 -21.48
CA THR F 290 -24.60 18.62 -21.66
C THR F 290 -25.39 18.33 -22.91
N HIS F 291 -24.71 17.91 -23.98
CA HIS F 291 -25.40 17.73 -25.25
C HIS F 291 -25.68 16.27 -25.55
N GLY F 292 -25.08 15.37 -24.78
CA GLY F 292 -25.23 13.94 -25.02
C GLY F 292 -26.17 13.22 -24.07
N GLY F 293 -27.13 13.92 -23.50
CA GLY F 293 -28.12 13.26 -22.65
C GLY F 293 -27.65 12.94 -21.25
N GLY F 294 -26.56 13.58 -20.82
CA GLY F 294 -26.15 13.51 -19.43
C GLY F 294 -25.33 12.30 -19.06
N ILE F 295 -25.15 12.08 -17.76
CA ILE F 295 -24.37 10.97 -17.22
C ILE F 295 -24.94 9.62 -17.64
N THR F 296 -26.26 9.47 -17.51
CA THR F 296 -26.94 8.24 -17.86
C THR F 296 -26.60 7.75 -19.27
N ALA F 297 -26.71 8.63 -20.25
CA ALA F 297 -26.44 8.26 -21.63
C ALA F 297 -24.95 8.15 -21.91
N MET F 298 -24.15 9.05 -21.34
CA MET F 298 -22.73 9.06 -21.68
C MET F 298 -21.98 7.88 -21.08
N ARG F 299 -22.46 7.35 -19.96
CA ARG F 299 -21.90 6.12 -19.41
C ARG F 299 -22.03 4.99 -20.44
N ARG F 300 -23.19 4.91 -21.08
CA ARG F 300 -23.43 3.91 -22.11
C ARG F 300 -22.54 4.09 -23.35
N VAL F 301 -22.40 5.33 -23.79
CA VAL F 301 -21.53 5.62 -24.92
C VAL F 301 -20.08 5.26 -24.59
N ALA F 302 -19.61 5.66 -23.41
CA ALA F 302 -18.22 5.39 -23.05
C ALA F 302 -17.98 3.89 -22.96
N ASP F 303 -18.96 3.17 -22.41
CA ASP F 303 -18.84 1.73 -22.29
C ASP F 303 -18.80 1.04 -23.66
N LEU F 304 -19.61 1.52 -24.60
CA LEU F 304 -19.57 0.97 -25.96
C LEU F 304 -18.21 1.24 -26.59
N ALA F 305 -17.76 2.49 -26.46
CA ALA F 305 -16.44 2.88 -26.96
C ALA F 305 -15.33 1.95 -26.43
N SER F 306 -15.41 1.61 -25.15
CA SER F 306 -14.37 0.80 -24.52
C SER F 306 -14.16 -0.57 -25.17
N LEU F 307 -15.21 -1.13 -25.77
CA LEU F 307 -15.09 -2.44 -26.41
C LEU F 307 -14.21 -2.37 -27.64
N TYR F 308 -14.01 -1.17 -28.16
CA TYR F 308 -13.27 -0.98 -29.39
C TYR F 308 -12.04 -0.10 -29.22
N HIS F 309 -11.59 0.03 -27.97
CA HIS F 309 -10.37 0.79 -27.63
C HIS F 309 -10.54 2.30 -27.81
N VAL F 310 -11.77 2.73 -28.03
CA VAL F 310 -12.04 4.16 -28.20
C VAL F 310 -12.09 4.83 -26.83
N ARG F 311 -11.47 6.02 -26.73
CA ARG F 311 -11.36 6.74 -25.46
C ARG F 311 -12.22 8.01 -25.44
N THR F 312 -12.53 8.53 -24.25
CA THR F 312 -13.34 9.75 -24.15
C THR F 312 -12.49 10.98 -24.36
N GLY F 313 -13.06 11.96 -25.06
CA GLY F 313 -12.41 13.24 -25.21
C GLY F 313 -13.46 14.34 -25.16
N PHE F 314 -14.11 14.50 -24.00
CA PHE F 314 -15.26 15.41 -23.90
C PHE F 314 -14.97 16.80 -24.44
N HIS F 315 -15.84 17.27 -25.32
CA HIS F 315 -15.86 18.68 -25.70
C HIS F 315 -15.96 19.52 -24.43
N GLY F 316 -15.06 20.50 -24.28
CA GLY F 316 -15.04 21.34 -23.09
C GLY F 316 -14.77 22.81 -23.39
N PRO F 317 -15.65 23.42 -24.18
CA PRO F 317 -15.50 24.84 -24.53
C PRO F 317 -16.08 25.72 -23.42
N THR F 318 -15.93 27.03 -23.56
CA THR F 318 -16.55 27.94 -22.60
C THR F 318 -18.06 27.85 -22.64
N ASP F 319 -18.63 27.36 -23.74
CA ASP F 319 -20.09 27.34 -23.86
C ASP F 319 -20.78 26.15 -23.19
N LEU F 320 -20.00 25.31 -22.51
CA LEU F 320 -20.56 24.38 -21.55
C LEU F 320 -20.21 24.97 -20.19
N SER F 321 -21.17 25.06 -19.28
CA SER F 321 -20.96 25.79 -18.03
C SER F 321 -20.09 25.01 -17.06
N PRO F 322 -19.64 25.66 -15.97
CA PRO F 322 -18.91 24.94 -14.93
C PRO F 322 -19.70 23.78 -14.32
N VAL F 323 -21.03 23.81 -14.43
CA VAL F 323 -21.82 22.67 -13.99
C VAL F 323 -21.44 21.43 -14.83
N CYS F 324 -21.43 21.57 -16.15
CA CYS F 324 -20.98 20.47 -17.00
C CYS F 324 -19.54 20.08 -16.72
N LEU F 325 -18.67 21.09 -16.58
CA LEU F 325 -17.23 20.82 -16.39
C LEU F 325 -17.00 20.04 -15.10
N GLY F 326 -17.65 20.45 -14.02
CA GLY F 326 -17.56 19.71 -12.77
C GLY F 326 -18.03 18.26 -12.89
N ALA F 327 -19.20 18.06 -13.48
CA ALA F 327 -19.72 16.71 -13.66
C ALA F 327 -18.80 15.91 -14.58
N ALA F 328 -18.25 16.58 -15.59
CA ALA F 328 -17.36 15.92 -16.54
C ALA F 328 -16.09 15.46 -15.85
N ILE F 329 -15.56 16.29 -14.95
CA ILE F 329 -14.35 15.93 -14.23
C ILE F 329 -14.62 14.72 -13.32
N HIS F 330 -15.80 14.67 -12.70
CA HIS F 330 -16.18 13.48 -11.95
C HIS F 330 -16.24 12.26 -12.86
N PHE F 331 -16.90 12.41 -14.00
CA PHE F 331 -17.02 11.31 -14.96
C PHE F 331 -15.63 10.88 -15.42
N ASP F 332 -14.78 11.87 -15.74
CA ASP F 332 -13.42 11.62 -16.23
C ASP F 332 -12.59 10.88 -15.20
N THR F 333 -12.88 11.09 -13.91
CA THR F 333 -12.11 10.51 -12.83
C THR F 333 -12.42 9.03 -12.67
N TRP F 334 -13.68 8.66 -12.97
CA TRP F 334 -14.11 7.28 -12.91
C TRP F 334 -13.87 6.46 -14.19
N VAL F 335 -14.16 7.03 -15.36
CA VAL F 335 -14.29 6.21 -16.56
C VAL F 335 -12.99 5.52 -16.93
N PRO F 336 -13.04 4.18 -17.17
CA PRO F 336 -11.76 3.51 -17.44
C PRO F 336 -11.09 4.04 -18.69
N ASN F 337 -11.86 4.18 -19.77
CA ASN F 337 -11.31 4.58 -21.07
C ASN F 337 -11.28 6.09 -21.29
N PHE F 338 -10.80 6.81 -20.28
CA PHE F 338 -10.58 8.24 -20.40
C PHE F 338 -9.45 8.55 -21.39
N GLY F 339 -9.66 9.54 -22.27
CA GLY F 339 -8.59 10.00 -23.14
C GLY F 339 -7.98 11.34 -22.72
N ILE F 340 -8.80 12.38 -22.74
CA ILE F 340 -8.32 13.73 -22.39
C ILE F 340 -9.53 14.63 -22.11
N GLN F 341 -9.30 15.73 -21.40
CA GLN F 341 -10.36 16.71 -21.14
C GLN F 341 -9.97 18.07 -21.68
N GLU F 342 -10.70 18.53 -22.69
CA GLU F 342 -10.52 19.90 -23.18
C GLU F 342 -10.73 20.93 -22.07
N HIS F 343 -9.86 21.93 -22.03
CA HIS F 343 -10.01 23.03 -21.08
C HIS F 343 -9.96 24.39 -21.77
N MET F 344 -11.11 25.06 -21.83
CA MET F 344 -11.15 26.46 -22.22
C MET F 344 -11.64 27.18 -20.97
N PRO F 345 -10.73 27.89 -20.27
CA PRO F 345 -11.09 28.52 -19.00
C PRO F 345 -12.28 29.49 -19.11
N HIS F 346 -13.21 29.38 -18.16
CA HIS F 346 -14.31 30.33 -18.09
C HIS F 346 -13.84 31.70 -17.57
N THR F 347 -14.66 32.72 -17.79
CA THR F 347 -14.37 34.03 -17.22
C THR F 347 -14.52 34.00 -15.71
N ASP F 348 -13.89 34.97 -15.05
CA ASP F 348 -14.02 35.10 -13.61
C ASP F 348 -15.49 35.25 -13.21
N GLU F 349 -16.23 36.03 -13.98
CA GLU F 349 -17.64 36.28 -13.71
C GLU F 349 -18.44 34.99 -13.77
N THR F 350 -18.12 34.16 -14.77
CA THR F 350 -18.75 32.84 -14.90
C THR F 350 -18.43 31.94 -13.71
N ASP F 351 -17.16 31.89 -13.32
CA ASP F 351 -16.74 31.08 -12.18
C ASP F 351 -17.41 31.54 -10.88
N ALA F 352 -17.68 32.83 -10.76
CA ALA F 352 -18.37 33.39 -9.59
C ALA F 352 -19.86 33.01 -9.56
N VAL F 353 -20.50 33.00 -10.72
CA VAL F 353 -21.89 32.59 -10.80
C VAL F 353 -22.04 31.10 -10.47
N PHE F 354 -21.01 30.32 -10.79
CA PHE F 354 -21.06 28.87 -10.58
C PHE F 354 -19.95 28.35 -9.68
N PRO F 355 -20.05 28.62 -8.37
CA PRO F 355 -19.03 28.17 -7.42
C PRO F 355 -18.85 26.65 -7.47
N HIS F 356 -17.61 26.18 -7.41
CA HIS F 356 -17.32 24.77 -7.65
C HIS F 356 -16.08 24.33 -6.90
N ASP F 357 -15.93 23.02 -6.74
CA ASP F 357 -14.81 22.50 -5.96
C ASP F 357 -13.80 21.70 -6.75
N TYR F 358 -13.99 21.59 -8.07
CA TYR F 358 -12.92 21.06 -8.89
C TYR F 358 -11.79 22.08 -8.96
N ARG F 359 -10.59 21.58 -9.19
CA ARG F 359 -9.47 22.52 -9.33
C ARG F 359 -8.49 22.11 -10.40
N PHE F 360 -7.76 23.11 -10.87
CA PHE F 360 -6.80 22.92 -11.94
C PHE F 360 -5.40 23.11 -11.36
N GLU F 361 -4.55 22.12 -11.59
CA GLU F 361 -3.19 22.16 -11.07
C GLU F 361 -2.25 21.48 -12.05
N ASP F 362 -1.18 22.16 -12.44
CA ASP F 362 -0.13 21.53 -13.22
C ASP F 362 -0.68 20.81 -14.46
N GLY F 363 -1.57 21.48 -15.19
CA GLY F 363 -2.10 20.95 -16.44
C GLY F 363 -3.18 19.88 -16.33
N HIS F 364 -3.60 19.58 -15.09
CA HIS F 364 -4.63 18.55 -14.86
C HIS F 364 -5.75 19.07 -13.99
N PHE F 365 -6.92 18.48 -14.13
CA PHE F 365 -8.00 18.71 -13.18
C PHE F 365 -7.95 17.69 -12.05
N LEU F 366 -8.41 18.12 -10.88
CA LEU F 366 -8.62 17.24 -9.75
C LEU F 366 -10.10 17.30 -9.43
N ALA F 367 -10.73 16.15 -9.26
CA ALA F 367 -12.17 16.10 -8.92
C ALA F 367 -12.44 16.65 -7.53
N GLY F 368 -13.60 17.29 -7.39
CA GLY F 368 -14.04 17.72 -6.07
C GLY F 368 -14.39 16.56 -5.15
N GLU F 369 -14.43 16.84 -3.85
CA GLU F 369 -14.77 15.84 -2.84
C GLU F 369 -16.11 16.11 -2.16
N SER F 370 -16.74 17.24 -2.48
CA SER F 370 -18.03 17.58 -1.88
C SER F 370 -19.10 16.66 -2.44
N PRO F 371 -20.12 16.34 -1.63
CA PRO F 371 -21.22 15.54 -2.18
C PRO F 371 -21.91 16.23 -3.35
N GLY F 372 -22.32 15.46 -4.35
CA GLY F 372 -22.87 16.01 -5.57
C GLY F 372 -21.80 16.06 -6.63
N HIS F 373 -22.04 16.81 -7.70
CA HIS F 373 -20.98 17.07 -8.67
C HIS F 373 -20.10 18.24 -8.25
N GLY F 374 -20.45 18.88 -7.14
CA GLY F 374 -19.59 19.88 -6.55
C GLY F 374 -19.79 21.28 -7.09
N VAL F 375 -20.75 21.45 -7.98
CA VAL F 375 -21.04 22.78 -8.51
C VAL F 375 -22.41 23.27 -8.02
N ASP F 376 -22.50 24.57 -7.77
CA ASP F 376 -23.78 25.20 -7.46
C ASP F 376 -23.95 26.46 -8.29
N ILE F 377 -25.08 27.14 -8.13
CA ILE F 377 -25.32 28.37 -8.85
C ILE F 377 -25.75 29.47 -7.87
N ASP F 378 -25.12 30.63 -7.98
CA ASP F 378 -25.48 31.79 -7.19
C ASP F 378 -26.56 32.54 -7.97
N GLU F 379 -27.82 32.30 -7.61
CA GLU F 379 -28.92 32.84 -8.38
C GLU F 379 -28.99 34.37 -8.32
N GLU F 380 -28.63 34.96 -7.18
CA GLU F 380 -28.64 36.42 -7.08
C GLU F 380 -27.62 37.06 -8.00
N LEU F 381 -26.42 36.47 -8.07
CA LEU F 381 -25.40 36.99 -8.98
C LEU F 381 -25.79 36.73 -10.43
N ALA F 382 -26.37 35.57 -10.70
CA ALA F 382 -26.81 35.21 -12.05
C ALA F 382 -27.78 36.27 -12.59
N ALA F 383 -28.64 36.79 -11.71
CA ALA F 383 -29.62 37.79 -12.11
C ALA F 383 -28.99 39.13 -12.52
N LYS F 384 -27.72 39.34 -12.19
CA LYS F 384 -27.05 40.59 -12.54
C LYS F 384 -26.55 40.60 -13.98
N TYR F 385 -26.64 39.46 -14.65
CA TYR F 385 -26.17 39.32 -16.02
C TYR F 385 -27.28 38.79 -16.92
N PRO F 386 -28.08 39.69 -17.50
CA PRO F 386 -29.18 39.24 -18.35
C PRO F 386 -28.68 38.62 -19.65
N TYR F 387 -29.46 37.69 -20.19
CA TYR F 387 -29.23 37.09 -21.51
C TYR F 387 -28.90 38.14 -22.57
N GLU F 388 -27.89 37.85 -23.40
CA GLU F 388 -27.57 38.67 -24.57
C GLU F 388 -27.42 37.76 -25.77
N ARG F 389 -28.27 37.96 -26.77
CA ARG F 389 -28.25 37.11 -27.96
C ARG F 389 -26.87 37.08 -28.63
N ALA F 390 -26.39 35.88 -28.92
CA ALA F 390 -25.12 35.69 -29.64
C ALA F 390 -25.15 34.40 -30.45
N SER F 391 -24.87 34.53 -31.73
CA SER F 391 -24.93 33.38 -32.64
C SER F 391 -23.53 32.94 -33.08
N LEU F 392 -23.41 31.66 -33.42
CA LEU F 392 -22.19 31.12 -34.02
C LEU F 392 -22.03 31.61 -35.46
N PRO F 393 -20.78 31.68 -35.95
CA PRO F 393 -20.54 32.14 -37.31
C PRO F 393 -20.98 31.11 -38.35
N VAL F 394 -21.15 31.55 -39.60
CA VAL F 394 -21.27 30.62 -40.72
C VAL F 394 -20.02 30.77 -41.59
N ASN F 395 -19.77 29.78 -42.43
CA ASN F 395 -18.58 29.74 -43.25
C ASN F 395 -19.04 29.62 -44.69
N ARG F 396 -18.48 30.44 -45.58
CA ARG F 396 -18.79 30.32 -47.01
C ARG F 396 -17.51 30.08 -47.81
N LEU F 397 -17.62 29.33 -48.89
CA LEU F 397 -16.50 29.20 -49.81
C LEU F 397 -16.25 30.51 -50.57
N GLU F 398 -15.15 30.53 -51.31
CA GLU F 398 -14.78 31.74 -52.03
C GLU F 398 -15.82 32.16 -53.07
N ASP F 399 -16.63 31.21 -53.55
CA ASP F 399 -17.68 31.53 -54.52
C ASP F 399 -19.01 31.91 -53.87
N GLY F 400 -19.05 31.83 -52.53
CA GLY F 400 -20.26 32.17 -51.79
C GLY F 400 -21.03 30.95 -51.28
N THR F 401 -20.58 29.75 -51.62
CA THR F 401 -21.27 28.52 -51.20
C THR F 401 -21.33 28.42 -49.68
N LEU F 402 -22.52 28.27 -49.13
CA LEU F 402 -22.65 28.08 -47.69
C LEU F 402 -22.01 26.74 -47.32
N TRP F 403 -20.94 26.80 -46.53
CA TRP F 403 -20.14 25.63 -46.21
C TRP F 403 -20.31 25.23 -44.74
N HIS F 404 -19.38 24.44 -44.22
CA HIS F 404 -19.40 24.03 -42.82
C HIS F 404 -18.46 24.92 -42.02
N TRP F 405 -18.94 25.43 -40.89
CA TRP F 405 -18.07 26.20 -40.03
C TRP F 405 -17.46 25.29 -38.98
N SER G 2 -38.85 44.15 -54.23
CA SER G 2 -37.85 43.09 -54.20
C SER G 2 -38.33 41.92 -53.34
N LEU G 3 -37.57 40.82 -53.39
CA LEU G 3 -37.86 39.67 -52.55
C LEU G 3 -37.02 39.64 -51.29
N LYS G 4 -36.47 40.79 -50.88
CA LYS G 4 -35.79 40.85 -49.59
C LYS G 4 -36.82 40.67 -48.48
N ILE G 5 -36.48 39.91 -47.44
CA ILE G 5 -37.38 39.74 -46.32
C ILE G 5 -37.47 40.99 -45.44
N ARG G 6 -38.68 41.52 -45.30
CA ARG G 6 -38.89 42.70 -44.47
C ARG G 6 -39.28 42.32 -43.04
N ASP G 7 -40.07 41.27 -42.90
CA ASP G 7 -40.51 40.83 -41.58
C ASP G 7 -40.68 39.32 -41.58
N ALA G 8 -40.55 38.72 -40.39
CA ALA G 8 -40.79 37.30 -40.20
C ALA G 8 -41.19 37.11 -38.75
N TYR G 9 -42.20 36.28 -38.51
CA TYR G 9 -42.71 36.09 -37.16
C TYR G 9 -43.52 34.83 -37.03
N THR G 10 -43.66 34.36 -35.81
CA THR G 10 -44.49 33.18 -35.54
C THR G 10 -45.88 33.60 -35.07
N ILE G 11 -46.83 32.71 -35.34
CA ILE G 11 -48.16 32.84 -34.83
C ILE G 11 -48.47 31.55 -34.10
N VAL G 12 -48.94 31.66 -32.86
CA VAL G 12 -49.30 30.48 -32.08
C VAL G 12 -50.78 30.54 -31.76
N THR G 13 -51.51 29.46 -32.05
CA THR G 13 -52.96 29.46 -31.91
C THR G 13 -53.47 28.05 -31.57
N CYS G 14 -54.63 28.00 -30.91
CA CYS G 14 -55.20 26.70 -30.49
C CYS G 14 -56.68 26.55 -30.86
N PRO G 15 -56.97 26.50 -32.18
CA PRO G 15 -58.35 26.32 -32.64
C PRO G 15 -58.77 24.85 -32.60
N GLY G 16 -58.74 24.26 -31.41
CA GLY G 16 -59.01 22.84 -31.27
C GLY G 16 -57.81 22.08 -30.76
N ARG G 17 -56.62 22.54 -31.15
CA ARG G 17 -55.36 22.00 -30.68
C ARG G 17 -54.29 23.01 -31.10
N ASN G 18 -53.07 22.88 -30.58
CA ASN G 18 -52.03 23.88 -30.85
C ASN G 18 -51.43 23.81 -32.24
N PHE G 19 -51.24 24.97 -32.85
CA PHE G 19 -50.45 25.07 -34.08
C PHE G 19 -49.50 26.24 -34.00
N VAL G 20 -48.29 26.05 -34.52
CA VAL G 20 -47.35 27.15 -34.65
C VAL G 20 -47.07 27.35 -36.13
N THR G 21 -47.13 28.60 -36.58
CA THR G 21 -46.96 28.92 -37.99
C THR G 21 -45.92 30.00 -38.12
N LEU G 22 -45.04 29.89 -39.11
CA LEU G 22 -44.13 30.98 -39.44
C LEU G 22 -44.64 31.75 -40.64
N LYS G 23 -44.65 33.08 -40.55
CA LYS G 23 -44.99 33.93 -41.68
C LYS G 23 -43.79 34.79 -42.08
N ILE G 24 -43.50 34.83 -43.38
CA ILE G 24 -42.41 35.64 -43.92
C ILE G 24 -42.98 36.65 -44.90
N VAL G 25 -42.67 37.93 -44.70
CA VAL G 25 -43.20 38.99 -45.55
C VAL G 25 -42.05 39.70 -46.27
N THR G 26 -42.16 39.82 -47.58
CA THR G 26 -41.11 40.45 -48.39
C THR G 26 -41.34 41.95 -48.50
N GLU G 27 -40.34 42.68 -48.99
CA GLU G 27 -40.45 44.12 -49.16
C GLU G 27 -41.56 44.49 -50.14
N SER G 28 -41.83 43.61 -51.09
CA SER G 28 -42.84 43.87 -52.12
C SER G 28 -44.25 43.61 -51.60
N GLY G 29 -44.33 43.00 -50.42
CA GLY G 29 -45.61 42.75 -49.78
C GLY G 29 -46.12 41.33 -49.92
N THR G 30 -45.48 40.56 -50.81
CA THR G 30 -45.80 39.14 -50.94
C THR G 30 -45.39 38.44 -49.64
N HIS G 31 -46.13 37.41 -49.27
CA HIS G 31 -45.79 36.68 -48.06
C HIS G 31 -45.96 35.19 -48.25
N GLY G 32 -45.34 34.42 -47.37
CA GLY G 32 -45.46 32.97 -47.40
C GLY G 32 -45.58 32.46 -45.98
N ILE G 33 -46.18 31.29 -45.81
CA ILE G 33 -46.25 30.72 -44.48
C ILE G 33 -45.79 29.28 -44.48
N GLY G 34 -45.33 28.81 -43.32
CA GLY G 34 -44.87 27.44 -43.17
C GLY G 34 -45.35 26.90 -41.83
N ASP G 35 -45.65 25.60 -41.78
CA ASP G 35 -46.04 24.95 -40.54
C ASP G 35 -44.81 24.69 -39.67
N ALA G 36 -44.94 24.96 -38.38
CA ALA G 36 -43.85 24.76 -37.44
C ALA G 36 -44.31 23.96 -36.21
N THR G 37 -45.40 23.22 -36.35
CA THR G 37 -46.03 22.56 -35.21
C THR G 37 -45.33 21.26 -34.84
N LEU G 38 -44.89 21.16 -33.59
CA LEU G 38 -44.27 19.93 -33.08
C LEU G 38 -45.04 19.51 -31.84
N ASN G 39 -45.94 18.55 -32.04
CA ASN G 39 -46.93 18.19 -31.03
C ASN G 39 -46.33 17.84 -29.67
N GLY G 40 -46.77 18.54 -28.63
CA GLY G 40 -46.31 18.27 -27.29
C GLY G 40 -45.00 18.97 -26.92
N ARG G 41 -44.39 19.62 -27.91
CA ARG G 41 -43.16 20.38 -27.66
C ARG G 41 -43.21 21.71 -28.40
N GLU G 42 -44.42 22.26 -28.55
CA GLU G 42 -44.63 23.35 -29.49
C GLU G 42 -43.80 24.59 -29.20
N MET G 43 -43.62 24.90 -27.91
CA MET G 43 -43.00 26.16 -27.57
C MET G 43 -41.49 26.12 -27.75
N ALA G 44 -40.92 24.92 -27.85
CA ALA G 44 -39.49 24.80 -28.17
C ALA G 44 -39.21 25.29 -29.60
N VAL G 45 -40.05 24.90 -30.55
CA VAL G 45 -39.90 25.37 -31.92
C VAL G 45 -40.23 26.86 -32.01
N ALA G 46 -41.26 27.30 -31.28
CA ALA G 46 -41.59 28.73 -31.26
C ALA G 46 -40.40 29.58 -30.82
N ALA G 47 -39.68 29.13 -29.80
CA ALA G 47 -38.52 29.87 -29.29
C ALA G 47 -37.35 29.78 -30.25
N TYR G 48 -37.16 28.60 -30.84
CA TYR G 48 -36.05 28.38 -31.76
C TYR G 48 -36.22 29.37 -32.91
N LEU G 49 -37.45 29.48 -33.41
CA LEU G 49 -37.74 30.47 -34.46
C LEU G 49 -37.65 31.92 -34.00
N ASP G 50 -38.37 32.27 -32.94
CA ASP G 50 -38.47 33.68 -32.52
C ASP G 50 -37.11 34.29 -32.15
N GLU G 51 -36.31 33.50 -31.44
N GLU G 51 -36.31 33.54 -31.42
CA GLU G 51 -35.11 34.00 -30.76
CA GLU G 51 -35.10 34.11 -30.84
C GLU G 51 -33.80 33.74 -31.49
C GLU G 51 -33.88 33.94 -31.74
N HIS G 52 -33.82 32.83 -32.46
CA HIS G 52 -32.59 32.46 -33.13
C HIS G 52 -32.64 32.46 -34.66
N VAL G 53 -33.80 32.16 -35.22
CA VAL G 53 -33.90 32.08 -36.69
C VAL G 53 -34.46 33.37 -37.30
N VAL G 54 -35.61 33.80 -36.78
CA VAL G 54 -36.24 35.01 -37.29
C VAL G 54 -35.31 36.23 -37.42
N PRO G 55 -34.50 36.53 -36.38
CA PRO G 55 -33.63 37.71 -36.54
C PRO G 55 -32.65 37.59 -37.71
N ALA G 56 -32.23 36.38 -38.04
CA ALA G 56 -31.29 36.15 -39.13
C ALA G 56 -31.97 36.19 -40.51
N LEU G 57 -33.29 36.04 -40.55
CA LEU G 57 -34.01 36.07 -41.82
C LEU G 57 -34.16 37.49 -42.37
N ILE G 58 -34.25 38.47 -41.49
CA ILE G 58 -34.47 39.85 -41.92
C ILE G 58 -33.40 40.30 -42.91
N GLY G 59 -33.84 40.82 -44.06
CA GLY G 59 -32.94 41.36 -45.06
C GLY G 59 -32.40 40.32 -46.02
N ARG G 60 -32.67 39.05 -45.76
CA ARG G 60 -32.24 37.99 -46.67
C ARG G 60 -33.09 38.00 -47.93
N ASP G 61 -32.52 37.50 -49.02
CA ASP G 61 -33.22 37.36 -50.28
C ASP G 61 -34.15 36.15 -50.17
N ALA G 62 -35.45 36.39 -50.21
CA ALA G 62 -36.41 35.30 -50.03
C ALA G 62 -36.34 34.25 -51.13
N GLY G 63 -35.82 34.65 -52.30
CA GLY G 63 -35.71 33.73 -53.42
C GLY G 63 -34.65 32.65 -53.24
N ARG G 64 -33.74 32.87 -52.29
N ARG G 64 -33.73 32.86 -52.31
CA ARG G 64 -32.63 31.95 -52.05
CA ARG G 64 -32.64 31.93 -52.11
C ARG G 64 -33.03 30.81 -51.12
C ARG G 64 -33.01 30.80 -51.15
N ILE G 65 -33.90 29.93 -51.62
CA ILE G 65 -34.42 28.85 -50.80
C ILE G 65 -33.32 27.88 -50.37
N GLU G 66 -32.53 27.44 -51.34
CA GLU G 66 -31.49 26.43 -51.06
C GLU G 66 -30.45 27.00 -50.11
N ASP G 67 -30.02 28.23 -50.39
CA ASP G 67 -29.01 28.88 -49.53
C ASP G 67 -29.54 29.04 -48.10
N THR G 68 -30.81 29.42 -47.98
CA THR G 68 -31.38 29.60 -46.65
C THR G 68 -31.45 28.28 -45.90
N TRP G 69 -31.83 27.22 -46.61
CA TRP G 69 -31.91 25.90 -46.00
C TRP G 69 -30.53 25.48 -45.46
N GLN G 70 -29.50 25.60 -46.28
CA GLN G 70 -28.16 25.24 -45.85
C GLN G 70 -27.65 26.15 -44.72
N TYR G 71 -27.90 27.45 -44.86
CA TYR G 71 -27.55 28.45 -43.84
C TYR G 71 -28.11 28.04 -42.48
N LEU G 72 -29.38 27.66 -42.45
CA LEU G 72 -30.02 27.25 -41.20
C LEU G 72 -29.60 25.86 -40.75
N TYR G 73 -29.43 24.94 -41.71
CA TYR G 73 -29.08 23.57 -41.35
C TYR G 73 -27.63 23.43 -40.91
N ARG G 74 -26.71 23.93 -41.71
CA ARG G 74 -25.31 23.89 -41.35
C ARG G 74 -24.98 24.95 -40.32
N GLY G 75 -25.56 26.14 -40.47
CA GLY G 75 -25.22 27.26 -39.62
C GLY G 75 -25.63 27.09 -38.15
N ALA G 76 -26.64 26.26 -37.90
CA ALA G 76 -27.05 25.99 -36.52
C ALA G 76 -25.93 25.31 -35.74
N TYR G 77 -25.01 24.67 -36.47
CA TYR G 77 -23.86 23.94 -35.92
C TYR G 77 -24.30 22.60 -35.34
N TRP G 78 -25.33 22.64 -34.49
CA TRP G 78 -25.95 21.44 -33.96
C TRP G 78 -27.00 21.00 -34.98
N ARG G 79 -26.72 19.91 -35.68
CA ARG G 79 -27.53 19.50 -36.84
C ARG G 79 -28.55 18.44 -36.54
N ARG G 80 -29.64 18.47 -37.30
CA ARG G 80 -30.75 17.50 -37.22
C ARG G 80 -31.55 17.71 -35.96
N GLY G 81 -32.56 16.86 -35.76
CA GLY G 81 -33.38 16.91 -34.56
C GLY G 81 -34.78 17.46 -34.81
N PRO G 82 -35.74 17.10 -33.94
CA PRO G 82 -37.13 17.49 -34.20
C PRO G 82 -37.36 18.99 -34.08
N VAL G 83 -36.78 19.65 -33.10
CA VAL G 83 -37.01 21.08 -32.95
C VAL G 83 -36.32 21.81 -34.09
N THR G 84 -35.06 21.46 -34.30
CA THR G 84 -34.23 22.02 -35.34
C THR G 84 -34.84 21.91 -36.74
N MET G 85 -35.22 20.70 -37.13
CA MET G 85 -35.70 20.48 -38.49
C MET G 85 -37.11 21.01 -38.72
N THR G 86 -37.93 21.08 -37.67
CA THR G 86 -39.25 21.70 -37.77
C THR G 86 -39.12 23.21 -37.99
N ALA G 87 -38.20 23.85 -37.28
CA ALA G 87 -37.94 25.26 -37.52
C ALA G 87 -37.49 25.48 -38.96
N ILE G 88 -36.57 24.66 -39.43
CA ILE G 88 -36.06 24.77 -40.80
C ILE G 88 -37.17 24.50 -41.82
N ALA G 89 -38.02 23.49 -41.55
CA ALA G 89 -39.16 23.18 -42.41
C ALA G 89 -40.11 24.36 -42.55
N ALA G 90 -40.36 25.05 -41.44
CA ALA G 90 -41.27 26.20 -41.44
C ALA G 90 -40.78 27.27 -42.39
N VAL G 91 -39.48 27.57 -42.30
CA VAL G 91 -38.88 28.56 -43.19
C VAL G 91 -38.98 28.10 -44.63
N ASP G 92 -38.59 26.85 -44.86
CA ASP G 92 -38.57 26.30 -46.20
C ASP G 92 -39.94 26.33 -46.89
N MET G 93 -40.98 25.91 -46.15
CA MET G 93 -42.34 25.94 -46.69
C MET G 93 -42.75 27.36 -47.04
N ALA G 94 -42.40 28.32 -46.18
CA ALA G 94 -42.79 29.71 -46.41
C ALA G 94 -42.08 30.26 -47.64
N LEU G 95 -40.81 29.89 -47.82
CA LEU G 95 -40.08 30.37 -48.98
C LEU G 95 -40.60 29.73 -50.29
N TRP G 96 -40.95 28.44 -50.25
CA TRP G 96 -41.55 27.83 -51.44
C TRP G 96 -42.90 28.45 -51.76
N ASP G 97 -43.64 28.82 -50.71
CA ASP G 97 -44.93 29.50 -50.87
C ASP G 97 -44.70 30.82 -51.64
N ILE G 98 -43.72 31.59 -51.19
CA ILE G 98 -43.36 32.84 -51.85
C ILE G 98 -42.88 32.63 -53.28
N LYS G 99 -42.06 31.61 -53.49
CA LYS G 99 -41.53 31.34 -54.84
C LYS G 99 -42.66 30.98 -55.80
N ALA G 100 -43.60 30.17 -55.34
CA ALA G 100 -44.72 29.77 -56.19
C ALA G 100 -45.63 30.96 -56.49
N LYS G 101 -45.88 31.80 -55.48
CA LYS G 101 -46.63 33.03 -55.72
C LYS G 101 -45.92 33.94 -56.73
N ALA G 102 -44.60 34.09 -56.57
CA ALA G 102 -43.85 34.94 -57.49
C ALA G 102 -43.92 34.40 -58.93
N ALA G 103 -43.96 33.08 -59.04
CA ALA G 103 -44.05 32.39 -60.33
C ALA G 103 -45.45 32.39 -60.91
N GLY G 104 -46.43 32.77 -60.09
CA GLY G 104 -47.83 32.74 -60.47
C GLY G 104 -48.35 31.33 -60.71
N MET G 105 -47.81 30.37 -59.98
CA MET G 105 -48.16 28.96 -60.18
C MET G 105 -48.50 28.27 -58.88
N PRO G 106 -49.42 27.31 -58.92
CA PRO G 106 -49.59 26.46 -57.75
C PRO G 106 -48.31 25.64 -57.53
N LEU G 107 -48.01 25.32 -56.27
CA LEU G 107 -46.75 24.68 -55.92
C LEU G 107 -46.45 23.42 -56.75
N TYR G 108 -47.44 22.58 -57.02
CA TYR G 108 -47.13 21.34 -57.75
C TYR G 108 -46.54 21.63 -59.13
N GLN G 109 -46.91 22.75 -59.73
CA GLN G 109 -46.37 23.10 -61.04
C GLN G 109 -44.89 23.45 -60.94
N LEU G 110 -44.52 24.13 -59.86
CA LEU G 110 -43.13 24.51 -59.65
C LEU G 110 -42.23 23.29 -59.44
N LEU G 111 -42.80 22.23 -58.86
CA LEU G 111 -42.03 21.05 -58.54
C LEU G 111 -41.76 20.17 -59.75
N GLY G 112 -42.49 20.41 -60.83
CA GLY G 112 -42.35 19.60 -62.04
C GLY G 112 -43.68 19.15 -62.62
N GLY G 113 -44.78 19.64 -62.06
CA GLY G 113 -46.09 19.42 -62.64
C GLY G 113 -46.76 18.16 -62.13
N LYS G 114 -48.01 17.93 -62.51
CA LYS G 114 -48.74 16.82 -61.91
C LYS G 114 -48.36 15.47 -62.50
N SER G 115 -48.28 14.48 -61.62
CA SER G 115 -48.04 13.10 -62.02
C SER G 115 -49.32 12.27 -61.90
N ARG G 116 -50.34 12.87 -61.33
CA ARG G 116 -51.60 12.15 -61.08
C ARG G 116 -52.74 13.15 -60.97
N GLU G 117 -53.96 12.65 -61.12
CA GLU G 117 -55.12 13.51 -61.24
C GLU G 117 -55.79 13.72 -59.90
N ARG G 118 -55.40 12.90 -58.93
CA ARG G 118 -55.91 13.02 -57.56
C ARG G 118 -55.05 12.20 -56.64
N VAL G 119 -55.23 12.42 -55.33
CA VAL G 119 -54.34 11.92 -54.32
C VAL G 119 -55.11 11.00 -53.36
N MET G 120 -54.83 9.70 -53.42
CA MET G 120 -55.56 8.75 -52.59
C MET G 120 -55.24 8.93 -51.11
N THR G 121 -56.28 8.85 -50.27
CA THR G 121 -56.08 8.95 -48.83
C THR G 121 -56.48 7.67 -48.10
N TYR G 122 -56.16 7.62 -46.81
CA TYR G 122 -56.78 6.63 -45.93
C TYR G 122 -57.35 7.32 -44.70
N ALA G 123 -58.37 6.69 -44.12
CA ALA G 123 -59.04 7.23 -42.93
C ALA G 123 -58.77 6.35 -41.73
N HIS G 124 -58.83 6.95 -40.55
CA HIS G 124 -58.67 6.20 -39.30
C HIS G 124 -60.00 5.54 -38.89
N CYS G 125 -59.96 4.22 -38.75
CA CYS G 125 -61.12 3.47 -38.26
C CYS G 125 -60.76 2.80 -36.95
N THR G 126 -61.43 3.18 -35.88
CA THR G 126 -61.06 2.68 -34.56
C THR G 126 -62.28 2.31 -33.74
N GLY G 127 -62.06 1.40 -32.78
CA GLY G 127 -63.14 0.99 -31.89
C GLY G 127 -62.62 0.16 -30.73
N GLN G 128 -63.42 0.06 -29.67
CA GLN G 128 -63.03 -0.71 -28.50
C GLN G 128 -62.94 -2.20 -28.85
N THR G 129 -63.99 -2.72 -29.47
CA THR G 129 -63.99 -4.13 -29.86
C THR G 129 -63.78 -4.21 -31.36
N ILE G 130 -63.50 -5.42 -31.83
CA ILE G 130 -63.36 -5.62 -33.28
C ILE G 130 -64.65 -5.17 -33.97
N GLU G 131 -65.79 -5.55 -33.41
CA GLU G 131 -67.07 -5.15 -33.96
C GLU G 131 -67.23 -3.62 -34.10
N ASP G 132 -66.80 -2.88 -33.08
CA ASP G 132 -66.86 -1.42 -33.10
C ASP G 132 -66.03 -0.88 -34.27
N CYS G 133 -64.85 -1.46 -34.46
CA CYS G 133 -63.97 -1.01 -35.53
C CYS G 133 -64.61 -1.27 -36.90
N LEU G 134 -65.22 -2.45 -37.06
CA LEU G 134 -65.87 -2.81 -38.32
C LEU G 134 -66.98 -1.82 -38.66
N GLY G 135 -67.72 -1.38 -37.65
CA GLY G 135 -68.74 -0.36 -37.84
C GLY G 135 -68.13 0.91 -38.41
N GLU G 136 -66.98 1.31 -37.87
CA GLU G 136 -66.27 2.48 -38.38
C GLU G 136 -65.73 2.30 -39.80
N VAL G 137 -65.25 1.10 -40.12
CA VAL G 137 -64.84 0.81 -41.48
C VAL G 137 -66.01 1.01 -42.46
N ALA G 138 -67.17 0.45 -42.12
CA ALA G 138 -68.34 0.58 -42.97
C ALA G 138 -68.67 2.05 -43.23
N ARG G 139 -68.56 2.86 -42.19
CA ARG G 139 -68.94 4.27 -42.29
C ARG G 139 -68.02 5.01 -43.25
N HIS G 140 -66.72 4.72 -43.18
CA HIS G 140 -65.76 5.41 -44.03
C HIS G 140 -65.78 4.91 -45.48
N VAL G 141 -66.09 3.63 -45.69
CA VAL G 141 -66.23 3.10 -47.03
C VAL G 141 -67.39 3.80 -47.74
N GLU G 142 -68.45 4.06 -46.98
CA GLU G 142 -69.61 4.78 -47.51
C GLU G 142 -69.25 6.21 -47.88
N LEU G 143 -68.29 6.79 -47.15
CA LEU G 143 -67.82 8.14 -47.43
C LEU G 143 -66.91 8.20 -48.66
N GLY G 144 -66.55 7.02 -49.18
CA GLY G 144 -65.72 6.96 -50.39
C GLY G 144 -64.25 6.63 -50.20
N TYR G 145 -63.84 6.37 -48.96
CA TYR G 145 -62.44 6.00 -48.71
C TYR G 145 -62.14 4.65 -49.33
N ARG G 146 -60.99 4.56 -50.02
CA ARG G 146 -60.55 3.32 -50.64
C ARG G 146 -59.58 2.59 -49.72
N ALA G 147 -59.20 3.25 -48.63
CA ALA G 147 -58.17 2.74 -47.75
C ALA G 147 -58.51 3.14 -46.33
N VAL G 148 -58.30 2.21 -45.40
CA VAL G 148 -58.61 2.48 -44.00
C VAL G 148 -57.51 1.94 -43.10
N ARG G 149 -57.19 2.69 -42.05
CA ARG G 149 -56.31 2.17 -41.02
C ARG G 149 -57.17 1.66 -39.88
N VAL G 150 -56.94 0.42 -39.47
CA VAL G 150 -57.82 -0.20 -38.48
C VAL G 150 -57.08 -0.47 -37.17
N GLN G 151 -57.71 -0.12 -36.06
CA GLN G 151 -57.13 -0.35 -34.74
C GLN G 151 -58.29 -0.72 -33.83
N SER G 152 -58.06 -1.66 -32.92
CA SER G 152 -59.09 -1.99 -31.93
C SER G 152 -58.45 -2.22 -30.57
N GLY G 153 -59.28 -2.26 -29.52
CA GLY G 153 -58.76 -2.50 -28.19
C GLY G 153 -58.23 -3.92 -28.06
N VAL G 154 -57.33 -4.13 -27.11
CA VAL G 154 -56.82 -5.46 -26.82
C VAL G 154 -57.51 -5.93 -25.55
N PRO G 155 -58.21 -7.07 -25.61
CA PRO G 155 -58.86 -7.59 -24.39
C PRO G 155 -57.84 -7.81 -23.28
N GLY G 156 -58.16 -7.36 -22.08
CA GLY G 156 -57.24 -7.50 -20.96
C GLY G 156 -56.31 -6.31 -20.82
N ILE G 157 -56.53 -5.28 -21.65
CA ILE G 157 -55.72 -4.06 -21.60
C ILE G 157 -56.60 -2.82 -21.79
N GLU G 158 -56.63 -1.98 -20.77
CA GLU G 158 -57.56 -0.83 -20.72
C GLU G 158 -57.40 0.13 -21.90
N THR G 159 -56.16 0.37 -22.32
CA THR G 159 -55.91 1.36 -23.36
C THR G 159 -54.82 0.95 -24.36
N THR G 160 -55.15 1.03 -25.64
CA THR G 160 -54.22 0.71 -26.72
C THR G 160 -54.15 1.90 -27.68
N TYR G 161 -53.11 1.94 -28.52
CA TYR G 161 -52.96 3.06 -29.45
C TYR G 161 -54.11 3.16 -30.45
N GLY G 162 -54.56 4.39 -30.69
CA GLY G 162 -55.50 4.66 -31.75
C GLY G 162 -56.94 4.33 -31.40
N VAL G 163 -57.19 3.97 -30.15
CA VAL G 163 -58.53 3.60 -29.70
C VAL G 163 -59.00 4.45 -28.53
N GLU G 172 -57.52 12.68 -30.76
CA GLU G 172 -56.60 13.75 -30.38
C GLU G 172 -55.68 13.28 -29.24
N PRO G 173 -54.61 12.55 -29.60
CA PRO G 173 -53.62 11.94 -28.69
C PRO G 173 -53.14 12.86 -27.56
N ALA G 174 -52.81 14.10 -27.88
CA ALA G 174 -52.42 15.07 -26.86
C ALA G 174 -53.68 15.63 -26.21
N ASP G 175 -54.27 14.86 -25.30
CA ASP G 175 -55.60 15.18 -24.79
C ASP G 175 -55.58 15.62 -23.32
N SER G 176 -54.39 15.83 -22.78
CA SER G 176 -54.24 16.21 -21.38
C SER G 176 -53.01 17.08 -21.22
N SER G 177 -53.03 17.96 -20.21
CA SER G 177 -51.92 18.89 -20.00
C SER G 177 -50.61 18.14 -19.76
N LEU G 178 -50.62 17.24 -18.79
CA LEU G 178 -49.48 16.34 -18.55
C LEU G 178 -49.72 15.03 -19.31
N PRO G 179 -48.65 14.27 -19.58
CA PRO G 179 -48.82 13.01 -20.32
C PRO G 179 -49.74 12.00 -19.62
N ALA G 180 -50.74 11.51 -20.34
CA ALA G 180 -51.60 10.46 -19.82
C ALA G 180 -50.75 9.20 -19.73
N GLU G 181 -51.09 8.32 -18.79
CA GLU G 181 -50.33 7.10 -18.57
C GLU G 181 -51.11 5.89 -19.03
N HIS G 182 -50.66 5.29 -20.14
CA HIS G 182 -51.30 4.09 -20.67
C HIS G 182 -50.52 2.85 -20.24
N VAL G 183 -51.18 1.71 -20.25
CA VAL G 183 -50.55 0.44 -19.89
C VAL G 183 -50.59 -0.51 -21.08
N TRP G 184 -49.54 -1.31 -21.24
CA TRP G 184 -49.37 -2.12 -22.44
C TRP G 184 -48.98 -3.57 -22.15
N SER G 185 -49.51 -4.49 -22.94
CA SER G 185 -49.05 -5.88 -22.97
C SER G 185 -48.79 -6.31 -24.41
N THR G 186 -47.53 -6.56 -24.74
CA THR G 186 -47.20 -7.00 -26.09
C THR G 186 -47.82 -8.35 -26.43
N GLU G 187 -47.75 -9.29 -25.49
CA GLU G 187 -48.17 -10.65 -25.78
C GLU G 187 -49.66 -10.73 -26.06
N LYS G 188 -50.45 -9.98 -25.31
CA LYS G 188 -51.89 -9.97 -25.56
C LYS G 188 -52.21 -9.33 -26.91
N TYR G 189 -51.48 -8.27 -27.25
CA TYR G 189 -51.67 -7.62 -28.55
C TYR G 189 -51.36 -8.56 -29.70
N LEU G 190 -50.23 -9.27 -29.59
CA LEU G 190 -49.79 -10.14 -30.68
C LEU G 190 -50.81 -11.25 -30.96
N ASN G 191 -51.46 -11.75 -29.92
CA ASN G 191 -52.45 -12.82 -30.12
C ASN G 191 -53.76 -12.28 -30.66
N HIS G 192 -54.07 -11.03 -30.35
CA HIS G 192 -55.35 -10.45 -30.71
C HIS G 192 -55.37 -9.80 -32.08
N ALA G 193 -54.33 -9.03 -32.40
CA ALA G 193 -54.33 -8.22 -33.62
C ALA G 193 -54.69 -8.96 -34.94
N PRO G 194 -54.17 -10.18 -35.15
CA PRO G 194 -54.56 -10.84 -36.42
C PRO G 194 -56.06 -11.05 -36.57
N LYS G 195 -56.78 -11.19 -35.46
CA LYS G 195 -58.22 -11.41 -35.50
C LYS G 195 -58.95 -10.19 -36.05
N LEU G 196 -58.38 -9.01 -35.82
CA LEU G 196 -58.97 -7.79 -36.34
C LEU G 196 -58.91 -7.78 -37.87
N PHE G 197 -57.75 -8.11 -38.44
CA PHE G 197 -57.62 -8.07 -39.90
C PHE G 197 -58.44 -9.18 -40.55
N ALA G 198 -58.53 -10.33 -39.89
CA ALA G 198 -59.36 -11.42 -40.39
C ALA G 198 -60.81 -10.97 -40.50
N ALA G 199 -61.28 -10.25 -39.48
CA ALA G 199 -62.66 -9.77 -39.47
C ALA G 199 -62.91 -8.68 -40.52
N VAL G 200 -61.92 -7.83 -40.75
CA VAL G 200 -62.07 -6.80 -41.76
C VAL G 200 -62.22 -7.45 -43.13
N ARG G 201 -61.36 -8.42 -43.42
CA ARG G 201 -61.44 -9.11 -44.71
C ARG G 201 -62.74 -9.89 -44.86
N GLU G 202 -63.16 -10.56 -43.80
CA GLU G 202 -64.41 -11.33 -43.86
C GLU G 202 -65.60 -10.43 -44.19
N ARG G 203 -65.66 -9.24 -43.59
CA ARG G 203 -66.83 -8.38 -43.78
C ARG G 203 -66.74 -7.50 -45.02
N PHE G 204 -65.54 -7.04 -45.35
CA PHE G 204 -65.37 -6.03 -46.39
C PHE G 204 -64.66 -6.49 -47.65
N GLY G 205 -64.16 -7.71 -47.66
CA GLY G 205 -63.55 -8.28 -48.85
C GLY G 205 -62.12 -7.84 -49.14
N ASP G 206 -61.65 -8.13 -50.35
CA ASP G 206 -60.24 -8.00 -50.70
C ASP G 206 -59.81 -6.71 -51.39
N ASP G 207 -60.77 -5.93 -51.89
CA ASP G 207 -60.41 -4.74 -52.66
C ASP G 207 -59.99 -3.53 -51.80
N LEU G 208 -60.53 -3.46 -50.61
CA LEU G 208 -60.24 -2.38 -49.67
C LEU G 208 -58.76 -2.42 -49.26
N HIS G 209 -58.11 -1.27 -49.22
CA HIS G 209 -56.75 -1.21 -48.68
C HIS G 209 -56.83 -1.09 -47.16
N VAL G 210 -56.11 -1.96 -46.47
CA VAL G 210 -56.19 -2.01 -45.01
C VAL G 210 -54.81 -1.78 -44.40
N LEU G 211 -54.70 -0.77 -43.54
CA LEU G 211 -53.42 -0.39 -42.93
C LEU G 211 -53.47 -0.61 -41.43
N HIS G 212 -52.32 -0.78 -40.80
CA HIS G 212 -52.29 -0.90 -39.35
C HIS G 212 -51.03 -0.27 -38.80
N ASP G 213 -51.18 0.43 -37.69
CA ASP G 213 -50.07 1.13 -37.03
C ASP G 213 -49.72 0.39 -35.73
N VAL G 214 -48.52 -0.17 -35.68
CA VAL G 214 -48.03 -0.92 -34.53
C VAL G 214 -47.56 0.03 -33.42
N HIS G 215 -47.28 1.26 -33.83
CA HIS G 215 -46.92 2.33 -32.89
C HIS G 215 -45.76 2.02 -31.93
N HIS G 216 -44.69 1.45 -32.49
CA HIS G 216 -43.37 1.35 -31.86
C HIS G 216 -43.24 0.30 -30.77
N ARG G 217 -44.25 -0.54 -30.61
CA ARG G 217 -44.33 -1.32 -29.37
C ARG G 217 -43.65 -2.69 -29.34
N LEU G 218 -43.19 -3.17 -30.49
CA LEU G 218 -42.63 -4.52 -30.58
C LEU G 218 -41.12 -4.54 -30.68
N THR G 219 -40.51 -5.68 -30.37
CA THR G 219 -39.13 -5.93 -30.76
C THR G 219 -39.14 -6.48 -32.19
N PRO G 220 -37.98 -6.48 -32.86
CA PRO G 220 -37.95 -6.95 -34.24
C PRO G 220 -38.48 -8.38 -34.43
N ILE G 221 -38.11 -9.34 -33.58
CA ILE G 221 -38.60 -10.70 -33.82
C ILE G 221 -40.10 -10.82 -33.53
N GLU G 222 -40.63 -9.97 -32.64
CA GLU G 222 -42.07 -9.90 -32.41
C GLU G 222 -42.79 -9.32 -33.61
N ALA G 223 -42.21 -8.30 -34.22
CA ALA G 223 -42.80 -7.71 -35.42
C ALA G 223 -42.71 -8.69 -36.61
N ALA G 224 -41.64 -9.48 -36.66
CA ALA G 224 -41.50 -10.52 -37.67
C ALA G 224 -42.63 -11.52 -37.56
N ARG G 225 -42.87 -11.96 -36.32
CA ARG G 225 -44.00 -12.86 -36.04
C ARG G 225 -45.33 -12.24 -36.47
N LEU G 226 -45.56 -10.97 -36.12
CA LEU G 226 -46.82 -10.31 -36.47
C LEU G 226 -46.97 -10.19 -37.98
N GLY G 227 -45.89 -9.77 -38.65
CA GLY G 227 -45.92 -9.63 -40.09
C GLY G 227 -46.32 -10.92 -40.78
N LYS G 228 -45.73 -12.03 -40.33
CA LYS G 228 -46.04 -13.34 -40.89
C LYS G 228 -47.49 -13.71 -40.63
N ALA G 229 -47.95 -13.44 -39.41
CA ALA G 229 -49.30 -13.78 -39.00
C ALA G 229 -50.36 -13.03 -39.82
N VAL G 230 -50.00 -11.86 -40.34
CA VAL G 230 -51.00 -11.07 -41.06
C VAL G 230 -50.82 -11.10 -42.57
N GLU G 231 -49.84 -11.86 -43.06
CA GLU G 231 -49.69 -12.06 -44.50
C GLU G 231 -50.98 -12.47 -45.23
N PRO G 232 -51.80 -13.37 -44.65
CA PRO G 232 -53.02 -13.75 -45.37
C PRO G 232 -53.99 -12.61 -45.62
N TYR G 233 -53.87 -11.51 -44.88
CA TYR G 233 -54.85 -10.44 -44.97
C TYR G 233 -54.35 -9.30 -45.86
N HIS G 234 -53.12 -9.44 -46.36
CA HIS G 234 -52.57 -8.54 -47.37
C HIS G 234 -52.70 -7.06 -47.02
N LEU G 235 -52.05 -6.65 -45.93
CA LEU G 235 -52.13 -5.28 -45.48
C LEU G 235 -51.41 -4.37 -46.46
N PHE G 236 -51.92 -3.14 -46.59
CA PHE G 236 -51.26 -2.12 -47.41
C PHE G 236 -49.94 -1.79 -46.76
N TRP G 237 -49.97 -1.66 -45.43
CA TRP G 237 -48.72 -1.57 -44.66
C TRP G 237 -48.91 -1.91 -43.20
N LEU G 238 -47.79 -2.31 -42.59
CA LEU G 238 -47.68 -2.46 -41.15
C LEU G 238 -46.67 -1.39 -40.76
N GLU G 239 -47.12 -0.43 -39.96
CA GLU G 239 -46.40 0.83 -39.73
C GLU G 239 -45.74 0.88 -38.36
N ASP G 240 -44.50 1.38 -38.32
CA ASP G 240 -43.81 1.67 -37.06
C ASP G 240 -43.71 0.46 -36.12
N CYS G 241 -43.28 -0.66 -36.67
CA CYS G 241 -43.19 -1.90 -35.90
C CYS G 241 -42.33 -1.82 -34.65
N VAL G 242 -41.19 -1.14 -34.79
N VAL G 242 -41.18 -1.16 -34.78
CA VAL G 242 -40.18 -1.10 -33.75
CA VAL G 242 -40.13 -1.15 -33.77
C VAL G 242 -39.49 0.28 -33.77
C VAL G 242 -39.44 0.22 -33.78
N PRO G 243 -39.00 0.74 -32.61
CA PRO G 243 -38.25 2.02 -32.63
C PRO G 243 -37.04 1.85 -33.51
N ALA G 244 -36.73 2.87 -34.31
CA ALA G 244 -35.77 2.69 -35.38
C ALA G 244 -34.63 3.72 -35.36
N GLU G 245 -34.28 4.22 -34.18
CA GLU G 245 -33.05 5.01 -34.06
C GLU G 245 -31.87 4.18 -34.53
N ASN G 246 -31.91 2.88 -34.21
CA ASN G 246 -30.99 1.91 -34.78
C ASN G 246 -31.70 1.36 -36.00
N GLN G 247 -31.28 1.80 -37.19
CA GLN G 247 -32.02 1.42 -38.40
C GLN G 247 -31.95 -0.07 -38.68
N GLU G 248 -30.94 -0.73 -38.13
CA GLU G 248 -30.79 -2.18 -38.31
C GLU G 248 -31.95 -2.94 -37.66
N SER G 249 -32.71 -2.26 -36.80
CA SER G 249 -33.87 -2.87 -36.15
C SER G 249 -34.89 -3.43 -37.13
N LEU G 250 -34.90 -2.91 -38.36
CA LEU G 250 -35.86 -3.40 -39.36
C LEU G 250 -35.44 -4.73 -40.02
N ARG G 251 -34.17 -5.09 -39.91
CA ARG G 251 -33.63 -6.19 -40.71
C ARG G 251 -34.34 -7.52 -40.48
N LEU G 252 -34.50 -7.94 -39.22
CA LEU G 252 -35.14 -9.21 -38.94
C LEU G 252 -36.57 -9.26 -39.42
N ILE G 253 -37.25 -8.11 -39.37
CA ILE G 253 -38.64 -8.08 -39.81
C ILE G 253 -38.67 -8.34 -41.31
N ARG G 254 -37.83 -7.62 -42.04
CA ARG G 254 -37.83 -7.73 -43.49
C ARG G 254 -37.43 -9.13 -43.97
N GLU G 255 -36.53 -9.76 -43.23
CA GLU G 255 -36.06 -11.09 -43.63
C GLU G 255 -37.09 -12.19 -43.35
N HIS G 256 -38.10 -11.88 -42.54
CA HIS G 256 -39.07 -12.91 -42.12
C HIS G 256 -40.51 -12.73 -42.61
N THR G 257 -40.85 -11.60 -43.21
CA THR G 257 -42.22 -11.41 -43.67
C THR G 257 -42.27 -10.65 -44.98
N THR G 258 -43.32 -10.89 -45.76
CA THR G 258 -43.61 -10.14 -46.97
C THR G 258 -44.74 -9.12 -46.77
N THR G 259 -45.19 -8.95 -45.53
CA THR G 259 -46.13 -7.86 -45.26
C THR G 259 -45.39 -6.53 -45.46
N PRO G 260 -45.97 -5.60 -46.25
CA PRO G 260 -45.25 -4.36 -46.51
C PRO G 260 -45.08 -3.52 -45.25
N LEU G 261 -43.95 -2.81 -45.16
CA LEU G 261 -43.61 -2.06 -43.97
C LEU G 261 -43.52 -0.57 -44.22
N ALA G 262 -44.00 0.21 -43.26
CA ALA G 262 -43.93 1.66 -43.33
C ALA G 262 -43.28 2.16 -42.06
N ILE G 263 -42.49 3.23 -42.18
CA ILE G 263 -41.88 3.80 -41.00
C ILE G 263 -41.55 5.27 -41.25
N GLY G 264 -41.46 6.06 -40.17
CA GLY G 264 -40.73 7.30 -40.26
C GLY G 264 -41.42 8.59 -39.83
N GLU G 265 -42.64 8.52 -39.31
CA GLU G 265 -43.26 9.76 -38.86
C GLU G 265 -42.45 10.44 -37.75
N VAL G 266 -41.65 9.68 -37.01
CA VAL G 266 -40.84 10.32 -35.96
C VAL G 266 -39.46 10.78 -36.44
N PHE G 267 -39.17 10.63 -37.73
CA PHE G 267 -37.86 11.03 -38.26
C PHE G 267 -37.86 12.49 -38.68
N ASN G 268 -36.66 13.08 -38.76
CA ASN G 268 -36.56 14.48 -39.21
C ASN G 268 -35.45 14.72 -40.24
N SER G 269 -34.71 13.66 -40.58
CA SER G 269 -33.57 13.81 -41.46
C SER G 269 -33.44 12.62 -42.42
N ILE G 270 -32.90 12.86 -43.61
CA ILE G 270 -32.57 11.77 -44.52
C ILE G 270 -31.62 10.77 -43.84
N HIS G 271 -30.84 11.28 -42.87
CA HIS G 271 -29.87 10.44 -42.17
C HIS G 271 -30.51 9.50 -41.15
N ASP G 272 -31.81 9.68 -40.93
CA ASP G 272 -32.57 8.79 -40.06
C ASP G 272 -33.04 7.57 -40.86
N CYS G 273 -32.96 7.63 -42.19
CA CYS G 273 -33.60 6.59 -42.99
C CYS G 273 -32.81 6.17 -44.23
N ARG G 274 -31.62 6.75 -44.43
CA ARG G 274 -30.82 6.42 -45.62
C ARG G 274 -30.59 4.91 -45.73
N GLU G 275 -30.18 4.29 -44.64
CA GLU G 275 -29.90 2.85 -44.65
C GLU G 275 -31.17 1.99 -44.76
N LEU G 276 -32.24 2.41 -44.09
CA LEU G 276 -33.53 1.73 -44.21
C LEU G 276 -33.93 1.63 -45.67
N ILE G 277 -33.73 2.71 -46.40
CA ILE G 277 -34.10 2.77 -47.80
C ILE G 277 -33.13 1.96 -48.67
N GLN G 278 -31.83 2.23 -48.52
CA GLN G 278 -30.83 1.61 -49.38
C GLN G 278 -30.73 0.10 -49.22
N ASN G 279 -31.06 -0.40 -48.02
CA ASN G 279 -31.06 -1.84 -47.78
C ASN G 279 -32.40 -2.49 -48.09
N GLN G 280 -33.33 -1.69 -48.60
CA GLN G 280 -34.68 -2.17 -48.92
C GLN G 280 -35.38 -2.80 -47.74
N TRP G 281 -35.34 -2.11 -46.59
CA TRP G 281 -35.98 -2.64 -45.40
C TRP G 281 -37.39 -2.10 -45.17
N ILE G 282 -37.81 -1.13 -45.98
CA ILE G 282 -39.16 -0.58 -45.85
C ILE G 282 -39.79 -0.35 -47.23
N ASP G 283 -41.11 -0.23 -47.27
CA ASP G 283 -41.83 0.03 -48.51
C ASP G 283 -42.36 1.44 -48.60
N TYR G 284 -42.60 2.06 -47.45
CA TYR G 284 -43.13 3.41 -47.40
C TYR G 284 -42.39 4.25 -46.38
N ILE G 285 -42.03 5.48 -46.78
CA ILE G 285 -41.39 6.42 -45.86
C ILE G 285 -42.44 7.47 -45.43
N ARG G 286 -42.56 7.67 -44.12
CA ARG G 286 -43.68 8.43 -43.56
C ARG G 286 -43.34 9.83 -43.07
N MET G 287 -42.06 10.20 -43.15
CA MET G 287 -41.63 11.50 -42.64
C MET G 287 -42.33 12.61 -43.42
N PRO G 288 -43.00 13.55 -42.71
CA PRO G 288 -43.78 14.60 -43.39
C PRO G 288 -43.02 15.90 -43.56
N LEU G 289 -43.62 16.85 -44.28
CA LEU G 289 -42.95 18.11 -44.58
C LEU G 289 -42.55 18.91 -43.32
N THR G 290 -43.47 19.06 -42.38
CA THR G 290 -43.25 19.91 -41.20
C THR G 290 -42.11 19.44 -40.33
N HIS G 291 -41.94 18.14 -40.24
CA HIS G 291 -40.93 17.59 -39.34
C HIS G 291 -39.68 17.15 -40.07
N GLY G 292 -39.76 17.05 -41.40
CA GLY G 292 -38.66 16.54 -42.19
C GLY G 292 -37.90 17.59 -42.99
N GLY G 293 -37.91 18.84 -42.53
CA GLY G 293 -37.10 19.88 -43.15
C GLY G 293 -37.71 20.49 -44.40
N GLY G 294 -39.02 20.31 -44.58
CA GLY G 294 -39.73 20.96 -45.66
C GLY G 294 -39.61 20.34 -47.03
N ILE G 295 -40.03 21.10 -48.04
CA ILE G 295 -40.04 20.65 -49.43
C ILE G 295 -38.63 20.33 -49.91
N THR G 296 -37.68 21.21 -49.60
CA THR G 296 -36.31 21.05 -50.07
C THR G 296 -35.72 19.71 -49.64
N ALA G 297 -35.89 19.36 -48.37
CA ALA G 297 -35.33 18.11 -47.85
C ALA G 297 -36.14 16.89 -48.30
N MET G 298 -37.46 17.01 -48.31
CA MET G 298 -38.28 15.84 -48.59
C MET G 298 -38.25 15.44 -50.06
N ARG G 299 -37.99 16.41 -50.94
CA ARG G 299 -37.75 16.07 -52.34
C ARG G 299 -36.57 15.09 -52.43
N ARG G 300 -35.51 15.37 -51.67
CA ARG G 300 -34.33 14.51 -51.69
C ARG G 300 -34.62 13.13 -51.09
N VAL G 301 -35.39 13.10 -50.01
CA VAL G 301 -35.78 11.82 -49.40
C VAL G 301 -36.63 10.98 -50.37
N ALA G 302 -37.61 11.62 -51.00
CA ALA G 302 -38.50 10.90 -51.91
C ALA G 302 -37.70 10.37 -53.09
N ASP G 303 -36.76 11.17 -53.55
CA ASP G 303 -35.95 10.75 -54.69
C ASP G 303 -35.04 9.56 -54.35
N LEU G 304 -34.42 9.57 -53.16
CA LEU G 304 -33.62 8.42 -52.75
C LEU G 304 -34.52 7.20 -52.65
N ALA G 305 -35.67 7.37 -52.03
CA ALA G 305 -36.65 6.29 -51.91
C ALA G 305 -36.99 5.67 -53.26
N SER G 306 -37.17 6.52 -54.27
CA SER G 306 -37.56 6.05 -55.60
C SER G 306 -36.58 5.05 -56.22
N LEU G 307 -35.30 5.16 -55.89
CA LEU G 307 -34.30 4.25 -56.45
C LEU G 307 -34.48 2.82 -55.95
N TYR G 308 -35.19 2.67 -54.84
CA TYR G 308 -35.36 1.36 -54.20
C TYR G 308 -36.83 0.93 -54.12
N HIS G 309 -37.66 1.55 -54.96
CA HIS G 309 -39.09 1.23 -55.07
C HIS G 309 -39.90 1.62 -53.85
N VAL G 310 -39.32 2.42 -52.98
CA VAL G 310 -40.00 2.90 -51.77
C VAL G 310 -40.90 4.09 -52.15
N ARG G 311 -42.10 4.13 -51.59
CA ARG G 311 -43.08 5.16 -51.93
C ARG G 311 -43.36 6.09 -50.74
N THR G 312 -43.93 7.26 -51.01
CA THR G 312 -44.20 8.20 -49.92
C THR G 312 -45.51 7.88 -49.22
N GLY G 313 -45.53 8.07 -47.92
CA GLY G 313 -46.76 7.90 -47.16
C GLY G 313 -46.75 8.92 -46.04
N PHE G 314 -46.83 10.20 -46.41
CA PHE G 314 -46.71 11.29 -45.43
C PHE G 314 -47.60 11.13 -44.22
N HIS G 315 -46.99 11.22 -43.04
CA HIS G 315 -47.75 11.37 -41.81
C HIS G 315 -48.69 12.55 -41.97
N GLY G 316 -49.96 12.38 -41.63
CA GLY G 316 -50.96 13.42 -41.81
C GLY G 316 -51.98 13.52 -40.67
N PRO G 317 -51.51 13.72 -39.44
CA PRO G 317 -52.38 13.77 -38.28
C PRO G 317 -52.97 15.16 -38.13
N THR G 318 -53.87 15.36 -37.17
CA THR G 318 -54.41 16.70 -36.96
C THR G 318 -53.33 17.67 -36.46
N ASP G 319 -52.24 17.14 -35.90
CA ASP G 319 -51.21 18.00 -35.34
C ASP G 319 -50.21 18.52 -36.37
N LEU G 320 -50.47 18.25 -37.65
CA LEU G 320 -49.83 19.01 -38.72
C LEU G 320 -50.92 19.92 -39.28
N SER G 321 -50.61 21.20 -39.45
CA SER G 321 -51.64 22.19 -39.74
C SER G 321 -52.07 22.09 -41.19
N PRO G 322 -53.18 22.75 -41.54
CA PRO G 322 -53.56 22.83 -42.95
C PRO G 322 -52.46 23.38 -43.86
N VAL G 323 -51.52 24.14 -43.32
CA VAL G 323 -50.40 24.62 -44.11
C VAL G 323 -49.55 23.42 -44.58
N CYS G 324 -49.21 22.51 -43.67
CA CYS G 324 -48.53 21.28 -44.05
C CYS G 324 -49.37 20.46 -45.02
N LEU G 325 -50.65 20.32 -44.73
CA LEU G 325 -51.52 19.47 -45.55
C LEU G 325 -51.60 19.97 -46.98
N GLY G 326 -51.78 21.27 -47.15
CA GLY G 326 -51.82 21.86 -48.49
C GLY G 326 -50.52 21.66 -49.26
N ALA G 327 -49.41 21.97 -48.60
CA ALA G 327 -48.10 21.76 -49.21
C ALA G 327 -47.91 20.27 -49.56
N ALA G 328 -48.37 19.40 -48.67
CA ALA G 328 -48.20 17.96 -48.85
C ALA G 328 -49.01 17.47 -50.04
N ILE G 329 -50.22 18.02 -50.20
CA ILE G 329 -51.06 17.64 -51.33
C ILE G 329 -50.41 18.07 -52.66
N HIS G 330 -49.81 19.25 -52.67
CA HIS G 330 -49.05 19.68 -53.84
C HIS G 330 -47.90 18.72 -54.12
N PHE G 331 -47.15 18.41 -53.08
CA PHE G 331 -46.00 17.50 -53.21
C PHE G 331 -46.49 16.14 -53.72
N ASP G 332 -47.57 15.63 -53.12
CA ASP G 332 -48.14 14.32 -53.48
C ASP G 332 -48.58 14.28 -54.93
N THR G 333 -48.97 15.44 -55.44
CA THR G 333 -49.51 15.55 -56.79
C THR G 333 -48.42 15.40 -57.83
N TRP G 334 -47.23 15.86 -57.49
CA TRP G 334 -46.08 15.83 -58.39
C TRP G 334 -45.25 14.54 -58.25
N VAL G 335 -45.03 14.11 -57.02
CA VAL G 335 -43.98 13.13 -56.76
C VAL G 335 -44.26 11.81 -57.50
N PRO G 336 -43.28 11.28 -58.25
CA PRO G 336 -43.62 10.09 -59.03
C PRO G 336 -43.96 8.92 -58.11
N ASN G 337 -43.14 8.72 -57.06
CA ASN G 337 -43.32 7.57 -56.17
C ASN G 337 -44.26 7.82 -54.99
N PHE G 338 -45.40 8.43 -55.26
CA PHE G 338 -46.44 8.60 -54.26
C PHE G 338 -47.02 7.25 -53.85
N GLY G 339 -47.25 7.06 -52.55
CA GLY G 339 -47.93 5.88 -52.04
C GLY G 339 -49.36 6.19 -51.57
N ILE G 340 -49.48 6.98 -50.52
CA ILE G 340 -50.80 7.32 -49.98
C ILE G 340 -50.68 8.56 -49.10
N GLN G 341 -51.79 9.26 -48.87
CA GLN G 341 -51.80 10.41 -47.96
C GLN G 341 -52.78 10.18 -46.82
N GLU G 342 -52.23 10.14 -45.61
CA GLU G 342 -53.06 10.04 -44.42
C GLU G 342 -54.01 11.24 -44.33
N HIS G 343 -55.27 10.97 -43.97
CA HIS G 343 -56.21 12.06 -43.73
C HIS G 343 -56.85 11.97 -42.34
N MET G 344 -56.54 12.95 -41.50
CA MET G 344 -57.26 13.14 -40.24
C MET G 344 -57.85 14.54 -40.34
N PRO G 345 -59.18 14.64 -40.55
CA PRO G 345 -59.77 15.97 -40.75
C PRO G 345 -59.58 16.91 -39.57
N HIS G 346 -59.25 18.16 -39.88
CA HIS G 346 -59.15 19.20 -38.86
C HIS G 346 -60.52 19.69 -38.39
N THR G 347 -60.55 20.37 -37.25
CA THR G 347 -61.79 20.97 -36.77
C THR G 347 -62.20 22.15 -37.66
N ASP G 348 -63.48 22.53 -37.57
CA ASP G 348 -63.99 23.67 -38.32
C ASP G 348 -63.23 24.95 -37.93
N GLU G 349 -62.93 25.09 -36.64
CA GLU G 349 -62.21 26.26 -36.18
C GLU G 349 -60.79 26.32 -36.79
N THR G 350 -60.14 25.18 -36.89
CA THR G 350 -58.82 25.10 -37.51
C THR G 350 -58.89 25.45 -39.00
N ASP G 351 -59.88 24.87 -39.68
CA ASP G 351 -60.03 25.13 -41.13
C ASP G 351 -60.27 26.61 -41.40
N ALA G 352 -61.00 27.28 -40.52
CA ALA G 352 -61.28 28.70 -40.68
C ALA G 352 -60.04 29.56 -40.42
N VAL G 353 -59.21 29.15 -39.47
CA VAL G 353 -57.95 29.86 -39.20
C VAL G 353 -56.99 29.77 -40.37
N PHE G 354 -57.05 28.65 -41.10
CA PHE G 354 -56.16 28.44 -42.23
C PHE G 354 -56.92 28.25 -43.56
N PRO G 355 -57.37 29.36 -44.17
CA PRO G 355 -58.03 29.27 -45.48
C PRO G 355 -57.15 28.53 -46.48
N HIS G 356 -57.75 27.69 -47.30
CA HIS G 356 -56.99 26.82 -48.19
C HIS G 356 -57.82 26.41 -49.39
N ASP G 357 -57.16 26.02 -50.46
CA ASP G 357 -57.90 25.66 -51.68
C ASP G 357 -57.77 24.20 -52.09
N TYR G 358 -57.13 23.37 -51.27
CA TYR G 358 -57.19 21.93 -51.52
C TYR G 358 -58.61 21.45 -51.24
N ARG G 359 -59.02 20.38 -51.91
CA ARG G 359 -60.38 19.86 -51.77
C ARG G 359 -60.32 18.36 -51.54
N PHE G 360 -61.24 17.85 -50.74
CA PHE G 360 -61.37 16.41 -50.53
C PHE G 360 -62.68 15.95 -51.16
N GLU G 361 -62.60 14.92 -52.00
CA GLU G 361 -63.80 14.39 -52.67
C GLU G 361 -63.63 12.90 -52.88
N ASP G 362 -64.62 12.11 -52.48
CA ASP G 362 -64.67 10.69 -52.85
C ASP G 362 -63.35 9.98 -52.46
N GLY G 363 -62.90 10.20 -51.24
CA GLY G 363 -61.73 9.50 -50.71
C GLY G 363 -60.37 10.00 -51.18
N HIS G 364 -60.35 11.11 -51.92
CA HIS G 364 -59.11 11.64 -52.49
C HIS G 364 -58.97 13.15 -52.31
N PHE G 365 -57.74 13.64 -52.27
CA PHE G 365 -57.51 15.07 -52.30
C PHE G 365 -57.26 15.54 -53.72
N LEU G 366 -57.62 16.80 -54.00
CA LEU G 366 -57.26 17.45 -55.26
C LEU G 366 -56.45 18.69 -54.92
N ALA G 367 -55.31 18.88 -55.57
CA ALA G 367 -54.45 20.03 -55.29
C ALA G 367 -55.12 21.34 -55.70
N GLY G 368 -54.81 22.41 -54.96
CA GLY G 368 -55.32 23.72 -55.30
C GLY G 368 -54.64 24.27 -56.54
N GLU G 369 -55.26 25.29 -57.14
CA GLU G 369 -54.71 25.94 -58.33
C GLU G 369 -54.22 27.36 -58.07
N SER G 370 -54.43 27.87 -56.85
CA SER G 370 -53.97 29.22 -56.51
C SER G 370 -52.44 29.22 -56.43
N PRO G 371 -51.81 30.34 -56.82
CA PRO G 371 -50.35 30.44 -56.65
C PRO G 371 -49.94 30.28 -55.19
N GLY G 372 -48.82 29.61 -54.94
CA GLY G 372 -48.37 29.31 -53.59
C GLY G 372 -48.71 27.86 -53.28
N HIS G 373 -48.64 27.47 -52.02
CA HIS G 373 -49.19 26.17 -51.63
C HIS G 373 -50.70 26.25 -51.40
N GLY G 374 -51.26 27.45 -51.48
CA GLY G 374 -52.69 27.63 -51.48
C GLY G 374 -53.32 27.75 -50.10
N VAL G 375 -52.47 27.82 -49.08
CA VAL G 375 -52.96 28.00 -47.72
C VAL G 375 -52.53 29.38 -47.19
N ASP G 376 -53.40 29.99 -46.39
CA ASP G 376 -53.06 31.24 -45.72
C ASP G 376 -53.41 31.10 -44.25
N ILE G 377 -53.10 32.14 -43.47
CA ILE G 377 -53.52 32.18 -42.07
C ILE G 377 -54.27 33.49 -41.81
N ASP G 378 -55.39 33.38 -41.10
CA ASP G 378 -56.16 34.55 -40.73
C ASP G 378 -55.67 34.92 -39.33
N GLU G 379 -54.82 35.94 -39.26
CA GLU G 379 -54.15 36.27 -38.02
C GLU G 379 -55.12 36.74 -36.94
N GLU G 380 -56.09 37.55 -37.32
CA GLU G 380 -57.04 38.04 -36.34
C GLU G 380 -57.90 36.91 -35.76
N LEU G 381 -58.26 35.96 -36.62
CA LEU G 381 -58.99 34.79 -36.16
C LEU G 381 -58.11 33.92 -35.25
N ALA G 382 -56.85 33.72 -35.65
CA ALA G 382 -55.89 32.94 -34.87
C ALA G 382 -55.74 33.48 -33.44
N ALA G 383 -55.81 34.80 -33.32
CA ALA G 383 -55.65 35.48 -32.02
C ALA G 383 -56.78 35.17 -31.04
N LYS G 384 -57.87 34.59 -31.53
CA LYS G 384 -59.03 34.28 -30.69
C LYS G 384 -58.83 33.02 -29.86
N TYR G 385 -57.79 32.26 -30.18
CA TYR G 385 -57.57 30.95 -29.56
C TYR G 385 -56.16 30.86 -28.97
N PRO G 386 -56.02 31.22 -27.69
CA PRO G 386 -54.73 31.18 -27.01
C PRO G 386 -54.21 29.75 -26.84
N TYR G 387 -52.89 29.61 -26.90
CA TYR G 387 -52.19 28.34 -26.63
C TYR G 387 -52.72 27.66 -25.37
N GLU G 388 -52.92 26.35 -25.44
CA GLU G 388 -53.29 25.54 -24.27
C GLU G 388 -52.37 24.33 -24.21
N ARG G 389 -51.58 24.22 -23.15
CA ARG G 389 -50.60 23.14 -23.05
C ARG G 389 -51.26 21.76 -23.17
N ALA G 390 -50.67 20.87 -23.97
CA ALA G 390 -51.16 19.50 -24.09
C ALA G 390 -50.02 18.58 -24.49
N SER G 391 -49.85 17.49 -23.75
CA SER G 391 -48.75 16.56 -23.99
C SER G 391 -49.25 15.22 -24.53
N LEU G 392 -48.37 14.54 -25.26
CA LEU G 392 -48.64 13.18 -25.72
C LEU G 392 -48.55 12.21 -24.55
N PRO G 393 -49.28 11.10 -24.64
CA PRO G 393 -49.22 10.09 -23.57
C PRO G 393 -47.87 9.38 -23.49
N VAL G 394 -47.65 8.74 -22.35
CA VAL G 394 -46.60 7.73 -22.25
C VAL G 394 -47.22 6.35 -22.06
N ASN G 395 -46.42 5.32 -22.31
CA ASN G 395 -46.90 3.96 -22.24
C ASN G 395 -46.00 3.20 -21.28
N ARG G 396 -46.59 2.44 -20.36
CA ARG G 396 -45.81 1.60 -19.45
C ARG G 396 -46.24 0.15 -19.57
N LEU G 397 -45.30 -0.77 -19.40
CA LEU G 397 -45.65 -2.18 -19.35
C LEU G 397 -46.41 -2.49 -18.06
N GLU G 398 -46.89 -3.72 -17.96
CA GLU G 398 -47.67 -4.10 -16.80
C GLU G 398 -46.87 -4.04 -15.49
N ASP G 399 -45.54 -4.12 -15.57
CA ASP G 399 -44.72 -4.03 -14.35
C ASP G 399 -44.28 -2.60 -14.05
N GLY G 400 -44.70 -1.65 -14.88
CA GLY G 400 -44.35 -0.26 -14.67
C GLY G 400 -43.23 0.22 -15.57
N THR G 401 -42.64 -0.68 -16.37
CA THR G 401 -41.52 -0.28 -17.25
C THR G 401 -41.95 0.82 -18.24
N LEU G 402 -41.21 1.92 -18.29
CA LEU G 402 -41.49 2.97 -19.26
C LEU G 402 -41.18 2.47 -20.67
N TRP G 403 -42.23 2.35 -21.47
CA TRP G 403 -42.13 1.72 -22.79
C TRP G 403 -42.29 2.76 -23.91
N HIS G 404 -42.64 2.28 -25.10
CA HIS G 404 -42.80 3.15 -26.26
C HIS G 404 -44.29 3.37 -26.46
N TRP G 405 -44.71 4.62 -26.58
CA TRP G 405 -46.10 4.91 -26.87
C TRP G 405 -46.32 5.01 -28.38
N LEU H 3 22.82 16.17 -1.53
CA LEU H 3 21.71 17.10 -1.76
C LEU H 3 21.38 17.96 -0.55
N LYS H 4 21.28 19.26 -0.80
CA LYS H 4 21.07 20.25 0.23
C LYS H 4 19.60 20.57 0.44
N ILE H 5 19.27 21.03 1.64
CA ILE H 5 17.92 21.46 1.94
C ILE H 5 17.65 22.81 1.28
N ARG H 6 16.65 22.86 0.42
CA ARG H 6 16.26 24.10 -0.25
C ARG H 6 15.23 24.87 0.58
N ASP H 7 14.29 24.15 1.16
CA ASP H 7 13.19 24.77 1.89
C ASP H 7 12.76 23.86 3.03
N ALA H 8 12.23 24.48 4.07
CA ALA H 8 11.66 23.72 5.18
C ALA H 8 10.59 24.60 5.80
N TYR H 9 9.44 24.01 6.12
CA TYR H 9 8.35 24.81 6.68
C TYR H 9 7.35 23.95 7.43
N THR H 10 6.56 24.60 8.27
CA THR H 10 5.54 23.90 9.02
C THR H 10 4.17 24.10 8.37
N ILE H 11 3.30 23.13 8.63
CA ILE H 11 1.92 23.19 8.18
C ILE H 11 1.09 22.90 9.42
N VAL H 12 0.14 23.77 9.72
CA VAL H 12 -0.76 23.57 10.85
C VAL H 12 -2.17 23.37 10.30
N THR H 13 -2.82 22.30 10.74
CA THR H 13 -4.14 21.96 10.21
C THR H 13 -4.96 21.26 11.30
N CYS H 14 -6.27 21.35 11.20
CA CYS H 14 -7.14 20.78 12.23
C CYS H 14 -8.27 19.96 11.61
N PRO H 15 -7.93 18.81 11.01
CA PRO H 15 -8.97 17.97 10.40
C PRO H 15 -9.62 17.05 11.43
N GLY H 16 -10.25 17.66 12.44
CA GLY H 16 -10.81 16.89 13.54
C GLY H 16 -10.12 17.22 14.85
N ARG H 17 -8.83 17.55 14.74
CA ARG H 17 -8.04 18.02 15.88
C ARG H 17 -6.74 18.59 15.31
N ASN H 18 -5.97 19.31 16.13
CA ASN H 18 -4.78 20.01 15.63
C ASN H 18 -3.61 19.08 15.32
N PHE H 19 -2.97 19.30 14.17
CA PHE H 19 -1.69 18.68 13.88
C PHE H 19 -0.72 19.70 13.33
N VAL H 20 0.54 19.56 13.73
CA VAL H 20 1.62 20.36 13.16
C VAL H 20 2.57 19.39 12.46
N THR H 21 2.98 19.74 11.26
CA THR H 21 3.85 18.90 10.43
C THR H 21 5.01 19.75 9.93
N LEU H 22 6.21 19.18 9.89
CA LEU H 22 7.34 19.83 9.24
C LEU H 22 7.61 19.17 7.88
N LYS H 23 7.76 19.99 6.84
CA LYS H 23 8.13 19.46 5.54
C LYS H 23 9.52 19.99 5.16
N ILE H 24 10.40 19.10 4.71
CA ILE H 24 11.73 19.50 4.27
C ILE H 24 11.86 19.15 2.80
N VAL H 25 12.28 20.10 1.98
CA VAL H 25 12.43 19.90 0.54
C VAL H 25 13.88 20.10 0.12
N THR H 26 14.44 19.14 -0.61
CA THR H 26 15.84 19.24 -1.04
C THR H 26 15.93 20.02 -2.36
N GLU H 27 17.16 20.37 -2.74
CA GLU H 27 17.38 21.12 -3.98
C GLU H 27 16.89 20.37 -5.22
N SER H 28 16.78 19.05 -5.14
CA SER H 28 16.32 18.26 -6.29
C SER H 28 14.80 18.11 -6.33
N GLY H 29 14.13 18.51 -5.25
CA GLY H 29 12.67 18.43 -5.20
C GLY H 29 12.14 17.29 -4.35
N THR H 30 13.02 16.37 -3.97
CA THR H 30 12.62 15.28 -3.09
C THR H 30 12.23 15.91 -1.77
N HIS H 31 11.27 15.33 -1.09
CA HIS H 31 10.85 15.90 0.18
C HIS H 31 10.53 14.85 1.22
N GLY H 32 10.44 15.28 2.47
CA GLY H 32 10.09 14.40 3.57
C GLY H 32 9.31 15.18 4.60
N ILE H 33 8.50 14.48 5.39
CA ILE H 33 7.73 15.15 6.42
C ILE H 33 7.90 14.47 7.77
N GLY H 34 7.69 15.24 8.83
CA GLY H 34 7.79 14.73 10.19
C GLY H 34 6.68 15.33 11.05
N ASP H 35 6.17 14.54 12.00
CA ASP H 35 5.12 15.02 12.90
C ASP H 35 5.75 15.92 13.97
N ALA H 36 5.08 17.03 14.26
CA ALA H 36 5.57 17.99 15.24
C ALA H 36 4.46 18.34 16.22
N THR H 37 3.46 17.47 16.33
CA THR H 37 2.27 17.78 17.14
C THR H 37 2.49 17.54 18.64
N LEU H 38 2.26 18.58 19.43
CA LEU H 38 2.34 18.48 20.89
C LEU H 38 1.02 18.96 21.48
N ASN H 39 0.17 18.00 21.84
CA ASN H 39 -1.22 18.26 22.19
C ASN H 39 -1.38 19.30 23.31
N GLY H 40 -2.14 20.35 23.01
CA GLY H 40 -2.41 21.40 23.97
C GLY H 40 -1.32 22.46 24.10
N ARG H 41 -0.20 22.26 23.40
CA ARG H 41 0.88 23.25 23.38
C ARG H 41 1.40 23.38 21.95
N GLU H 42 0.51 23.14 20.97
CA GLU H 42 0.95 23.02 19.58
C GLU H 42 1.74 24.20 19.04
N MET H 43 1.36 25.41 19.42
CA MET H 43 1.97 26.58 18.79
C MET H 43 3.36 26.91 19.34
N ALA H 44 3.67 26.36 20.51
CA ALA H 44 5.02 26.45 21.07
C ALA H 44 6.02 25.75 20.15
N VAL H 45 5.66 24.55 19.68
CA VAL H 45 6.52 23.80 18.77
C VAL H 45 6.56 24.48 17.40
N ALA H 46 5.41 24.97 16.95
CA ALA H 46 5.36 25.64 15.65
C ALA H 46 6.32 26.84 15.63
N ALA H 47 6.33 27.62 16.71
CA ALA H 47 7.26 28.75 16.81
C ALA H 47 8.71 28.30 16.96
N TYR H 48 8.94 27.27 17.76
CA TYR H 48 10.29 26.73 17.95
C TYR H 48 10.87 26.36 16.58
N LEU H 49 10.09 25.63 15.79
CA LEU H 49 10.51 25.29 14.43
C LEU H 49 10.61 26.50 13.49
N ASP H 50 9.53 27.27 13.41
CA ASP H 50 9.47 28.37 12.45
C ASP H 50 10.59 29.40 12.61
N GLU H 51 10.84 29.80 13.85
CA GLU H 51 11.71 30.95 14.10
C GLU H 51 13.15 30.57 14.40
N HIS H 52 13.36 29.40 14.99
CA HIS H 52 14.68 29.05 15.50
C HIS H 52 15.34 27.84 14.83
N VAL H 53 14.55 26.94 14.28
CA VAL H 53 15.11 25.72 13.69
C VAL H 53 15.18 25.79 12.18
N VAL H 54 14.03 26.07 11.56
CA VAL H 54 13.93 26.14 10.11
C VAL H 54 15.04 27.00 9.43
N PRO H 55 15.28 28.23 9.93
CA PRO H 55 16.31 29.04 9.27
C PRO H 55 17.69 28.36 9.25
N ALA H 56 17.98 27.55 10.26
CA ALA H 56 19.26 26.86 10.35
C ALA H 56 19.32 25.61 9.48
N LEU H 57 18.18 25.14 8.99
CA LEU H 57 18.17 23.94 8.13
C LEU H 57 18.53 24.25 6.69
N ILE H 58 18.19 25.46 6.23
CA ILE H 58 18.41 25.84 4.84
C ILE H 58 19.89 25.68 4.49
N GLY H 59 20.16 24.97 3.40
CA GLY H 59 21.53 24.77 2.95
C GLY H 59 22.24 23.57 3.53
N ARG H 60 21.68 22.99 4.60
CA ARG H 60 22.29 21.82 5.23
C ARG H 60 22.18 20.60 4.34
N ASP H 61 23.13 19.68 4.49
CA ASP H 61 23.11 18.41 3.77
C ASP H 61 22.00 17.54 4.38
N ALA H 62 20.94 17.27 3.61
CA ALA H 62 19.83 16.50 4.16
C ALA H 62 20.21 15.08 4.56
N GLY H 63 21.29 14.55 4.00
CA GLY H 63 21.71 13.19 4.30
C GLY H 63 22.36 13.04 5.66
N ARG H 64 22.72 14.16 6.28
CA ARG H 64 23.44 14.14 7.54
C ARG H 64 22.47 14.12 8.70
N ILE H 65 21.77 13.00 8.84
CA ILE H 65 20.74 12.86 9.84
C ILE H 65 21.31 12.98 11.25
N GLU H 66 22.35 12.20 11.54
CA GLU H 66 22.96 12.20 12.87
C GLU H 66 23.51 13.57 13.25
N ASP H 67 24.24 14.19 12.31
CA ASP H 67 24.82 15.50 12.57
C ASP H 67 23.73 16.54 12.84
N THR H 68 22.65 16.49 12.08
CA THR H 68 21.57 17.44 12.30
C THR H 68 20.93 17.23 13.66
N TRP H 69 20.75 15.96 14.03
CA TRP H 69 20.16 15.65 15.33
C TRP H 69 21.01 16.23 16.46
N GLN H 70 22.32 15.98 16.41
CA GLN H 70 23.22 16.50 17.43
C GLN H 70 23.29 18.03 17.38
N TYR H 71 23.34 18.59 16.18
CA TYR H 71 23.34 20.03 15.97
C TYR H 71 22.14 20.70 16.67
N LEU H 72 20.95 20.12 16.51
CA LEU H 72 19.78 20.70 17.15
C LEU H 72 19.69 20.39 18.64
N TYR H 73 20.06 19.18 19.03
CA TYR H 73 19.96 18.77 20.43
C TYR H 73 20.99 19.51 21.30
N ARG H 74 22.26 19.41 20.93
CA ARG H 74 23.32 20.09 21.67
C ARG H 74 23.31 21.58 21.40
N GLY H 75 23.08 21.95 20.15
CA GLY H 75 23.19 23.34 19.73
C GLY H 75 22.12 24.22 20.34
N ALA H 76 20.98 23.64 20.72
CA ALA H 76 19.95 24.43 21.39
C ALA H 76 20.44 25.02 22.71
N TYR H 77 21.45 24.38 23.29
CA TYR H 77 22.04 24.74 24.59
C TYR H 77 21.16 24.31 25.75
N TRP H 78 19.90 24.73 25.71
CA TRP H 78 18.90 24.23 26.64
C TRP H 78 18.40 22.89 26.12
N ARG H 79 18.75 21.81 26.83
CA ARG H 79 18.56 20.45 26.31
C ARG H 79 17.33 19.76 26.88
N ARG H 80 16.77 18.86 26.07
CA ARG H 80 15.59 18.06 26.43
C ARG H 80 14.33 18.91 26.53
N GLY H 81 13.23 18.26 26.90
CA GLY H 81 11.95 18.94 27.07
C GLY H 81 10.95 18.66 25.96
N PRO H 82 9.66 18.79 26.26
CA PRO H 82 8.63 18.41 25.27
C PRO H 82 8.64 19.26 24.00
N VAL H 83 8.79 20.58 24.13
CA VAL H 83 8.77 21.44 22.95
C VAL H 83 10.04 21.20 22.12
N THR H 84 11.18 21.24 22.81
CA THR H 84 12.49 20.99 22.21
C THR H 84 12.55 19.66 21.44
N MET H 85 12.21 18.57 22.12
CA MET H 85 12.40 17.24 21.54
C MET H 85 11.36 16.92 20.48
N THR H 86 10.18 17.52 20.55
CA THR H 86 9.19 17.37 19.47
C THR H 86 9.67 18.09 18.20
N ALA H 87 10.25 19.27 18.35
CA ALA H 87 10.83 19.98 17.21
C ALA H 87 11.90 19.14 16.54
N ILE H 88 12.80 18.59 17.36
CA ILE H 88 13.89 17.75 16.86
C ILE H 88 13.35 16.48 16.20
N ALA H 89 12.34 15.87 16.81
CA ALA H 89 11.72 14.68 16.24
C ALA H 89 11.14 14.94 14.85
N ALA H 90 10.56 16.11 14.67
CA ALA H 90 9.93 16.45 13.40
C ALA H 90 10.98 16.52 12.30
N VAL H 91 12.13 17.12 12.62
CA VAL H 91 13.23 17.22 11.66
C VAL H 91 13.74 15.82 11.37
N ASP H 92 13.94 15.03 12.43
CA ASP H 92 14.52 13.71 12.30
C ASP H 92 13.67 12.79 11.43
N MET H 93 12.36 12.83 11.66
N MET H 93 12.35 12.81 11.66
CA MET H 93 11.40 12.02 10.93
CA MET H 93 11.44 11.99 10.89
C MET H 93 11.38 12.39 9.45
C MET H 93 11.44 12.38 9.42
N ALA H 94 11.43 13.69 9.15
CA ALA H 94 11.45 14.16 7.77
C ALA H 94 12.75 13.75 7.08
N LEU H 95 13.86 13.79 7.81
CA LEU H 95 15.14 13.41 7.21
C LEU H 95 15.25 11.91 6.95
N TRP H 96 14.72 11.09 7.85
CA TRP H 96 14.67 9.65 7.58
C TRP H 96 13.74 9.35 6.41
N ASP H 97 12.65 10.12 6.30
CA ASP H 97 11.74 9.96 5.18
C ASP H 97 12.49 10.20 3.87
N ILE H 98 13.25 11.30 3.82
CA ILE H 98 14.06 11.63 2.65
C ILE H 98 15.13 10.57 2.36
N LYS H 99 15.78 10.07 3.40
CA LYS H 99 16.83 9.07 3.24
C LYS H 99 16.29 7.78 2.66
N ALA H 100 15.17 7.31 3.20
CA ALA H 100 14.54 6.11 2.69
C ALA H 100 14.07 6.27 1.23
N LYS H 101 13.52 7.43 0.90
CA LYS H 101 13.16 7.71 -0.50
C LYS H 101 14.39 7.67 -1.40
N ALA H 102 15.48 8.27 -0.93
CA ALA H 102 16.71 8.33 -1.73
C ALA H 102 17.27 6.93 -1.95
N ALA H 103 17.05 6.06 -0.97
CA ALA H 103 17.52 4.69 -1.02
C ALA H 103 16.54 3.78 -1.77
N GLY H 104 15.35 4.31 -2.07
CA GLY H 104 14.34 3.55 -2.79
C GLY H 104 13.75 2.42 -1.97
N MET H 105 13.70 2.60 -0.66
CA MET H 105 13.27 1.57 0.27
C MET H 105 12.23 2.10 1.26
N PRO H 106 11.27 1.25 1.63
CA PRO H 106 10.44 1.62 2.79
C PRO H 106 11.34 1.72 4.02
N LEU H 107 10.95 2.58 4.96
CA LEU H 107 11.80 2.87 6.10
C LEU H 107 12.23 1.63 6.89
N TYR H 108 11.36 0.62 7.03
CA TYR H 108 11.74 -0.54 7.85
C TYR H 108 12.96 -1.27 7.25
N GLN H 109 13.11 -1.21 5.94
CA GLN H 109 14.26 -1.84 5.28
C GLN H 109 15.55 -1.12 5.62
N LEU H 110 15.48 0.21 5.69
CA LEU H 110 16.64 1.02 6.03
C LEU H 110 17.13 0.74 7.45
N LEU H 111 16.19 0.45 8.34
CA LEU H 111 16.52 0.27 9.74
C LEU H 111 17.13 -1.09 10.03
N GLY H 112 17.07 -2.00 9.06
CA GLY H 112 17.58 -3.34 9.30
C GLY H 112 16.65 -4.45 8.84
N GLY H 113 15.53 -4.08 8.23
CA GLY H 113 14.62 -5.07 7.69
C GLY H 113 13.58 -5.56 8.68
N LYS H 114 12.66 -6.36 8.19
CA LYS H 114 11.54 -6.79 9.04
C LYS H 114 11.95 -7.86 10.04
N SER H 115 11.47 -7.69 11.27
CA SER H 115 11.61 -8.69 12.33
C SER H 115 10.31 -9.46 12.55
N ARG H 116 9.23 -9.01 11.92
CA ARG H 116 7.91 -9.63 12.10
C ARG H 116 7.04 -9.33 10.88
N GLU H 117 6.01 -10.15 10.69
CA GLU H 117 5.14 -10.07 9.53
C GLU H 117 3.92 -9.18 9.77
N ARG H 118 3.68 -8.86 11.03
N ARG H 118 3.69 -8.85 11.03
CA ARG H 118 2.54 -8.05 11.43
CA ARG H 118 2.57 -7.99 11.40
C ARG H 118 2.81 -7.37 12.76
C ARG H 118 2.79 -7.38 12.77
N VAL H 119 2.07 -6.30 13.05
CA VAL H 119 2.31 -5.49 14.24
C VAL H 119 1.06 -5.45 15.10
N MET H 120 1.09 -6.17 16.24
CA MET H 120 -0.12 -6.26 17.06
C MET H 120 -0.52 -4.92 17.65
N THR H 121 -1.83 -4.65 17.67
CA THR H 121 -2.35 -3.42 18.23
C THR H 121 -3.27 -3.66 19.41
N TYR H 122 -3.59 -2.59 20.12
CA TYR H 122 -4.73 -2.62 21.05
C TYR H 122 -5.65 -1.46 20.81
N ALA H 123 -6.93 -1.65 21.13
CA ALA H 123 -7.95 -0.61 21.00
C ALA H 123 -8.42 -0.12 22.36
N HIS H 124 -9.00 1.08 22.36
CA HIS H 124 -9.60 1.63 23.57
C HIS H 124 -11.05 1.20 23.76
N CYS H 125 -11.34 0.67 24.94
CA CYS H 125 -12.71 0.31 25.32
C CYS H 125 -13.07 1.09 26.58
N THR H 126 -14.14 1.85 26.52
CA THR H 126 -14.46 2.78 27.60
C THR H 126 -15.97 2.84 27.81
N GLY H 127 -16.40 2.95 29.05
CA GLY H 127 -17.83 3.10 29.33
C GLY H 127 -18.08 3.75 30.69
N GLN H 128 -19.30 4.21 30.91
CA GLN H 128 -19.62 4.84 32.19
C GLN H 128 -19.62 3.78 33.29
N THR H 129 -20.37 2.70 33.04
CA THR H 129 -20.43 1.59 33.98
C THR H 129 -19.54 0.47 33.46
N ILE H 130 -19.23 -0.49 34.34
CA ILE H 130 -18.50 -1.68 33.92
C ILE H 130 -19.23 -2.35 32.75
N GLU H 131 -20.55 -2.44 32.85
CA GLU H 131 -21.34 -3.02 31.78
C GLU H 131 -21.14 -2.28 30.46
N ASP H 132 -21.16 -0.95 30.51
CA ASP H 132 -20.92 -0.14 29.30
C ASP H 132 -19.56 -0.49 28.69
N CYS H 133 -18.54 -0.58 29.55
CA CYS H 133 -17.20 -0.94 29.09
C CYS H 133 -17.19 -2.34 28.44
N LEU H 134 -17.89 -3.29 29.07
CA LEU H 134 -17.91 -4.65 28.54
C LEU H 134 -18.54 -4.70 27.15
N GLY H 135 -19.53 -3.85 26.91
CA GLY H 135 -20.14 -3.74 25.59
C GLY H 135 -19.15 -3.24 24.56
N GLU H 136 -18.34 -2.26 24.96
CA GLU H 136 -17.30 -1.74 24.07
C GLU H 136 -16.22 -2.77 23.79
N VAL H 137 -15.87 -3.56 24.80
CA VAL H 137 -14.93 -4.66 24.59
C VAL H 137 -15.45 -5.61 23.50
N ALA H 138 -16.67 -6.11 23.68
CA ALA H 138 -17.28 -6.99 22.70
C ALA H 138 -17.25 -6.38 21.30
N ARG H 139 -17.49 -5.08 21.23
CA ARG H 139 -17.56 -4.41 19.94
C ARG H 139 -16.20 -4.41 19.27
N HIS H 140 -15.16 -4.16 20.04
CA HIS H 140 -13.81 -4.11 19.46
C HIS H 140 -13.25 -5.50 19.19
N VAL H 141 -13.71 -6.49 19.94
CA VAL H 141 -13.33 -7.87 19.66
C VAL H 141 -13.91 -8.23 18.29
N GLU H 142 -15.10 -7.71 17.99
CA GLU H 142 -15.72 -7.93 16.68
C GLU H 142 -15.00 -7.21 15.54
N LEU H 143 -14.28 -6.14 15.87
CA LEU H 143 -13.46 -5.44 14.89
C LEU H 143 -12.13 -6.16 14.68
N GLY H 144 -11.89 -7.22 15.45
CA GLY H 144 -10.70 -8.05 15.29
C GLY H 144 -9.51 -7.78 16.21
N TYR H 145 -9.68 -6.92 17.20
CA TYR H 145 -8.60 -6.62 18.13
C TYR H 145 -8.29 -7.80 19.06
N ARG H 146 -7.00 -8.07 19.26
CA ARG H 146 -6.55 -9.15 20.14
C ARG H 146 -6.24 -8.61 21.53
N ALA H 147 -6.27 -7.29 21.65
CA ALA H 147 -5.86 -6.62 22.87
C ALA H 147 -6.71 -5.36 23.03
N VAL H 148 -7.17 -5.13 24.25
CA VAL H 148 -8.02 -3.99 24.55
C VAL H 148 -7.55 -3.28 25.82
N ARG H 149 -7.59 -1.96 25.79
CA ARG H 149 -7.42 -1.18 27.01
C ARG H 149 -8.79 -0.86 27.58
N VAL H 150 -9.00 -1.17 28.86
CA VAL H 150 -10.33 -1.01 29.45
C VAL H 150 -10.33 0.07 30.52
N GLN H 151 -11.33 0.96 30.45
CA GLN H 151 -11.48 2.02 31.44
C GLN H 151 -12.97 2.16 31.70
N SER H 152 -13.34 2.43 32.95
CA SER H 152 -14.74 2.68 33.26
C SER H 152 -14.87 3.75 34.34
N GLY H 153 -16.07 4.29 34.47
CA GLY H 153 -16.31 5.32 35.45
C GLY H 153 -16.20 4.77 36.85
N VAL H 154 -15.92 5.65 37.80
CA VAL H 154 -15.90 5.27 39.20
C VAL H 154 -17.19 5.79 39.82
N PRO H 155 -17.99 4.89 40.41
CA PRO H 155 -19.22 5.35 41.07
C PRO H 155 -18.91 6.38 42.14
N GLY H 156 -19.66 7.47 42.17
CA GLY H 156 -19.47 8.52 43.15
C GLY H 156 -18.57 9.62 42.64
N ILE H 157 -17.98 9.42 41.47
CA ILE H 157 -17.11 10.41 40.86
C ILE H 157 -17.59 10.75 39.45
N GLU H 158 -17.89 12.01 39.23
CA GLU H 158 -18.47 12.48 37.96
C GLU H 158 -17.64 12.11 36.74
N THR H 159 -16.32 12.24 36.84
CA THR H 159 -15.46 12.07 35.68
C THR H 159 -14.09 11.43 35.98
N THR H 160 -13.76 10.40 35.21
CA THR H 160 -12.48 9.70 35.36
C THR H 160 -11.75 9.68 34.02
N TYR H 161 -10.47 9.33 34.03
CA TYR H 161 -9.70 9.30 32.80
C TYR H 161 -10.26 8.30 31.79
N GLY H 162 -10.36 8.72 30.54
CA GLY H 162 -10.64 7.84 29.44
C GLY H 162 -12.08 7.39 29.42
N VAL H 163 -12.98 8.20 29.97
CA VAL H 163 -14.42 7.90 29.94
C VAL H 163 -15.25 9.08 29.44
N GLU H 172 -11.72 12.17 22.60
CA GLU H 172 -10.79 13.27 22.38
C GLU H 172 -10.60 14.08 23.67
N PRO H 173 -9.51 13.81 24.40
CA PRO H 173 -9.20 14.45 25.69
C PRO H 173 -9.19 15.97 25.64
N ALA H 174 -8.56 16.54 24.60
CA ALA H 174 -8.53 17.99 24.44
C ALA H 174 -9.85 18.48 23.85
N ASP H 175 -10.83 18.68 24.72
CA ASP H 175 -12.22 18.83 24.31
C ASP H 175 -12.76 20.26 24.41
N SER H 176 -11.92 21.20 24.81
CA SER H 176 -12.37 22.57 24.99
C SER H 176 -11.21 23.56 24.88
N SER H 177 -11.53 24.83 24.68
CA SER H 177 -10.51 25.86 24.53
C SER H 177 -9.63 25.95 25.78
N LEU H 178 -10.29 26.15 26.93
CA LEU H 178 -9.60 26.18 28.22
C LEU H 178 -9.67 24.78 28.83
N PRO H 179 -8.73 24.46 29.74
CA PRO H 179 -8.73 23.12 30.32
C PRO H 179 -10.02 22.79 31.07
N ALA H 180 -10.65 21.69 30.70
CA ALA H 180 -11.78 21.17 31.48
C ALA H 180 -11.31 20.82 32.88
N GLU H 181 -12.21 20.92 33.85
CA GLU H 181 -11.88 20.64 35.24
C GLU H 181 -12.55 19.35 35.68
N HIS H 182 -11.75 18.31 35.91
CA HIS H 182 -12.26 17.02 36.36
C HIS H 182 -12.03 16.86 37.84
N VAL H 183 -12.81 16.00 38.48
CA VAL H 183 -12.67 15.72 39.91
C VAL H 183 -12.29 14.26 40.13
N TRP H 184 -11.50 14.00 41.16
CA TRP H 184 -10.89 12.69 41.34
C TRP H 184 -10.89 12.22 42.78
N SER H 185 -11.14 10.93 42.97
CA SER H 185 -10.98 10.28 44.28
C SER H 185 -10.13 9.02 44.11
N THR H 186 -8.95 9.01 44.69
CA THR H 186 -8.10 7.84 44.56
C THR H 186 -8.70 6.63 45.26
N GLU H 187 -9.21 6.83 46.46
CA GLU H 187 -9.69 5.71 47.26
C GLU H 187 -10.87 5.00 46.59
N LYS H 188 -11.78 5.77 46.00
CA LYS H 188 -12.91 5.15 45.31
C LYS H 188 -12.47 4.37 44.07
N TYR H 189 -11.52 4.91 43.34
CA TYR H 189 -10.97 4.23 42.17
C TYR H 189 -10.29 2.91 42.54
N LEU H 190 -9.49 2.92 43.61
CA LEU H 190 -8.75 1.73 44.01
C LEU H 190 -9.65 0.57 44.41
N ASN H 191 -10.78 0.89 45.02
CA ASN H 191 -11.76 -0.13 45.40
C ASN H 191 -12.54 -0.66 44.21
N HIS H 192 -12.67 0.17 43.17
CA HIS H 192 -13.54 -0.17 42.07
C HIS H 192 -12.81 -0.85 40.91
N ALA H 193 -11.61 -0.38 40.59
CA ALA H 193 -10.89 -0.88 39.42
C ALA H 193 -10.73 -2.41 39.29
N PRO H 194 -10.38 -3.11 40.39
CA PRO H 194 -10.23 -4.56 40.23
C PRO H 194 -11.50 -5.25 39.74
N LYS H 195 -12.65 -4.69 40.08
CA LYS H 195 -13.93 -5.26 39.69
C LYS H 195 -14.14 -5.21 38.17
N LEU H 196 -13.59 -4.18 37.54
CA LEU H 196 -13.64 -4.08 36.09
C LEU H 196 -12.87 -5.24 35.44
N PHE H 197 -11.66 -5.49 35.90
CA PHE H 197 -10.85 -6.53 35.28
C PHE H 197 -11.42 -7.93 35.54
N ALA H 198 -12.01 -8.10 36.72
CA ALA H 198 -12.67 -9.35 37.06
C ALA H 198 -13.80 -9.61 36.08
N ALA H 199 -14.55 -8.56 35.76
CA ALA H 199 -15.71 -8.67 34.86
C ALA H 199 -15.27 -8.98 33.44
N VAL H 200 -14.19 -8.34 33.00
CA VAL H 200 -13.66 -8.59 31.66
C VAL H 200 -13.26 -10.05 31.52
N ARG H 201 -12.55 -10.56 32.52
CA ARG H 201 -12.12 -11.96 32.51
C ARG H 201 -13.29 -12.94 32.55
N GLU H 202 -14.29 -12.64 33.38
CA GLU H 202 -15.47 -13.51 33.45
C GLU H 202 -16.19 -13.59 32.11
N ARG H 203 -16.32 -12.47 31.40
CA ARG H 203 -17.12 -12.46 30.17
C ARG H 203 -16.32 -12.85 28.94
N PHE H 204 -15.05 -12.45 28.89
CA PHE H 204 -14.26 -12.62 27.68
C PHE H 204 -13.12 -13.64 27.77
N GLY H 205 -12.86 -14.15 28.97
CA GLY H 205 -11.89 -15.22 29.14
C GLY H 205 -10.44 -14.79 29.21
N ASP H 206 -9.53 -15.76 29.08
CA ASP H 206 -8.11 -15.55 29.38
C ASP H 206 -7.20 -15.22 28.20
N ASP H 207 -7.68 -15.40 26.98
CA ASP H 207 -6.81 -15.23 25.82
C ASP H 207 -6.66 -13.76 25.39
N LEU H 208 -7.70 -12.98 25.65
CA LEU H 208 -7.69 -11.55 25.35
C LEU H 208 -6.58 -10.87 26.15
N HIS H 209 -5.83 -9.99 25.51
CA HIS H 209 -4.87 -9.16 26.24
C HIS H 209 -5.58 -7.94 26.77
N VAL H 210 -5.44 -7.68 28.07
CA VAL H 210 -6.18 -6.62 28.72
C VAL H 210 -5.22 -5.61 29.34
N LEU H 211 -5.33 -4.37 28.91
CA LEU H 211 -4.47 -3.29 29.37
C LEU H 211 -5.27 -2.27 30.17
N HIS H 212 -4.59 -1.53 31.04
CA HIS H 212 -5.26 -0.48 31.81
C HIS H 212 -4.31 0.69 32.04
N ASP H 213 -4.84 1.89 31.90
CA ASP H 213 -4.04 3.11 32.07
C ASP H 213 -4.48 3.79 33.39
N VAL H 214 -3.57 3.82 34.35
CA VAL H 214 -3.81 4.47 35.64
C VAL H 214 -3.78 5.99 35.51
N HIS H 215 -3.05 6.48 34.52
CA HIS H 215 -3.03 7.89 34.18
C HIS H 215 -2.58 8.84 35.31
N HIS H 216 -1.50 8.42 35.97
CA HIS H 216 -0.67 9.26 36.84
C HIS H 216 -1.25 9.56 38.22
N ARG H 217 -2.37 8.94 38.57
CA ARG H 217 -3.13 9.42 39.72
C ARG H 217 -2.76 8.87 41.09
N LEU H 218 -1.91 7.84 41.13
CA LEU H 218 -1.62 7.14 42.38
C LEU H 218 -0.25 7.51 42.96
N THR H 219 -0.08 7.28 44.27
CA THR H 219 1.27 7.29 44.86
C THR H 219 1.85 5.88 44.67
N PRO H 220 3.16 5.71 44.87
CA PRO H 220 3.74 4.39 44.62
C PRO H 220 3.11 3.25 45.47
N ILE H 221 2.89 3.44 46.77
CA ILE H 221 2.35 2.33 47.55
C ILE H 221 0.91 2.02 47.17
N GLU H 222 0.19 3.02 46.66
CA GLU H 222 -1.18 2.82 46.17
C GLU H 222 -1.16 1.99 44.88
N ALA H 223 -0.17 2.29 44.02
CA ALA H 223 -0.02 1.52 42.79
C ALA H 223 0.46 0.09 43.09
N ALA H 224 1.30 -0.04 44.11
CA ALA H 224 1.70 -1.37 44.60
C ALA H 224 0.48 -2.19 44.99
N ARG H 225 -0.42 -1.55 45.75
CA ARG H 225 -1.66 -2.19 46.17
C ARG H 225 -2.51 -2.60 44.96
N LEU H 226 -2.68 -1.69 44.01
CA LEU H 226 -3.49 -1.97 42.83
C LEU H 226 -2.89 -3.10 42.00
N GLY H 227 -1.58 -3.04 41.77
CA GLY H 227 -0.90 -4.09 41.03
C GLY H 227 -1.13 -5.47 41.63
N LYS H 228 -1.02 -5.55 42.95
CA LYS H 228 -1.26 -6.81 43.65
C LYS H 228 -2.69 -7.26 43.48
N ALA H 229 -3.62 -6.31 43.61
CA ALA H 229 -5.04 -6.65 43.55
C ALA H 229 -5.45 -7.20 42.19
N VAL H 230 -4.73 -6.80 41.14
CA VAL H 230 -5.11 -7.18 39.78
C VAL H 230 -4.25 -8.30 39.21
N GLU H 231 -3.31 -8.82 40.01
CA GLU H 231 -2.54 -9.99 39.59
C GLU H 231 -3.37 -11.18 39.07
N PRO H 232 -4.48 -11.53 39.75
CA PRO H 232 -5.26 -12.67 39.23
C PRO H 232 -5.84 -12.46 37.84
N TYR H 233 -5.86 -11.23 37.35
CA TYR H 233 -6.47 -10.95 36.04
C TYR H 233 -5.43 -10.84 34.92
N HIS H 234 -4.16 -10.95 35.29
CA HIS H 234 -3.05 -11.03 34.33
C HIS H 234 -3.11 -9.99 33.23
N LEU H 235 -3.00 -8.72 33.62
CA LEU H 235 -3.04 -7.62 32.68
C LEU H 235 -1.80 -7.65 31.82
N PHE H 236 -1.96 -7.27 30.55
CA PHE H 236 -0.84 -7.07 29.65
C PHE H 236 0.09 -5.99 30.24
N TRP H 237 -0.51 -4.91 30.73
CA TRP H 237 0.25 -3.92 31.48
C TRP H 237 -0.65 -3.05 32.32
N LEU H 238 -0.06 -2.46 33.34
CA LEU H 238 -0.68 -1.41 34.12
C LEU H 238 0.18 -0.18 33.85
N GLU H 239 -0.44 0.85 33.27
CA GLU H 239 0.31 1.94 32.64
C GLU H 239 0.25 3.26 33.45
N ASP H 240 1.40 3.95 33.51
CA ASP H 240 1.49 5.28 34.12
C ASP H 240 0.92 5.36 35.54
N CYS H 241 1.36 4.44 36.38
CA CYS H 241 0.84 4.37 37.75
C CYS H 241 1.03 5.64 38.57
N VAL H 242 2.20 6.26 38.43
CA VAL H 242 2.61 7.36 39.29
C VAL H 242 3.43 8.32 38.45
N PRO H 243 3.38 9.63 38.75
CA PRO H 243 4.26 10.55 38.02
C PRO H 243 5.71 10.14 38.24
N ALA H 244 6.51 10.19 37.18
CA ALA H 244 7.81 9.55 37.20
C ALA H 244 8.96 10.48 36.85
N GLU H 245 8.79 11.78 37.10
CA GLU H 245 9.95 12.68 37.01
C GLU H 245 11.06 12.19 37.94
N ASN H 246 10.65 11.75 39.13
CA ASN H 246 11.55 11.02 40.03
C ASN H 246 11.41 9.55 39.65
N GLN H 247 12.41 9.00 38.96
CA GLN H 247 12.27 7.66 38.40
C GLN H 247 12.20 6.60 39.50
N GLU H 248 12.76 6.92 40.67
CA GLU H 248 12.68 6.03 41.81
C GLU H 248 11.24 5.78 42.27
N SER H 249 10.30 6.59 41.79
CA SER H 249 8.88 6.41 42.12
C SER H 249 8.37 5.02 41.74
N LEU H 250 9.01 4.36 40.78
CA LEU H 250 8.53 3.04 40.37
C LEU H 250 8.99 1.89 41.28
N ARG H 251 9.99 2.15 42.12
N ARG H 251 9.98 2.15 42.12
CA ARG H 251 10.65 1.10 42.88
CA ARG H 251 10.64 1.06 42.85
C ARG H 251 9.69 0.28 43.75
C ARG H 251 9.71 0.27 43.78
N LEU H 252 8.92 0.97 44.60
CA LEU H 252 7.97 0.27 45.49
C LEU H 252 6.95 -0.56 44.74
N ILE H 253 6.52 -0.05 43.59
CA ILE H 253 5.56 -0.80 42.80
C ILE H 253 6.20 -2.10 42.36
N ARG H 254 7.39 -2.02 41.78
CA ARG H 254 8.05 -3.20 41.25
C ARG H 254 8.37 -4.23 42.32
N GLU H 255 8.66 -3.77 43.53
CA GLU H 255 9.04 -4.69 44.60
C GLU H 255 7.84 -5.42 45.20
N HIS H 256 6.63 -4.94 44.90
CA HIS H 256 5.44 -5.46 45.55
C HIS H 256 4.45 -6.17 44.61
N THR H 257 4.65 -6.05 43.30
CA THR H 257 3.73 -6.72 42.37
C THR H 257 4.44 -7.33 41.17
N THR H 258 3.83 -8.39 40.64
CA THR H 258 4.27 -8.99 39.37
C THR H 258 3.38 -8.61 38.18
N THR H 259 2.42 -7.72 38.40
CA THR H 259 1.68 -7.14 37.28
C THR H 259 2.63 -6.32 36.40
N PRO H 260 2.64 -6.60 35.09
CA PRO H 260 3.60 -5.88 34.24
C PRO H 260 3.33 -4.38 34.20
N LEU H 261 4.39 -3.58 34.11
CA LEU H 261 4.30 -2.13 34.21
C LEU H 261 4.71 -1.44 32.91
N ALA H 262 3.96 -0.42 32.52
CA ALA H 262 4.33 0.38 31.34
C ALA H 262 4.38 1.85 31.73
N ILE H 263 5.32 2.59 31.15
CA ILE H 263 5.40 4.01 31.44
C ILE H 263 6.07 4.78 30.31
N GLY H 264 5.78 6.08 30.23
CA GLY H 264 6.65 6.95 29.44
C GLY H 264 6.07 7.79 28.31
N GLU H 265 4.75 7.79 28.10
CA GLU H 265 4.20 8.62 27.05
C GLU H 265 4.50 10.10 27.27
N VAL H 266 4.70 10.52 28.53
CA VAL H 266 5.05 11.91 28.79
C VAL H 266 6.55 12.21 28.77
N PHE H 267 7.37 11.21 28.45
CA PHE H 267 8.82 11.40 28.38
C PHE H 267 9.28 11.94 27.00
N ASN H 268 10.47 12.54 26.96
CA ASN H 268 11.01 13.04 25.70
C ASN H 268 12.49 12.72 25.51
N SER H 269 13.09 12.09 26.51
CA SER H 269 14.53 11.85 26.49
C SER H 269 14.86 10.50 27.08
N ILE H 270 15.92 9.87 26.56
CA ILE H 270 16.45 8.66 27.17
C ILE H 270 16.80 8.93 28.65
N HIS H 271 17.10 10.18 28.97
CA HIS H 271 17.47 10.53 30.34
C HIS H 271 16.28 10.57 31.30
N ASP H 272 15.07 10.46 30.76
CA ASP H 272 13.85 10.36 31.56
C ASP H 272 13.61 8.91 31.99
N CYS H 273 14.30 7.96 31.38
CA CYS H 273 13.97 6.56 31.61
C CYS H 273 15.16 5.60 31.71
N ARG H 274 16.38 6.12 31.61
CA ARG H 274 17.57 5.27 31.70
C ARG H 274 17.57 4.40 32.96
N GLU H 275 17.28 5.02 34.09
CA GLU H 275 17.27 4.29 35.35
C GLU H 275 16.08 3.35 35.50
N LEU H 276 14.90 3.77 35.02
CA LEU H 276 13.72 2.90 35.01
C LEU H 276 14.06 1.60 34.31
N ILE H 277 14.79 1.70 33.20
CA ILE H 277 15.13 0.55 32.39
C ILE H 277 16.25 -0.28 33.02
N GLN H 278 17.35 0.36 33.36
CA GLN H 278 18.49 -0.37 33.91
C GLN H 278 18.21 -1.05 35.25
N ASN H 279 17.29 -0.50 36.03
CA ASN H 279 16.95 -1.10 37.31
C ASN H 279 15.82 -2.12 37.16
N GLN H 280 15.37 -2.31 35.93
CA GLN H 280 14.26 -3.23 35.63
C GLN H 280 13.01 -2.88 36.42
N TRP H 281 12.63 -1.61 36.37
CA TRP H 281 11.42 -1.18 37.06
C TRP H 281 10.19 -1.13 36.17
N ILE H 282 10.36 -1.37 34.86
CA ILE H 282 9.24 -1.37 33.94
C ILE H 282 9.39 -2.48 32.91
N ASP H 283 8.28 -2.84 32.27
CA ASP H 283 8.29 -3.85 31.24
C ASP H 283 8.10 -3.27 29.85
N TYR H 284 7.46 -2.12 29.77
CA TYR H 284 7.23 -1.49 28.46
C TYR H 284 7.52 0.00 28.52
N ILE H 285 8.26 0.48 27.52
CA ILE H 285 8.55 1.91 27.41
C ILE H 285 7.63 2.54 26.35
N ARG H 286 6.93 3.61 26.74
CA ARG H 286 5.81 4.13 25.95
C ARG H 286 6.11 5.39 25.14
N MET H 287 7.31 5.95 25.33
CA MET H 287 7.69 7.16 24.62
C MET H 287 7.66 6.97 23.09
N PRO H 288 6.92 7.84 22.39
CA PRO H 288 6.71 7.68 20.94
C PRO H 288 7.69 8.52 20.12
N LEU H 289 7.69 8.33 18.81
CA LEU H 289 8.65 9.00 17.94
C LEU H 289 8.52 10.53 17.98
N THR H 290 7.29 11.03 17.90
CA THR H 290 7.05 12.47 17.82
C THR H 290 7.57 13.24 19.03
N HIS H 291 7.45 12.64 20.19
CA HIS H 291 7.82 13.34 21.42
C HIS H 291 9.18 12.91 21.94
N GLY H 292 9.71 11.81 21.41
CA GLY H 292 10.95 11.24 21.91
C GLY H 292 12.14 11.45 21.01
N GLY H 293 12.13 12.53 20.24
CA GLY H 293 13.28 12.89 19.44
C GLY H 293 13.45 12.08 18.16
N GLY H 294 12.38 11.40 17.73
CA GLY H 294 12.38 10.75 16.44
C GLY H 294 13.02 9.38 16.39
N ILE H 295 13.26 8.91 15.17
CA ILE H 295 13.84 7.59 14.90
C ILE H 295 15.24 7.46 15.50
N THR H 296 16.05 8.50 15.29
CA THR H 296 17.44 8.50 15.76
C THR H 296 17.51 8.24 17.27
N ALA H 297 16.68 8.95 18.03
CA ALA H 297 16.73 8.82 19.49
C ALA H 297 16.04 7.55 19.95
N MET H 298 14.92 7.20 19.31
CA MET H 298 14.15 6.07 19.81
C MET H 298 14.81 4.73 19.54
N ARG H 299 15.66 4.67 18.51
CA ARG H 299 16.44 3.47 18.25
C ARG H 299 17.31 3.19 19.48
N ARG H 300 17.92 4.24 20.00
CA ARG H 300 18.80 4.12 21.17
C ARG H 300 18.04 3.70 22.43
N VAL H 301 16.86 4.28 22.63
CA VAL H 301 16.02 3.92 23.76
C VAL H 301 15.57 2.46 23.68
N ALA H 302 15.13 2.05 22.49
CA ALA H 302 14.67 0.67 22.31
C ALA H 302 15.82 -0.29 22.57
N ASP H 303 17.01 0.07 22.05
CA ASP H 303 18.17 -0.80 22.24
C ASP H 303 18.59 -0.93 23.71
N LEU H 304 18.56 0.17 24.47
CA LEU H 304 18.84 0.11 25.90
C LEU H 304 17.81 -0.79 26.56
N ALA H 305 16.54 -0.57 26.21
CA ALA H 305 15.47 -1.40 26.77
C ALA H 305 15.71 -2.90 26.54
N SER H 306 16.19 -3.25 25.34
CA SER H 306 16.35 -4.66 25.00
C SER H 306 17.31 -5.41 25.93
N LEU H 307 18.28 -4.70 26.50
CA LEU H 307 19.25 -5.34 27.37
C LEU H 307 18.62 -5.84 28.66
N TYR H 308 17.45 -5.29 28.98
CA TYR H 308 16.77 -5.55 30.24
C TYR H 308 15.38 -6.17 30.02
N HIS H 309 15.19 -6.72 28.82
CA HIS H 309 13.94 -7.41 28.45
C HIS H 309 12.74 -6.49 28.34
N VAL H 310 12.99 -5.18 28.35
CA VAL H 310 11.93 -4.19 28.19
C VAL H 310 11.53 -4.07 26.72
N ARG H 311 10.22 -3.99 26.48
CA ARG H 311 9.68 -3.98 25.12
C ARG H 311 9.05 -2.62 24.79
N THR H 312 8.92 -2.33 23.49
CA THR H 312 8.35 -1.06 23.06
C THR H 312 6.82 -1.08 23.14
N GLY H 313 6.23 0.02 23.57
CA GLY H 313 4.79 0.16 23.52
C GLY H 313 4.43 1.60 23.19
N PHE H 314 4.79 2.04 21.99
CA PHE H 314 4.62 3.44 21.59
C PHE H 314 3.22 3.96 21.88
N HIS H 315 3.17 5.11 22.54
CA HIS H 315 1.94 5.90 22.64
C HIS H 315 1.42 6.14 21.23
N GLY H 316 0.15 5.83 21.00
CA GLY H 316 -0.48 6.01 19.70
C GLY H 316 -1.88 6.62 19.79
N PRO H 317 -1.98 7.84 20.33
CA PRO H 317 -3.29 8.47 20.45
C PRO H 317 -3.64 9.21 19.15
N THR H 318 -4.84 9.79 19.08
CA THR H 318 -5.19 10.57 17.88
C THR H 318 -4.29 11.80 17.73
N ASP H 319 -3.68 12.26 18.83
CA ASP H 319 -2.89 13.50 18.78
C ASP H 319 -1.46 13.34 18.28
N LEU H 320 -1.09 12.11 17.88
CA LEU H 320 0.07 11.93 17.02
C LEU H 320 -0.49 11.66 15.63
N SER H 321 0.05 12.33 14.62
CA SER H 321 -0.54 12.31 13.29
C SER H 321 -0.24 10.99 12.58
N PRO H 322 -0.91 10.73 11.45
CA PRO H 322 -0.57 9.54 10.65
C PRO H 322 0.90 9.51 10.21
N VAL H 323 1.57 10.66 10.21
CA VAL H 323 2.99 10.68 9.88
C VAL H 323 3.75 9.90 10.95
N CYS H 324 3.45 10.20 12.22
CA CYS H 324 4.04 9.45 13.30
C CYS H 324 3.64 7.97 13.24
N LEU H 325 2.37 7.70 12.99
CA LEU H 325 1.88 6.33 13.01
C LEU H 325 2.57 5.48 11.93
N GLY H 326 2.70 6.03 10.73
CA GLY H 326 3.37 5.34 9.65
C GLY H 326 4.83 5.04 10.00
N ALA H 327 5.54 6.05 10.52
CA ALA H 327 6.93 5.85 10.88
C ALA H 327 7.04 4.86 12.04
N ALA H 328 6.07 4.90 12.94
CA ALA H 328 6.06 4.02 14.10
C ALA H 328 5.86 2.57 13.67
N ILE H 329 4.97 2.35 12.70
CA ILE H 329 4.72 1.02 12.17
C ILE H 329 5.98 0.44 11.50
N HIS H 330 6.71 1.27 10.76
CA HIS H 330 8.00 0.86 10.21
C HIS H 330 8.98 0.48 11.32
N PHE H 331 9.08 1.33 12.33
CA PHE H 331 9.96 1.09 13.47
C PHE H 331 9.55 -0.22 14.15
N ASP H 332 8.25 -0.38 14.37
CA ASP H 332 7.68 -1.56 15.05
C ASP H 332 7.98 -2.83 14.28
N THR H 333 8.06 -2.70 12.97
CA THR H 333 8.26 -3.84 12.09
C THR H 333 9.70 -4.35 12.16
N TRP H 334 10.64 -3.43 12.37
CA TRP H 334 12.05 -3.77 12.48
C TRP H 334 12.48 -4.15 13.91
N VAL H 335 12.04 -3.39 14.91
CA VAL H 335 12.68 -3.46 16.22
C VAL H 335 12.52 -4.86 16.85
N PRO H 336 13.63 -5.44 17.35
CA PRO H 336 13.50 -6.79 17.89
C PRO H 336 12.55 -6.85 19.07
N ASN H 337 12.70 -5.91 20.00
CA ASN H 337 11.94 -5.95 21.25
C ASN H 337 10.62 -5.17 21.19
N PHE H 338 9.87 -5.41 20.12
CA PHE H 338 8.54 -4.83 19.99
C PHE H 338 7.58 -5.43 21.01
N GLY H 339 6.77 -4.59 21.65
CA GLY H 339 5.73 -5.09 22.55
C GLY H 339 4.33 -5.03 21.94
N ILE H 340 3.85 -3.82 21.70
CA ILE H 340 2.50 -3.63 21.15
C ILE H 340 2.42 -2.21 20.59
N GLN H 341 1.46 -1.96 19.71
CA GLN H 341 1.24 -0.62 19.15
C GLN H 341 -0.18 -0.15 19.47
N GLU H 342 -0.30 0.92 20.25
CA GLU H 342 -1.59 1.53 20.53
C GLU H 342 -2.24 2.03 19.24
N HIS H 343 -3.54 1.78 19.08
CA HIS H 343 -4.26 2.29 17.92
C HIS H 343 -5.51 3.08 18.33
N MET H 344 -5.49 4.39 18.10
CA MET H 344 -6.71 5.21 18.17
C MET H 344 -6.96 5.73 16.77
N PRO H 345 -7.94 5.14 16.06
CA PRO H 345 -8.20 5.54 14.67
C PRO H 345 -8.40 7.04 14.50
N HIS H 346 -7.74 7.60 13.49
CA HIS H 346 -7.91 9.01 13.17
C HIS H 346 -9.23 9.21 12.43
N THR H 347 -9.71 10.45 12.39
CA THR H 347 -10.91 10.76 11.61
C THR H 347 -10.68 10.58 10.12
N ASP H 348 -11.77 10.44 9.38
CA ASP H 348 -11.69 10.37 7.92
C ASP H 348 -10.99 11.59 7.34
N GLU H 349 -11.31 12.76 7.89
CA GLU H 349 -10.71 14.01 7.43
C GLU H 349 -9.20 13.98 7.66
N THR H 350 -8.77 13.43 8.79
CA THR H 350 -7.34 13.33 9.09
C THR H 350 -6.63 12.38 8.13
N ASP H 351 -7.21 11.21 7.90
CA ASP H 351 -6.62 10.26 6.95
C ASP H 351 -6.54 10.85 5.53
N ALA H 352 -7.47 11.72 5.18
CA ALA H 352 -7.46 12.35 3.86
C ALA H 352 -6.34 13.39 3.74
N VAL H 353 -6.11 14.13 4.81
CA VAL H 353 -5.04 15.13 4.82
C VAL H 353 -3.66 14.45 4.78
N PHE H 354 -3.57 13.24 5.35
CA PHE H 354 -2.31 12.52 5.41
C PHE H 354 -2.39 11.14 4.77
N PRO H 355 -2.44 11.08 3.43
CA PRO H 355 -2.49 9.80 2.71
C PRO H 355 -1.30 8.93 3.10
N HIS H 356 -1.51 7.63 3.25
CA HIS H 356 -0.48 6.74 3.80
C HIS H 356 -0.64 5.32 3.28
N ASP H 357 0.41 4.52 3.35
CA ASP H 357 0.33 3.16 2.83
C ASP H 357 0.43 2.03 3.88
N TYR H 358 0.44 2.37 5.16
CA TYR H 358 0.31 1.32 6.17
C TYR H 358 -1.09 0.72 6.10
N ARG H 359 -1.21 -0.57 6.43
CA ARG H 359 -2.49 -1.29 6.31
C ARG H 359 -2.87 -1.88 7.66
N PHE H 360 -4.15 -2.12 7.84
CA PHE H 360 -4.64 -2.75 9.05
C PHE H 360 -5.38 -4.01 8.65
N GLU H 361 -4.98 -5.14 9.24
CA GLU H 361 -5.62 -6.42 8.93
C GLU H 361 -5.74 -7.28 10.18
N ASP H 362 -6.94 -7.77 10.47
CA ASP H 362 -7.11 -8.77 11.53
C ASP H 362 -6.42 -8.34 12.82
N GLY H 363 -6.68 -7.10 13.25
CA GLY H 363 -6.15 -6.60 14.53
C GLY H 363 -4.68 -6.20 14.56
N HIS H 364 -4.02 -6.23 13.41
CA HIS H 364 -2.60 -5.90 13.32
C HIS H 364 -2.32 -4.84 12.25
N PHE H 365 -1.25 -4.07 12.42
CA PHE H 365 -0.79 -3.20 11.34
C PHE H 365 0.20 -3.93 10.45
N LEU H 366 0.24 -3.52 9.18
CA LEU H 366 1.23 -3.99 8.23
C LEU H 366 1.98 -2.78 7.69
N ALA H 367 3.31 -2.86 7.67
CA ALA H 367 4.12 -1.74 7.21
C ALA H 367 3.92 -1.44 5.73
N GLY H 368 4.02 -0.16 5.38
CA GLY H 368 3.98 0.24 3.99
C GLY H 368 5.21 -0.26 3.24
N GLU H 369 5.08 -0.33 1.92
CA GLU H 369 6.18 -0.76 1.05
C GLU H 369 6.73 0.35 0.18
N SER H 370 6.07 1.50 0.18
CA SER H 370 6.52 2.66 -0.60
C SER H 370 7.80 3.22 0.00
N PRO H 371 8.71 3.75 -0.83
CA PRO H 371 9.91 4.37 -0.26
C PRO H 371 9.54 5.53 0.66
N GLY H 372 10.30 5.69 1.74
CA GLY H 372 9.99 6.69 2.74
C GLY H 372 9.30 6.02 3.90
N HIS H 373 8.71 6.79 4.81
CA HIS H 373 7.86 6.19 5.83
C HIS H 373 6.44 5.94 5.29
N GLY H 374 6.21 6.35 4.05
CA GLY H 374 4.96 6.02 3.36
C GLY H 374 3.81 6.97 3.62
N VAL H 375 4.06 8.06 4.33
CA VAL H 375 3.04 9.07 4.57
C VAL H 375 3.34 10.38 3.84
N ASP H 376 2.29 11.02 3.34
CA ASP H 376 2.39 12.30 2.67
C ASP H 376 1.41 13.27 3.32
N ILE H 377 1.51 14.54 2.96
CA ILE H 377 0.53 15.52 3.40
C ILE H 377 -0.05 16.22 2.17
N ASP H 378 -1.37 16.34 2.12
CA ASP H 378 -2.04 17.06 1.05
C ASP H 378 -2.21 18.48 1.56
N GLU H 379 -1.32 19.37 1.12
CA GLU H 379 -1.28 20.73 1.67
C GLU H 379 -2.52 21.52 1.32
N GLU H 380 -3.06 21.30 0.12
CA GLU H 380 -4.23 22.02 -0.33
C GLU H 380 -5.41 21.68 0.59
N LEU H 381 -5.56 20.40 0.89
CA LEU H 381 -6.63 19.95 1.77
C LEU H 381 -6.39 20.40 3.21
N ALA H 382 -5.14 20.35 3.66
CA ALA H 382 -4.82 20.79 5.01
C ALA H 382 -5.22 22.25 5.23
N ALA H 383 -5.11 23.05 4.19
CA ALA H 383 -5.43 24.48 4.28
C ALA H 383 -6.92 24.73 4.50
N LYS H 384 -7.74 23.71 4.29
CA LYS H 384 -9.18 23.83 4.50
C LYS H 384 -9.62 23.73 5.96
N TYR H 385 -8.69 23.29 6.83
CA TYR H 385 -9.01 23.08 8.24
C TYR H 385 -8.11 23.91 9.14
N PRO H 386 -8.52 25.15 9.45
CA PRO H 386 -7.74 26.07 10.28
C PRO H 386 -7.58 25.58 11.73
N TYR H 387 -6.43 25.89 12.32
CA TYR H 387 -6.16 25.65 13.73
C TYR H 387 -7.33 26.07 14.62
N GLU H 388 -7.62 25.26 15.63
CA GLU H 388 -8.64 25.57 16.62
C GLU H 388 -8.07 25.21 17.99
N ARG H 389 -7.87 26.23 18.83
CA ARG H 389 -7.30 26.02 20.16
C ARG H 389 -8.06 24.95 20.95
N ALA H 390 -7.32 24.01 21.53
CA ALA H 390 -7.90 22.98 22.39
C ALA H 390 -6.86 22.52 23.40
N SER H 391 -7.24 22.57 24.67
CA SER H 391 -6.35 22.23 25.77
C SER H 391 -6.75 20.91 26.43
N LEU H 392 -5.77 20.24 27.03
CA LEU H 392 -6.03 19.05 27.84
C LEU H 392 -6.67 19.44 29.17
N PRO H 393 -7.41 18.50 29.78
CA PRO H 393 -8.06 18.79 31.07
C PRO H 393 -7.07 18.86 32.23
N VAL H 394 -7.51 19.47 33.33
CA VAL H 394 -6.81 19.31 34.61
C VAL H 394 -7.70 18.50 35.55
N ASN H 395 -7.08 17.94 36.59
CA ASN H 395 -7.77 17.07 37.51
C ASN H 395 -7.56 17.65 38.90
N ARG H 396 -8.64 17.78 39.68
CA ARG H 396 -8.50 18.22 41.08
C ARG H 396 -9.07 17.17 42.01
N LEU H 397 -8.51 17.05 43.22
CA LEU H 397 -9.10 16.21 44.25
C LEU H 397 -10.40 16.82 44.76
N GLU H 398 -11.14 16.08 45.60
CA GLU H 398 -12.42 16.58 46.06
C GLU H 398 -12.30 17.85 46.88
N ASP H 399 -11.12 18.09 47.47
CA ASP H 399 -10.95 19.30 48.27
C ASP H 399 -10.41 20.48 47.45
N GLY H 400 -10.22 20.26 46.15
CA GLY H 400 -9.75 21.30 45.26
C GLY H 400 -8.28 21.22 44.89
N THR H 401 -7.55 20.29 45.50
CA THR H 401 -6.10 20.15 45.24
C THR H 401 -5.83 19.88 43.77
N LEU H 402 -4.98 20.70 43.15
CA LEU H 402 -4.62 20.44 41.76
C LEU H 402 -3.79 19.16 41.69
N TRP H 403 -4.33 18.16 41.02
CA TRP H 403 -3.76 16.82 41.00
C TRP H 403 -3.22 16.50 39.61
N HIS H 404 -3.02 15.21 39.34
CA HIS H 404 -2.49 14.75 38.06
C HIS H 404 -3.64 14.28 37.20
N TRP H 405 -3.69 14.75 35.95
CA TRP H 405 -4.72 14.25 35.04
C TRP H 405 -4.18 13.06 34.27
MG MG I . 4.87 -12.28 -25.09
C1 GOL J . 3.52 -14.54 -18.17
O1 GOL J . 3.60 -15.56 -17.18
C2 GOL J . 4.86 -14.44 -18.88
O2 GOL J . 5.23 -15.72 -19.32
C3 GOL J . 4.74 -13.53 -20.10
O3 GOL J . 4.93 -12.19 -19.74
CL CL K . -11.08 -20.23 -15.90
MG MG L . -8.68 -1.83 -47.22
MG MG M . -30.66 -23.24 -18.89
C1 GOL N . -25.56 -25.28 -14.00
O1 GOL N . -25.24 -25.30 -12.63
C2 GOL N . -27.07 -25.16 -14.25
O2 GOL N . -27.74 -24.61 -13.14
C3 GOL N . -27.63 -26.52 -14.64
O3 GOL N . -28.84 -26.35 -15.33
MG MG O . -31.50 -14.37 -45.43
MG MG P . 45.74 -4.00 22.27
C1 GOL Q . 45.94 -10.48 18.31
O1 GOL Q . 45.45 -10.88 17.05
C2 GOL Q . 45.84 -8.97 18.48
O2 GOL Q . 45.96 -8.33 17.23
C3 GOL Q . 46.88 -8.47 19.48
O3 GOL Q . 47.98 -7.92 18.82
CL CL R . 33.11 -19.53 20.73
MG MG S . 36.02 5.96 46.46
MG MG T . 17.18 -27.33 29.95
C1 GOL U . 20.75 -28.54 23.52
O1 GOL U . 21.68 -29.41 22.89
C2 GOL U . 19.63 -29.39 24.11
O2 GOL U . 20.21 -30.37 24.94
C3 GOL U . 18.71 -28.50 24.93
O3 GOL U . 17.43 -29.08 24.94
MG MG V . 13.27 -6.59 48.26
MG MG W . 39.38 -48.91 31.27
MG MG X . 28.32 29.04 32.63
C1 GOL Y . 23.63 31.12 27.30
O1 GOL Y . 22.50 31.98 27.16
C2 GOL Y . 24.36 31.42 28.60
O2 GOL Y . 24.28 32.77 28.96
C3 GOL Y . 25.79 30.88 28.60
O3 GOL Y . 26.66 31.64 27.78
CL CL Z . 10.51 22.39 26.41
MG MG AA . -13.94 20.99 -32.04
C1 GOL BA . -19.68 25.51 -30.43
O1 GOL BA . -20.44 26.03 -29.36
C2 GOL BA . -18.21 25.77 -30.16
O2 GOL BA . -17.89 25.30 -28.86
C3 GOL BA . -17.38 25.01 -31.20
O3 GOL BA . -16.25 25.79 -31.53
CL CL CA . -33.86 19.12 -31.56
MG MG DA . -48.30 6.31 -36.97
C1 GOL EA . -47.97 12.53 -32.82
O1 GOL EA . -48.28 13.90 -32.73
C2 GOL EA . -49.19 11.79 -33.33
O2 GOL EA . -49.55 12.35 -34.57
C3 GOL EA . -48.82 10.33 -33.52
O3 GOL EA . -49.77 9.53 -32.86
MG MG FA . -1.63 6.60 28.62
C1 GOL GA . -2.21 13.46 25.73
O1 GOL GA . -2.39 14.04 24.45
C2 GOL GA . -2.73 12.02 25.77
O2 GOL GA . -3.04 11.59 24.47
C3 GOL GA . -3.95 11.91 26.69
O3 GOL GA . -4.32 10.56 26.83
#